data_9OFC
#
_entry.id   9OFC
#
_cell.length_a   1.00
_cell.length_b   1.00
_cell.length_c   1.00
_cell.angle_alpha   90.00
_cell.angle_beta   90.00
_cell.angle_gamma   90.00
#
_symmetry.space_group_name_H-M   'P 1'
#
loop_
_entity.id
_entity.type
_entity.pdbx_description
1 polymer 'CRISPR-associated ring nuclease and adenosine deaminase, subunit A'
2 polymer 'cA4 cleavage product, A2>P'
3 non-polymer "ADENOSINE-5'-TRIPHOSPHATE"
4 non-polymer 'ZINC ION'
5 non-polymer 'MAGNESIUM ION'
6 water water
#
loop_
_entity_poly.entity_id
_entity_poly.type
_entity_poly.pdbx_seq_one_letter_code
_entity_poly.pdbx_strand_id
1 'polypeptide(L)'
;MRILLCSVGTSWAVVPEAMQLLGSQGFDEVHVLTTASSKISPGVEQLLRYFEMHPGPRFSISRVQDFEDLRSEQDHMLFE
EVLWRWLLQRAPQAAHRYICLAGGYKTISAAMQRAAALFGACEVFHVLCEPRFGPQGNREASTLEEVEQAIATNALRFVR
LGPEPGWPQLRLLSAPSFPLESTLQGPVHWVRASDMRLRQHVEGVLERSRHILAAWEGISELPIPALAAWPPSHLRWLHE
PLDPVQDKAWVQALPKVELHCHLGGFATHGELLHKVRQEAANPESLPPVRAIPLPPGWPIPEEPIGLERYMRLGDNNGSA
LLKDPGCLRAQCRLLYEALLADHVAYAEIRCSPANYASASRSPWVVLQEIRNHFQQAMEETPEDRRCHVNLLLTATREEG
GDRSRIARHLALAITAAEHWKNGCRVVGVDLAGFEDRTTRAAMFATDFEPVHRVGLAVTVHAGENDDVEGIWQAVFKLSA
RRLGHALHLSRSPDLLRVVAERGIAVELCPYANLQIKGFPLDEEQEGSETYPLRGYLAAGVAVTLNTDNLGISQASLTDN
LLLTARLCPGITRLEVLKTQVFAAQAAFANQAERKALWARLAQVPVPTDTEQKNGNDAKASHQPR
;
A,B,G,H,K,L
2 'polyribonucleotide' A(A23) C,D,I,J,M,N
#
loop_
_chem_comp.id
_chem_comp.type
_chem_comp.name
_chem_comp.formula
A RNA linking ADENOSINE-5'-MONOPHOSPHATE 'C10 H14 N5 O7 P'
A23 RNA linking 'ADENOSINE-5'-PHOSPHATE-2',3'-CYCLIC PHOSPHATE' 'C10 H13 N5 O9 P2'
ATP non-polymer ADENOSINE-5'-TRIPHOSPHATE 'C10 H16 N5 O13 P3'
MG non-polymer 'MAGNESIUM ION' 'Mg 2'
ZN non-polymer 'ZINC ION' 'Zn 2'
#
# COMPACT_ATOMS: atom_id res chain seq x y z
N MET A 1 74.17 -31.81 -18.07
CA MET A 1 74.46 -32.67 -19.22
C MET A 1 74.68 -31.83 -20.48
N ARG A 2 75.58 -32.28 -21.34
CA ARG A 2 75.88 -31.60 -22.60
C ARG A 2 75.87 -32.63 -23.72
N ILE A 3 75.02 -32.43 -24.71
CA ILE A 3 74.93 -33.29 -25.89
C ILE A 3 75.23 -32.43 -27.10
N LEU A 4 76.23 -32.82 -27.89
CA LEU A 4 76.67 -32.07 -29.04
C LEU A 4 76.27 -32.81 -30.31
N LEU A 5 75.58 -32.11 -31.21
CA LEU A 5 75.13 -32.67 -32.48
C LEU A 5 75.75 -31.89 -33.62
N CYS A 6 76.32 -32.62 -34.59
CA CYS A 6 76.90 -31.98 -35.76
C CYS A 6 76.76 -32.93 -36.95
N SER A 7 76.75 -32.35 -38.14
CA SER A 7 76.68 -33.10 -39.39
C SER A 7 78.02 -33.00 -40.10
N VAL A 8 78.49 -34.12 -40.64
CA VAL A 8 79.81 -34.22 -41.24
C VAL A 8 79.65 -34.39 -42.74
N GLY A 9 80.36 -33.55 -43.51
CA GLY A 9 80.37 -33.66 -44.95
C GLY A 9 81.57 -34.44 -45.46
N THR A 10 82.38 -33.81 -46.30
CA THR A 10 83.56 -34.47 -46.83
C THR A 10 84.75 -34.44 -45.88
N SER A 11 84.69 -33.59 -44.84
CA SER A 11 85.77 -33.46 -43.87
C SER A 11 85.29 -33.98 -42.52
N TRP A 12 85.99 -34.97 -41.98
CA TRP A 12 85.65 -35.55 -40.68
C TRP A 12 86.37 -34.86 -39.52
N ALA A 13 87.30 -33.96 -39.80
CA ALA A 13 88.03 -33.27 -38.75
C ALA A 13 87.19 -32.23 -38.02
N VAL A 14 86.02 -31.87 -38.57
CA VAL A 14 85.19 -30.86 -37.92
C VAL A 14 84.76 -31.32 -36.54
N VAL A 15 84.33 -32.58 -36.42
CA VAL A 15 83.90 -33.09 -35.13
C VAL A 15 85.01 -33.00 -34.09
N PRO A 16 86.23 -33.47 -34.34
CA PRO A 16 87.30 -33.32 -33.34
C PRO A 16 87.56 -31.87 -32.97
N GLU A 17 87.49 -30.95 -33.93
CA GLU A 17 87.70 -29.54 -33.63
C GLU A 17 86.63 -29.03 -32.66
N ALA A 18 85.37 -29.39 -32.89
CA ALA A 18 84.30 -28.98 -32.00
C ALA A 18 84.32 -29.72 -30.67
N MET A 19 85.03 -30.85 -30.60
CA MET A 19 85.09 -31.60 -29.35
C MET A 19 85.62 -30.75 -28.21
N GLN A 20 86.54 -29.83 -28.49
CA GLN A 20 87.16 -28.97 -27.48
C GLN A 20 86.54 -27.57 -27.46
N LEU A 21 85.25 -27.46 -27.77
CA LEU A 21 84.63 -26.14 -27.79
C LEU A 21 84.73 -25.46 -26.43
N LEU A 22 84.31 -26.16 -25.37
CA LEU A 22 84.33 -25.58 -24.03
C LEU A 22 85.63 -25.84 -23.30
N GLY A 23 86.53 -26.65 -23.84
CA GLY A 23 87.80 -26.90 -23.21
C GLY A 23 87.93 -28.29 -22.62
N SER A 24 88.65 -28.41 -21.50
CA SER A 24 88.87 -29.70 -20.88
C SER A 24 87.60 -30.26 -20.24
N GLN A 25 86.56 -29.45 -20.08
CA GLN A 25 85.32 -29.94 -19.48
C GLN A 25 84.70 -31.03 -20.35
N GLY A 26 84.71 -30.84 -21.67
CA GLY A 26 84.20 -31.84 -22.59
C GLY A 26 82.70 -31.86 -22.67
N PHE A 27 82.20 -32.69 -23.59
CA PHE A 27 80.78 -32.87 -23.81
C PHE A 27 80.40 -34.31 -23.47
N ASP A 28 79.43 -34.46 -22.56
CA ASP A 28 79.07 -35.80 -22.10
C ASP A 28 78.59 -36.68 -23.24
N GLU A 29 77.81 -36.14 -24.16
CA GLU A 29 77.28 -36.91 -25.28
C GLU A 29 77.57 -36.19 -26.58
N VAL A 30 77.91 -36.96 -27.61
CA VAL A 30 78.18 -36.42 -28.94
C VAL A 30 77.40 -37.25 -29.95
N HIS A 31 76.65 -36.56 -30.81
CA HIS A 31 75.93 -37.18 -31.92
C HIS A 31 76.32 -36.49 -33.21
N VAL A 32 76.56 -37.28 -34.25
CA VAL A 32 76.95 -36.77 -35.56
C VAL A 32 76.06 -37.41 -36.61
N LEU A 33 75.54 -36.58 -37.52
CA LEU A 33 74.72 -37.04 -38.64
C LEU A 33 75.52 -36.86 -39.92
N THR A 34 75.53 -37.91 -40.75
CA THR A 34 76.28 -37.88 -41.99
C THR A 34 75.45 -38.53 -43.09
N THR A 35 75.75 -38.15 -44.33
CA THR A 35 75.12 -38.73 -45.49
C THR A 35 75.65 -40.15 -45.72
N ALA A 36 74.95 -40.89 -46.59
CA ALA A 36 75.30 -42.27 -46.87
C ALA A 36 76.30 -42.41 -48.02
N SER A 37 76.82 -41.30 -48.53
CA SER A 37 77.72 -41.36 -49.68
C SER A 37 78.98 -42.15 -49.34
N SER A 38 79.49 -42.87 -50.34
CA SER A 38 80.68 -43.69 -50.12
C SER A 38 81.88 -42.84 -49.75
N LYS A 39 81.99 -41.64 -50.34
CA LYS A 39 83.12 -40.77 -50.02
C LYS A 39 83.16 -40.42 -48.53
N ILE A 40 82.04 -40.55 -47.83
CA ILE A 40 82.01 -40.27 -46.40
C ILE A 40 82.47 -41.46 -45.56
N SER A 41 82.47 -42.67 -46.13
CA SER A 41 82.87 -43.84 -45.35
C SER A 41 84.29 -43.73 -44.82
N PRO A 42 85.30 -43.37 -45.61
CA PRO A 42 86.65 -43.21 -45.03
C PRO A 42 86.66 -42.23 -43.88
N GLY A 43 85.91 -41.14 -44.00
CA GLY A 43 85.76 -40.23 -42.88
C GLY A 43 85.12 -40.88 -41.67
N VAL A 44 84.14 -41.76 -41.91
CA VAL A 44 83.47 -42.46 -40.81
C VAL A 44 84.46 -43.36 -40.06
N GLU A 45 85.28 -44.10 -40.80
CA GLU A 45 86.29 -44.92 -40.14
C GLU A 45 87.32 -44.06 -39.41
N GLN A 46 87.74 -42.94 -40.01
CA GLN A 46 88.67 -42.05 -39.33
C GLN A 46 88.07 -41.54 -38.02
N LEU A 47 86.79 -41.16 -38.05
CA LEU A 47 86.13 -40.67 -36.85
C LEU A 47 85.93 -41.79 -35.82
N LEU A 48 85.67 -43.01 -36.29
CA LEU A 48 85.57 -44.14 -35.37
C LEU A 48 86.89 -44.37 -34.64
N ARG A 49 88.00 -44.32 -35.38
CA ARG A 49 89.31 -44.42 -34.75
C ARG A 49 89.54 -43.27 -33.77
N TYR A 50 89.18 -42.05 -34.17
CA TYR A 50 89.35 -40.90 -33.30
C TYR A 50 88.46 -40.96 -32.06
N PHE A 51 87.34 -41.69 -32.13
CA PHE A 51 86.44 -41.84 -31.00
C PHE A 51 86.87 -42.97 -30.07
N GLU A 52 87.44 -44.04 -30.61
CA GLU A 52 87.89 -45.13 -29.75
C GLU A 52 88.88 -44.61 -28.72
N MET A 53 89.86 -43.84 -29.15
CA MET A 53 90.70 -43.10 -28.23
C MET A 53 90.07 -41.73 -28.02
N HIS A 54 90.29 -41.16 -26.83
CA HIS A 54 89.38 -40.17 -26.28
C HIS A 54 88.03 -40.84 -26.03
N PRO A 55 88.00 -41.98 -25.31
CA PRO A 55 86.74 -42.68 -25.10
C PRO A 55 85.96 -42.16 -23.89
N GLY A 56 86.35 -41.00 -23.39
CA GLY A 56 85.72 -40.42 -22.22
C GLY A 56 84.22 -40.30 -22.36
N PRO A 57 83.77 -39.41 -23.24
CA PRO A 57 82.33 -39.26 -23.47
C PRO A 57 81.78 -40.39 -24.33
N ARG A 58 80.50 -40.67 -24.14
CA ARG A 58 79.81 -41.64 -24.96
C ARG A 58 79.69 -41.14 -26.39
N PHE A 59 79.71 -42.07 -27.35
CA PHE A 59 79.74 -41.73 -28.76
C PHE A 59 78.73 -42.56 -29.54
N SER A 60 78.33 -42.02 -30.68
CA SER A 60 77.45 -42.70 -31.62
C SER A 60 77.41 -41.90 -32.91
N ILE A 61 77.31 -42.59 -34.03
CA ILE A 61 77.37 -41.98 -35.36
C ILE A 61 76.11 -42.36 -36.12
N SER A 62 75.51 -41.38 -36.80
CA SER A 62 74.26 -41.56 -37.52
C SER A 62 74.47 -41.23 -39.00
N ARG A 63 74.06 -42.15 -39.87
CA ARG A 63 74.07 -41.95 -41.31
C ARG A 63 72.65 -41.90 -41.83
N VAL A 64 72.40 -40.98 -42.77
CA VAL A 64 71.11 -40.92 -43.46
C VAL A 64 71.08 -42.04 -44.49
N GLN A 65 70.19 -43.01 -44.29
CA GLN A 65 70.17 -44.19 -45.14
C GLN A 65 69.67 -43.86 -46.55
N ASP A 66 68.63 -43.03 -46.64
CA ASP A 66 68.01 -42.74 -47.93
C ASP A 66 68.58 -41.51 -48.62
N PHE A 67 69.62 -40.89 -48.06
CA PHE A 67 70.26 -39.73 -48.68
C PHE A 67 71.71 -40.07 -48.99
N GLU A 68 72.12 -39.80 -50.23
CA GLU A 68 73.49 -39.97 -50.67
C GLU A 68 74.15 -38.65 -51.07
N ASP A 69 73.53 -37.92 -51.99
CA ASP A 69 74.05 -36.63 -52.44
C ASP A 69 72.87 -35.70 -52.72
N LEU A 70 73.14 -34.40 -52.63
CA LEU A 70 72.12 -33.38 -52.86
C LEU A 70 71.89 -33.25 -54.36
N ARG A 71 70.72 -33.68 -54.82
CA ARG A 71 70.39 -33.63 -56.24
C ARG A 71 69.15 -32.80 -56.56
N SER A 72 68.28 -32.54 -55.59
CA SER A 72 67.07 -31.78 -55.86
C SER A 72 66.42 -31.42 -54.52
N GLU A 73 65.25 -30.77 -54.61
CA GLU A 73 64.52 -30.33 -53.42
C GLU A 73 63.85 -31.48 -52.68
N GLN A 74 63.59 -32.60 -53.34
CA GLN A 74 62.98 -33.73 -52.65
C GLN A 74 63.93 -34.32 -51.63
N ASP A 75 65.18 -34.58 -52.04
CA ASP A 75 66.20 -34.94 -51.06
C ASP A 75 66.40 -33.84 -50.04
N HIS A 76 66.14 -32.59 -50.44
CA HIS A 76 66.18 -31.48 -49.49
C HIS A 76 65.21 -31.70 -48.34
N MET A 77 63.93 -31.88 -48.67
CA MET A 77 62.93 -32.18 -47.65
C MET A 77 63.29 -33.44 -46.88
N LEU A 78 63.84 -34.43 -47.59
CA LEU A 78 64.20 -35.69 -46.93
C LEU A 78 65.19 -35.46 -45.80
N PHE A 79 66.30 -34.78 -46.10
CA PHE A 79 67.31 -34.62 -45.05
C PHE A 79 66.84 -33.62 -44.01
N GLU A 80 65.99 -32.66 -44.40
CA GLU A 80 65.44 -31.74 -43.40
C GLU A 80 64.62 -32.51 -42.36
N GLU A 81 63.70 -33.36 -42.83
CA GLU A 81 62.90 -34.16 -41.92
C GLU A 81 63.77 -35.09 -41.09
N VAL A 82 64.75 -35.74 -41.73
CA VAL A 82 65.61 -36.67 -41.02
C VAL A 82 66.39 -35.95 -39.93
N LEU A 83 66.94 -34.77 -40.25
CA LEU A 83 67.69 -34.00 -39.28
C LEU A 83 66.79 -33.56 -38.13
N TRP A 84 65.57 -33.12 -38.44
CA TRP A 84 64.65 -32.71 -37.39
C TRP A 84 64.40 -33.86 -36.42
N ARG A 85 64.05 -35.04 -36.95
CA ARG A 85 63.78 -36.17 -36.09
C ARG A 85 65.02 -36.62 -35.33
N TRP A 86 66.18 -36.60 -35.98
CA TRP A 86 67.42 -37.03 -35.34
C TRP A 86 67.75 -36.12 -34.16
N LEU A 87 67.65 -34.81 -34.35
CA LEU A 87 67.93 -33.89 -33.26
C LEU A 87 66.88 -34.02 -32.16
N LEU A 88 65.61 -34.25 -32.54
CA LEU A 88 64.57 -34.44 -31.54
C LEU A 88 64.87 -35.63 -30.65
N GLN A 89 65.32 -36.75 -31.26
CA GLN A 89 65.58 -37.95 -30.48
C GLN A 89 66.87 -37.82 -29.66
N ARG A 90 67.91 -37.25 -30.25
CA ARG A 90 69.22 -37.25 -29.61
C ARG A 90 69.38 -36.16 -28.55
N ALA A 91 68.65 -35.07 -28.66
CA ALA A 91 68.72 -33.96 -27.71
C ALA A 91 67.31 -33.59 -27.27
N PRO A 92 66.69 -34.42 -26.44
CA PRO A 92 65.32 -34.12 -25.99
C PRO A 92 65.21 -32.78 -25.29
N GLN A 93 66.27 -32.33 -24.62
CA GLN A 93 66.27 -31.06 -23.91
C GLN A 93 67.03 -30.03 -24.73
N ALA A 94 66.38 -28.90 -25.01
CA ALA A 94 67.01 -27.84 -25.79
C ALA A 94 68.18 -27.21 -25.03
N ALA A 95 68.07 -27.11 -23.71
CA ALA A 95 69.08 -26.42 -22.91
C ALA A 95 70.44 -27.10 -23.00
N HIS A 96 70.49 -28.39 -23.36
CA HIS A 96 71.72 -29.15 -23.43
C HIS A 96 72.22 -29.34 -24.86
N ARG A 97 71.68 -28.56 -25.81
CA ARG A 97 71.90 -28.80 -27.23
C ARG A 97 72.93 -27.82 -27.78
N TYR A 98 74.01 -28.35 -28.33
CA TYR A 98 75.03 -27.58 -29.03
C TYR A 98 75.17 -28.12 -30.44
N ILE A 99 75.24 -27.22 -31.41
CA ILE A 99 75.26 -27.60 -32.83
C ILE A 99 76.28 -26.76 -33.57
N CYS A 100 76.99 -27.39 -34.50
CA CYS A 100 77.96 -26.71 -35.35
C CYS A 100 77.59 -26.92 -36.80
N LEU A 101 77.64 -25.84 -37.59
CA LEU A 101 77.20 -25.87 -38.98
C LEU A 101 78.35 -26.05 -39.96
N ALA A 102 79.54 -26.44 -39.49
CA ALA A 102 80.67 -26.59 -40.39
C ALA A 102 80.42 -27.68 -41.42
N GLY A 103 79.86 -28.82 -41.00
CA GLY A 103 79.71 -29.96 -41.88
C GLY A 103 78.47 -29.89 -42.75
N GLY A 104 78.49 -30.68 -43.83
CA GLY A 104 77.37 -30.76 -44.73
C GLY A 104 77.36 -29.65 -45.76
N TYR A 105 76.40 -29.75 -46.68
CA TYR A 105 76.22 -28.72 -47.70
C TYR A 105 76.00 -27.37 -47.05
N LYS A 106 76.12 -26.32 -47.85
CA LYS A 106 75.70 -24.99 -47.38
C LYS A 106 74.21 -25.01 -47.04
N THR A 107 73.40 -25.61 -47.92
CA THR A 107 71.99 -25.78 -47.62
C THR A 107 71.79 -26.65 -46.38
N ILE A 108 72.69 -27.62 -46.16
CA ILE A 108 72.61 -28.42 -44.94
C ILE A 108 72.78 -27.52 -43.72
N SER A 109 73.76 -26.62 -43.76
CA SER A 109 73.97 -25.71 -42.64
C SER A 109 72.77 -24.80 -42.45
N ALA A 110 72.20 -24.28 -43.54
CA ALA A 110 71.04 -23.41 -43.42
C ALA A 110 69.86 -24.16 -42.80
N ALA A 111 69.61 -25.39 -43.26
CA ALA A 111 68.50 -26.17 -42.74
C ALA A 111 68.72 -26.51 -41.27
N MET A 112 69.95 -26.86 -40.90
CA MET A 112 70.22 -27.17 -39.49
C MET A 112 70.06 -25.94 -38.62
N GLN A 113 70.49 -24.77 -39.10
CA GLN A 113 70.28 -23.55 -38.33
C GLN A 113 68.79 -23.27 -38.17
N ARG A 114 68.01 -23.45 -39.24
CA ARG A 114 66.56 -23.28 -39.13
C ARG A 114 65.97 -24.25 -38.12
N ALA A 115 66.40 -25.51 -38.15
CA ALA A 115 65.90 -26.49 -37.20
C ALA A 115 66.23 -26.07 -35.77
N ALA A 116 67.46 -25.63 -35.53
CA ALA A 116 67.82 -25.15 -34.20
C ALA A 116 66.91 -24.02 -33.77
N ALA A 117 66.73 -23.01 -34.63
CA ALA A 117 65.89 -21.87 -34.27
C ALA A 117 64.47 -22.31 -33.97
N LEU A 118 63.94 -23.24 -34.76
CA LEU A 118 62.54 -23.65 -34.59
C LEU A 118 62.35 -24.51 -33.35
N PHE A 119 63.34 -25.30 -32.97
CA PHE A 119 63.22 -26.21 -31.83
C PHE A 119 64.09 -25.83 -30.65
N GLY A 120 65.03 -24.91 -30.81
CA GLY A 120 65.80 -24.47 -29.66
C GLY A 120 67.10 -25.24 -29.50
N ALA A 121 68.12 -24.54 -29.00
CA ALA A 121 69.42 -25.15 -28.75
C ALA A 121 70.16 -24.29 -27.73
N CYS A 122 71.07 -24.94 -27.00
CA CYS A 122 71.85 -24.21 -26.01
C CYS A 122 72.81 -23.21 -26.68
N GLU A 123 73.43 -23.62 -27.79
CA GLU A 123 74.36 -22.75 -28.49
C GLU A 123 74.54 -23.25 -29.92
N VAL A 124 74.84 -22.32 -30.82
CA VAL A 124 75.10 -22.62 -32.23
C VAL A 124 76.40 -21.94 -32.62
N PHE A 125 77.29 -22.70 -33.27
CA PHE A 125 78.61 -22.19 -33.59
C PHE A 125 79.12 -22.85 -34.87
N HIS A 126 80.10 -22.21 -35.49
CA HIS A 126 80.78 -22.73 -36.67
C HIS A 126 82.27 -22.75 -36.41
N VAL A 127 82.90 -23.89 -36.69
CA VAL A 127 84.32 -24.11 -36.37
C VAL A 127 85.14 -23.85 -37.63
N LEU A 128 86.12 -22.96 -37.51
CA LEU A 128 87.06 -22.68 -38.59
C LEU A 128 88.47 -23.01 -38.10
N CYS A 129 89.22 -23.74 -38.93
CA CYS A 129 90.54 -24.21 -38.56
C CYS A 129 91.60 -23.58 -39.46
N GLU A 130 92.75 -23.26 -38.85
CA GLU A 130 93.86 -22.70 -39.61
C GLU A 130 94.36 -23.74 -40.61
N PRO A 131 94.57 -23.38 -41.87
CA PRO A 131 95.01 -24.38 -42.86
C PRO A 131 96.51 -24.61 -42.83
N ARG A 132 97.08 -24.72 -41.63
CA ARG A 132 98.50 -25.03 -41.46
C ARG A 132 98.68 -26.53 -41.18
N PHE A 133 98.19 -27.35 -42.11
CA PHE A 133 98.24 -28.79 -41.95
C PHE A 133 98.36 -29.45 -43.31
N GLY A 134 98.79 -30.72 -43.30
CA GLY A 134 98.98 -31.46 -44.52
C GLY A 134 100.28 -31.06 -45.21
N PRO A 135 100.51 -31.61 -46.40
CA PRO A 135 101.73 -31.25 -47.14
C PRO A 135 101.77 -29.76 -47.46
N GLN A 136 102.97 -29.20 -47.39
CA GLN A 136 103.26 -27.80 -47.70
C GLN A 136 102.71 -26.84 -46.67
N GLY A 137 102.05 -27.33 -45.61
CA GLY A 137 101.52 -26.45 -44.59
C GLY A 137 100.49 -25.46 -45.11
N ASN A 138 99.61 -25.90 -46.01
CA ASN A 138 98.61 -25.01 -46.59
C ASN A 138 97.23 -25.66 -46.64
N ARG A 139 96.98 -26.68 -45.83
CA ARG A 139 95.70 -27.36 -45.82
C ARG A 139 95.25 -27.60 -44.38
N GLU A 140 93.95 -27.77 -44.21
CA GLU A 140 93.41 -28.08 -42.89
C GLU A 140 93.80 -29.49 -42.47
N ALA A 141 93.88 -29.71 -41.16
CA ALA A 141 94.19 -31.03 -40.64
C ALA A 141 93.17 -32.05 -41.15
N SER A 142 93.66 -33.16 -41.68
CA SER A 142 92.79 -34.19 -42.25
C SER A 142 93.13 -35.58 -41.71
N THR A 143 94.06 -35.69 -40.77
CA THR A 143 94.46 -36.96 -40.19
C THR A 143 94.32 -36.89 -38.68
N LEU A 144 94.37 -38.05 -38.03
CA LEU A 144 94.36 -38.09 -36.58
C LEU A 144 95.50 -37.25 -36.01
N GLU A 145 96.70 -37.43 -36.56
CA GLU A 145 97.84 -36.65 -36.10
C GLU A 145 97.64 -35.17 -36.37
N GLU A 146 97.15 -34.83 -37.57
CA GLU A 146 96.92 -33.43 -37.90
C GLU A 146 95.87 -32.82 -36.97
N VAL A 147 94.79 -33.56 -36.71
CA VAL A 147 93.74 -33.05 -35.83
C VAL A 147 94.28 -32.84 -34.42
N GLU A 148 95.06 -33.79 -33.91
CA GLU A 148 95.62 -33.65 -32.58
C GLU A 148 96.58 -32.47 -32.52
N GLN A 149 97.38 -32.27 -33.57
CA GLN A 149 98.27 -31.12 -33.61
C GLN A 149 97.48 -29.82 -33.61
N ALA A 150 96.37 -29.79 -34.35
CA ALA A 150 95.52 -28.60 -34.34
C ALA A 150 94.96 -28.33 -32.95
N ILE A 151 94.52 -29.38 -32.26
CA ILE A 151 93.88 -29.21 -30.96
C ILE A 151 94.86 -28.59 -29.96
N ALA A 152 96.08 -29.11 -29.91
CA ALA A 152 97.06 -28.67 -28.92
C ALA A 152 97.74 -27.36 -29.30
N THR A 153 97.54 -26.86 -30.51
CA THR A 153 98.19 -25.64 -30.96
C THR A 153 97.32 -24.40 -30.80
N ASN A 154 96.14 -24.54 -30.18
CA ASN A 154 95.23 -23.41 -30.01
C ASN A 154 94.90 -22.76 -31.35
N ALA A 155 94.85 -23.58 -32.40
CA ALA A 155 94.63 -23.11 -33.75
C ALA A 155 93.17 -23.10 -34.15
N LEU A 156 92.27 -23.50 -33.26
CA LEU A 156 90.84 -23.59 -33.57
C LEU A 156 90.15 -22.30 -33.13
N ARG A 157 89.50 -21.63 -34.08
CA ARG A 157 88.72 -20.44 -33.80
C ARG A 157 87.24 -20.80 -33.79
N PHE A 158 86.58 -20.48 -32.69
CA PHE A 158 85.17 -20.83 -32.49
C PHE A 158 84.30 -19.60 -32.66
N VAL A 159 83.29 -19.70 -33.50
CA VAL A 159 82.35 -18.62 -33.76
C VAL A 159 81.04 -18.99 -33.07
N ARG A 160 80.83 -18.45 -31.87
CA ARG A 160 79.67 -18.77 -31.07
C ARG A 160 78.53 -17.81 -31.40
N LEU A 161 77.42 -18.34 -31.87
CA LEU A 161 76.28 -17.52 -32.28
C LEU A 161 75.39 -17.12 -31.12
N GLY A 162 75.65 -17.61 -29.91
CA GLY A 162 74.87 -17.26 -28.76
C GLY A 162 73.67 -18.16 -28.58
N PRO A 163 72.92 -17.96 -27.50
CA PRO A 163 71.75 -18.79 -27.26
C PRO A 163 70.70 -18.59 -28.34
N GLU A 164 69.95 -19.66 -28.60
CA GLU A 164 68.83 -19.62 -29.56
C GLU A 164 67.57 -20.11 -28.84
N PRO A 165 66.60 -19.23 -28.60
CA PRO A 165 65.50 -19.57 -27.68
C PRO A 165 64.69 -20.78 -28.11
N GLY A 166 64.48 -20.99 -29.40
CA GLY A 166 63.55 -22.01 -29.85
C GLY A 166 62.18 -21.45 -30.10
N TRP A 167 61.20 -22.35 -30.14
CA TRP A 167 59.86 -21.90 -30.46
C TRP A 167 58.87 -22.41 -29.42
N PRO A 168 57.84 -21.63 -29.07
CA PRO A 168 56.98 -22.02 -27.94
C PRO A 168 56.22 -23.31 -28.19
N GLN A 169 55.42 -23.37 -29.26
CA GLN A 169 54.60 -24.55 -29.52
C GLN A 169 55.41 -25.72 -30.08
N LEU A 170 56.67 -25.50 -30.44
CA LEU A 170 57.51 -26.55 -31.00
C LEU A 170 58.68 -26.91 -30.09
N ARG A 171 58.72 -26.36 -28.88
CA ARG A 171 59.76 -26.72 -27.92
C ARG A 171 59.48 -28.03 -27.19
N LEU A 172 58.29 -28.61 -27.39
CA LEU A 172 57.92 -29.84 -26.72
C LEU A 172 57.91 -31.06 -27.63
N LEU A 173 58.08 -30.88 -28.94
CA LEU A 173 58.09 -32.01 -29.86
C LEU A 173 59.18 -33.00 -29.45
N SER A 174 58.83 -34.29 -29.46
CA SER A 174 59.73 -35.34 -29.01
C SER A 174 59.83 -36.41 -30.08
N ALA A 175 60.96 -37.11 -30.07
CA ALA A 175 61.16 -38.23 -30.99
C ALA A 175 60.06 -39.28 -30.91
N PRO A 176 59.53 -39.64 -29.74
CA PRO A 176 58.49 -40.69 -29.70
C PRO A 176 57.31 -40.38 -30.60
N SER A 177 56.91 -39.12 -30.70
CA SER A 177 55.81 -38.77 -31.61
C SER A 177 56.21 -38.93 -33.06
N PHE A 178 57.47 -38.66 -33.40
CA PHE A 178 57.97 -38.75 -34.77
C PHE A 178 59.24 -39.60 -34.77
N PRO A 179 59.10 -40.89 -34.48
CA PRO A 179 60.29 -41.75 -34.39
C PRO A 179 61.01 -41.89 -35.72
N LEU A 180 62.32 -42.08 -35.66
CA LEU A 180 63.15 -42.28 -36.82
C LEU A 180 63.75 -43.68 -36.81
N GLU A 181 63.70 -44.36 -37.95
CA GLU A 181 64.21 -45.72 -38.07
C GLU A 181 65.73 -45.71 -38.08
N SER A 182 66.33 -46.59 -37.28
CA SER A 182 67.78 -46.74 -37.21
C SER A 182 68.14 -48.20 -37.44
N THR A 183 69.05 -48.45 -38.38
CA THR A 183 69.56 -49.78 -38.66
C THR A 183 71.03 -49.83 -38.25
N LEU A 184 71.37 -50.74 -37.35
CA LEU A 184 72.70 -50.80 -36.78
C LEU A 184 73.55 -51.81 -37.56
N GLN A 185 74.66 -51.33 -38.13
CA GLN A 185 75.63 -52.15 -38.85
C GLN A 185 77.00 -51.67 -38.42
N GLY A 186 77.53 -52.29 -37.36
CA GLY A 186 78.78 -51.85 -36.77
C GLY A 186 78.57 -50.68 -35.84
N PRO A 187 79.55 -49.78 -35.77
CA PRO A 187 79.45 -48.63 -34.86
C PRO A 187 78.72 -47.42 -35.42
N VAL A 188 78.13 -47.53 -36.61
CA VAL A 188 77.47 -46.41 -37.28
C VAL A 188 75.97 -46.64 -37.24
N HIS A 189 75.23 -45.62 -36.82
CA HIS A 189 73.77 -45.69 -36.81
C HIS A 189 73.24 -45.25 -38.17
N TRP A 190 72.44 -46.11 -38.79
CA TRP A 190 71.81 -45.81 -40.07
C TRP A 190 70.38 -45.36 -39.80
N VAL A 191 70.03 -44.15 -40.25
CA VAL A 191 68.78 -43.51 -39.90
C VAL A 191 67.91 -43.36 -41.14
N ARG A 192 66.63 -43.71 -41.00
CA ARG A 192 65.65 -43.52 -42.06
C ARG A 192 64.38 -42.92 -41.46
N ALA A 193 63.72 -42.08 -42.25
CA ALA A 193 62.53 -41.35 -41.82
C ALA A 193 61.29 -42.00 -42.38
N SER A 194 60.28 -42.18 -41.52
CA SER A 194 59.07 -42.87 -41.94
C SER A 194 58.17 -41.96 -42.77
N ASP A 195 57.75 -40.82 -42.20
CA ASP A 195 56.77 -39.96 -42.84
C ASP A 195 57.19 -38.51 -42.69
N MET A 196 56.40 -37.63 -43.31
CA MET A 196 56.64 -36.18 -43.35
C MET A 196 55.81 -35.44 -42.31
N ARG A 197 55.13 -36.16 -41.41
CA ARG A 197 54.18 -35.53 -40.51
C ARG A 197 54.78 -34.34 -39.78
N LEU A 198 56.03 -34.46 -39.33
CA LEU A 198 56.64 -33.41 -38.51
C LEU A 198 56.74 -32.09 -39.28
N ARG A 199 57.17 -32.15 -40.54
CA ARG A 199 57.30 -30.93 -41.32
C ARG A 199 55.95 -30.26 -41.54
N GLN A 200 54.92 -31.05 -41.84
CA GLN A 200 53.58 -30.49 -42.00
C GLN A 200 53.11 -29.84 -40.71
N HIS A 201 53.35 -30.51 -39.57
CA HIS A 201 52.98 -29.93 -38.28
C HIS A 201 53.68 -28.61 -38.04
N VAL A 202 54.98 -28.55 -38.35
CA VAL A 202 55.73 -27.31 -38.15
C VAL A 202 55.18 -26.20 -39.04
N GLU A 203 54.92 -26.50 -40.30
CA GLU A 203 54.39 -25.49 -41.20
C GLU A 203 53.04 -24.97 -40.73
N GLY A 204 52.15 -25.89 -40.30
CA GLY A 204 50.85 -25.47 -39.80
C GLY A 204 50.96 -24.61 -38.55
N VAL A 205 51.84 -25.00 -37.62
CA VAL A 205 52.02 -24.23 -36.40
C VAL A 205 52.53 -22.83 -36.73
N LEU A 206 53.49 -22.73 -37.65
CA LEU A 206 54.01 -21.42 -38.01
C LEU A 206 52.94 -20.56 -38.68
N GLU A 207 52.14 -21.14 -39.57
CA GLU A 207 51.09 -20.36 -40.20
C GLU A 207 50.07 -19.86 -39.17
N ARG A 208 49.68 -20.73 -38.24
CA ARG A 208 48.74 -20.32 -37.20
C ARG A 208 49.34 -19.23 -36.33
N SER A 209 50.63 -19.34 -36.00
CA SER A 209 51.27 -18.33 -35.17
C SER A 209 51.29 -16.98 -35.88
N ARG A 210 51.62 -16.97 -37.17
CA ARG A 210 51.64 -15.71 -37.89
C ARG A 210 50.24 -15.10 -37.98
N HIS A 211 49.22 -15.93 -38.19
CA HIS A 211 47.85 -15.41 -38.18
C HIS A 211 47.49 -14.81 -36.84
N ILE A 212 47.83 -15.50 -35.76
CA ILE A 212 47.52 -15.00 -34.42
C ILE A 212 48.22 -13.68 -34.18
N LEU A 213 49.49 -13.57 -34.56
CA LEU A 213 50.22 -12.33 -34.38
C LEU A 213 49.58 -11.20 -35.18
N ALA A 214 49.20 -11.47 -36.43
CA ALA A 214 48.59 -10.43 -37.25
C ALA A 214 47.28 -9.95 -36.63
N ALA A 215 46.47 -10.87 -36.12
CA ALA A 215 45.17 -10.48 -35.56
C ALA A 215 45.25 -10.04 -34.11
N TRP A 216 46.40 -10.16 -33.46
CA TRP A 216 46.51 -9.85 -32.04
C TRP A 216 46.14 -8.40 -31.74
N GLU A 217 46.38 -7.49 -32.67
CA GLU A 217 46.18 -6.07 -32.38
C GLU A 217 44.72 -5.80 -32.00
N GLY A 218 43.79 -6.20 -32.86
CA GLY A 218 42.38 -6.00 -32.57
C GLY A 218 41.75 -7.15 -31.83
N ILE A 219 42.09 -7.31 -30.55
CA ILE A 219 41.60 -8.43 -29.76
C ILE A 219 40.35 -8.05 -28.95
N SER A 220 39.72 -6.93 -29.29
CA SER A 220 38.50 -6.51 -28.62
C SER A 220 37.31 -6.35 -29.56
N GLU A 221 37.54 -6.11 -30.84
CA GLU A 221 36.45 -6.09 -31.82
C GLU A 221 36.09 -7.49 -32.30
N LEU A 222 36.79 -8.53 -31.82
CA LEU A 222 36.40 -9.90 -32.08
C LEU A 222 35.57 -10.41 -30.92
N PRO A 223 34.31 -10.77 -31.13
CA PRO A 223 33.48 -11.23 -30.00
C PRO A 223 34.05 -12.45 -29.29
N ILE A 224 34.68 -13.36 -30.03
CA ILE A 224 35.22 -14.60 -29.49
C ILE A 224 36.74 -14.54 -29.63
N PRO A 225 37.51 -14.72 -28.56
CA PRO A 225 38.96 -14.67 -28.68
C PRO A 225 39.52 -15.68 -29.65
N ALA A 226 38.87 -16.83 -29.82
CA ALA A 226 39.36 -17.85 -30.73
C ALA A 226 39.35 -17.40 -32.18
N LEU A 227 38.67 -16.30 -32.50
CA LEU A 227 38.68 -15.77 -33.85
C LEU A 227 40.03 -15.17 -34.23
N ALA A 228 40.92 -14.98 -33.26
CA ALA A 228 42.22 -14.39 -33.59
C ALA A 228 42.99 -15.26 -34.58
N ALA A 229 42.91 -16.57 -34.44
CA ALA A 229 43.64 -17.48 -35.30
C ALA A 229 43.17 -17.44 -36.74
N TRP A 230 42.03 -16.81 -37.02
CA TRP A 230 41.52 -16.77 -38.38
C TRP A 230 42.46 -15.99 -39.28
N PRO A 231 42.59 -16.39 -40.55
CA PRO A 231 43.46 -15.67 -41.46
C PRO A 231 42.98 -14.24 -41.64
N PRO A 232 43.89 -13.30 -41.91
CA PRO A 232 43.45 -11.91 -42.09
C PRO A 232 42.42 -11.74 -43.17
N SER A 233 42.51 -12.52 -44.26
CA SER A 233 41.50 -12.44 -45.31
C SER A 233 40.13 -12.86 -44.79
N HIS A 234 40.07 -13.94 -44.00
CA HIS A 234 38.81 -14.36 -43.41
C HIS A 234 38.26 -13.29 -42.47
N LEU A 235 39.13 -12.67 -41.67
CA LEU A 235 38.67 -11.63 -40.75
C LEU A 235 38.13 -10.43 -41.51
N ARG A 236 38.80 -10.05 -42.60
CA ARG A 236 38.27 -8.96 -43.42
C ARG A 236 36.92 -9.33 -44.03
N TRP A 237 36.79 -10.57 -44.51
CA TRP A 237 35.51 -11.03 -45.01
C TRP A 237 34.43 -10.94 -43.93
N LEU A 238 34.81 -11.21 -42.68
CA LEU A 238 33.83 -11.24 -41.61
C LEU A 238 33.11 -9.91 -41.44
N HIS A 239 33.81 -8.79 -41.65
CA HIS A 239 33.25 -7.48 -41.38
C HIS A 239 32.39 -6.96 -42.51
N GLU A 240 32.28 -7.68 -43.62
CA GLU A 240 31.47 -7.25 -44.74
C GLU A 240 30.00 -7.47 -44.46
N PRO A 241 29.11 -6.81 -45.22
CA PRO A 241 27.68 -6.99 -45.00
C PRO A 241 27.26 -8.43 -45.22
N LEU A 242 26.26 -8.86 -44.44
CA LEU A 242 25.79 -10.23 -44.50
C LEU A 242 24.85 -10.43 -45.69
N ASP A 243 25.20 -11.38 -46.56
CA ASP A 243 24.40 -11.67 -47.74
C ASP A 243 23.46 -12.81 -47.44
N PRO A 244 22.14 -12.60 -47.48
CA PRO A 244 21.21 -13.64 -47.01
C PRO A 244 21.26 -14.93 -47.81
N VAL A 245 21.78 -14.90 -49.04
CA VAL A 245 21.79 -16.08 -49.88
C VAL A 245 23.10 -16.85 -49.77
N GLN A 246 24.22 -16.18 -50.04
CA GLN A 246 25.51 -16.86 -50.06
C GLN A 246 25.97 -17.31 -48.68
N ASP A 247 25.37 -16.80 -47.62
CA ASP A 247 25.77 -17.14 -46.25
C ASP A 247 24.85 -18.16 -45.60
N LYS A 248 23.90 -18.73 -46.34
CA LYS A 248 23.01 -19.71 -45.76
C LYS A 248 23.79 -20.93 -45.24
N ALA A 249 24.72 -21.43 -46.04
CA ALA A 249 25.47 -22.61 -45.66
C ALA A 249 26.30 -22.35 -44.40
N TRP A 250 26.96 -21.19 -44.33
CA TRP A 250 27.77 -20.89 -43.16
C TRP A 250 26.91 -20.71 -41.92
N VAL A 251 25.87 -19.88 -42.02
CA VAL A 251 25.03 -19.61 -40.87
C VAL A 251 24.28 -20.86 -40.42
N GLN A 252 24.17 -21.86 -41.30
CA GLN A 252 23.60 -23.13 -40.89
C GLN A 252 24.44 -23.79 -39.82
N ALA A 253 25.77 -23.69 -39.93
CA ALA A 253 26.68 -24.44 -39.08
C ALA A 253 27.10 -23.68 -37.82
N LEU A 254 26.65 -22.46 -37.63
CA LEU A 254 26.99 -21.73 -36.41
C LEU A 254 26.39 -22.42 -35.20
N PRO A 255 27.16 -22.66 -34.16
CA PRO A 255 26.55 -23.10 -32.89
C PRO A 255 25.80 -21.96 -32.24
N LYS A 256 24.47 -22.00 -32.32
CA LYS A 256 23.64 -20.89 -31.92
C LYS A 256 23.10 -21.09 -30.50
N VAL A 257 22.36 -20.09 -30.04
CA VAL A 257 21.75 -20.09 -28.71
C VAL A 257 20.33 -19.57 -28.84
N GLU A 258 19.35 -20.42 -28.53
CA GLU A 258 17.94 -20.10 -28.63
C GLU A 258 17.41 -19.81 -27.23
N LEU A 259 16.95 -18.59 -26.99
CA LEU A 259 16.47 -18.18 -25.68
C LEU A 259 14.97 -17.90 -25.63
N HIS A 260 14.28 -17.88 -26.76
CA HIS A 260 12.84 -17.63 -26.82
C HIS A 260 12.22 -18.67 -27.74
N CYS A 261 11.88 -19.83 -27.18
CA CYS A 261 11.24 -20.89 -27.92
C CYS A 261 10.06 -21.40 -27.12
N HIS A 262 8.91 -21.53 -27.78
CA HIS A 262 7.69 -22.01 -27.15
C HIS A 262 7.46 -23.47 -27.52
N LEU A 263 7.26 -24.32 -26.52
CA LEU A 263 7.04 -25.73 -26.77
C LEU A 263 5.69 -25.98 -27.43
N GLY A 264 4.70 -25.14 -27.13
CA GLY A 264 3.36 -25.31 -27.66
C GLY A 264 3.14 -24.76 -29.05
N GLY A 265 4.16 -24.20 -29.68
CA GLY A 265 4.02 -23.67 -31.01
C GLY A 265 5.02 -24.25 -31.99
N PHE A 266 5.28 -25.55 -31.89
CA PHE A 266 6.28 -26.19 -32.74
C PHE A 266 5.67 -26.88 -33.95
N ALA A 267 4.68 -27.76 -33.75
CA ALA A 267 4.13 -28.53 -34.86
C ALA A 267 2.66 -28.18 -35.09
N THR A 268 2.33 -26.88 -35.07
CA THR A 268 0.94 -26.47 -35.19
C THR A 268 0.32 -26.91 -36.51
N HIS A 269 1.13 -27.16 -37.54
CA HIS A 269 0.59 -27.65 -38.80
C HIS A 269 1.71 -28.32 -39.58
N GLY A 270 1.32 -29.17 -40.51
CA GLY A 270 2.27 -29.89 -41.35
C GLY A 270 2.52 -31.30 -40.87
N GLU A 271 3.53 -31.92 -41.50
CA GLU A 271 3.86 -33.30 -41.18
C GLU A 271 4.19 -33.48 -39.70
N LEU A 272 4.74 -32.43 -39.07
CA LEU A 272 5.08 -32.54 -37.66
C LEU A 272 3.83 -32.75 -36.80
N LEU A 273 2.75 -32.04 -37.12
CA LEU A 273 1.50 -32.24 -36.40
C LEU A 273 0.97 -33.65 -36.60
N HIS A 274 1.08 -34.17 -37.82
CA HIS A 274 0.64 -35.54 -38.06
C HIS A 274 1.45 -36.53 -37.25
N LYS A 275 2.76 -36.33 -37.15
CA LYS A 275 3.58 -37.21 -36.31
C LYS A 275 3.15 -37.14 -34.86
N VAL A 276 2.93 -35.92 -34.36
CA VAL A 276 2.51 -35.77 -32.96
C VAL A 276 1.18 -36.48 -32.72
N ARG A 277 0.25 -36.35 -33.67
CA ARG A 277 -1.06 -36.98 -33.52
C ARG A 277 -0.96 -38.50 -33.59
N GLN A 278 -0.07 -39.01 -34.44
CA GLN A 278 0.09 -40.45 -34.55
C GLN A 278 0.74 -41.05 -33.31
N GLU A 279 1.66 -40.33 -32.69
CA GLU A 279 2.32 -40.82 -31.49
C GLU A 279 1.45 -40.69 -30.24
N ALA A 280 0.17 -40.39 -30.39
CA ALA A 280 -0.71 -40.24 -29.24
C ALA A 280 -0.92 -41.57 -28.54
N ALA A 281 -1.03 -41.52 -27.21
CA ALA A 281 -1.24 -42.72 -26.42
C ALA A 281 -2.69 -43.21 -26.50
N ASN A 282 -3.64 -42.29 -26.64
CA ASN A 282 -5.06 -42.62 -26.65
C ASN A 282 -5.68 -42.02 -27.89
N PRO A 283 -5.53 -42.67 -29.05
CA PRO A 283 -6.04 -42.08 -30.30
C PRO A 283 -7.56 -42.08 -30.36
N GLU A 284 -8.20 -41.57 -29.31
CA GLU A 284 -9.64 -41.42 -29.27
C GLU A 284 -10.11 -40.08 -28.74
N SER A 285 -9.30 -39.36 -27.98
CA SER A 285 -9.64 -38.02 -27.51
C SER A 285 -9.08 -36.93 -28.40
N LEU A 286 -8.37 -37.28 -29.46
CA LEU A 286 -7.78 -36.28 -30.33
C LEU A 286 -8.87 -35.44 -30.97
N PRO A 287 -8.80 -34.11 -30.88
CA PRO A 287 -9.81 -33.28 -31.54
C PRO A 287 -9.62 -33.31 -33.04
N PRO A 288 -10.68 -33.06 -33.80
CA PRO A 288 -10.53 -33.00 -35.26
C PRO A 288 -9.57 -31.90 -35.66
N VAL A 289 -8.79 -32.15 -36.71
CA VAL A 289 -7.80 -31.18 -37.16
C VAL A 289 -8.55 -30.02 -37.81
N ARG A 290 -8.68 -28.92 -37.08
CA ARG A 290 -9.42 -27.77 -37.58
C ARG A 290 -8.67 -27.13 -38.75
N ALA A 291 -9.41 -26.76 -39.79
CA ALA A 291 -8.81 -26.13 -40.96
C ALA A 291 -8.51 -24.66 -40.65
N ILE A 292 -7.23 -24.31 -40.65
CA ILE A 292 -6.79 -22.95 -40.34
C ILE A 292 -5.91 -22.46 -41.47
N PRO A 293 -6.47 -22.00 -42.58
CA PRO A 293 -5.64 -21.62 -43.72
C PRO A 293 -4.60 -20.58 -43.33
N LEU A 294 -3.41 -20.70 -43.92
CA LEU A 294 -2.33 -19.77 -43.68
C LEU A 294 -2.55 -18.49 -44.49
N PRO A 295 -2.20 -17.33 -43.94
CA PRO A 295 -2.36 -16.09 -44.69
C PRO A 295 -1.52 -16.12 -45.95
N PRO A 296 -1.94 -15.39 -46.99
CA PRO A 296 -1.16 -15.39 -48.24
C PRO A 296 0.23 -14.82 -48.02
N GLY A 297 1.18 -15.35 -48.79
CA GLY A 297 2.56 -14.92 -48.70
C GLY A 297 3.36 -15.55 -47.58
N TRP A 298 2.77 -16.46 -46.82
CA TRP A 298 3.49 -17.07 -45.71
C TRP A 298 4.75 -17.76 -46.24
N PRO A 299 5.86 -17.73 -45.48
CA PRO A 299 6.01 -17.20 -44.13
C PRO A 299 6.30 -15.70 -44.12
N ILE A 300 6.36 -15.06 -45.28
CA ILE A 300 6.55 -13.61 -45.35
C ILE A 300 5.21 -12.98 -45.69
N PRO A 301 4.38 -12.65 -44.70
CA PRO A 301 3.03 -12.17 -45.00
C PRO A 301 3.05 -10.87 -45.78
N GLU A 302 2.06 -10.71 -46.66
CA GLU A 302 1.96 -9.48 -47.43
C GLU A 302 1.69 -8.29 -46.52
N GLU A 303 0.89 -8.47 -45.48
CA GLU A 303 0.59 -7.44 -44.50
C GLU A 303 0.60 -8.06 -43.11
N PRO A 304 0.73 -7.24 -42.08
CA PRO A 304 0.68 -7.79 -40.72
C PRO A 304 -0.67 -8.41 -40.43
N ILE A 305 -0.67 -9.35 -39.48
CA ILE A 305 -1.89 -10.07 -39.11
C ILE A 305 -2.24 -9.88 -37.64
N GLY A 306 -1.56 -8.97 -36.95
CA GLY A 306 -1.88 -8.72 -35.55
C GLY A 306 -1.60 -9.90 -34.64
N LEU A 307 -1.50 -9.64 -33.34
CA LEU A 307 -1.12 -10.70 -32.41
C LEU A 307 -2.20 -11.78 -32.32
N GLU A 308 -3.47 -11.38 -32.30
CA GLU A 308 -4.54 -12.34 -32.07
C GLU A 308 -4.61 -13.37 -33.20
N ARG A 309 -4.56 -12.90 -34.45
CA ARG A 309 -4.55 -13.83 -35.57
C ARG A 309 -3.31 -14.70 -35.54
N TYR A 310 -2.17 -14.13 -35.15
CA TYR A 310 -0.95 -14.92 -35.07
C TYR A 310 -1.12 -16.09 -34.10
N MET A 311 -1.66 -15.82 -32.90
CA MET A 311 -1.90 -16.90 -31.97
C MET A 311 -2.92 -17.89 -32.50
N ARG A 312 -4.00 -17.40 -33.10
CA ARG A 312 -5.03 -18.29 -33.63
C ARG A 312 -4.52 -19.17 -34.75
N LEU A 313 -3.42 -18.77 -35.41
CA LEU A 313 -2.88 -19.57 -36.50
C LEU A 313 -2.52 -20.98 -36.01
N GLY A 314 -1.89 -21.08 -34.85
CA GLY A 314 -1.54 -22.38 -34.31
C GLY A 314 -2.57 -22.92 -33.33
N ASP A 315 -3.77 -23.21 -33.83
CA ASP A 315 -4.86 -23.71 -33.00
C ASP A 315 -4.98 -25.23 -33.03
N ASN A 316 -4.15 -25.92 -33.80
CA ASN A 316 -4.21 -27.37 -33.87
C ASN A 316 -3.29 -28.06 -32.87
N ASN A 317 -2.46 -27.31 -32.16
CA ASN A 317 -1.53 -27.86 -31.18
C ASN A 317 -1.65 -27.07 -29.89
N GLY A 318 -0.82 -27.45 -28.91
CA GLY A 318 -0.86 -26.81 -27.61
C GLY A 318 -1.66 -27.58 -26.59
N SER A 319 -2.41 -26.88 -25.74
CA SER A 319 -3.20 -27.56 -24.72
C SER A 319 -4.24 -28.48 -25.35
N ALA A 320 -4.78 -28.08 -26.50
CA ALA A 320 -5.81 -28.85 -27.19
C ALA A 320 -5.16 -29.95 -28.03
N LEU A 321 -4.45 -30.84 -27.34
CA LEU A 321 -3.76 -31.96 -27.97
C LEU A 321 -2.69 -32.53 -27.06
N LEU A 322 -1.98 -31.65 -26.35
CA LEU A 322 -0.85 -32.08 -25.54
C LEU A 322 -1.25 -32.76 -24.25
N LYS A 323 -2.54 -32.83 -23.93
CA LYS A 323 -2.97 -33.52 -22.72
C LYS A 323 -2.82 -35.03 -22.82
N ASP A 324 -2.50 -35.56 -23.99
CA ASP A 324 -2.25 -36.98 -24.16
C ASP A 324 -0.78 -37.25 -23.94
N PRO A 325 -0.39 -38.09 -22.97
CA PRO A 325 1.04 -38.24 -22.67
C PRO A 325 1.88 -38.63 -23.87
N GLY A 326 1.39 -39.52 -24.71
CA GLY A 326 2.14 -39.88 -25.90
C GLY A 326 2.39 -38.68 -26.80
N CYS A 327 1.36 -37.85 -26.99
CA CYS A 327 1.53 -36.64 -27.80
C CYS A 327 2.55 -35.71 -27.17
N LEU A 328 2.52 -35.56 -25.85
CA LEU A 328 3.47 -34.67 -25.18
C LEU A 328 4.90 -35.15 -25.38
N ARG A 329 5.14 -36.45 -25.18
CA ARG A 329 6.51 -36.95 -25.34
C ARG A 329 6.96 -36.87 -26.79
N ALA A 330 6.06 -37.16 -27.73
CA ALA A 330 6.41 -37.03 -29.14
C ALA A 330 6.75 -35.59 -29.48
N GLN A 331 5.98 -34.64 -28.97
CA GLN A 331 6.25 -33.23 -29.21
C GLN A 331 7.62 -32.85 -28.67
N CYS A 332 7.93 -33.27 -27.44
CA CYS A 332 9.22 -32.92 -26.85
C CYS A 332 10.37 -33.50 -27.67
N ARG A 333 10.26 -34.78 -28.04
CA ARG A 333 11.35 -35.41 -28.77
C ARG A 333 11.52 -34.78 -30.16
N LEU A 334 10.42 -34.46 -30.82
CA LEU A 334 10.51 -33.81 -32.13
C LEU A 334 11.13 -32.43 -32.01
N LEU A 335 10.78 -31.68 -30.97
CA LEU A 335 11.39 -30.37 -30.76
C LEU A 335 12.89 -30.51 -30.55
N TYR A 336 13.32 -31.47 -29.73
CA TYR A 336 14.75 -31.65 -29.53
C TYR A 336 15.45 -32.03 -30.83
N GLU A 337 14.83 -32.92 -31.61
CA GLU A 337 15.43 -33.32 -32.88
C GLU A 337 15.58 -32.12 -33.81
N ALA A 338 14.57 -31.25 -33.84
CA ALA A 338 14.66 -30.05 -34.69
C ALA A 338 15.74 -29.11 -34.18
N LEU A 339 15.91 -29.03 -32.86
CA LEU A 339 16.99 -28.21 -32.31
C LEU A 339 18.35 -28.75 -32.75
N LEU A 340 18.51 -30.08 -32.76
CA LEU A 340 19.79 -30.66 -33.16
C LEU A 340 20.10 -30.44 -34.62
N ALA A 341 19.10 -30.09 -35.45
CA ALA A 341 19.36 -29.92 -36.87
C ALA A 341 20.13 -28.64 -37.15
N ASP A 342 19.88 -27.59 -36.37
CA ASP A 342 20.52 -26.30 -36.57
C ASP A 342 21.79 -26.13 -35.74
N HIS A 343 22.23 -27.18 -35.06
CA HIS A 343 23.43 -27.13 -34.23
C HIS A 343 23.27 -26.14 -33.09
N VAL A 344 22.05 -25.96 -32.61
CA VAL A 344 21.81 -25.10 -31.45
C VAL A 344 22.52 -25.72 -30.24
N ALA A 345 23.50 -25.00 -29.71
CA ALA A 345 24.30 -25.49 -28.60
C ALA A 345 23.67 -25.25 -27.24
N TYR A 346 22.52 -24.58 -27.19
CA TYR A 346 21.85 -24.29 -25.94
C TYR A 346 20.48 -23.72 -26.25
N ALA A 347 19.49 -24.07 -25.43
CA ALA A 347 18.13 -23.61 -25.64
C ALA A 347 17.41 -23.54 -24.31
N GLU A 348 16.37 -22.72 -24.26
CA GLU A 348 15.53 -22.57 -23.07
C GLU A 348 14.08 -22.67 -23.53
N ILE A 349 13.56 -23.90 -23.56
CA ILE A 349 12.20 -24.14 -24.01
C ILE A 349 11.22 -23.54 -23.01
N ARG A 350 10.19 -22.87 -23.52
CA ARG A 350 9.15 -22.28 -22.69
C ARG A 350 7.90 -23.16 -22.75
N CYS A 351 7.51 -23.71 -21.61
CA CYS A 351 6.39 -24.63 -21.51
C CYS A 351 5.47 -24.20 -20.38
N SER A 352 4.19 -24.52 -20.53
CA SER A 352 3.19 -24.24 -19.50
C SER A 352 2.60 -25.57 -19.02
N PRO A 353 3.08 -26.12 -17.91
CA PRO A 353 2.57 -27.42 -17.47
C PRO A 353 1.08 -27.42 -17.15
N ALA A 354 0.55 -26.32 -16.65
CA ALA A 354 -0.85 -26.31 -16.23
C ALA A 354 -1.79 -26.53 -17.41
N ASN A 355 -1.47 -25.98 -18.57
CA ASN A 355 -2.32 -26.16 -19.74
C ASN A 355 -2.40 -27.62 -20.17
N TYR A 356 -1.48 -28.46 -19.73
CA TYR A 356 -1.45 -29.86 -20.12
C TYR A 356 -1.84 -30.80 -18.99
N ALA A 357 -2.12 -30.29 -17.79
CA ALA A 357 -2.48 -31.12 -16.67
C ALA A 357 -3.96 -31.45 -16.69
N SER A 358 -4.29 -32.72 -16.47
CA SER A 358 -5.67 -33.18 -16.45
C SER A 358 -6.04 -33.60 -15.02
N ALA A 359 -7.23 -34.17 -14.87
CA ALA A 359 -7.69 -34.59 -13.55
C ALA A 359 -6.77 -35.66 -12.97
N SER A 360 -6.34 -36.61 -13.80
CA SER A 360 -5.49 -37.71 -13.37
C SER A 360 -4.01 -37.44 -13.58
N ARG A 361 -3.64 -36.24 -14.04
CA ARG A 361 -2.24 -35.87 -14.26
C ARG A 361 -2.02 -34.47 -13.69
N SER A 362 -1.49 -34.41 -12.47
CA SER A 362 -1.23 -33.12 -11.85
C SER A 362 -0.15 -32.38 -12.63
N PRO A 363 -0.13 -31.05 -12.52
CA PRO A 363 0.87 -30.29 -13.30
C PRO A 363 2.29 -30.71 -12.99
N TRP A 364 2.56 -31.12 -11.75
CA TRP A 364 3.90 -31.60 -11.41
C TRP A 364 4.26 -32.84 -12.23
N VAL A 365 3.29 -33.74 -12.43
CA VAL A 365 3.55 -34.94 -13.21
C VAL A 365 3.87 -34.57 -14.66
N VAL A 366 3.12 -33.62 -15.23
CA VAL A 366 3.35 -33.22 -16.61
C VAL A 366 4.73 -32.57 -16.75
N LEU A 367 5.07 -31.69 -15.81
CA LEU A 367 6.39 -31.04 -15.87
C LEU A 367 7.50 -32.07 -15.73
N GLN A 368 7.33 -33.04 -14.83
CA GLN A 368 8.33 -34.08 -14.69
C GLN A 368 8.45 -34.90 -15.97
N GLU A 369 7.32 -35.20 -16.62
CA GLU A 369 7.36 -35.92 -17.88
C GLU A 369 8.19 -35.15 -18.92
N ILE A 370 7.91 -33.86 -19.07
CA ILE A 370 8.63 -33.07 -20.07
C ILE A 370 10.11 -33.01 -19.73
N ARG A 371 10.42 -32.73 -18.47
CA ARG A 371 11.82 -32.60 -18.07
C ARG A 371 12.58 -33.90 -18.30
N ASN A 372 11.97 -35.03 -17.95
CA ASN A 372 12.67 -36.30 -18.11
C ASN A 372 12.77 -36.72 -19.56
N HIS A 373 11.77 -36.38 -20.39
CA HIS A 373 11.92 -36.63 -21.81
C HIS A 373 13.09 -35.86 -22.39
N PHE A 374 13.23 -34.59 -21.99
CA PHE A 374 14.36 -33.81 -22.51
C PHE A 374 15.69 -34.33 -21.96
N GLN A 375 15.72 -34.72 -20.69
CA GLN A 375 16.94 -35.29 -20.13
C GLN A 375 17.33 -36.55 -20.88
N GLN A 376 16.35 -37.41 -21.17
CA GLN A 376 16.63 -38.56 -22.03
C GLN A 376 17.24 -38.11 -23.35
N ALA A 377 16.49 -37.32 -24.13
CA ALA A 377 16.97 -36.95 -25.46
C ALA A 377 18.37 -36.36 -25.40
N MET A 378 18.74 -35.72 -24.30
CA MET A 378 20.13 -35.31 -24.12
C MET A 378 21.05 -36.51 -23.92
N GLU A 379 20.62 -37.46 -23.09
CA GLU A 379 21.52 -38.56 -22.75
C GLU A 379 21.75 -39.55 -23.90
N GLU A 380 20.89 -39.56 -24.94
CA GLU A 380 21.23 -40.33 -26.13
C GLU A 380 21.88 -39.47 -27.22
N THR A 381 22.74 -38.52 -26.84
CA THR A 381 23.48 -37.70 -27.79
C THR A 381 24.87 -37.45 -27.25
N PRO A 382 25.92 -37.65 -28.05
CA PRO A 382 27.29 -37.42 -27.55
C PRO A 382 27.49 -35.98 -27.12
N GLU A 383 28.28 -35.80 -26.06
CA GLU A 383 28.45 -34.46 -25.50
C GLU A 383 29.08 -33.50 -26.48
N ASP A 384 29.81 -33.99 -27.49
CA ASP A 384 30.41 -33.12 -28.49
C ASP A 384 29.38 -32.55 -29.47
N ARG A 385 28.14 -33.06 -29.44
CA ARG A 385 27.09 -32.53 -30.28
C ARG A 385 25.80 -32.30 -29.49
N ARG A 386 25.84 -32.47 -28.17
CA ARG A 386 24.64 -32.34 -27.35
C ARG A 386 24.14 -30.91 -27.36
N CYS A 387 22.83 -30.75 -27.21
CA CYS A 387 22.17 -29.45 -27.17
C CYS A 387 21.48 -29.30 -25.81
N HIS A 388 22.19 -28.71 -24.86
CA HIS A 388 21.63 -28.54 -23.53
C HIS A 388 20.33 -27.76 -23.61
N VAL A 389 19.35 -28.16 -22.78
CA VAL A 389 18.03 -27.56 -22.78
C VAL A 389 17.65 -27.26 -21.34
N ASN A 390 17.33 -26.00 -21.06
CA ASN A 390 16.78 -25.59 -19.79
C ASN A 390 15.35 -25.11 -19.99
N LEU A 391 14.52 -25.29 -18.99
CA LEU A 391 13.08 -25.04 -19.12
C LEU A 391 12.70 -23.72 -18.46
N LEU A 392 11.82 -22.98 -19.12
CA LEU A 392 11.23 -21.77 -18.58
C LEU A 392 9.73 -21.98 -18.48
N LEU A 393 9.16 -21.70 -17.31
CA LEU A 393 7.73 -21.86 -17.08
C LEU A 393 7.03 -20.55 -17.37
N THR A 394 6.21 -20.52 -18.42
CA THR A 394 5.49 -19.31 -18.80
C THR A 394 4.30 -19.10 -17.87
N ALA A 395 4.40 -18.11 -17.01
CA ALA A 395 3.30 -17.73 -16.10
C ALA A 395 2.59 -16.54 -16.73
N THR A 396 1.58 -16.83 -17.54
CA THR A 396 0.88 -15.81 -18.32
C THR A 396 -0.44 -15.48 -17.67
N ARG A 397 -0.68 -14.19 -17.44
CA ARG A 397 -1.97 -13.76 -16.93
C ARG A 397 -3.04 -13.89 -18.01
N GLU A 398 -4.27 -14.14 -17.58
CA GLU A 398 -5.39 -14.33 -18.49
C GLU A 398 -6.30 -13.12 -18.43
N GLU A 399 -6.62 -12.57 -19.59
CA GLU A 399 -7.49 -11.41 -19.69
C GLU A 399 -8.92 -11.82 -19.33
N GLY A 400 -9.31 -11.53 -18.10
CA GLY A 400 -10.56 -12.04 -17.55
C GLY A 400 -10.47 -13.44 -17.01
N GLY A 401 -9.29 -14.05 -17.01
CA GLY A 401 -9.12 -15.42 -16.54
C GLY A 401 -8.99 -15.52 -15.04
N ASP A 402 -8.20 -16.50 -14.62
CA ASP A 402 -8.01 -16.79 -13.20
C ASP A 402 -6.52 -16.67 -12.85
N ARG A 403 -6.24 -16.07 -11.70
CA ARG A 403 -4.89 -16.04 -11.17
C ARG A 403 -4.47 -17.37 -10.56
N SER A 404 -5.39 -18.33 -10.49
CA SER A 404 -5.04 -19.65 -9.97
C SER A 404 -3.95 -20.31 -10.80
N ARG A 405 -4.02 -20.14 -12.13
CA ARG A 405 -2.96 -20.70 -12.97
C ARG A 405 -1.63 -20.03 -12.71
N ILE A 406 -1.63 -18.71 -12.48
CA ILE A 406 -0.39 -18.01 -12.17
C ILE A 406 0.20 -18.54 -10.88
N ALA A 407 -0.64 -18.74 -9.86
CA ALA A 407 -0.14 -19.32 -8.61
C ALA A 407 0.40 -20.73 -8.84
N ARG A 408 -0.34 -21.54 -9.61
CA ARG A 408 0.15 -22.87 -9.97
C ARG A 408 1.56 -22.79 -10.53
N HIS A 409 1.76 -21.91 -11.53
CA HIS A 409 3.02 -21.89 -12.25
C HIS A 409 4.15 -21.35 -11.40
N LEU A 410 3.89 -20.31 -10.61
CA LEU A 410 4.95 -19.81 -9.74
C LEU A 410 5.37 -20.86 -8.72
N ALA A 411 4.40 -21.55 -8.11
CA ALA A 411 4.76 -22.60 -7.16
C ALA A 411 5.52 -23.73 -7.85
N LEU A 412 5.07 -24.12 -9.04
CA LEU A 412 5.74 -25.19 -9.77
C LEU A 412 7.18 -24.82 -10.10
N ALA A 413 7.40 -23.59 -10.55
CA ALA A 413 8.76 -23.15 -10.83
C ALA A 413 9.62 -23.12 -9.58
N ILE A 414 9.07 -22.62 -8.47
CA ILE A 414 9.85 -22.53 -7.24
C ILE A 414 10.26 -23.91 -6.77
N THR A 415 9.37 -24.90 -6.91
CA THR A 415 9.71 -26.26 -6.50
C THR A 415 10.70 -26.92 -7.46
N ALA A 416 10.46 -26.78 -8.77
CA ALA A 416 11.35 -27.40 -9.74
C ALA A 416 12.75 -26.82 -9.67
N ALA A 417 12.89 -25.55 -9.28
CA ALA A 417 14.21 -24.96 -9.18
C ALA A 417 15.08 -25.74 -8.20
N GLU A 418 14.54 -26.03 -7.01
CA GLU A 418 15.30 -26.76 -6.01
C GLU A 418 15.39 -28.25 -6.32
N HIS A 419 14.36 -28.83 -6.94
CA HIS A 419 14.34 -30.27 -7.12
C HIS A 419 15.55 -30.75 -7.93
N TRP A 420 15.78 -30.14 -9.09
CA TRP A 420 16.82 -30.60 -10.00
C TRP A 420 18.05 -29.73 -9.92
N LYS A 421 19.21 -30.35 -10.11
CA LYS A 421 20.48 -29.63 -10.14
C LYS A 421 21.42 -30.09 -11.25
N ASN A 422 21.03 -31.07 -12.07
CA ASN A 422 21.87 -31.57 -13.15
C ASN A 422 21.00 -31.77 -14.39
N GLY A 423 21.65 -31.69 -15.55
CA GLY A 423 20.90 -31.89 -16.77
C GLY A 423 19.87 -30.80 -16.96
N CYS A 424 18.77 -31.15 -17.65
CA CYS A 424 17.70 -30.19 -17.87
C CYS A 424 17.14 -29.70 -16.55
N ARG A 425 17.12 -28.39 -16.38
CA ARG A 425 16.67 -27.75 -15.15
C ARG A 425 15.58 -26.74 -15.46
N VAL A 426 14.97 -26.20 -14.42
CA VAL A 426 14.04 -25.09 -14.54
C VAL A 426 14.79 -23.84 -14.12
N VAL A 427 14.96 -22.90 -15.05
CA VAL A 427 15.86 -21.78 -14.85
C VAL A 427 15.10 -20.52 -14.43
N GLY A 428 13.95 -20.28 -15.04
CA GLY A 428 13.23 -19.07 -14.72
C GLY A 428 11.80 -19.14 -15.20
N VAL A 429 11.07 -18.05 -14.94
CA VAL A 429 9.65 -17.93 -15.28
C VAL A 429 9.49 -16.81 -16.29
N ASP A 430 8.74 -17.08 -17.35
CA ASP A 430 8.45 -16.09 -18.38
C ASP A 430 7.08 -15.48 -18.11
N LEU A 431 7.00 -14.15 -18.19
CA LEU A 431 5.75 -13.44 -17.92
C LEU A 431 5.12 -13.03 -19.25
N ALA A 432 4.44 -13.98 -19.88
CA ALA A 432 3.74 -13.67 -21.12
C ALA A 432 2.40 -13.03 -20.82
N GLY A 433 2.42 -12.02 -19.94
CA GLY A 433 1.21 -11.30 -19.57
C GLY A 433 1.48 -9.85 -19.28
N PHE A 434 2.61 -9.34 -19.75
CA PHE A 434 2.99 -7.96 -19.48
C PHE A 434 3.42 -7.23 -20.75
N ALA A 442 -0.24 -5.66 -14.88
CA ALA A 442 0.99 -5.21 -15.52
C ALA A 442 2.14 -5.16 -14.52
N MET A 443 1.84 -4.73 -13.29
CA MET A 443 2.87 -4.60 -12.27
C MET A 443 3.27 -5.95 -11.70
N PHE A 444 2.28 -6.71 -11.20
CA PHE A 444 2.50 -8.03 -10.62
C PHE A 444 3.75 -8.04 -9.73
N ALA A 445 3.72 -7.18 -8.72
CA ALA A 445 4.89 -6.97 -7.87
C ALA A 445 4.96 -7.98 -6.72
N THR A 446 3.94 -8.00 -5.87
CA THR A 446 3.95 -8.91 -4.73
C THR A 446 3.75 -10.36 -5.15
N ASP A 447 3.10 -10.60 -6.29
CA ASP A 447 2.98 -11.96 -6.80
C ASP A 447 4.33 -12.58 -7.15
N PHE A 448 5.37 -11.77 -7.31
CA PHE A 448 6.66 -12.25 -7.76
C PHE A 448 7.76 -12.11 -6.72
N GLU A 449 7.46 -11.60 -5.53
CA GLU A 449 8.48 -11.55 -4.49
C GLU A 449 9.04 -12.94 -4.16
N PRO A 450 8.24 -13.99 -4.05
CA PRO A 450 8.83 -15.31 -3.76
C PRO A 450 9.79 -15.77 -4.84
N VAL A 451 9.52 -15.46 -6.10
CA VAL A 451 10.39 -15.93 -7.18
C VAL A 451 11.79 -15.37 -7.01
N HIS A 452 11.91 -14.09 -6.70
CA HIS A 452 13.22 -13.49 -6.52
C HIS A 452 13.91 -14.01 -5.27
N ARG A 453 13.14 -14.29 -4.22
CA ARG A 453 13.74 -14.74 -2.96
C ARG A 453 14.49 -16.06 -3.11
N VAL A 454 14.10 -16.90 -4.07
CA VAL A 454 14.78 -18.17 -4.30
C VAL A 454 15.75 -18.10 -5.46
N GLY A 455 15.81 -16.99 -6.17
CA GLY A 455 16.85 -16.76 -7.16
C GLY A 455 16.54 -17.18 -8.57
N LEU A 456 15.28 -17.39 -8.92
CA LEU A 456 14.93 -17.68 -10.31
C LEU A 456 14.91 -16.42 -11.15
N ALA A 457 15.39 -16.53 -12.38
CA ALA A 457 15.32 -15.42 -13.31
C ALA A 457 13.89 -15.25 -13.81
N VAL A 458 13.58 -14.03 -14.26
CA VAL A 458 12.27 -13.73 -14.83
C VAL A 458 12.48 -12.95 -16.12
N THR A 459 11.83 -13.38 -17.18
CA THR A 459 11.78 -12.66 -18.44
C THR A 459 10.39 -12.08 -18.62
N VAL A 460 10.29 -10.92 -19.25
CA VAL A 460 9.03 -10.22 -19.45
C VAL A 460 8.67 -10.27 -20.92
N HIS A 461 7.49 -10.82 -21.20
CA HIS A 461 7.06 -11.09 -22.58
C HIS A 461 6.18 -9.94 -23.04
N ALA A 462 6.73 -9.09 -23.92
CA ALA A 462 5.94 -8.02 -24.53
C ALA A 462 5.29 -8.54 -25.80
N GLY A 463 4.00 -8.25 -25.96
CA GLY A 463 3.26 -8.71 -27.12
C GLY A 463 2.11 -7.81 -27.52
N GLU A 464 1.97 -7.54 -28.81
CA GLU A 464 0.91 -6.70 -29.34
C GLU A 464 0.81 -5.40 -28.53
N ASN A 465 1.97 -4.78 -28.34
CA ASN A 465 2.08 -3.61 -27.47
C ASN A 465 2.86 -2.52 -28.17
N ASP A 466 2.58 -1.27 -27.78
CA ASP A 466 3.30 -0.12 -28.28
C ASP A 466 3.58 0.88 -27.16
N ASP A 467 3.62 0.40 -25.92
CA ASP A 467 3.79 1.24 -24.75
C ASP A 467 5.24 1.21 -24.30
N VAL A 468 5.65 2.28 -23.61
CA VAL A 468 7.00 2.42 -23.09
C VAL A 468 7.03 2.38 -21.56
N GLU A 469 5.86 2.29 -20.92
CA GLU A 469 5.79 2.12 -19.48
C GLU A 469 5.81 0.66 -19.05
N GLY A 470 5.34 -0.24 -19.91
CA GLY A 470 5.47 -1.65 -19.63
C GLY A 470 6.93 -2.05 -19.55
N ILE A 471 7.71 -1.61 -20.53
CA ILE A 471 9.15 -1.87 -20.51
C ILE A 471 9.84 -1.25 -19.31
N TRP A 472 9.37 -0.09 -18.86
CA TRP A 472 9.94 0.55 -17.68
C TRP A 472 9.60 -0.16 -16.39
N GLN A 473 8.37 -0.62 -16.22
CA GLN A 473 8.01 -1.35 -15.00
C GLN A 473 8.54 -2.77 -14.99
N ALA A 474 8.79 -3.37 -16.16
CA ALA A 474 9.42 -4.68 -16.19
C ALA A 474 10.83 -4.62 -15.62
N VAL A 475 11.58 -3.58 -15.96
CA VAL A 475 12.98 -3.45 -15.57
C VAL A 475 13.12 -3.18 -14.08
N PHE A 476 12.15 -2.48 -13.49
CA PHE A 476 12.32 -1.95 -12.15
C PHE A 476 11.35 -2.48 -11.10
N LYS A 477 10.13 -2.87 -11.47
CA LYS A 477 9.17 -3.32 -10.47
C LYS A 477 9.23 -4.83 -10.27
N LEU A 478 8.97 -5.58 -11.34
CA LEU A 478 9.20 -7.02 -11.33
C LEU A 478 10.53 -7.28 -12.04
N SER A 479 11.61 -7.17 -11.26
CA SER A 479 12.93 -7.02 -11.83
C SER A 479 13.21 -8.09 -12.88
N ALA A 480 13.27 -7.69 -14.14
CA ALA A 480 13.45 -8.63 -15.22
C ALA A 480 14.90 -8.65 -15.66
N ARG A 481 15.30 -9.77 -16.25
CA ARG A 481 16.65 -9.90 -16.77
C ARG A 481 16.67 -10.08 -18.28
N ARG A 482 15.50 -10.15 -18.93
CA ARG A 482 15.40 -10.20 -20.38
C ARG A 482 14.04 -9.67 -20.77
N LEU A 483 14.00 -8.81 -21.79
CA LEU A 483 12.75 -8.29 -22.33
C LEU A 483 12.50 -8.94 -23.68
N GLY A 484 11.29 -9.44 -23.88
CA GLY A 484 10.96 -10.13 -25.11
C GLY A 484 10.12 -9.30 -26.05
N HIS A 485 10.64 -9.03 -27.25
CA HIS A 485 9.94 -8.35 -28.33
C HIS A 485 9.85 -6.84 -28.13
N ALA A 486 10.69 -6.25 -27.31
CA ALA A 486 10.59 -4.82 -27.03
C ALA A 486 11.07 -4.01 -28.23
N LEU A 487 10.22 -3.88 -29.25
CA LEU A 487 10.60 -3.22 -30.50
C LEU A 487 10.48 -1.71 -30.44
N HIS A 488 9.80 -1.16 -29.43
CA HIS A 488 9.64 0.28 -29.28
C HIS A 488 10.30 0.68 -27.96
N LEU A 489 11.61 0.89 -28.02
CA LEU A 489 12.40 1.27 -26.85
C LEU A 489 13.24 2.51 -27.06
N SER A 490 13.53 2.87 -28.31
CA SER A 490 14.21 4.14 -28.58
C SER A 490 13.29 5.33 -28.38
N ARG A 491 11.99 5.11 -28.23
CA ARG A 491 11.02 6.18 -28.12
C ARG A 491 11.07 6.80 -26.72
N SER A 492 12.01 6.32 -25.91
CA SER A 492 12.27 6.89 -24.60
C SER A 492 13.78 6.90 -24.38
N PRO A 493 14.49 7.89 -24.92
CA PRO A 493 15.97 7.85 -24.88
C PRO A 493 16.53 7.67 -23.48
N ASP A 494 15.68 7.82 -22.46
CA ASP A 494 16.10 7.60 -21.08
C ASP A 494 16.19 6.12 -20.72
N LEU A 495 15.44 5.25 -21.41
CA LEU A 495 15.49 3.82 -21.14
C LEU A 495 16.41 3.04 -22.05
N LEU A 496 16.65 3.52 -23.27
CA LEU A 496 17.67 2.92 -24.11
C LEU A 496 19.06 3.14 -23.57
N ARG A 497 19.18 3.83 -22.44
CA ARG A 497 20.45 4.03 -21.78
C ARG A 497 20.50 3.37 -20.41
N VAL A 498 19.37 2.88 -19.88
CA VAL A 498 19.38 2.03 -18.71
C VAL A 498 19.33 0.55 -19.07
N VAL A 499 18.59 0.17 -20.11
CA VAL A 499 18.68 -1.19 -20.61
C VAL A 499 20.08 -1.49 -21.11
N ALA A 500 20.73 -0.49 -21.71
CA ALA A 500 22.09 -0.70 -22.22
C ALA A 500 23.12 -0.68 -21.09
N GLU A 501 22.83 -0.01 -19.98
CA GLU A 501 23.82 0.08 -18.91
C GLU A 501 23.66 -1.03 -17.87
N ARG A 502 22.48 -1.62 -17.76
CA ARG A 502 22.24 -2.70 -16.81
C ARG A 502 22.36 -4.09 -17.44
N GLY A 503 22.63 -4.17 -18.75
CA GLY A 503 22.75 -5.46 -19.40
C GLY A 503 21.47 -6.26 -19.44
N ILE A 504 20.35 -5.63 -19.76
CA ILE A 504 19.07 -6.32 -19.88
C ILE A 504 18.89 -6.72 -21.34
N ALA A 505 19.10 -8.00 -21.64
CA ALA A 505 19.05 -8.45 -23.02
C ALA A 505 17.66 -8.27 -23.60
N VAL A 506 17.60 -8.00 -24.89
CA VAL A 506 16.36 -7.79 -25.63
C VAL A 506 16.23 -8.90 -26.66
N GLU A 507 15.26 -9.79 -26.48
CA GLU A 507 15.05 -10.91 -27.38
C GLU A 507 14.22 -10.44 -28.56
N LEU A 508 14.83 -10.40 -29.74
CA LEU A 508 14.14 -10.02 -30.96
C LEU A 508 13.87 -11.26 -31.80
N CYS A 509 12.64 -11.36 -32.30
CA CYS A 509 12.24 -12.44 -33.20
C CYS A 509 11.99 -11.87 -34.57
N PRO A 510 12.89 -12.07 -35.53
CA PRO A 510 12.71 -11.45 -36.85
C PRO A 510 11.40 -11.83 -37.53
N TYR A 511 11.16 -13.13 -37.74
CA TYR A 511 9.92 -13.54 -38.39
C TYR A 511 8.70 -13.22 -37.53
N ALA A 512 8.77 -13.47 -36.23
CA ALA A 512 7.60 -13.19 -35.39
C ALA A 512 7.24 -11.71 -35.45
N ASN A 513 8.24 -10.84 -35.33
CA ASN A 513 7.98 -9.40 -35.31
C ASN A 513 7.60 -8.88 -36.69
N LEU A 514 8.08 -9.53 -37.75
CA LEU A 514 7.71 -9.11 -39.10
C LEU A 514 6.28 -9.54 -39.43
N GLN A 515 5.89 -10.75 -39.03
CA GLN A 515 4.57 -11.26 -39.34
C GLN A 515 3.50 -10.63 -38.46
N ILE A 516 3.81 -10.36 -37.20
CA ILE A 516 2.83 -9.73 -36.32
C ILE A 516 2.57 -8.29 -36.75
N LYS A 517 3.64 -7.55 -37.03
CA LYS A 517 3.55 -6.11 -37.30
C LYS A 517 3.96 -5.73 -38.71
N GLY A 518 5.05 -6.29 -39.22
CA GLY A 518 5.53 -5.92 -40.54
C GLY A 518 6.44 -4.71 -40.52
N PHE A 519 7.59 -4.83 -41.16
CA PHE A 519 8.56 -3.76 -41.29
C PHE A 519 9.03 -3.71 -42.72
N PRO A 520 9.61 -2.59 -43.15
CA PRO A 520 10.20 -2.53 -44.49
C PRO A 520 11.27 -3.60 -44.65
N LEU A 521 11.34 -4.18 -45.84
CA LEU A 521 12.25 -5.27 -46.13
C LEU A 521 13.31 -4.84 -47.13
N ASP A 522 14.51 -5.41 -46.97
CA ASP A 522 15.63 -5.20 -47.88
C ASP A 522 15.72 -3.76 -48.35
N GLU A 523 15.58 -2.81 -47.43
CA GLU A 523 15.70 -1.40 -47.76
C GLU A 523 17.16 -1.02 -47.93
N GLU A 524 17.43 -0.19 -48.93
CA GLU A 524 18.81 0.19 -49.23
C GLU A 524 19.45 0.93 -48.06
N GLN A 525 18.73 1.84 -47.43
CA GLN A 525 19.23 2.63 -46.32
C GLN A 525 18.25 2.62 -45.17
N GLU A 526 18.79 2.70 -43.95
CA GLU A 526 17.96 2.71 -42.77
C GLU A 526 17.16 4.01 -42.68
N GLY A 527 15.90 3.89 -42.29
CA GLY A 527 15.01 5.02 -42.16
C GLY A 527 14.42 5.08 -40.76
N SER A 528 13.12 5.43 -40.72
CA SER A 528 12.41 5.47 -39.45
C SER A 528 11.57 4.21 -39.21
N GLU A 529 11.33 3.41 -40.24
CA GLU A 529 10.51 2.22 -40.13
C GLU A 529 11.32 0.92 -40.14
N THR A 530 12.64 1.00 -40.25
CA THR A 530 13.45 -0.20 -40.33
C THR A 530 13.54 -0.89 -38.98
N TYR A 531 13.94 -2.16 -39.02
CA TYR A 531 14.03 -2.95 -37.80
C TYR A 531 15.03 -2.32 -36.85
N PRO A 532 14.72 -2.25 -35.55
CA PRO A 532 15.57 -1.49 -34.62
C PRO A 532 16.78 -2.26 -34.12
N LEU A 533 17.15 -3.35 -34.81
CA LEU A 533 18.24 -4.18 -34.33
C LEU A 533 19.54 -3.39 -34.23
N ARG A 534 19.94 -2.73 -35.32
CA ARG A 534 21.22 -2.04 -35.33
C ARG A 534 21.23 -0.84 -34.40
N GLY A 535 20.09 -0.13 -34.29
CA GLY A 535 20.02 0.95 -33.32
C GLY A 535 20.25 0.46 -31.91
N TYR A 536 19.70 -0.72 -31.58
CA TYR A 536 19.94 -1.31 -30.27
C TYR A 536 21.40 -1.71 -30.10
N LEU A 537 21.98 -2.31 -31.14
CA LEU A 537 23.37 -2.77 -31.04
C LEU A 537 24.32 -1.61 -30.83
N ALA A 538 24.21 -0.57 -31.65
CA ALA A 538 25.13 0.56 -31.58
C ALA A 538 24.99 1.34 -30.29
N ALA A 539 23.89 1.14 -29.55
CA ALA A 539 23.68 1.83 -28.28
C ALA A 539 24.14 1.01 -27.08
N GLY A 540 24.76 -0.15 -27.31
CA GLY A 540 25.23 -0.99 -26.23
C GLY A 540 24.23 -2.00 -25.71
N VAL A 541 23.08 -2.13 -26.35
CA VAL A 541 22.06 -3.08 -25.90
C VAL A 541 22.49 -4.49 -26.28
N ALA A 542 22.24 -5.45 -25.38
CA ALA A 542 22.54 -6.85 -25.63
C ALA A 542 21.36 -7.49 -26.33
N VAL A 543 21.28 -7.26 -27.64
CA VAL A 543 20.15 -7.71 -28.44
C VAL A 543 20.45 -9.09 -29.00
N THR A 544 19.50 -10.00 -28.84
CA THR A 544 19.62 -11.37 -29.33
C THR A 544 18.64 -11.60 -30.47
N LEU A 545 18.73 -12.79 -31.07
CA LEU A 545 17.82 -13.19 -32.13
C LEU A 545 17.34 -14.60 -31.84
N ASN A 546 16.03 -14.83 -31.99
CA ASN A 546 15.43 -16.11 -31.64
C ASN A 546 14.40 -16.47 -32.71
N THR A 547 13.55 -17.45 -32.39
CA THR A 547 12.53 -17.93 -33.30
C THR A 547 11.10 -17.75 -32.77
N ASP A 548 10.93 -17.54 -31.48
CA ASP A 548 9.60 -17.43 -30.88
C ASP A 548 8.88 -18.77 -30.97
N ASN A 549 7.99 -18.92 -31.95
CA ASN A 549 7.28 -20.17 -32.21
C ASN A 549 7.86 -20.77 -33.48
N LEU A 550 8.44 -21.97 -33.37
CA LEU A 550 9.01 -22.62 -34.55
C LEU A 550 7.94 -23.03 -35.53
N GLY A 551 6.76 -23.41 -35.04
CA GLY A 551 5.68 -23.87 -35.89
C GLY A 551 4.89 -22.77 -36.54
N ILE A 552 4.30 -21.89 -35.74
CA ILE A 552 3.48 -20.81 -36.29
C ILE A 552 4.29 -19.96 -37.25
N SER A 553 5.47 -19.51 -36.81
CA SER A 553 6.32 -18.71 -37.68
C SER A 553 6.80 -19.51 -38.89
N GLN A 554 6.94 -20.82 -38.74
CA GLN A 554 7.32 -21.69 -39.86
C GLN A 554 8.73 -21.38 -40.34
N ALA A 555 9.67 -21.28 -39.40
CA ALA A 555 11.07 -21.08 -39.77
C ALA A 555 11.94 -21.14 -38.53
N SER A 556 13.19 -21.59 -38.71
CA SER A 556 14.09 -21.85 -37.60
C SER A 556 15.00 -20.66 -37.34
N LEU A 557 15.98 -20.87 -36.46
CA LEU A 557 16.91 -19.81 -36.09
C LEU A 557 17.74 -19.36 -37.28
N THR A 558 18.12 -20.30 -38.15
CA THR A 558 18.91 -19.94 -39.32
C THR A 558 18.17 -18.96 -40.23
N ASP A 559 16.89 -19.23 -40.48
CA ASP A 559 16.12 -18.32 -41.32
C ASP A 559 16.01 -16.94 -40.69
N ASN A 560 15.83 -16.88 -39.37
CA ASN A 560 15.76 -15.59 -38.71
C ASN A 560 17.06 -14.82 -38.84
N LEU A 561 18.19 -15.49 -38.60
CA LEU A 561 19.48 -14.81 -38.72
C LEU A 561 19.73 -14.36 -40.15
N LEU A 562 19.29 -15.15 -41.14
CA LEU A 562 19.51 -14.77 -42.53
C LEU A 562 18.61 -13.60 -42.94
N LEU A 563 17.36 -13.60 -42.48
CA LEU A 563 16.47 -12.50 -42.84
C LEU A 563 16.76 -11.23 -42.04
N THR A 564 17.54 -11.32 -40.96
CA THR A 564 17.98 -10.10 -40.31
C THR A 564 18.70 -9.18 -41.28
N ALA A 565 19.39 -9.74 -42.28
CA ALA A 565 20.07 -8.91 -43.27
C ALA A 565 19.07 -8.11 -44.10
N ARG A 566 18.03 -8.77 -44.61
CA ARG A 566 17.02 -8.07 -45.39
C ARG A 566 16.29 -7.04 -44.54
N LEU A 567 15.99 -7.39 -43.29
CA LEU A 567 15.23 -6.49 -42.43
C LEU A 567 16.07 -5.26 -42.04
N CYS A 568 17.31 -5.48 -41.60
CA CYS A 568 18.22 -4.40 -41.25
C CYS A 568 19.30 -4.29 -42.32
N PRO A 569 19.36 -3.22 -43.10
CA PRO A 569 20.34 -3.15 -44.18
C PRO A 569 21.76 -3.06 -43.65
N GLY A 570 22.67 -3.65 -44.41
CA GLY A 570 24.10 -3.51 -44.12
C GLY A 570 24.52 -3.99 -42.76
N ILE A 571 24.07 -5.17 -42.34
CA ILE A 571 24.47 -5.74 -41.06
C ILE A 571 25.63 -6.70 -41.29
N THR A 572 26.73 -6.47 -40.57
CA THR A 572 27.91 -7.30 -40.73
C THR A 572 27.75 -8.60 -39.95
N ARG A 573 28.13 -9.70 -40.58
CA ARG A 573 28.00 -11.02 -39.95
C ARG A 573 28.76 -11.09 -38.63
N LEU A 574 29.79 -10.25 -38.48
CA LEU A 574 30.37 -10.07 -37.15
C LEU A 574 29.30 -9.66 -36.15
N GLU A 575 28.29 -8.92 -36.61
CA GLU A 575 27.17 -8.58 -35.73
C GLU A 575 26.37 -9.82 -35.36
N VAL A 576 26.25 -10.78 -36.29
CA VAL A 576 25.58 -12.03 -35.98
C VAL A 576 26.34 -12.78 -34.88
N LEU A 577 27.66 -12.86 -35.01
CA LEU A 577 28.44 -13.49 -33.95
C LEU A 577 28.31 -12.73 -32.63
N LYS A 578 28.25 -11.39 -32.70
CA LYS A 578 28.05 -10.62 -31.49
C LYS A 578 26.72 -10.94 -30.84
N THR A 579 25.67 -11.13 -31.65
CA THR A 579 24.37 -11.50 -31.09
C THR A 579 24.43 -12.87 -30.42
N GLN A 580 25.13 -13.82 -31.04
CA GLN A 580 25.28 -15.13 -30.41
C GLN A 580 26.01 -15.02 -29.07
N VAL A 581 27.07 -14.21 -29.02
CA VAL A 581 27.80 -14.05 -27.77
C VAL A 581 26.94 -13.36 -26.72
N PHE A 582 26.12 -12.38 -27.14
CA PHE A 582 25.22 -11.72 -26.21
C PHE A 582 24.22 -12.71 -25.64
N ALA A 583 23.66 -13.56 -26.49
CA ALA A 583 22.74 -14.59 -26.00
C ALA A 583 23.44 -15.52 -25.02
N ALA A 584 24.67 -15.91 -25.33
CA ALA A 584 25.40 -16.79 -24.42
C ALA A 584 25.63 -16.11 -23.08
N GLN A 585 25.91 -14.81 -23.08
CA GLN A 585 26.12 -14.10 -21.83
C GLN A 585 24.81 -13.86 -21.09
N ALA A 586 23.68 -13.89 -21.80
CA ALA A 586 22.39 -13.62 -21.18
C ALA A 586 21.64 -14.86 -20.74
N ALA A 587 22.08 -16.04 -21.15
CA ALA A 587 21.38 -17.27 -20.80
C ALA A 587 21.33 -17.45 -19.29
N PHE A 588 20.36 -18.24 -18.84
CA PHE A 588 20.17 -18.51 -17.42
C PHE A 588 20.90 -19.79 -17.01
N ALA A 589 22.20 -19.82 -17.27
CA ALA A 589 23.02 -20.99 -17.02
C ALA A 589 23.81 -20.81 -15.72
N ASN A 590 24.49 -21.88 -15.31
CA ASN A 590 25.42 -21.86 -14.20
C ASN A 590 26.83 -22.14 -14.71
N GLN A 591 27.78 -22.27 -13.79
CA GLN A 591 29.19 -22.33 -14.16
C GLN A 591 29.47 -23.48 -15.12
N ALA A 592 28.99 -24.68 -14.79
CA ALA A 592 29.28 -25.83 -15.64
C ALA A 592 28.65 -25.67 -17.02
N GLU A 593 27.35 -25.36 -17.06
CA GLU A 593 26.68 -25.19 -18.33
C GLU A 593 27.26 -24.01 -19.10
N ARG A 594 27.58 -22.92 -18.40
CA ARG A 594 28.15 -21.76 -19.07
C ARG A 594 29.49 -22.09 -19.70
N LYS A 595 30.36 -22.81 -18.98
CA LYS A 595 31.65 -23.17 -19.53
C LYS A 595 31.51 -24.11 -20.72
N ALA A 596 30.61 -25.08 -20.63
CA ALA A 596 30.39 -25.97 -21.77
C ALA A 596 29.90 -25.19 -22.99
N LEU A 597 28.96 -24.27 -22.78
CA LEU A 597 28.45 -23.46 -23.88
C LEU A 597 29.56 -22.62 -24.50
N TRP A 598 30.39 -21.99 -23.67
CA TRP A 598 31.47 -21.17 -24.21
C TRP A 598 32.48 -22.01 -24.97
N ALA A 599 32.79 -23.20 -24.47
CA ALA A 599 33.67 -24.10 -25.22
C ALA A 599 33.05 -24.49 -26.55
N ARG A 600 31.72 -24.60 -26.60
CA ARG A 600 31.07 -24.94 -27.86
C ARG A 600 31.08 -23.76 -28.83
N LEU A 601 30.95 -22.53 -28.33
CA LEU A 601 30.86 -21.39 -29.22
C LEU A 601 32.17 -21.13 -29.96
N ALA A 602 33.30 -21.49 -29.37
CA ALA A 602 34.60 -21.16 -29.96
C ALA A 602 34.82 -21.82 -31.31
N GLN A 603 34.03 -22.82 -31.67
CA GLN A 603 34.21 -23.55 -32.93
C GLN A 603 33.40 -22.89 -34.05
N VAL A 604 33.73 -21.65 -34.33
CA VAL A 604 33.03 -20.92 -35.40
C VAL A 604 33.42 -21.52 -36.75
N PRO A 605 32.46 -21.91 -37.59
CA PRO A 605 32.81 -22.52 -38.87
C PRO A 605 33.57 -21.55 -39.76
N VAL A 606 34.50 -22.10 -40.53
CA VAL A 606 35.32 -21.32 -41.46
C VAL A 606 34.51 -20.98 -42.70
N PRO A 607 34.68 -19.79 -43.27
CA PRO A 607 33.99 -19.47 -44.53
C PRO A 607 34.58 -20.24 -45.69
N THR A 608 33.83 -20.28 -46.80
CA THR A 608 34.23 -21.03 -47.98
C THR A 608 34.09 -20.27 -49.29
N ASP A 609 33.63 -19.03 -49.28
CA ASP A 609 33.48 -18.25 -50.50
C ASP A 609 34.03 -16.84 -50.31
N THR A 610 35.19 -16.74 -49.65
CA THR A 610 35.82 -15.44 -49.39
C THR A 610 36.76 -15.05 -50.53
N GLU A 611 36.16 -14.95 -51.72
CA GLU A 611 36.89 -14.52 -52.92
C GLU A 611 36.20 -13.42 -53.70
N GLN A 612 34.93 -13.14 -53.43
CA GLN A 612 34.20 -12.09 -54.15
C GLN A 612 34.19 -12.35 -55.64
N MET B 1 56.60 -5.46 -60.56
CA MET B 1 57.93 -5.09 -60.09
C MET B 1 58.65 -6.29 -59.49
N ARG B 2 59.83 -6.60 -60.05
CA ARG B 2 60.62 -7.76 -59.63
C ARG B 2 62.05 -7.31 -59.42
N ILE B 3 62.61 -7.62 -58.25
CA ILE B 3 63.95 -7.18 -57.88
C ILE B 3 64.71 -8.37 -57.30
N LEU B 4 66.04 -8.28 -57.35
CA LEU B 4 66.93 -9.33 -56.88
C LEU B 4 68.01 -8.74 -55.98
N LEU B 5 68.24 -9.38 -54.84
CA LEU B 5 69.27 -8.98 -53.89
C LEU B 5 70.18 -10.17 -53.62
N CYS B 6 71.49 -9.96 -53.77
CA CYS B 6 72.46 -11.04 -53.62
C CYS B 6 73.79 -10.48 -53.14
N SER B 7 74.41 -11.20 -52.21
CA SER B 7 75.76 -10.90 -51.76
C SER B 7 76.78 -11.57 -52.67
N VAL B 8 78.00 -11.05 -52.64
CA VAL B 8 79.06 -11.51 -53.53
C VAL B 8 80.30 -11.88 -52.73
N GLY B 9 81.09 -12.79 -53.27
CA GLY B 9 82.32 -13.23 -52.64
C GLY B 9 83.46 -13.41 -53.61
N THR B 10 84.30 -14.42 -53.36
CA THR B 10 85.44 -14.66 -54.24
C THR B 10 85.04 -15.16 -55.61
N SER B 11 83.80 -15.63 -55.77
CA SER B 11 83.29 -16.12 -57.06
C SER B 11 82.35 -15.05 -57.61
N TRP B 12 82.89 -14.18 -58.46
CA TRP B 12 82.11 -13.06 -58.98
C TRP B 12 81.12 -13.49 -60.06
N ALA B 13 81.21 -14.72 -60.55
CA ALA B 13 80.28 -15.24 -61.54
C ALA B 13 78.96 -15.71 -60.92
N VAL B 14 78.69 -15.31 -59.69
CA VAL B 14 77.47 -15.74 -59.00
C VAL B 14 76.30 -14.83 -59.33
N VAL B 15 76.48 -13.52 -59.17
CA VAL B 15 75.39 -12.57 -59.45
C VAL B 15 74.96 -12.64 -60.92
N PRO B 16 75.87 -12.65 -61.90
CA PRO B 16 75.41 -12.75 -63.29
C PRO B 16 74.58 -13.98 -63.56
N GLU B 17 75.02 -15.15 -63.09
CA GLU B 17 74.23 -16.37 -63.28
C GLU B 17 72.88 -16.27 -62.57
N ALA B 18 72.88 -15.76 -61.34
CA ALA B 18 71.63 -15.66 -60.59
C ALA B 18 70.65 -14.71 -61.26
N MET B 19 71.15 -13.74 -62.02
CA MET B 19 70.24 -12.79 -62.68
C MET B 19 69.43 -13.43 -63.80
N GLN B 20 69.74 -14.66 -64.20
CA GLN B 20 69.01 -15.35 -65.25
C GLN B 20 68.00 -16.35 -64.72
N LEU B 21 67.67 -16.30 -63.43
CA LEU B 21 66.70 -17.24 -62.88
C LEU B 21 65.36 -17.12 -63.59
N LEU B 22 64.91 -15.89 -63.82
CA LEU B 22 63.74 -15.68 -64.69
C LEU B 22 64.08 -15.86 -66.16
N GLY B 23 65.34 -16.12 -66.49
CA GLY B 23 65.70 -16.33 -67.88
C GLY B 23 65.43 -15.09 -68.72
N SER B 24 64.69 -15.27 -69.80
CA SER B 24 64.38 -14.17 -70.71
C SER B 24 63.58 -13.08 -70.03
N GLN B 25 62.89 -13.39 -68.93
CA GLN B 25 62.10 -12.38 -68.23
C GLN B 25 62.99 -11.25 -67.71
N GLY B 26 64.12 -11.60 -67.10
CA GLY B 26 64.96 -10.61 -66.48
C GLY B 26 64.37 -10.12 -65.17
N PHE B 27 65.08 -9.15 -64.58
CA PHE B 27 64.66 -8.56 -63.31
C PHE B 27 64.75 -7.05 -63.40
N ASP B 28 63.84 -6.37 -62.68
CA ASP B 28 63.78 -4.92 -62.77
C ASP B 28 65.07 -4.27 -62.31
N GLU B 29 65.66 -4.79 -61.23
CA GLU B 29 66.90 -4.24 -60.69
C GLU B 29 67.48 -5.23 -59.69
N VAL B 30 68.79 -5.44 -59.77
CA VAL B 30 69.50 -6.35 -58.88
C VAL B 30 70.58 -5.56 -58.16
N HIS B 31 70.64 -5.71 -56.83
CA HIS B 31 71.63 -5.03 -56.01
C HIS B 31 72.63 -6.05 -55.46
N VAL B 32 73.88 -5.64 -55.36
CA VAL B 32 74.99 -6.51 -54.97
C VAL B 32 75.44 -6.12 -53.57
N LEU B 33 75.52 -7.12 -52.69
CA LEU B 33 76.03 -6.93 -51.33
C LEU B 33 77.47 -7.40 -51.29
N THR B 34 78.39 -6.53 -50.91
CA THR B 34 79.82 -6.80 -50.95
C THR B 34 80.47 -6.35 -49.65
N THR B 35 81.62 -6.95 -49.35
CA THR B 35 82.42 -6.57 -48.20
C THR B 35 83.58 -5.69 -48.66
N ALA B 36 84.36 -5.19 -47.70
CA ALA B 36 85.49 -4.32 -47.99
C ALA B 36 86.74 -5.09 -48.36
N SER B 37 86.70 -6.42 -48.35
CA SER B 37 87.89 -7.21 -48.66
C SER B 37 88.39 -6.90 -50.06
N SER B 38 89.71 -6.80 -50.19
CA SER B 38 90.34 -6.48 -51.48
C SER B 38 90.41 -7.67 -52.41
N LYS B 39 90.18 -8.89 -51.91
CA LYS B 39 90.20 -10.07 -52.76
C LYS B 39 89.01 -10.14 -53.71
N ILE B 40 88.02 -9.27 -53.53
CA ILE B 40 86.82 -9.25 -54.36
C ILE B 40 86.77 -8.05 -55.29
N SER B 41 87.72 -7.11 -55.18
CA SER B 41 87.72 -5.97 -56.09
C SER B 41 87.77 -6.39 -57.56
N PRO B 42 88.61 -7.34 -57.97
CA PRO B 42 88.54 -7.81 -59.36
C PRO B 42 87.18 -8.37 -59.72
N GLY B 43 86.53 -9.08 -58.79
CA GLY B 43 85.18 -9.53 -59.02
C GLY B 43 84.21 -8.37 -59.18
N VAL B 44 84.39 -7.32 -58.38
CA VAL B 44 83.54 -6.14 -58.49
C VAL B 44 83.71 -5.49 -59.86
N GLU B 45 84.95 -5.38 -60.34
CA GLU B 45 85.19 -4.81 -61.65
C GLU B 45 84.59 -5.67 -62.76
N GLN B 46 84.72 -7.00 -62.62
CA GLN B 46 84.11 -7.90 -63.60
C GLN B 46 82.59 -7.75 -63.62
N LEU B 47 81.97 -7.64 -62.44
CA LEU B 47 80.53 -7.44 -62.38
C LEU B 47 80.13 -6.11 -62.99
N LEU B 48 80.92 -5.06 -62.74
CA LEU B 48 80.64 -3.76 -63.35
C LEU B 48 80.71 -3.85 -64.87
N ARG B 49 81.73 -4.54 -65.40
CA ARG B 49 81.83 -4.71 -66.84
C ARG B 49 80.66 -5.51 -67.38
N TYR B 50 80.24 -6.56 -66.66
CA TYR B 50 79.09 -7.35 -67.09
C TYR B 50 77.83 -6.49 -67.16
N PHE B 51 77.60 -5.67 -66.12
CA PHE B 51 76.44 -4.79 -66.14
C PHE B 51 76.51 -3.79 -67.28
N GLU B 52 77.68 -3.21 -67.52
CA GLU B 52 77.83 -2.25 -68.60
C GLU B 52 77.57 -2.89 -69.95
N MET B 53 78.06 -4.11 -70.15
CA MET B 53 77.83 -4.83 -71.41
C MET B 53 76.47 -5.52 -71.45
N HIS B 54 75.70 -5.46 -70.36
CA HIS B 54 74.34 -6.00 -70.32
C HIS B 54 73.43 -4.93 -69.73
N PRO B 55 73.18 -3.85 -70.48
CA PRO B 55 72.38 -2.74 -69.93
C PRO B 55 70.92 -3.11 -69.70
N GLY B 56 70.15 -2.16 -69.21
CA GLY B 56 68.75 -2.39 -68.92
C GLY B 56 68.40 -2.12 -67.47
N PRO B 57 68.08 -3.17 -66.73
CA PRO B 57 67.70 -2.99 -65.32
C PRO B 57 68.81 -2.33 -64.51
N ARG B 58 68.40 -1.55 -63.51
CA ARG B 58 69.38 -0.82 -62.69
C ARG B 58 70.26 -1.80 -61.94
N PHE B 59 71.52 -1.41 -61.74
CA PHE B 59 72.50 -2.24 -61.06
C PHE B 59 73.24 -1.40 -60.02
N SER B 60 73.66 -2.05 -58.94
CA SER B 60 74.39 -1.37 -57.87
C SER B 60 75.26 -2.38 -57.13
N ILE B 61 76.35 -1.87 -56.56
CA ILE B 61 77.26 -2.68 -55.76
C ILE B 61 77.51 -1.95 -54.45
N SER B 62 77.35 -2.66 -53.34
CA SER B 62 77.58 -2.11 -52.00
C SER B 62 78.59 -2.98 -51.28
N ARG B 63 79.61 -2.35 -50.70
CA ARG B 63 80.67 -3.04 -49.99
C ARG B 63 80.64 -2.64 -48.51
N VAL B 64 80.82 -3.62 -47.64
CA VAL B 64 80.74 -3.39 -46.20
C VAL B 64 82.00 -2.65 -45.78
N GLN B 65 81.84 -1.39 -45.37
CA GLN B 65 82.98 -0.56 -45.02
C GLN B 65 83.74 -1.12 -43.82
N ASP B 66 83.02 -1.50 -42.78
CA ASP B 66 83.65 -1.95 -41.53
C ASP B 66 83.91 -3.44 -41.51
N PHE B 67 83.44 -4.20 -42.49
CA PHE B 67 83.63 -5.64 -42.55
C PHE B 67 84.57 -5.95 -43.71
N GLU B 68 85.87 -6.00 -43.43
CA GLU B 68 86.86 -6.35 -44.45
C GLU B 68 86.96 -7.87 -44.62
N ASP B 69 87.03 -8.61 -43.52
CA ASP B 69 87.03 -10.06 -43.56
C ASP B 69 86.47 -10.59 -42.26
N LEU B 70 86.02 -11.85 -42.29
CA LEU B 70 85.35 -12.46 -41.15
C LEU B 70 86.40 -12.92 -40.14
N ARG B 71 86.46 -12.26 -38.99
CA ARG B 71 87.41 -12.57 -37.94
C ARG B 71 86.74 -12.94 -36.62
N SER B 72 85.72 -12.21 -36.20
CA SER B 72 85.05 -12.46 -34.93
C SER B 72 83.54 -12.29 -35.14
N GLU B 73 82.79 -12.40 -34.04
CA GLU B 73 81.34 -12.36 -34.15
C GLU B 73 80.82 -10.94 -34.33
N GLN B 74 81.59 -9.95 -33.88
CA GLN B 74 81.15 -8.56 -34.01
C GLN B 74 81.00 -8.18 -35.48
N ASP B 75 81.94 -8.59 -36.32
CA ASP B 75 81.78 -8.41 -37.76
C ASP B 75 80.51 -9.09 -38.25
N HIS B 76 80.16 -10.23 -37.66
CA HIS B 76 78.96 -10.95 -38.08
C HIS B 76 77.70 -10.15 -37.75
N MET B 77 77.62 -9.60 -36.54
CA MET B 77 76.47 -8.77 -36.19
C MET B 77 76.41 -7.51 -37.05
N LEU B 78 77.57 -6.91 -37.32
CA LEU B 78 77.59 -5.74 -38.19
C LEU B 78 77.09 -6.10 -39.59
N PHE B 79 77.52 -7.25 -40.11
CA PHE B 79 77.07 -7.69 -41.42
C PHE B 79 75.56 -7.92 -41.45
N GLU B 80 75.01 -8.55 -40.40
CA GLU B 80 73.57 -8.77 -40.38
C GLU B 80 72.81 -7.45 -40.30
N GLU B 81 73.30 -6.51 -39.49
CA GLU B 81 72.66 -5.20 -39.42
C GLU B 81 72.68 -4.50 -40.78
N VAL B 82 73.84 -4.52 -41.44
CA VAL B 82 73.97 -3.88 -42.74
C VAL B 82 73.05 -4.55 -43.75
N LEU B 83 72.99 -5.88 -43.73
CA LEU B 83 72.08 -6.61 -44.62
C LEU B 83 70.65 -6.16 -44.41
N TRP B 84 70.20 -6.12 -43.15
CA TRP B 84 68.83 -5.75 -42.86
C TRP B 84 68.52 -4.35 -43.37
N ARG B 85 69.38 -3.38 -43.04
CA ARG B 85 69.10 -2.01 -43.45
C ARG B 85 69.17 -1.84 -44.96
N TRP B 86 70.16 -2.47 -45.61
CA TRP B 86 70.27 -2.36 -47.06
C TRP B 86 69.07 -3.00 -47.75
N LEU B 87 68.60 -4.14 -47.24
CA LEU B 87 67.41 -4.76 -47.81
C LEU B 87 66.19 -3.86 -47.65
N LEU B 88 66.05 -3.21 -46.48
CA LEU B 88 64.95 -2.28 -46.30
C LEU B 88 65.03 -1.12 -47.29
N GLN B 89 66.23 -0.54 -47.45
CA GLN B 89 66.37 0.59 -48.35
C GLN B 89 66.11 0.19 -49.79
N ARG B 90 66.58 -0.98 -50.21
CA ARG B 90 66.43 -1.43 -51.58
C ARG B 90 65.27 -2.39 -51.79
N ALA B 91 64.80 -3.04 -50.73
CA ALA B 91 63.68 -3.98 -50.81
C ALA B 91 62.67 -3.64 -49.72
N PRO B 92 62.03 -2.47 -49.81
CA PRO B 92 60.96 -2.15 -48.86
C PRO B 92 59.79 -3.11 -48.93
N GLN B 93 59.52 -3.70 -50.09
CA GLN B 93 58.43 -4.64 -50.28
C GLN B 93 58.98 -6.03 -50.55
N ALA B 94 58.49 -7.02 -49.80
CA ALA B 94 58.95 -8.39 -49.99
C ALA B 94 58.33 -9.06 -51.21
N ALA B 95 57.25 -8.51 -51.75
CA ALA B 95 56.61 -9.12 -52.92
C ALA B 95 57.56 -9.16 -54.12
N HIS B 96 58.51 -8.23 -54.18
CA HIS B 96 59.49 -8.18 -55.25
C HIS B 96 60.88 -8.57 -54.77
N ARG B 97 60.98 -9.26 -53.64
CA ARG B 97 62.26 -9.57 -53.00
C ARG B 97 62.67 -10.99 -53.37
N TYR B 98 63.67 -11.12 -54.25
CA TYR B 98 64.23 -12.40 -54.64
C TYR B 98 65.66 -12.47 -54.13
N ILE B 99 66.01 -13.58 -53.50
CA ILE B 99 67.29 -13.72 -52.79
C ILE B 99 68.06 -14.89 -53.38
N CYS B 100 69.33 -14.65 -53.68
CA CYS B 100 70.28 -15.69 -54.03
C CYS B 100 71.50 -15.53 -53.13
N LEU B 101 71.80 -16.57 -52.35
CA LEU B 101 72.81 -16.50 -51.30
C LEU B 101 74.07 -17.30 -51.65
N ALA B 102 74.39 -17.42 -52.95
CA ALA B 102 75.58 -18.16 -53.33
C ALA B 102 76.85 -17.51 -52.80
N GLY B 103 76.94 -16.19 -52.88
CA GLY B 103 78.14 -15.50 -52.48
C GLY B 103 78.30 -15.41 -50.97
N GLY B 104 79.52 -15.07 -50.56
CA GLY B 104 79.83 -14.92 -49.16
C GLY B 104 80.52 -16.13 -48.56
N TYR B 105 80.49 -16.18 -47.23
CA TYR B 105 80.93 -17.33 -46.46
C TYR B 105 79.72 -18.16 -46.04
N LYS B 106 79.97 -19.20 -45.24
CA LYS B 106 78.86 -20.02 -44.77
C LYS B 106 77.92 -19.24 -43.85
N THR B 107 78.48 -18.41 -42.97
CA THR B 107 77.63 -17.61 -42.07
C THR B 107 76.89 -16.51 -42.82
N ILE B 108 77.47 -16.00 -43.90
CA ILE B 108 76.78 -14.98 -44.68
C ILE B 108 75.49 -15.53 -45.26
N SER B 109 75.53 -16.75 -45.80
CA SER B 109 74.31 -17.36 -46.35
C SER B 109 73.28 -17.61 -45.26
N ALA B 110 73.71 -18.07 -44.09
CA ALA B 110 72.77 -18.31 -43.00
C ALA B 110 72.11 -17.02 -42.55
N ALA B 111 72.89 -15.95 -42.44
CA ALA B 111 72.33 -14.64 -42.10
C ALA B 111 71.37 -14.17 -43.18
N MET B 112 71.71 -14.38 -44.46
CA MET B 112 70.81 -14.04 -45.55
C MET B 112 69.47 -14.76 -45.36
N GLN B 113 69.52 -16.06 -45.11
CA GLN B 113 68.29 -16.84 -44.97
C GLN B 113 67.48 -16.39 -43.76
N ARG B 114 68.15 -16.14 -42.63
CA ARG B 114 67.44 -15.68 -41.45
C ARG B 114 66.76 -14.34 -41.69
N ALA B 115 67.47 -13.42 -42.33
CA ALA B 115 66.87 -12.12 -42.64
C ALA B 115 65.68 -12.28 -43.59
N ALA B 116 65.81 -13.14 -44.59
CA ALA B 116 64.71 -13.37 -45.52
C ALA B 116 63.49 -13.91 -44.79
N ALA B 117 63.69 -14.92 -43.94
CA ALA B 117 62.57 -15.49 -43.21
C ALA B 117 61.94 -14.46 -42.27
N LEU B 118 62.77 -13.67 -41.60
CA LEU B 118 62.26 -12.68 -40.65
C LEU B 118 61.43 -11.62 -41.36
N PHE B 119 61.97 -11.06 -42.45
CA PHE B 119 61.33 -9.98 -43.17
C PHE B 119 60.59 -10.46 -44.42
N GLY B 120 60.59 -11.75 -44.69
CA GLY B 120 59.86 -12.29 -45.82
C GLY B 120 60.50 -12.00 -47.16
N ALA B 121 60.32 -12.91 -48.11
CA ALA B 121 60.86 -12.75 -49.45
C ALA B 121 60.01 -13.55 -50.41
N CYS B 122 59.72 -12.97 -51.58
CA CYS B 122 58.89 -13.66 -52.57
C CYS B 122 59.55 -14.96 -53.03
N GLU B 123 60.85 -14.93 -53.26
CA GLU B 123 61.57 -16.13 -53.71
C GLU B 123 62.98 -16.11 -53.14
N VAL B 124 63.38 -17.22 -52.53
CA VAL B 124 64.74 -17.43 -52.07
C VAL B 124 65.30 -18.62 -52.83
N PHE B 125 66.36 -18.39 -53.60
CA PHE B 125 66.89 -19.41 -54.49
C PHE B 125 68.42 -19.40 -54.44
N HIS B 126 69.00 -20.53 -54.81
CA HIS B 126 70.43 -20.74 -54.79
C HIS B 126 70.89 -21.20 -56.17
N VAL B 127 72.15 -20.91 -56.48
CA VAL B 127 72.71 -21.17 -57.80
C VAL B 127 73.75 -22.28 -57.70
N LEU B 128 73.63 -23.29 -58.55
CA LEU B 128 74.61 -24.35 -58.69
C LEU B 128 75.17 -24.32 -60.11
N CYS B 129 76.49 -24.25 -60.22
CA CYS B 129 77.15 -24.11 -61.51
C CYS B 129 77.84 -25.42 -61.87
N GLU B 130 77.58 -25.91 -63.07
CA GLU B 130 78.20 -27.14 -63.55
C GLU B 130 79.66 -26.89 -63.88
N PRO B 131 80.61 -27.59 -63.26
CA PRO B 131 82.02 -27.33 -63.54
C PRO B 131 82.45 -27.85 -64.89
N ARG B 132 82.58 -26.93 -65.87
CA ARG B 132 83.09 -27.30 -67.19
C ARG B 132 83.99 -26.23 -67.77
N PHE B 133 84.46 -25.28 -66.97
CA PHE B 133 85.12 -24.09 -67.46
C PHE B 133 86.60 -24.11 -67.08
N GLY B 134 87.29 -23.03 -67.42
CA GLY B 134 88.70 -22.91 -67.16
C GLY B 134 89.53 -23.62 -68.21
N PRO B 135 90.85 -23.44 -68.15
CA PRO B 135 91.72 -24.12 -69.12
C PRO B 135 91.58 -25.62 -69.10
N GLN B 136 91.35 -26.21 -67.92
CA GLN B 136 91.24 -27.66 -67.79
C GLN B 136 89.84 -28.19 -68.07
N GLY B 137 88.88 -27.31 -68.33
CA GLY B 137 87.51 -27.76 -68.54
C GLY B 137 86.88 -28.38 -67.32
N ASN B 138 87.32 -27.98 -66.13
CA ASN B 138 86.78 -28.52 -64.88
C ASN B 138 86.37 -27.45 -63.87
N ARG B 139 86.83 -26.22 -64.03
CA ARG B 139 86.47 -25.13 -63.13
C ARG B 139 85.19 -24.46 -63.59
N GLU B 140 84.63 -23.63 -62.72
CA GLU B 140 83.42 -22.89 -63.05
C GLU B 140 83.77 -21.54 -63.67
N ALA B 141 82.73 -20.85 -64.15
CA ALA B 141 82.93 -19.57 -64.81
C ALA B 141 83.59 -18.57 -63.87
N SER B 142 84.61 -17.88 -64.36
CA SER B 142 85.30 -16.86 -63.58
C SER B 142 85.59 -15.59 -64.36
N THR B 143 85.21 -15.52 -65.64
CA THR B 143 85.47 -14.35 -66.46
C THR B 143 84.19 -13.98 -67.21
N LEU B 144 84.18 -12.75 -67.75
CA LEU B 144 83.02 -12.27 -68.48
C LEU B 144 82.64 -13.22 -69.61
N GLU B 145 83.62 -13.63 -70.41
CA GLU B 145 83.36 -14.59 -71.48
C GLU B 145 82.88 -15.91 -70.92
N GLU B 146 83.49 -16.38 -69.83
CA GLU B 146 83.04 -17.60 -69.19
C GLU B 146 81.60 -17.46 -68.70
N VAL B 147 81.26 -16.30 -68.13
CA VAL B 147 79.89 -16.09 -67.66
C VAL B 147 78.92 -16.16 -68.82
N GLU B 148 79.24 -15.48 -69.93
CA GLU B 148 78.35 -15.48 -71.08
C GLU B 148 78.18 -16.88 -71.64
N GLN B 149 79.27 -17.63 -71.77
CA GLN B 149 79.17 -18.96 -72.36
C GLN B 149 78.47 -19.93 -71.42
N ALA B 150 78.62 -19.74 -70.10
CA ALA B 150 77.84 -20.54 -69.16
C ALA B 150 76.36 -20.24 -69.28
N ILE B 151 76.00 -18.97 -69.42
CA ILE B 151 74.59 -18.61 -69.57
C ILE B 151 74.03 -19.22 -70.85
N ALA B 152 74.75 -19.07 -71.96
CA ALA B 152 74.28 -19.62 -73.22
C ALA B 152 74.25 -21.14 -73.19
N THR B 153 75.30 -21.77 -72.67
CA THR B 153 75.36 -23.22 -72.60
C THR B 153 74.36 -23.81 -71.60
N ASN B 154 73.75 -22.99 -70.75
CA ASN B 154 72.81 -23.47 -69.74
C ASN B 154 73.50 -24.44 -68.77
N ALA B 155 74.54 -23.94 -68.10
CA ALA B 155 75.25 -24.69 -67.08
C ALA B 155 74.75 -24.34 -65.67
N LEU B 156 73.55 -23.76 -65.56
CA LEU B 156 73.01 -23.28 -64.30
C LEU B 156 71.84 -24.15 -63.88
N ARG B 157 71.90 -24.70 -62.68
CA ARG B 157 70.81 -25.49 -62.10
C ARG B 157 70.34 -24.78 -60.84
N PHE B 158 69.43 -23.83 -61.00
CA PHE B 158 68.93 -23.06 -59.86
C PHE B 158 68.08 -23.93 -58.95
N VAL B 159 68.04 -23.56 -57.67
CA VAL B 159 67.22 -24.22 -56.68
C VAL B 159 66.35 -23.17 -56.00
N ARG B 160 65.06 -23.45 -55.89
CA ARG B 160 64.11 -22.53 -55.28
C ARG B 160 63.76 -23.02 -53.88
N LEU B 161 63.98 -22.18 -52.88
CA LEU B 161 63.73 -22.56 -51.49
C LEU B 161 62.28 -22.30 -51.07
N GLY B 162 61.48 -21.67 -51.92
CA GLY B 162 60.09 -21.40 -51.61
C GLY B 162 59.87 -19.96 -51.17
N PRO B 163 58.62 -19.53 -51.19
CA PRO B 163 58.32 -18.15 -50.80
C PRO B 163 58.49 -17.94 -49.31
N GLU B 164 58.73 -16.69 -48.92
CA GLU B 164 58.82 -16.30 -47.52
C GLU B 164 57.77 -15.24 -47.23
N PRO B 165 56.59 -15.63 -46.72
CA PRO B 165 55.54 -14.64 -46.49
C PRO B 165 55.97 -13.52 -45.55
N GLY B 166 56.79 -13.81 -44.56
CA GLY B 166 57.34 -12.79 -43.69
C GLY B 166 56.86 -12.93 -42.25
N TRP B 167 57.00 -11.83 -41.52
CA TRP B 167 56.60 -11.76 -40.12
C TRP B 167 55.65 -10.59 -39.94
N PRO B 168 54.55 -10.76 -39.21
CA PRO B 168 53.51 -9.71 -39.21
C PRO B 168 54.00 -8.37 -38.70
N GLN B 169 54.84 -8.37 -37.67
CA GLN B 169 55.35 -7.14 -37.08
C GLN B 169 56.66 -6.69 -37.70
N LEU B 170 57.12 -7.37 -38.76
CA LEU B 170 58.37 -7.02 -39.41
C LEU B 170 58.25 -6.89 -40.92
N ARG B 171 57.06 -7.11 -41.49
CA ARG B 171 56.83 -6.92 -42.91
C ARG B 171 56.30 -5.54 -43.25
N LEU B 172 55.99 -4.72 -42.24
CA LEU B 172 55.50 -3.37 -42.46
C LEU B 172 56.58 -2.31 -42.34
N LEU B 173 57.81 -2.68 -41.98
CA LEU B 173 58.86 -1.70 -41.78
C LEU B 173 59.21 -1.00 -43.08
N SER B 174 59.59 0.27 -42.95
CA SER B 174 59.99 1.10 -44.09
C SER B 174 61.43 1.55 -43.91
N ALA B 175 62.11 1.72 -45.04
CA ALA B 175 63.52 2.12 -45.01
C ALA B 175 63.76 3.45 -44.29
N PRO B 176 62.97 4.50 -44.53
CA PRO B 176 63.30 5.80 -43.90
C PRO B 176 63.37 5.77 -42.40
N SER B 177 62.57 4.93 -41.74
CA SER B 177 62.59 4.87 -40.28
C SER B 177 64.00 4.59 -39.76
N PHE B 178 64.71 3.68 -40.43
CA PHE B 178 66.09 3.32 -40.08
C PHE B 178 66.94 3.58 -41.32
N PRO B 179 67.33 4.82 -41.57
CA PRO B 179 68.05 5.14 -42.81
C PRO B 179 69.41 4.49 -42.87
N LEU B 180 69.87 4.28 -44.10
CA LEU B 180 71.18 3.71 -44.37
C LEU B 180 72.07 4.77 -44.99
N GLU B 181 73.23 5.02 -44.37
CA GLU B 181 74.18 6.00 -44.87
C GLU B 181 75.16 5.32 -45.81
N SER B 182 75.28 5.84 -47.02
CA SER B 182 76.15 5.27 -48.04
C SER B 182 77.01 6.37 -48.65
N THR B 183 78.28 6.06 -48.90
CA THR B 183 79.21 7.00 -49.53
C THR B 183 79.44 6.56 -50.96
N LEU B 184 79.28 7.50 -51.89
CA LEU B 184 79.41 7.18 -53.32
C LEU B 184 80.87 7.24 -53.74
N GLN B 185 81.34 6.17 -54.37
CA GLN B 185 82.66 6.11 -55.00
C GLN B 185 82.45 5.53 -56.39
N GLY B 186 82.17 6.41 -57.35
CA GLY B 186 81.89 5.99 -58.70
C GLY B 186 80.60 5.19 -58.80
N PRO B 187 80.68 4.01 -59.41
CA PRO B 187 79.48 3.18 -59.61
C PRO B 187 79.12 2.26 -58.46
N VAL B 188 79.92 2.21 -57.40
CA VAL B 188 79.69 1.32 -56.28
C VAL B 188 79.30 2.14 -55.07
N HIS B 189 78.13 1.84 -54.50
CA HIS B 189 77.67 2.52 -53.30
C HIS B 189 78.31 1.91 -52.07
N TRP B 190 78.84 2.77 -51.21
CA TRP B 190 79.53 2.35 -49.98
C TRP B 190 78.59 2.59 -48.80
N VAL B 191 77.80 1.58 -48.47
CA VAL B 191 76.80 1.72 -47.41
C VAL B 191 77.49 1.74 -46.05
N ARG B 192 76.75 2.22 -45.04
CA ARG B 192 77.24 2.26 -43.68
C ARG B 192 76.06 2.14 -42.73
N ALA B 193 76.31 1.54 -41.57
CA ALA B 193 75.28 1.31 -40.56
C ALA B 193 75.45 2.36 -39.47
N SER B 194 74.44 3.23 -39.32
CA SER B 194 74.50 4.26 -38.29
C SER B 194 74.53 3.64 -36.90
N ASP B 195 73.71 2.62 -36.66
CA ASP B 195 73.62 1.99 -35.35
C ASP B 195 72.93 0.63 -35.52
N MET B 196 72.87 -0.12 -34.43
CA MET B 196 72.18 -1.40 -34.39
C MET B 196 70.83 -1.29 -33.70
N ARG B 197 70.15 -0.16 -33.89
CA ARG B 197 68.78 -0.02 -33.40
C ARG B 197 67.87 -1.06 -34.02
N LEU B 198 68.11 -1.41 -35.29
CA LEU B 198 67.27 -2.39 -35.96
C LEU B 198 67.35 -3.75 -35.29
N ARG B 199 68.57 -4.15 -34.86
CA ARG B 199 68.71 -5.44 -34.20
C ARG B 199 67.92 -5.50 -32.91
N GLN B 200 67.98 -4.43 -32.11
CA GLN B 200 67.21 -4.41 -30.87
C GLN B 200 65.72 -4.38 -31.14
N HIS B 201 65.30 -3.64 -32.17
CA HIS B 201 63.90 -3.64 -32.58
C HIS B 201 63.43 -5.05 -32.90
N VAL B 202 64.21 -5.77 -33.71
CA VAL B 202 63.86 -7.13 -34.10
C VAL B 202 63.81 -8.04 -32.89
N GLU B 203 64.82 -7.94 -32.01
CA GLU B 203 64.85 -8.81 -30.84
C GLU B 203 63.64 -8.57 -29.94
N GLY B 204 63.30 -7.31 -29.72
CA GLY B 204 62.13 -7.01 -28.92
C GLY B 204 60.85 -7.54 -29.55
N VAL B 205 60.71 -7.36 -30.87
CA VAL B 205 59.53 -7.87 -31.56
C VAL B 205 59.42 -9.37 -31.41
N LEU B 206 60.54 -10.08 -31.61
CA LEU B 206 60.52 -11.54 -31.51
C LEU B 206 60.20 -11.99 -30.10
N GLU B 207 60.77 -11.33 -29.09
CA GLU B 207 60.50 -11.72 -27.71
C GLU B 207 59.04 -11.49 -27.36
N ARG B 208 58.49 -10.34 -27.75
CA ARG B 208 57.09 -10.07 -27.47
C ARG B 208 56.19 -11.06 -28.19
N SER B 209 56.52 -11.41 -29.42
CA SER B 209 55.75 -12.42 -30.15
C SER B 209 55.80 -13.76 -29.45
N ARG B 210 56.99 -14.16 -28.98
CA ARG B 210 57.11 -15.43 -28.28
C ARG B 210 56.27 -15.44 -27.02
N HIS B 211 56.29 -14.33 -26.26
CA HIS B 211 55.47 -14.25 -25.06
C HIS B 211 53.99 -14.32 -25.40
N ILE B 212 53.57 -13.64 -26.47
CA ILE B 212 52.17 -13.66 -26.87
C ILE B 212 51.73 -15.08 -27.20
N LEU B 213 52.54 -15.78 -28.00
CA LEU B 213 52.17 -17.14 -28.40
C LEU B 213 52.17 -18.09 -27.22
N ALA B 214 53.14 -17.96 -26.32
CA ALA B 214 53.22 -18.87 -25.19
C ALA B 214 52.01 -18.75 -24.28
N ALA B 215 51.60 -17.52 -23.95
CA ALA B 215 50.46 -17.27 -23.08
C ALA B 215 49.15 -17.17 -23.84
N TRP B 216 49.18 -17.33 -25.17
CA TRP B 216 47.94 -17.22 -25.95
C TRP B 216 46.92 -18.25 -25.51
N GLU B 217 47.33 -19.51 -25.41
CA GLU B 217 46.41 -20.58 -25.02
C GLU B 217 46.04 -20.39 -23.56
N GLY B 218 44.89 -19.80 -23.32
CA GLY B 218 44.45 -19.52 -21.96
C GLY B 218 44.29 -18.04 -21.70
N ILE B 219 44.10 -17.26 -22.77
CA ILE B 219 43.88 -15.83 -22.62
C ILE B 219 42.58 -15.53 -21.90
N SER B 220 41.63 -16.46 -21.91
CA SER B 220 40.36 -16.25 -21.22
C SER B 220 40.52 -16.15 -19.71
N GLU B 221 41.64 -16.60 -19.15
CA GLU B 221 41.90 -16.53 -17.73
C GLU B 221 42.63 -15.25 -17.32
N LEU B 222 43.04 -14.43 -18.28
CA LEU B 222 43.81 -13.23 -17.98
C LEU B 222 42.87 -12.07 -17.72
N PRO B 223 42.97 -11.40 -16.57
CA PRO B 223 42.07 -10.26 -16.32
C PRO B 223 42.17 -9.18 -17.38
N ILE B 224 43.37 -8.93 -17.90
CA ILE B 224 43.60 -7.94 -18.95
C ILE B 224 44.16 -8.67 -20.16
N PRO B 225 43.57 -8.51 -21.34
CA PRO B 225 44.12 -9.20 -22.52
C PRO B 225 45.51 -8.72 -22.91
N ALA B 226 45.95 -7.56 -22.42
CA ALA B 226 47.28 -7.07 -22.72
C ALA B 226 48.36 -7.79 -21.93
N LEU B 227 48.00 -8.62 -20.96
CA LEU B 227 48.97 -9.37 -20.19
C LEU B 227 49.58 -10.52 -20.98
N ALA B 228 49.05 -10.82 -22.17
CA ALA B 228 49.60 -11.92 -22.97
C ALA B 228 51.00 -11.62 -23.49
N ALA B 229 51.46 -10.38 -23.41
CA ALA B 229 52.82 -10.03 -23.80
C ALA B 229 53.80 -10.12 -22.64
N TRP B 230 53.34 -10.45 -21.45
CA TRP B 230 54.24 -10.60 -20.32
C TRP B 230 55.08 -11.88 -20.46
N PRO B 231 56.30 -11.87 -19.94
CA PRO B 231 57.12 -13.07 -20.01
C PRO B 231 56.47 -14.20 -19.24
N PRO B 232 56.64 -15.45 -19.69
CA PRO B 232 56.02 -16.57 -18.97
C PRO B 232 56.43 -16.64 -17.51
N SER B 233 57.67 -16.26 -17.18
CA SER B 233 58.06 -16.19 -15.79
C SER B 233 57.19 -15.20 -15.03
N HIS B 234 56.90 -14.05 -15.63
CA HIS B 234 56.04 -13.06 -14.99
C HIS B 234 54.62 -13.57 -14.84
N LEU B 235 54.13 -14.32 -15.84
CA LEU B 235 52.79 -14.90 -15.72
C LEU B 235 52.74 -15.91 -14.58
N ARG B 236 53.81 -16.70 -14.40
CA ARG B 236 53.88 -17.58 -13.24
C ARG B 236 53.91 -16.76 -11.95
N TRP B 237 54.65 -15.66 -11.95
CA TRP B 237 54.73 -14.81 -10.77
C TRP B 237 53.36 -14.29 -10.37
N LEU B 238 52.56 -13.86 -11.35
CA LEU B 238 51.25 -13.32 -11.05
C LEU B 238 50.39 -14.32 -10.29
N HIS B 239 50.54 -15.60 -10.57
CA HIS B 239 49.67 -16.63 -10.02
C HIS B 239 50.10 -17.09 -8.64
N GLU B 240 51.06 -16.42 -8.02
CA GLU B 240 51.53 -16.74 -6.68
C GLU B 240 50.83 -15.88 -5.64
N PRO B 241 51.03 -16.18 -4.36
CA PRO B 241 50.42 -15.36 -3.31
C PRO B 241 51.03 -13.96 -3.29
N LEU B 242 50.23 -13.01 -2.81
CA LEU B 242 50.69 -11.63 -2.67
C LEU B 242 51.50 -11.50 -1.39
N ASP B 243 52.48 -10.58 -1.40
CA ASP B 243 53.34 -10.35 -0.25
C ASP B 243 53.23 -8.89 0.18
N PRO B 244 52.82 -8.62 1.42
CA PRO B 244 52.67 -7.21 1.84
C PRO B 244 53.98 -6.44 1.92
N VAL B 245 55.12 -7.13 2.02
CA VAL B 245 56.39 -6.44 2.27
C VAL B 245 57.11 -6.11 0.98
N GLN B 246 57.35 -7.11 0.13
CA GLN B 246 58.11 -6.89 -1.09
C GLN B 246 57.32 -6.19 -2.18
N ASP B 247 55.98 -6.27 -2.14
CA ASP B 247 55.15 -5.78 -3.24
C ASP B 247 54.63 -4.37 -3.00
N LYS B 248 55.28 -3.60 -2.14
CA LYS B 248 54.87 -2.21 -1.95
C LYS B 248 54.94 -1.44 -3.25
N ALA B 249 56.08 -1.54 -3.95
CA ALA B 249 56.30 -0.72 -5.14
C ALA B 249 55.37 -1.12 -6.28
N TRP B 250 55.26 -2.43 -6.55
CA TRP B 250 54.43 -2.86 -7.66
C TRP B 250 52.97 -2.45 -7.46
N VAL B 251 52.44 -2.64 -6.25
CA VAL B 251 51.09 -2.19 -5.97
C VAL B 251 50.99 -0.68 -6.11
N GLN B 252 52.01 0.04 -5.63
CA GLN B 252 52.02 1.49 -5.76
C GLN B 252 52.00 1.92 -7.21
N ALA B 253 52.45 1.08 -8.13
CA ALA B 253 52.53 1.44 -9.53
C ALA B 253 51.30 1.05 -10.34
N LEU B 254 50.39 0.27 -9.77
CA LEU B 254 49.20 -0.13 -10.51
C LEU B 254 48.31 1.07 -10.79
N PRO B 255 47.75 1.17 -12.00
CA PRO B 255 46.65 2.12 -12.20
C PRO B 255 45.36 1.57 -11.63
N LYS B 256 44.93 2.09 -10.48
CA LYS B 256 43.84 1.53 -9.73
C LYS B 256 42.53 2.23 -10.07
N VAL B 257 41.48 1.86 -9.34
CA VAL B 257 40.17 2.49 -9.47
C VAL B 257 39.59 2.66 -8.07
N GLU B 258 38.99 3.81 -7.81
CA GLU B 258 38.40 4.14 -6.53
C GLU B 258 36.91 4.33 -6.71
N LEU B 259 36.12 3.74 -5.82
CA LEU B 259 34.67 3.82 -5.93
C LEU B 259 33.95 4.14 -4.63
N HIS B 260 34.63 4.10 -3.49
CA HIS B 260 34.03 4.40 -2.18
C HIS B 260 35.01 5.31 -1.44
N CYS B 261 34.89 6.61 -1.67
CA CYS B 261 35.81 7.59 -1.07
C CYS B 261 34.99 8.83 -0.70
N HIS B 262 34.71 8.98 0.59
CA HIS B 262 33.93 10.11 1.06
C HIS B 262 34.78 11.37 1.13
N LEU B 263 34.21 12.48 0.65
CA LEU B 263 34.93 13.75 0.65
C LEU B 263 34.99 14.38 2.04
N GLY B 264 34.08 14.00 2.93
CA GLY B 264 34.03 14.59 4.25
C GLY B 264 35.00 14.03 5.26
N GLY B 265 35.81 13.04 4.88
CA GLY B 265 36.77 12.47 5.80
C GLY B 265 38.15 12.30 5.18
N PHE B 266 38.53 13.23 4.30
CA PHE B 266 39.81 13.10 3.61
C PHE B 266 40.97 13.67 4.41
N ALA B 267 40.75 14.77 5.14
CA ALA B 267 41.80 15.42 5.91
C ALA B 267 41.35 15.64 7.34
N THR B 268 40.80 14.59 7.95
CA THR B 268 40.22 14.71 9.28
C THR B 268 41.26 14.89 10.37
N HIS B 269 42.54 14.72 10.07
CA HIS B 269 43.56 14.75 11.11
C HIS B 269 44.92 14.99 10.50
N GLY B 270 45.64 15.98 11.05
CA GLY B 270 47.05 16.14 10.75
C GLY B 270 47.44 17.26 9.82
N GLU B 271 48.57 17.07 9.13
CA GLU B 271 49.09 18.09 8.24
C GLU B 271 48.06 18.50 7.20
N LEU B 272 47.31 17.54 6.66
CA LEU B 272 46.28 17.87 5.69
C LEU B 272 45.17 18.69 6.32
N LEU B 273 44.79 18.36 7.56
CA LEU B 273 43.79 19.17 8.25
C LEU B 273 44.26 20.60 8.42
N HIS B 274 45.52 20.79 8.80
CA HIS B 274 46.04 22.14 8.95
C HIS B 274 46.12 22.87 7.61
N LYS B 275 46.52 22.17 6.55
CA LYS B 275 46.56 22.78 5.24
C LYS B 275 45.17 23.24 4.81
N VAL B 276 44.15 22.45 5.13
CA VAL B 276 42.78 22.85 4.82
C VAL B 276 42.37 24.05 5.66
N ARG B 277 42.68 24.03 6.95
CA ARG B 277 42.25 25.11 7.83
C ARG B 277 42.86 26.45 7.43
N GLN B 278 44.18 26.47 7.20
CA GLN B 278 44.83 27.71 6.82
C GLN B 278 44.42 28.21 5.44
N GLU B 279 43.55 27.50 4.74
CA GLU B 279 43.05 27.96 3.44
C GLU B 279 41.65 28.58 3.53
N ALA B 280 41.11 28.73 4.73
CA ALA B 280 39.75 29.24 4.88
C ALA B 280 39.67 30.70 4.49
N ALA B 281 38.54 31.08 3.89
CA ALA B 281 38.29 32.46 3.53
C ALA B 281 37.82 33.31 4.71
N ASN B 282 37.44 32.67 5.82
CA ASN B 282 37.01 33.37 7.03
C ASN B 282 37.75 32.73 8.21
N PRO B 283 39.04 33.07 8.38
CA PRO B 283 39.84 32.38 9.41
C PRO B 283 39.27 32.50 10.81
N GLU B 284 38.60 33.61 11.14
CA GLU B 284 38.06 33.78 12.48
C GLU B 284 36.75 33.03 12.68
N SER B 285 36.17 32.45 11.64
CA SER B 285 34.96 31.64 11.75
C SER B 285 35.25 30.15 11.85
N LEU B 286 36.52 29.76 11.90
CA LEU B 286 36.85 28.35 11.97
C LEU B 286 36.54 27.81 13.37
N PRO B 287 35.81 26.71 13.48
CA PRO B 287 35.60 26.10 14.80
C PRO B 287 36.92 25.68 15.41
N PRO B 288 37.05 25.79 16.73
CA PRO B 288 38.31 25.38 17.37
C PRO B 288 38.61 23.91 17.09
N VAL B 289 39.88 23.62 16.83
CA VAL B 289 40.30 22.25 16.60
C VAL B 289 40.18 21.49 17.91
N ARG B 290 39.23 20.56 17.98
CA ARG B 290 38.97 19.83 19.21
C ARG B 290 40.04 18.75 19.43
N ALA B 291 39.92 18.05 20.55
CA ALA B 291 40.83 16.98 20.90
C ALA B 291 40.16 15.64 20.60
N ILE B 292 40.72 14.90 19.65
CA ILE B 292 40.16 13.61 19.24
C ILE B 292 41.26 12.57 19.25
N PRO B 293 41.68 12.09 20.42
CA PRO B 293 42.74 11.08 20.45
C PRO B 293 42.31 9.82 19.72
N LEU B 294 43.20 9.32 18.86
CA LEU B 294 42.95 8.09 18.14
C LEU B 294 43.18 6.88 19.04
N PRO B 295 42.49 5.77 18.80
CA PRO B 295 42.71 4.58 19.61
C PRO B 295 44.10 4.02 19.36
N PRO B 296 44.66 3.31 20.34
CA PRO B 296 46.04 2.80 20.19
C PRO B 296 46.15 1.82 19.03
N GLY B 297 47.33 1.81 18.41
CA GLY B 297 47.60 0.90 17.31
C GLY B 297 47.07 1.34 15.97
N TRP B 298 46.53 2.55 15.88
CA TRP B 298 45.98 3.01 14.61
C TRP B 298 47.08 3.04 13.56
N PRO B 299 46.77 2.70 12.30
CA PRO B 299 45.45 2.37 11.75
C PRO B 299 45.06 0.91 11.93
N ILE B 300 45.71 0.17 12.83
CA ILE B 300 45.35 -1.22 13.07
C ILE B 300 44.93 -1.36 14.52
N PRO B 301 43.65 -1.15 14.84
CA PRO B 301 43.23 -1.15 16.24
C PRO B 301 43.45 -2.50 16.90
N GLU B 302 43.79 -2.46 18.19
CA GLU B 302 43.94 -3.68 18.97
C GLU B 302 42.59 -4.30 19.29
N GLU B 303 41.49 -3.59 19.03
CA GLU B 303 40.14 -4.11 19.18
C GLU B 303 39.21 -3.26 18.33
N PRO B 304 38.08 -3.81 17.90
CA PRO B 304 37.12 -3.02 17.14
C PRO B 304 36.62 -1.84 17.96
N ILE B 305 36.43 -0.70 17.30
CA ILE B 305 36.06 0.53 17.98
C ILE B 305 34.61 0.93 17.76
N GLY B 306 33.92 0.32 16.81
CA GLY B 306 32.51 0.62 16.64
C GLY B 306 32.27 1.70 15.62
N LEU B 307 31.12 1.59 14.94
CA LEU B 307 30.78 2.55 13.90
C LEU B 307 30.61 3.95 14.47
N GLU B 308 29.98 4.08 15.64
CA GLU B 308 29.79 5.40 16.23
C GLU B 308 31.12 6.08 16.48
N ARG B 309 32.05 5.39 17.14
CA ARG B 309 33.35 6.00 17.43
C ARG B 309 34.12 6.27 16.14
N TYR B 310 34.06 5.35 15.18
CA TYR B 310 34.75 5.57 13.91
C TYR B 310 34.23 6.83 13.23
N MET B 311 32.92 7.03 13.23
CA MET B 311 32.35 8.25 12.66
C MET B 311 32.78 9.48 13.44
N ARG B 312 32.78 9.39 14.76
CA ARG B 312 33.18 10.53 15.59
C ARG B 312 34.64 10.91 15.40
N LEU B 313 35.48 9.98 14.95
CA LEU B 313 36.89 10.33 14.75
C LEU B 313 37.08 11.45 13.73
N GLY B 314 36.09 11.69 12.86
CA GLY B 314 36.23 12.69 11.83
C GLY B 314 35.54 14.00 12.14
N ASP B 315 35.64 14.47 13.39
CA ASP B 315 34.95 15.68 13.77
C ASP B 315 35.66 16.93 13.24
N ASN B 316 36.99 16.93 13.26
CA ASN B 316 37.72 18.13 12.86
C ASN B 316 37.33 18.60 11.47
N ASN B 317 36.98 17.69 10.59
CA ASN B 317 36.60 18.02 9.21
C ASN B 317 35.13 17.69 8.98
N GLY B 318 34.68 17.93 7.76
CA GLY B 318 33.28 17.74 7.42
C GLY B 318 32.47 19.00 7.56
N SER B 319 31.22 18.87 8.02
CA SER B 319 30.35 20.03 8.12
C SER B 319 30.91 21.12 9.03
N ALA B 320 31.82 20.78 9.93
CA ALA B 320 32.39 21.77 10.82
C ALA B 320 33.17 22.83 10.04
N LEU B 321 33.93 22.41 9.04
CA LEU B 321 34.84 23.30 8.33
C LEU B 321 34.43 23.60 6.89
N LEU B 322 33.80 22.65 6.19
CA LEU B 322 33.66 22.76 4.75
C LEU B 322 32.64 23.79 4.31
N LYS B 323 31.93 24.43 5.24
CA LYS B 323 30.99 25.48 4.84
C LYS B 323 31.73 26.67 4.23
N ASP B 324 33.00 26.85 4.57
CA ASP B 324 33.79 27.95 4.05
C ASP B 324 34.27 27.63 2.64
N PRO B 325 34.05 28.52 1.67
CA PRO B 325 34.48 28.21 0.30
C PRO B 325 35.97 27.90 0.19
N GLY B 326 36.81 28.62 0.92
CA GLY B 326 38.24 28.34 0.86
C GLY B 326 38.57 26.94 1.37
N CYS B 327 37.96 26.54 2.48
CA CYS B 327 38.17 25.19 2.99
C CYS B 327 37.69 24.14 2.00
N LEU B 328 36.55 24.39 1.34
CA LEU B 328 36.06 23.47 0.33
C LEU B 328 37.05 23.32 -0.82
N ARG B 329 37.57 24.45 -1.31
CA ARG B 329 38.53 24.39 -2.40
C ARG B 329 39.80 23.66 -1.99
N ALA B 330 40.28 23.92 -0.77
CA ALA B 330 41.46 23.20 -0.27
C ALA B 330 41.18 21.71 -0.19
N GLN B 331 40.02 21.34 0.32
CA GLN B 331 39.65 19.93 0.40
C GLN B 331 39.68 19.28 -0.98
N CYS B 332 39.07 19.92 -1.97
CA CYS B 332 39.02 19.35 -3.30
C CYS B 332 40.42 19.20 -3.89
N ARG B 333 41.23 20.26 -3.81
CA ARG B 333 42.56 20.20 -4.41
C ARG B 333 43.43 19.16 -3.72
N LEU B 334 43.40 19.11 -2.39
CA LEU B 334 44.20 18.12 -1.68
C LEU B 334 43.72 16.71 -1.97
N LEU B 335 42.41 16.50 -2.08
CA LEU B 335 41.93 15.16 -2.41
C LEU B 335 42.38 14.73 -3.80
N TYR B 336 42.32 15.64 -4.77
CA TYR B 336 42.79 15.29 -6.10
C TYR B 336 44.28 14.98 -6.09
N GLU B 337 45.05 15.76 -5.34
CA GLU B 337 46.48 15.49 -5.23
C GLU B 337 46.74 14.13 -4.61
N ALA B 338 46.00 13.79 -3.56
CA ALA B 338 46.16 12.49 -2.91
C ALA B 338 45.80 11.36 -3.86
N LEU B 339 44.78 11.56 -4.70
CA LEU B 339 44.46 10.56 -5.71
C LEU B 339 45.58 10.41 -6.71
N LEU B 340 46.10 11.52 -7.23
CA LEU B 340 47.15 11.45 -8.23
C LEU B 340 48.41 10.80 -7.67
N ALA B 341 48.76 11.11 -6.42
CA ALA B 341 49.96 10.55 -5.81
C ALA B 341 49.87 9.05 -5.61
N ASP B 342 48.68 8.46 -5.73
CA ASP B 342 48.50 7.03 -5.56
C ASP B 342 48.18 6.32 -6.86
N HIS B 343 48.26 7.02 -7.99
CA HIS B 343 48.07 6.42 -9.32
C HIS B 343 46.68 5.81 -9.46
N VAL B 344 45.67 6.66 -9.35
CA VAL B 344 44.28 6.25 -9.53
C VAL B 344 43.79 6.79 -10.87
N ALA B 345 43.32 5.87 -11.73
CA ALA B 345 42.91 6.23 -13.09
C ALA B 345 41.43 6.55 -13.20
N TYR B 346 40.66 6.41 -12.13
CA TYR B 346 39.24 6.71 -12.14
C TYR B 346 38.73 6.68 -10.71
N ALA B 347 37.93 7.68 -10.35
CA ALA B 347 37.41 7.79 -9.00
C ALA B 347 35.97 8.27 -9.04
N GLU B 348 35.25 8.02 -7.95
CA GLU B 348 33.87 8.49 -7.79
C GLU B 348 33.75 9.00 -6.35
N ILE B 349 33.98 10.29 -6.17
CA ILE B 349 33.94 10.91 -4.85
C ILE B 349 32.50 11.23 -4.50
N ARG B 350 32.03 10.73 -3.37
CA ARG B 350 30.67 10.96 -2.91
C ARG B 350 30.68 12.11 -1.90
N CYS B 351 29.94 13.17 -2.21
CA CYS B 351 29.89 14.37 -1.39
C CYS B 351 28.47 14.55 -0.84
N SER B 352 28.32 15.50 0.07
CA SER B 352 27.05 15.83 0.69
C SER B 352 26.86 17.35 0.60
N PRO B 353 26.48 17.85 -0.58
CA PRO B 353 26.42 19.31 -0.74
C PRO B 353 25.51 20.01 0.26
N ALA B 354 24.37 19.40 0.60
CA ALA B 354 23.45 20.05 1.52
C ALA B 354 24.09 20.26 2.88
N ASN B 355 24.90 19.30 3.33
CA ASN B 355 25.56 19.46 4.62
C ASN B 355 26.50 20.66 4.65
N TYR B 356 26.93 21.13 3.48
CA TYR B 356 27.86 22.27 3.39
C TYR B 356 27.15 23.55 2.96
N ALA B 357 25.82 23.57 2.95
CA ALA B 357 25.09 24.76 2.56
C ALA B 357 25.11 25.79 3.69
N SER B 358 24.74 27.02 3.33
CA SER B 358 24.68 28.12 4.29
C SER B 358 23.44 28.93 3.99
N ALA B 359 23.32 30.10 4.64
CA ALA B 359 22.23 31.00 4.33
C ALA B 359 22.39 31.60 2.94
N SER B 360 23.59 32.05 2.60
CA SER B 360 23.86 32.65 1.31
C SER B 360 24.34 31.65 0.26
N ARG B 361 24.62 30.41 0.66
CA ARG B 361 25.13 29.39 -0.26
C ARG B 361 24.14 28.23 -0.29
N SER B 362 23.36 28.15 -1.36
CA SER B 362 22.43 27.06 -1.53
C SER B 362 23.20 25.77 -1.83
N PRO B 363 22.57 24.62 -1.60
CA PRO B 363 23.26 23.35 -1.91
C PRO B 363 23.71 23.27 -3.36
N TRP B 364 22.94 23.82 -4.28
CA TRP B 364 23.34 23.78 -5.68
C TRP B 364 24.64 24.53 -5.91
N VAL B 365 24.80 25.68 -5.25
CA VAL B 365 26.03 26.45 -5.42
C VAL B 365 27.23 25.66 -4.92
N VAL B 366 27.08 24.99 -3.77
CA VAL B 366 28.17 24.18 -3.24
C VAL B 366 28.51 23.04 -4.19
N LEU B 367 27.49 22.37 -4.73
CA LEU B 367 27.75 21.28 -5.66
C LEU B 367 28.46 21.79 -6.90
N GLN B 368 28.02 22.93 -7.43
CA GLN B 368 28.66 23.49 -8.62
C GLN B 368 30.10 23.85 -8.33
N GLU B 369 30.37 24.43 -7.16
CA GLU B 369 31.75 24.77 -6.82
C GLU B 369 32.62 23.52 -6.72
N ILE B 370 32.12 22.47 -6.10
CA ILE B 370 32.90 21.23 -5.99
C ILE B 370 33.18 20.67 -7.37
N ARG B 371 32.14 20.58 -8.21
CA ARG B 371 32.32 20.02 -9.54
C ARG B 371 33.32 20.84 -10.35
N ASN B 372 33.24 22.17 -10.25
CA ASN B 372 34.14 23.00 -11.03
C ASN B 372 35.57 22.96 -10.50
N HIS B 373 35.74 22.82 -9.17
CA HIS B 373 37.08 22.64 -8.63
C HIS B 373 37.71 21.36 -9.17
N PHE B 374 36.95 20.26 -9.16
CA PHE B 374 37.49 19.02 -9.68
C PHE B 374 37.75 19.11 -11.18
N GLN B 375 36.87 19.79 -11.93
CA GLN B 375 37.08 19.96 -13.35
C GLN B 375 38.36 20.76 -13.63
N GLN B 376 38.58 21.83 -12.85
CA GLN B 376 39.80 22.61 -13.01
C GLN B 376 41.03 21.75 -12.73
N ALA B 377 41.00 21.01 -11.62
CA ALA B 377 42.14 20.15 -11.30
C ALA B 377 42.40 19.15 -12.41
N MET B 378 41.33 18.60 -13.00
CA MET B 378 41.50 17.69 -14.12
C MET B 378 42.06 18.38 -15.36
N GLU B 379 41.73 19.66 -15.54
CA GLU B 379 42.10 20.34 -16.78
C GLU B 379 43.59 20.65 -16.83
N GLU B 380 44.20 20.92 -15.67
CA GLU B 380 45.61 21.30 -15.62
C GLU B 380 46.55 20.10 -15.70
N THR B 381 46.04 18.89 -15.54
CA THR B 381 46.92 17.72 -15.54
C THR B 381 47.05 17.13 -16.94
N PRO B 382 48.25 16.68 -17.31
CA PRO B 382 48.40 16.05 -18.62
C PRO B 382 47.47 14.85 -18.75
N GLU B 383 46.96 14.65 -19.96
CA GLU B 383 45.91 13.64 -20.16
C GLU B 383 46.39 12.24 -19.83
N ASP B 384 47.71 12.02 -19.76
CA ASP B 384 48.22 10.70 -19.41
C ASP B 384 48.04 10.37 -17.94
N ARG B 385 47.97 11.38 -17.07
CA ARG B 385 47.82 11.17 -15.63
C ARG B 385 46.55 11.82 -15.09
N ARG B 386 45.55 12.00 -15.94
CA ARG B 386 44.32 12.69 -15.56
C ARG B 386 43.34 11.69 -14.97
N CYS B 387 43.05 11.83 -13.68
CA CYS B 387 42.17 10.90 -12.96
C CYS B 387 40.74 11.39 -13.09
N HIS B 388 40.03 10.87 -14.09
CA HIS B 388 38.64 11.27 -14.31
C HIS B 388 37.82 11.01 -13.06
N VAL B 389 37.25 12.08 -12.49
CA VAL B 389 36.55 12.01 -11.22
C VAL B 389 35.09 12.37 -11.45
N ASN B 390 34.20 11.45 -11.10
CA ASN B 390 32.76 11.71 -11.08
C ASN B 390 32.30 11.86 -9.64
N LEU B 391 31.05 12.29 -9.47
CA LEU B 391 30.52 12.61 -8.15
C LEU B 391 29.29 11.75 -7.85
N LEU B 392 29.19 11.35 -6.59
CA LEU B 392 28.01 10.64 -6.08
C LEU B 392 27.45 11.43 -4.92
N LEU B 393 26.14 11.66 -4.94
CA LEU B 393 25.48 12.41 -3.88
C LEU B 393 25.00 11.46 -2.80
N THR B 394 25.24 11.81 -1.55
CA THR B 394 24.91 10.96 -0.42
C THR B 394 23.59 11.40 0.20
N ALA B 395 22.61 10.50 0.20
CA ALA B 395 21.33 10.73 0.86
C ALA B 395 21.34 9.97 2.18
N THR B 396 21.94 10.61 3.19
CA THR B 396 22.10 9.96 4.49
C THR B 396 20.74 9.72 5.15
N ARG B 397 20.56 8.53 5.69
CA ARG B 397 19.32 8.15 6.37
C ARG B 397 19.44 8.48 7.86
N GLU B 398 19.53 9.78 8.14
CA GLU B 398 19.66 10.23 9.51
C GLU B 398 18.41 9.86 10.31
N GLU B 399 18.64 9.51 11.57
CA GLU B 399 17.56 9.05 12.43
C GLU B 399 16.59 10.18 12.75
N GLY B 400 15.35 9.82 13.05
CA GLY B 400 14.33 10.79 13.38
C GLY B 400 13.31 10.96 12.27
N GLY B 401 13.70 10.62 11.04
CA GLY B 401 12.82 10.75 9.90
C GLY B 401 13.04 11.98 9.05
N ASP B 402 14.06 12.78 9.34
CA ASP B 402 14.33 13.98 8.54
C ASP B 402 14.47 13.62 7.07
N ARG B 403 13.54 14.13 6.26
CA ARG B 403 13.54 13.87 4.83
C ARG B 403 13.80 15.12 3.99
N SER B 404 14.03 16.27 4.63
CA SER B 404 14.33 17.47 3.86
C SER B 404 15.64 17.33 3.11
N ARG B 405 16.70 16.87 3.81
CA ARG B 405 17.99 16.73 3.18
C ARG B 405 17.99 15.62 2.15
N ILE B 406 17.27 14.52 2.42
CA ILE B 406 17.21 13.43 1.46
C ILE B 406 16.52 13.88 0.18
N ALA B 407 15.38 14.56 0.32
CA ALA B 407 14.68 15.05 -0.87
C ALA B 407 15.53 16.07 -1.62
N ARG B 408 16.18 16.96 -0.89
CA ARG B 408 17.05 17.95 -1.53
C ARG B 408 18.17 17.27 -2.30
N HIS B 409 18.79 16.26 -1.71
CA HIS B 409 19.89 15.56 -2.39
C HIS B 409 19.41 14.83 -3.62
N LEU B 410 18.25 14.17 -3.55
CA LEU B 410 17.74 13.47 -4.73
C LEU B 410 17.41 14.46 -5.84
N ALA B 411 16.78 15.58 -5.51
CA ALA B 411 16.48 16.58 -6.54
C ALA B 411 17.75 17.16 -7.13
N LEU B 412 18.74 17.45 -6.28
CA LEU B 412 20.00 17.99 -6.76
C LEU B 412 20.70 17.02 -7.68
N ALA B 413 20.66 15.72 -7.35
CA ALA B 413 21.24 14.72 -8.22
C ALA B 413 20.51 14.68 -9.56
N ILE B 414 19.18 14.72 -9.54
CA ILE B 414 18.42 14.65 -10.79
C ILE B 414 18.71 15.86 -11.65
N THR B 415 19.00 17.01 -11.03
CA THR B 415 19.32 18.21 -11.78
C THR B 415 20.73 18.15 -12.36
N ALA B 416 21.71 17.81 -11.53
CA ALA B 416 23.08 17.75 -11.98
C ALA B 416 23.30 16.65 -13.02
N ALA B 417 22.48 15.61 -13.01
CA ALA B 417 22.66 14.52 -13.97
C ALA B 417 22.64 15.04 -15.39
N GLU B 418 21.75 16.00 -15.68
CA GLU B 418 21.70 16.59 -17.01
C GLU B 418 22.46 17.90 -17.13
N HIS B 419 22.66 18.65 -16.05
CA HIS B 419 23.32 19.94 -16.20
C HIS B 419 24.71 19.79 -16.81
N TRP B 420 25.44 18.75 -16.45
CA TRP B 420 26.79 18.53 -16.93
C TRP B 420 26.85 17.25 -17.77
N LYS B 421 27.67 17.28 -18.82
CA LYS B 421 27.82 16.12 -19.68
C LYS B 421 29.26 15.86 -20.11
N ASN B 422 30.24 16.50 -19.49
CA ASN B 422 31.64 16.27 -19.79
C ASN B 422 32.46 16.53 -18.54
N GLY B 423 33.66 15.96 -18.52
CA GLY B 423 34.48 16.13 -17.34
C GLY B 423 33.80 15.54 -16.12
N CYS B 424 34.08 16.15 -14.98
CA CYS B 424 33.45 15.69 -13.74
C CYS B 424 31.94 15.80 -13.86
N ARG B 425 31.24 14.74 -13.47
CA ARG B 425 29.78 14.69 -13.57
C ARG B 425 29.23 14.02 -12.32
N VAL B 426 27.92 14.17 -12.13
CA VAL B 426 27.18 13.45 -11.11
C VAL B 426 26.57 12.22 -11.78
N VAL B 427 26.94 11.04 -11.29
CA VAL B 427 26.60 9.79 -11.96
C VAL B 427 25.58 8.95 -11.19
N GLY B 428 25.31 9.27 -9.93
CA GLY B 428 24.35 8.49 -9.18
C GLY B 428 24.25 8.97 -7.75
N VAL B 429 23.54 8.18 -6.94
CA VAL B 429 23.34 8.45 -5.52
C VAL B 429 23.70 7.19 -4.75
N ASP B 430 24.01 7.36 -3.47
CA ASP B 430 24.54 6.28 -2.65
C ASP B 430 23.75 6.14 -1.36
N LEU B 431 22.43 6.02 -1.48
CA LEU B 431 21.54 5.89 -0.33
C LEU B 431 22.16 5.03 0.76
N ALA B 432 22.29 5.60 1.95
CA ALA B 432 22.83 4.84 3.07
C ALA B 432 21.83 3.78 3.54
N GLY B 433 20.57 4.16 3.72
CA GLY B 433 19.57 3.22 4.18
C GLY B 433 19.99 2.50 5.45
N PHE B 434 19.95 3.20 6.58
CA PHE B 434 20.50 2.64 7.80
C PHE B 434 19.67 1.45 8.28
N GLU B 435 20.13 0.83 9.36
CA GLU B 435 19.72 -0.53 9.69
C GLU B 435 18.49 -0.57 10.59
N ASP B 436 18.26 0.48 11.37
CA ASP B 436 17.52 0.28 12.61
C ASP B 436 16.04 0.05 12.38
N ARG B 437 15.71 -0.92 11.53
CA ARG B 437 14.37 -1.49 11.44
C ARG B 437 13.31 -0.43 11.18
N THR B 438 13.72 0.79 10.88
CA THR B 438 12.81 1.87 10.55
C THR B 438 13.17 2.59 9.26
N THR B 439 14.39 2.47 8.78
CA THR B 439 14.82 3.01 7.50
C THR B 439 15.13 1.92 6.47
N ARG B 440 15.95 0.94 6.86
CA ARG B 440 16.29 -0.21 6.02
C ARG B 440 16.48 0.20 4.56
N ALA B 441 16.00 -0.63 3.64
CA ALA B 441 16.03 -0.31 2.22
C ALA B 441 14.64 -0.13 1.63
N ALA B 442 13.59 -0.47 2.38
CA ALA B 442 12.22 -0.21 1.96
C ALA B 442 11.80 1.24 2.18
N MET B 443 12.72 2.08 2.65
CA MET B 443 12.47 3.51 2.77
C MET B 443 12.09 4.12 1.43
N PHE B 444 12.19 3.31 0.37
CA PHE B 444 11.88 3.75 -0.99
C PHE B 444 10.67 4.66 -1.01
N ALA B 445 9.51 4.14 -0.63
CA ALA B 445 8.29 4.91 -0.51
C ALA B 445 8.12 5.86 -1.70
N THR B 446 8.61 5.45 -2.86
CA THR B 446 8.68 6.26 -4.08
C THR B 446 9.78 7.32 -4.00
N ASP B 447 10.56 7.36 -2.92
CA ASP B 447 11.62 8.36 -2.81
C ASP B 447 12.65 8.18 -3.92
N PHE B 448 13.07 6.95 -4.17
CA PHE B 448 14.07 6.66 -5.19
C PHE B 448 13.44 6.31 -6.53
N GLU B 449 12.12 6.41 -6.63
CA GLU B 449 11.47 6.21 -7.92
C GLU B 449 11.96 7.23 -8.94
N PRO B 450 11.97 8.54 -8.65
CA PRO B 450 12.44 9.50 -9.65
C PRO B 450 13.87 9.27 -10.10
N VAL B 451 14.78 8.92 -9.18
CA VAL B 451 16.18 8.75 -9.56
C VAL B 451 16.30 7.66 -10.60
N HIS B 452 15.55 6.57 -10.44
CA HIS B 452 15.48 5.54 -11.48
C HIS B 452 14.85 6.10 -12.75
N ARG B 453 13.83 6.94 -12.59
CA ARG B 453 13.08 7.40 -13.75
C ARG B 453 13.96 8.15 -14.74
N VAL B 454 15.06 8.74 -14.28
CA VAL B 454 15.90 9.59 -15.13
C VAL B 454 17.18 8.89 -15.58
N GLY B 455 17.42 7.66 -15.14
CA GLY B 455 18.60 6.94 -15.54
C GLY B 455 19.81 7.08 -14.64
N LEU B 456 19.60 7.40 -13.37
CA LEU B 456 20.69 7.47 -12.42
C LEU B 456 20.90 6.11 -11.76
N ALA B 457 22.08 5.93 -11.17
CA ALA B 457 22.44 4.70 -10.49
C ALA B 457 22.30 4.87 -8.98
N VAL B 458 22.26 3.74 -8.28
CA VAL B 458 22.10 3.71 -6.83
C VAL B 458 23.09 2.74 -6.24
N THR B 459 23.68 3.11 -5.10
CA THR B 459 24.67 2.29 -4.42
C THR B 459 24.45 2.38 -2.92
N VAL B 460 23.98 1.28 -2.32
CA VAL B 460 23.60 1.27 -0.92
C VAL B 460 24.84 1.20 -0.03
N HIS B 461 24.66 1.43 1.27
CA HIS B 461 25.71 1.46 2.27
C HIS B 461 25.40 0.49 3.39
N ALA B 462 25.08 -0.77 3.04
CA ALA B 462 24.74 -1.77 4.03
C ALA B 462 25.60 -1.60 5.27
N GLY B 463 24.97 -1.33 6.40
CA GLY B 463 25.66 -0.77 7.54
C GLY B 463 26.43 -1.80 8.34
N GLU B 464 26.53 -1.50 9.64
CA GLU B 464 27.26 -2.33 10.60
C GLU B 464 26.33 -3.33 11.28
N ASN B 465 25.60 -4.10 10.47
CA ASN B 465 24.67 -5.16 10.90
C ASN B 465 23.35 -5.07 10.12
N ASP B 466 23.36 -5.50 8.86
CA ASP B 466 22.14 -5.51 8.06
C ASP B 466 21.47 -6.87 8.00
N ASP B 467 22.25 -7.95 8.05
CA ASP B 467 21.74 -9.31 8.22
C ASP B 467 20.78 -9.69 7.09
N VAL B 468 21.37 -9.80 5.90
CA VAL B 468 20.80 -10.47 4.74
C VAL B 468 19.46 -9.89 4.31
N GLU B 469 18.68 -9.38 5.27
CA GLU B 469 17.43 -8.75 4.89
C GLU B 469 17.65 -7.41 4.22
N GLY B 470 18.61 -6.62 4.70
CA GLY B 470 18.94 -5.38 4.02
C GLY B 470 19.52 -5.61 2.64
N ILE B 471 20.37 -6.62 2.50
CA ILE B 471 21.07 -6.89 1.25
C ILE B 471 20.09 -7.38 0.19
N TRP B 472 18.92 -7.85 0.63
CA TRP B 472 17.86 -8.23 -0.29
C TRP B 472 16.88 -7.10 -0.56
N GLN B 473 16.46 -6.39 0.48
CA GLN B 473 15.58 -5.24 0.29
C GLN B 473 16.21 -4.21 -0.63
N ALA B 474 17.53 -4.02 -0.53
CA ALA B 474 18.22 -3.06 -1.39
C ALA B 474 18.36 -3.58 -2.81
N VAL B 475 18.70 -4.86 -2.97
CA VAL B 475 18.95 -5.39 -4.31
C VAL B 475 17.67 -5.46 -5.12
N PHE B 476 16.55 -5.83 -4.49
CA PHE B 476 15.34 -6.12 -5.25
C PHE B 476 14.25 -5.06 -5.16
N LYS B 477 14.43 -4.04 -4.32
CA LYS B 477 13.44 -2.97 -4.25
C LYS B 477 14.01 -1.59 -4.59
N LEU B 478 15.27 -1.33 -4.28
CA LEU B 478 15.92 -0.10 -4.69
C LEU B 478 16.67 -0.24 -6.01
N SER B 479 16.75 -1.44 -6.57
CA SER B 479 17.49 -1.68 -7.81
C SER B 479 18.92 -1.17 -7.68
N ALA B 480 19.54 -1.41 -6.53
CA ALA B 480 20.91 -0.99 -6.31
C ALA B 480 21.85 -1.76 -7.23
N ARG B 481 22.82 -1.06 -7.79
CA ARG B 481 23.80 -1.66 -8.68
C ARG B 481 25.15 -1.87 -8.01
N ARG B 482 25.28 -1.51 -6.74
CA ARG B 482 26.47 -1.78 -5.95
C ARG B 482 26.06 -1.87 -4.50
N LEU B 483 26.83 -2.61 -3.72
CA LEU B 483 26.54 -2.79 -2.30
C LEU B 483 27.82 -2.56 -1.50
N GLY B 484 27.71 -1.80 -0.43
CA GLY B 484 28.85 -1.45 0.39
C GLY B 484 28.88 -2.26 1.67
N HIS B 485 30.05 -2.82 1.98
CA HIS B 485 30.27 -3.54 3.24
C HIS B 485 29.31 -4.71 3.38
N ALA B 486 29.07 -5.44 2.28
CA ALA B 486 28.21 -6.61 2.32
C ALA B 486 28.98 -7.83 2.85
N LEU B 487 29.37 -7.73 4.12
CA LEU B 487 30.26 -8.72 4.72
C LEU B 487 29.54 -9.93 5.26
N HIS B 488 28.23 -9.85 5.49
CA HIS B 488 27.44 -10.98 5.97
C HIS B 488 26.68 -11.64 4.83
N LEU B 489 27.12 -11.41 3.59
CA LEU B 489 26.43 -11.94 2.42
C LEU B 489 26.44 -13.47 2.37
N SER B 490 27.44 -14.10 2.97
CA SER B 490 27.57 -15.55 2.86
C SER B 490 26.47 -16.28 3.63
N ARG B 491 25.78 -15.59 4.54
CA ARG B 491 24.76 -16.22 5.36
C ARG B 491 23.73 -16.93 4.49
N SER B 492 23.06 -16.19 3.60
CA SER B 492 22.06 -16.76 2.73
C SER B 492 22.69 -17.23 1.42
N PRO B 493 22.66 -18.52 1.15
CA PRO B 493 23.27 -19.04 -0.10
C PRO B 493 22.50 -18.64 -1.33
N ASP B 494 21.33 -18.03 -1.16
CA ASP B 494 20.54 -17.53 -2.28
C ASP B 494 20.96 -16.13 -2.71
N LEU B 495 21.29 -15.25 -1.78
CA LEU B 495 21.81 -13.94 -2.13
C LEU B 495 23.18 -14.02 -2.78
N LEU B 496 24.04 -14.89 -2.28
CA LEU B 496 25.36 -15.05 -2.89
C LEU B 496 25.28 -15.56 -4.31
N ARG B 497 24.15 -16.14 -4.72
CA ARG B 497 23.94 -16.55 -6.09
C ARG B 497 23.19 -15.52 -6.92
N VAL B 498 22.19 -14.85 -6.34
CA VAL B 498 21.51 -13.78 -7.07
C VAL B 498 22.47 -12.64 -7.40
N VAL B 499 23.31 -12.25 -6.44
CA VAL B 499 24.29 -11.20 -6.69
C VAL B 499 25.23 -11.61 -7.81
N ALA B 500 25.73 -12.85 -7.77
CA ALA B 500 26.64 -13.31 -8.81
C ALA B 500 25.98 -13.34 -10.18
N GLU B 501 24.74 -13.81 -10.25
CA GLU B 501 24.06 -13.90 -11.54
C GLU B 501 23.75 -12.52 -12.11
N ARG B 502 23.17 -11.64 -11.29
CA ARG B 502 22.75 -10.33 -11.77
C ARG B 502 23.92 -9.38 -12.01
N GLY B 503 25.12 -9.73 -11.58
CA GLY B 503 26.26 -8.85 -11.78
C GLY B 503 26.21 -7.59 -10.93
N ILE B 504 25.95 -7.73 -9.63
CA ILE B 504 25.95 -6.60 -8.71
C ILE B 504 27.30 -6.57 -8.00
N ALA B 505 28.06 -5.51 -8.22
CA ALA B 505 29.37 -5.40 -7.59
C ALA B 505 29.23 -5.14 -6.10
N VAL B 506 30.21 -5.63 -5.34
CA VAL B 506 30.25 -5.46 -3.89
C VAL B 506 31.50 -4.66 -3.55
N GLU B 507 31.31 -3.51 -2.91
CA GLU B 507 32.43 -2.65 -2.53
C GLU B 507 32.88 -3.02 -1.12
N LEU B 508 34.16 -3.35 -0.98
CA LEU B 508 34.74 -3.72 0.30
C LEU B 508 35.83 -2.72 0.67
N CYS B 509 35.99 -2.50 1.97
CA CYS B 509 37.03 -1.61 2.49
C CYS B 509 37.82 -2.35 3.56
N PRO B 510 38.98 -2.92 3.23
CA PRO B 510 39.69 -3.75 4.22
C PRO B 510 40.00 -3.03 5.52
N TYR B 511 40.59 -1.82 5.46
CA TYR B 511 41.01 -1.15 6.69
C TYR B 511 39.82 -0.71 7.52
N ALA B 512 38.80 -0.13 6.89
CA ALA B 512 37.63 0.29 7.64
C ALA B 512 36.91 -0.90 8.27
N ASN B 513 36.75 -1.97 7.52
CA ASN B 513 36.10 -3.17 8.06
C ASN B 513 36.90 -3.73 9.23
N LEU B 514 38.23 -3.76 9.11
CA LEU B 514 39.06 -4.24 10.20
C LEU B 514 38.92 -3.35 11.44
N GLN B 515 38.89 -2.03 11.24
CA GLN B 515 38.87 -1.11 12.36
C GLN B 515 37.50 -1.02 13.03
N ILE B 516 36.43 -1.39 12.31
CA ILE B 516 35.10 -1.30 12.88
C ILE B 516 34.64 -2.67 13.38
N LYS B 517 34.47 -3.62 12.45
CA LYS B 517 33.98 -4.93 12.85
C LYS B 517 35.07 -5.78 13.49
N GLY B 518 36.31 -5.65 13.01
CA GLY B 518 37.38 -6.48 13.51
C GLY B 518 37.37 -7.84 12.87
N PHE B 519 38.53 -8.33 12.45
CA PHE B 519 38.66 -9.61 11.78
C PHE B 519 39.95 -10.28 12.22
N PRO B 520 40.03 -11.60 12.12
CA PRO B 520 41.30 -12.27 12.37
C PRO B 520 42.36 -11.81 11.39
N LEU B 521 43.59 -11.66 11.89
CA LEU B 521 44.69 -11.11 11.11
C LEU B 521 45.84 -12.10 11.01
N ASP B 522 46.53 -12.08 9.88
CA ASP B 522 47.72 -12.90 9.66
C ASP B 522 47.43 -14.38 9.89
N GLU B 523 46.29 -14.84 9.38
CA GLU B 523 45.90 -16.24 9.53
C GLU B 523 46.51 -17.08 8.43
N GLU B 524 46.74 -18.36 8.75
CA GLU B 524 47.33 -19.28 7.77
C GLU B 524 46.27 -19.84 6.83
N GLN B 525 45.12 -20.20 7.36
CA GLN B 525 44.03 -20.78 6.59
C GLN B 525 42.78 -19.91 6.77
N GLU B 526 41.68 -20.33 6.15
CA GLU B 526 40.43 -19.57 6.17
C GLU B 526 39.45 -20.27 7.09
N GLY B 527 39.01 -19.56 8.14
CA GLY B 527 38.08 -20.07 9.09
C GLY B 527 36.70 -19.45 8.95
N SER B 528 35.91 -19.58 10.02
CA SER B 528 34.55 -19.04 9.99
C SER B 528 34.57 -17.51 9.89
N GLU B 529 35.48 -16.86 10.62
CA GLU B 529 35.54 -15.40 10.67
C GLU B 529 36.53 -14.80 9.68
N THR B 530 37.10 -15.60 8.80
CA THR B 530 38.04 -15.07 7.81
C THR B 530 37.36 -14.02 6.94
N TYR B 531 38.13 -13.03 6.54
CA TYR B 531 37.59 -11.97 5.68
C TYR B 531 37.01 -12.59 4.42
N PRO B 532 35.80 -12.21 4.02
CA PRO B 532 35.10 -12.92 2.93
C PRO B 532 35.58 -12.58 1.53
N LEU B 533 36.72 -11.90 1.38
CA LEU B 533 37.16 -11.52 0.04
C LEU B 533 37.27 -12.74 -0.88
N ARG B 534 38.01 -13.76 -0.45
CA ARG B 534 38.19 -14.92 -1.31
C ARG B 534 36.92 -15.74 -1.42
N GLY B 535 36.11 -15.79 -0.37
CA GLY B 535 34.82 -16.46 -0.49
C GLY B 535 33.93 -15.80 -1.53
N TYR B 536 33.88 -14.46 -1.52
CA TYR B 536 33.12 -13.75 -2.54
C TYR B 536 33.69 -13.99 -3.92
N LEU B 537 35.01 -13.95 -4.06
CA LEU B 537 35.62 -14.14 -5.38
C LEU B 537 35.33 -15.53 -5.93
N ALA B 538 35.36 -16.55 -5.08
CA ALA B 538 35.14 -17.91 -5.55
C ALA B 538 33.73 -18.07 -6.13
N ALA B 539 32.72 -17.54 -5.45
CA ALA B 539 31.34 -17.69 -5.90
C ALA B 539 31.07 -16.97 -7.21
N GLY B 540 31.96 -16.10 -7.66
CA GLY B 540 31.76 -15.34 -8.88
C GLY B 540 31.32 -13.91 -8.68
N VAL B 541 31.16 -13.46 -7.43
CA VAL B 541 30.77 -12.09 -7.17
C VAL B 541 31.83 -11.14 -7.73
N ALA B 542 31.42 -9.90 -7.99
CA ALA B 542 32.34 -8.88 -8.50
C ALA B 542 32.77 -8.00 -7.34
N VAL B 543 33.82 -8.43 -6.63
CA VAL B 543 34.30 -7.75 -5.43
C VAL B 543 35.29 -6.67 -5.83
N THR B 544 35.19 -5.52 -5.15
CA THR B 544 36.07 -4.39 -5.39
C THR B 544 36.66 -3.91 -4.08
N LEU B 545 37.84 -3.32 -4.15
CA LEU B 545 38.56 -2.83 -2.99
C LEU B 545 38.67 -1.31 -3.08
N ASN B 546 38.34 -0.63 -1.98
CA ASN B 546 38.25 0.82 -1.96
C ASN B 546 38.83 1.32 -0.64
N THR B 547 38.65 2.61 -0.37
CA THR B 547 39.27 3.25 0.79
C THR B 547 38.29 3.80 1.81
N ASP B 548 37.00 3.90 1.49
CA ASP B 548 36.02 4.43 2.43
C ASP B 548 36.33 5.89 2.77
N ASN B 549 36.97 6.13 3.91
CA ASN B 549 37.38 7.45 4.34
C ASN B 549 38.90 7.48 4.42
N LEU B 550 39.53 8.28 3.56
CA LEU B 550 40.99 8.34 3.56
C LEU B 550 41.52 8.88 4.88
N GLY B 551 41.02 10.03 5.31
CA GLY B 551 41.58 10.67 6.50
C GLY B 551 41.36 9.85 7.75
N ILE B 552 40.13 9.37 7.96
CA ILE B 552 39.82 8.65 9.19
C ILE B 552 40.54 7.31 9.21
N SER B 553 40.47 6.57 8.10
CA SER B 553 41.14 5.27 8.04
C SER B 553 42.66 5.41 8.09
N GLN B 554 43.18 6.55 7.65
CA GLN B 554 44.62 6.81 7.65
C GLN B 554 45.36 5.74 6.85
N ALA B 555 44.77 5.33 5.73
CA ALA B 555 45.40 4.35 4.84
C ALA B 555 44.90 4.58 3.43
N SER B 556 45.83 4.68 2.48
CA SER B 556 45.48 4.97 1.09
C SER B 556 44.96 3.70 0.41
N LEU B 557 44.74 3.78 -0.90
CA LEU B 557 44.26 2.62 -1.63
C LEU B 557 45.29 1.50 -1.63
N THR B 558 46.57 1.85 -1.76
CA THR B 558 47.62 0.84 -1.75
C THR B 558 47.67 0.11 -0.41
N ASP B 559 47.53 0.85 0.69
CA ASP B 559 47.51 0.22 2.01
C ASP B 559 46.35 -0.76 2.13
N ASN B 560 45.17 -0.37 1.64
CA ASN B 560 44.03 -1.28 1.66
C ASN B 560 44.30 -2.52 0.83
N LEU B 561 44.86 -2.34 -0.38
CA LEU B 561 45.14 -3.49 -1.22
C LEU B 561 46.11 -4.45 -0.55
N LEU B 562 47.18 -3.91 0.04
CA LEU B 562 48.18 -4.77 0.68
C LEU B 562 47.68 -5.38 1.97
N LEU B 563 46.68 -4.78 2.61
CA LEU B 563 46.14 -5.38 3.84
C LEU B 563 45.33 -6.63 3.56
N THR B 564 44.91 -6.86 2.31
CA THR B 564 44.17 -8.08 2.00
C THR B 564 45.05 -9.31 2.23
N ALA B 565 46.33 -9.22 1.86
CA ALA B 565 47.23 -10.35 2.08
C ALA B 565 47.36 -10.72 3.54
N ARG B 566 47.05 -9.80 4.45
CA ARG B 566 47.00 -10.11 5.88
C ARG B 566 45.61 -10.55 6.31
N LEU B 567 44.57 -9.98 5.70
CA LEU B 567 43.20 -10.36 6.06
C LEU B 567 42.82 -11.69 5.44
N CYS B 568 43.09 -11.87 4.15
CA CYS B 568 42.75 -13.10 3.46
C CYS B 568 44.00 -13.92 3.19
N PRO B 569 44.24 -15.01 3.90
CA PRO B 569 45.43 -15.82 3.64
C PRO B 569 45.41 -16.37 2.23
N GLY B 570 46.59 -16.38 1.60
CA GLY B 570 46.75 -16.96 0.28
C GLY B 570 46.29 -16.12 -0.88
N ILE B 571 45.85 -14.88 -0.64
CA ILE B 571 45.41 -14.03 -1.73
C ILE B 571 46.56 -13.84 -2.71
N THR B 572 46.26 -13.99 -4.00
CA THR B 572 47.27 -13.89 -5.05
C THR B 572 47.24 -12.52 -5.71
N ARG B 573 48.23 -12.27 -6.56
CA ARG B 573 48.31 -10.99 -7.25
C ARG B 573 47.30 -10.91 -8.38
N LEU B 574 47.10 -12.03 -9.10
CA LEU B 574 46.12 -12.04 -10.17
C LEU B 574 44.73 -11.70 -9.65
N GLU B 575 44.43 -12.05 -8.39
CA GLU B 575 43.14 -11.69 -7.83
C GLU B 575 43.07 -10.19 -7.52
N VAL B 576 44.20 -9.57 -7.17
CA VAL B 576 44.22 -8.11 -7.05
C VAL B 576 43.90 -7.46 -8.38
N LEU B 577 44.52 -7.97 -9.46
CA LEU B 577 44.23 -7.43 -10.78
C LEU B 577 42.77 -7.65 -11.15
N LYS B 578 42.22 -8.82 -10.80
CA LYS B 578 40.82 -9.09 -11.07
C LYS B 578 39.91 -8.13 -10.32
N THR B 579 40.26 -7.81 -9.07
CA THR B 579 39.47 -6.84 -8.33
C THR B 579 39.52 -5.47 -8.99
N GLN B 580 40.70 -5.07 -9.47
CA GLN B 580 40.80 -3.80 -10.18
C GLN B 580 39.93 -3.79 -11.43
N VAL B 581 39.93 -4.90 -12.18
CA VAL B 581 39.14 -4.96 -13.41
C VAL B 581 37.65 -4.94 -13.09
N PHE B 582 37.23 -5.66 -12.05
CA PHE B 582 35.83 -5.61 -11.63
C PHE B 582 35.42 -4.20 -11.21
N ALA B 583 36.29 -3.51 -10.47
CA ALA B 583 35.98 -2.14 -10.07
C ALA B 583 35.84 -1.25 -11.30
N ALA B 584 36.73 -1.40 -12.28
CA ALA B 584 36.63 -0.60 -13.49
C ALA B 584 35.35 -0.90 -14.25
N GLN B 585 34.97 -2.16 -14.34
CA GLN B 585 33.81 -2.55 -15.13
C GLN B 585 32.49 -2.24 -14.44
N ALA B 586 32.49 -2.16 -13.11
CA ALA B 586 31.27 -1.89 -12.35
C ALA B 586 31.06 -0.41 -12.06
N ALA B 587 31.91 0.46 -12.59
CA ALA B 587 31.79 1.88 -12.34
C ALA B 587 30.65 2.47 -13.18
N PHE B 588 30.21 3.66 -12.78
CA PHE B 588 29.07 4.32 -13.41
C PHE B 588 29.46 5.21 -14.58
N ALA B 589 30.63 4.97 -15.18
CA ALA B 589 31.09 5.80 -16.28
C ALA B 589 30.29 5.51 -17.54
N ASN B 590 30.44 6.37 -18.54
CA ASN B 590 29.87 6.16 -19.85
C ASN B 590 30.95 5.68 -20.81
N GLN B 591 30.65 5.65 -22.11
CA GLN B 591 31.56 5.04 -23.06
C GLN B 591 32.91 5.73 -23.08
N ALA B 592 32.94 7.06 -23.06
CA ALA B 592 34.21 7.77 -23.13
C ALA B 592 35.06 7.51 -21.90
N GLU B 593 34.48 7.67 -20.71
CA GLU B 593 35.23 7.44 -19.49
C GLU B 593 35.68 5.99 -19.38
N ARG B 594 34.80 5.05 -19.75
CA ARG B 594 35.18 3.64 -19.69
C ARG B 594 36.31 3.34 -20.64
N LYS B 595 36.28 3.90 -21.84
CA LYS B 595 37.35 3.66 -22.80
C LYS B 595 38.67 4.23 -22.32
N ALA B 596 38.65 5.44 -21.75
CA ALA B 596 39.87 6.00 -21.19
C ALA B 596 40.39 5.13 -20.05
N LEU B 597 39.49 4.67 -19.18
CA LEU B 597 39.91 3.83 -18.06
C LEU B 597 40.52 2.53 -18.56
N TRP B 598 39.92 1.92 -19.58
CA TRP B 598 40.45 0.66 -20.10
C TRP B 598 41.81 0.87 -20.76
N ALA B 599 41.98 1.97 -21.49
CA ALA B 599 43.28 2.27 -22.06
C ALA B 599 44.32 2.48 -20.95
N ARG B 600 43.91 3.08 -19.84
CA ARG B 600 44.84 3.31 -18.74
C ARG B 600 45.15 2.04 -17.97
N LEU B 601 44.24 1.07 -17.96
CA LEU B 601 44.43 -0.14 -17.18
C LEU B 601 45.44 -1.08 -17.81
N ALA B 602 45.58 -1.05 -19.14
CA ALA B 602 46.47 -1.99 -19.82
C ALA B 602 47.92 -1.84 -19.41
N GLN B 603 48.29 -0.71 -18.80
CA GLN B 603 49.67 -0.43 -18.46
C GLN B 603 49.99 -0.95 -17.06
N VAL B 604 50.05 -2.28 -16.95
CA VAL B 604 50.41 -2.91 -15.69
C VAL B 604 51.92 -2.81 -15.48
N PRO B 605 52.40 -2.37 -14.31
CA PRO B 605 53.84 -2.24 -14.10
C PRO B 605 54.50 -3.61 -14.00
N VAL B 606 55.59 -3.79 -14.73
CA VAL B 606 56.30 -5.08 -14.73
C VAL B 606 56.90 -5.31 -13.35
N PRO B 607 56.89 -6.54 -12.83
CA PRO B 607 57.45 -6.79 -11.51
C PRO B 607 58.95 -6.54 -11.49
N THR B 608 59.45 -6.15 -10.31
CA THR B 608 60.86 -5.84 -10.14
C THR B 608 61.72 -7.07 -9.85
N ASP B 609 61.11 -8.20 -9.49
CA ASP B 609 61.86 -9.38 -9.08
C ASP B 609 61.71 -10.54 -10.05
N THR B 610 60.47 -10.96 -10.34
CA THR B 610 60.22 -12.09 -11.24
C THR B 610 60.55 -13.41 -10.55
N GLU B 611 61.13 -13.35 -9.35
CA GLU B 611 61.52 -14.54 -8.62
C GLU B 611 62.15 -14.17 -7.27
PC A23 C 2 81.41 -19.42 -52.72
O1C A23 C 2 79.92 -19.82 -53.32
O2C A23 C 2 82.35 -19.27 -53.83
P A23 C 2 83.40 -20.86 -46.45
OP1 A23 C 2 84.80 -20.79 -47.00
OP2 A23 C 2 83.15 -19.74 -45.48
O5' A23 C 2 82.28 -20.84 -47.66
C5' A23 C 2 82.71 -20.90 -49.00
C4' A23 C 2 82.02 -19.84 -49.75
O4' A23 C 2 82.19 -18.32 -48.93
C3' A23 C 2 82.57 -19.68 -50.89
O3' A23 C 2 81.83 -20.36 -51.93
C2' A23 C 2 82.36 -18.01 -51.25
O2' A23 C 2 81.32 -18.02 -51.89
C1' A23 C 2 82.25 -17.31 -49.88
N9 A23 C 2 83.44 -16.54 -49.70
C8 A23 C 2 84.66 -17.06 -49.62
N7 A23 C 2 85.53 -16.08 -49.46
C5 A23 C 2 84.87 -14.90 -49.46
C6 A23 C 2 85.24 -13.56 -49.35
N6 A23 C 2 86.63 -13.19 -49.17
N1 A23 C 2 84.30 -12.61 -49.39
C2 A23 C 2 83.03 -12.95 -49.54
N3 A23 C 2 82.64 -14.21 -49.66
C4 A23 C 2 83.54 -15.21 -49.63
PC A23 D 2 81.34 -28.83 -48.41
O1C A23 D 2 80.35 -29.33 -47.19
O2C A23 D 2 82.65 -28.48 -47.86
P A23 D 2 77.58 -25.80 -52.99
OP1 A23 D 2 76.21 -25.75 -53.60
OP2 A23 D 2 77.71 -24.79 -51.87
O5' A23 D 2 77.91 -27.31 -52.42
C5' A23 D 2 79.25 -27.60 -52.10
C4' A23 D 2 79.32 -27.94 -50.66
O4' A23 D 2 78.41 -29.38 -50.36
C3' A23 D 2 80.53 -28.18 -50.34
O3' A23 D 2 80.82 -27.79 -48.99
C2' A23 D 2 80.66 -29.88 -50.31
O2' A23 D 2 81.52 -30.06 -49.47
C1' A23 D 2 79.28 -30.31 -49.80
N9 A23 D 2 78.98 -31.63 -50.26
C8 A23 D 2 79.22 -32.10 -51.48
N7 A23 D 2 78.82 -33.36 -51.53
C5 A23 D 2 78.32 -33.72 -50.33
C6 A23 D 2 77.75 -34.88 -49.78
N6 A23 D 2 77.61 -36.07 -50.60
N1 A23 D 2 77.34 -34.88 -48.52
C2 A23 D 2 77.47 -33.80 -47.78
N3 A23 D 2 77.99 -32.67 -48.25
C4 A23 D 2 78.43 -32.60 -49.52
N MET E 1 -44.50 -49.83 50.15
CA MET E 1 -45.84 -49.79 49.57
C MET E 1 -45.97 -50.76 48.41
N ARG E 2 -46.84 -51.76 48.57
CA ARG E 2 -47.11 -52.74 47.52
C ARG E 2 -48.62 -52.89 47.41
N ILE E 3 -49.21 -52.33 46.36
CA ILE E 3 -50.66 -52.32 46.17
C ILE E 3 -51.00 -53.33 45.11
N LEU E 4 -51.73 -54.38 45.50
CA LEU E 4 -52.17 -55.40 44.57
C LEU E 4 -53.57 -55.09 44.06
N LEU E 5 -53.75 -55.13 42.75
CA LEU E 5 -55.04 -54.89 42.11
C LEU E 5 -55.49 -56.17 41.44
N CYS E 6 -56.75 -56.54 41.65
CA CYS E 6 -57.26 -57.81 41.15
C CYS E 6 -58.74 -57.66 40.80
N SER E 7 -59.23 -58.60 40.01
CA SER E 7 -60.62 -58.64 39.59
C SER E 7 -61.31 -59.87 40.15
N VAL E 8 -62.61 -59.73 40.41
CA VAL E 8 -63.43 -60.81 40.97
C VAL E 8 -64.51 -61.18 39.97
N GLY E 9 -64.59 -62.46 39.65
CA GLY E 9 -65.68 -62.98 38.83
C GLY E 9 -66.60 -63.87 39.64
N THR E 10 -66.77 -65.11 39.20
CA THR E 10 -67.55 -66.07 39.99
C THR E 10 -66.75 -66.59 41.17
N SER E 11 -65.43 -66.70 41.04
CA SER E 11 -64.57 -67.24 42.09
C SER E 11 -64.03 -66.07 42.91
N TRP E 12 -64.77 -65.72 43.97
CA TRP E 12 -64.30 -64.67 44.88
C TRP E 12 -63.05 -65.07 45.64
N ALA E 13 -62.76 -66.37 45.72
CA ALA E 13 -61.61 -66.86 46.48
C ALA E 13 -60.28 -66.44 45.86
N VAL E 14 -60.27 -65.95 44.63
CA VAL E 14 -59.02 -65.54 44.00
C VAL E 14 -58.38 -64.41 44.78
N VAL E 15 -59.18 -63.43 45.21
CA VAL E 15 -58.63 -62.29 45.95
C VAL E 15 -57.89 -62.74 47.20
N PRO E 16 -58.46 -63.57 48.07
CA PRO E 16 -57.69 -64.05 49.23
C PRO E 16 -56.45 -64.83 48.85
N GLU E 17 -56.49 -65.56 47.73
CA GLU E 17 -55.35 -66.39 47.35
C GLU E 17 -54.11 -65.55 47.10
N ALA E 18 -54.26 -64.43 46.39
CA ALA E 18 -53.10 -63.61 46.07
C ALA E 18 -52.58 -62.84 47.27
N MET E 19 -53.37 -62.71 48.34
CA MET E 19 -52.93 -61.97 49.51
C MET E 19 -51.74 -62.63 50.21
N GLN E 20 -51.47 -63.89 49.91
CA GLN E 20 -50.36 -64.62 50.51
C GLN E 20 -49.22 -64.87 49.53
N LEU E 21 -49.16 -64.09 48.44
CA LEU E 21 -48.09 -64.26 47.47
C LEU E 21 -46.73 -64.01 48.09
N LEU E 22 -46.60 -62.94 48.88
CA LEU E 22 -45.34 -62.58 49.51
C LEU E 22 -45.18 -63.18 50.91
N GLY E 23 -46.23 -63.78 51.46
CA GLY E 23 -46.14 -64.37 52.78
C GLY E 23 -46.79 -63.54 53.86
N SER E 24 -46.26 -63.61 55.08
CA SER E 24 -46.87 -62.94 56.22
C SER E 24 -46.72 -61.43 56.15
N GLN E 25 -45.84 -60.91 55.29
CA GLN E 25 -45.65 -59.46 55.23
C GLN E 25 -46.93 -58.76 54.81
N GLY E 26 -47.65 -59.32 53.83
CA GLY E 26 -48.93 -58.78 53.44
C GLY E 26 -48.85 -57.54 52.57
N PHE E 27 -49.81 -57.38 51.67
CA PHE E 27 -49.87 -56.21 50.82
C PHE E 27 -50.61 -55.08 51.54
N ASP E 28 -49.98 -53.91 51.61
CA ASP E 28 -50.56 -52.83 52.39
C ASP E 28 -51.92 -52.42 51.85
N GLU E 29 -52.06 -52.32 50.52
CA GLU E 29 -53.29 -51.90 49.89
C GLU E 29 -53.66 -52.89 48.79
N VAL E 30 -54.68 -53.69 49.04
CA VAL E 30 -55.19 -54.65 48.06
C VAL E 30 -56.54 -54.15 47.59
N HIS E 31 -56.70 -54.01 46.28
CA HIS E 31 -57.90 -53.44 45.69
C HIS E 31 -58.49 -54.43 44.69
N VAL E 32 -59.81 -54.41 44.55
CA VAL E 32 -60.53 -55.35 43.71
C VAL E 32 -61.48 -54.59 42.81
N LEU E 33 -61.55 -54.99 41.54
CA LEU E 33 -62.45 -54.42 40.56
C LEU E 33 -63.15 -55.54 39.82
N THR E 34 -64.47 -55.42 39.65
CA THR E 34 -65.27 -56.46 39.03
C THR E 34 -66.43 -55.81 38.28
N THR E 35 -67.41 -56.62 37.91
CA THR E 35 -68.52 -56.20 37.07
C THR E 35 -69.75 -55.87 37.92
N ALA E 36 -70.82 -55.44 37.25
CA ALA E 36 -72.07 -55.08 37.90
C ALA E 36 -73.13 -56.17 37.80
N SER E 37 -72.77 -57.35 37.29
CA SER E 37 -73.75 -58.42 37.17
C SER E 37 -74.22 -58.87 38.54
N SER E 38 -75.49 -59.29 38.61
CA SER E 38 -76.04 -59.78 39.88
C SER E 38 -75.28 -61.00 40.36
N LYS E 39 -74.90 -61.89 39.44
CA LYS E 39 -74.16 -63.09 39.82
C LYS E 39 -72.86 -62.78 40.54
N ILE E 40 -72.39 -61.53 40.50
CA ILE E 40 -71.23 -61.12 41.28
C ILE E 40 -71.61 -60.57 42.65
N SER E 41 -72.86 -60.12 42.83
CA SER E 41 -73.26 -59.54 44.11
C SER E 41 -73.02 -60.49 45.28
N PRO E 42 -73.48 -61.75 45.25
CA PRO E 42 -73.21 -62.65 46.38
C PRO E 42 -71.73 -62.93 46.57
N GLY E 43 -70.91 -62.76 45.55
CA GLY E 43 -69.48 -62.98 45.65
C GLY E 43 -68.71 -61.88 46.33
N VAL E 44 -69.36 -60.77 46.66
CA VAL E 44 -68.69 -59.64 47.30
C VAL E 44 -68.85 -59.75 48.82
N GLU E 45 -69.96 -60.33 49.26
CA GLU E 45 -70.18 -60.51 50.70
C GLU E 45 -69.10 -61.38 51.31
N GLN E 46 -68.72 -62.47 50.63
CA GLN E 46 -67.66 -63.32 51.14
C GLN E 46 -66.35 -62.54 51.23
N LEU E 47 -66.04 -61.75 50.21
CA LEU E 47 -64.83 -60.92 50.26
C LEU E 47 -64.91 -59.89 51.38
N LEU E 48 -66.03 -59.15 51.44
CA LEU E 48 -66.20 -58.18 52.52
C LEU E 48 -66.19 -58.87 53.88
N ARG E 49 -66.91 -59.99 54.00
CA ARG E 49 -66.87 -60.74 55.25
C ARG E 49 -65.49 -61.32 55.51
N TYR E 50 -64.71 -61.56 54.45
CA TYR E 50 -63.33 -62.01 54.60
C TYR E 50 -62.36 -60.87 54.89
N PHE E 51 -62.84 -59.63 54.84
CA PHE E 51 -61.97 -58.48 55.04
C PHE E 51 -61.92 -58.00 56.48
N GLU E 52 -63.06 -57.99 57.19
CA GLU E 52 -63.03 -57.61 58.59
C GLU E 52 -62.17 -58.57 59.40
N MET E 53 -62.28 -59.86 59.11
CA MET E 53 -61.32 -60.83 59.63
C MET E 53 -60.04 -60.75 58.81
N HIS E 54 -58.90 -60.68 59.49
CA HIS E 54 -57.65 -60.32 58.84
C HIS E 54 -57.76 -58.91 58.28
N PRO E 55 -58.03 -57.91 59.14
CA PRO E 55 -58.26 -56.55 58.65
C PRO E 55 -57.02 -55.66 58.61
N GLY E 56 -55.82 -56.21 58.78
CA GLY E 56 -54.62 -55.42 58.79
C GLY E 56 -54.47 -54.57 57.56
N PRO E 57 -54.24 -55.19 56.40
CA PRO E 57 -54.15 -54.43 55.16
C PRO E 57 -55.48 -53.76 54.82
N ARG E 58 -55.38 -52.56 54.26
CA ARG E 58 -56.57 -51.83 53.86
C ARG E 58 -57.24 -52.53 52.68
N PHE E 59 -58.57 -52.40 52.62
CA PHE E 59 -59.37 -53.09 51.62
C PHE E 59 -60.32 -52.12 50.95
N SER E 60 -60.70 -52.46 49.72
CA SER E 60 -61.67 -51.70 48.95
C SER E 60 -62.04 -52.51 47.71
N ILE E 61 -63.25 -52.30 47.23
CA ILE E 61 -63.75 -53.00 46.04
C ILE E 61 -64.53 -52.01 45.19
N SER E 62 -64.31 -52.09 43.88
CA SER E 62 -65.00 -51.23 42.92
C SER E 62 -65.89 -52.09 42.03
N ARG E 63 -67.15 -51.69 41.89
CA ARG E 63 -68.09 -52.36 41.02
C ARG E 63 -68.41 -51.46 39.84
N VAL E 64 -68.16 -51.96 38.63
CA VAL E 64 -68.36 -51.17 37.41
C VAL E 64 -69.86 -51.03 37.17
N GLN E 65 -70.38 -49.80 37.32
CA GLN E 65 -71.82 -49.59 37.23
C GLN E 65 -72.36 -49.96 35.85
N ASP E 66 -71.64 -49.60 34.79
CA ASP E 66 -72.11 -49.79 33.43
C ASP E 66 -71.64 -51.12 32.82
N PHE E 67 -70.96 -51.96 33.60
CA PHE E 67 -70.48 -53.26 33.12
C PHE E 67 -71.07 -54.34 34.02
N GLU E 68 -72.18 -54.93 33.59
CA GLU E 68 -72.78 -56.08 34.27
C GLU E 68 -72.32 -57.39 33.65
N ASP E 69 -72.55 -57.56 32.36
CA ASP E 69 -72.15 -58.76 31.64
C ASP E 69 -71.45 -58.36 30.34
N LEU E 70 -70.57 -59.23 29.87
CA LEU E 70 -69.82 -59.00 28.64
C LEU E 70 -70.63 -59.55 27.47
N ARG E 71 -71.06 -58.66 26.57
CA ARG E 71 -71.87 -59.04 25.42
C ARG E 71 -71.32 -58.53 24.10
N SER E 72 -70.23 -57.78 24.11
CA SER E 72 -69.65 -57.24 22.88
C SER E 72 -68.36 -56.51 23.25
N GLU E 73 -67.63 -56.07 22.22
CA GLU E 73 -66.39 -55.35 22.45
C GLU E 73 -66.63 -54.03 23.16
N GLN E 74 -67.76 -53.37 22.87
CA GLN E 74 -68.06 -52.09 23.50
C GLN E 74 -68.00 -52.20 25.02
N ASP E 75 -68.42 -53.35 25.57
CA ASP E 75 -68.22 -53.60 26.98
C ASP E 75 -66.73 -53.67 27.33
N HIS E 76 -65.93 -54.20 26.40
CA HIS E 76 -64.49 -54.27 26.63
C HIS E 76 -63.89 -52.89 26.82
N MET E 77 -64.20 -51.96 25.91
CA MET E 77 -63.62 -50.62 26.01
C MET E 77 -64.01 -49.94 27.31
N LEU E 78 -65.28 -50.08 27.71
CA LEU E 78 -65.71 -49.49 28.97
C LEU E 78 -64.88 -50.03 30.13
N PHE E 79 -64.71 -51.36 30.18
CA PHE E 79 -63.87 -51.95 31.21
C PHE E 79 -62.42 -51.50 31.07
N GLU E 80 -61.92 -51.46 29.84
CA GLU E 80 -60.53 -51.09 29.61
C GLU E 80 -60.25 -49.69 30.14
N GLU E 81 -61.11 -48.73 29.81
CA GLU E 81 -60.92 -47.36 30.26
C GLU E 81 -60.86 -47.30 31.79
N VAL E 82 -61.80 -47.96 32.45
CA VAL E 82 -61.81 -47.96 33.91
C VAL E 82 -60.55 -48.63 34.45
N LEU E 83 -60.14 -49.74 33.85
CA LEU E 83 -58.96 -50.45 34.33
C LEU E 83 -57.76 -49.51 34.42
N TRP E 84 -57.49 -48.78 33.35
CA TRP E 84 -56.33 -47.89 33.34
C TRP E 84 -56.49 -46.77 34.37
N ARG E 85 -57.68 -46.18 34.46
CA ARG E 85 -57.90 -45.12 35.44
C ARG E 85 -57.96 -45.66 36.85
N TRP E 86 -58.57 -46.83 37.04
CA TRP E 86 -58.65 -47.41 38.38
C TRP E 86 -57.26 -47.73 38.93
N LEU E 87 -56.39 -48.29 38.10
CA LEU E 87 -55.04 -48.61 38.55
C LEU E 87 -54.26 -47.34 38.89
N LEU E 88 -54.36 -46.32 38.03
CA LEU E 88 -53.63 -45.07 38.28
C LEU E 88 -54.11 -44.40 39.57
N GLN E 89 -55.43 -44.36 39.78
CA GLN E 89 -55.96 -43.79 41.01
C GLN E 89 -55.60 -44.66 42.21
N ARG E 90 -55.85 -45.97 42.10
CA ARG E 90 -55.58 -46.89 43.20
C ARG E 90 -54.09 -47.22 43.32
N ALA E 91 -53.34 -47.16 42.22
CA ALA E 91 -51.92 -47.51 42.21
C ALA E 91 -51.15 -46.36 41.59
N PRO E 92 -50.83 -45.33 42.37
CA PRO E 92 -50.22 -44.13 41.80
C PRO E 92 -48.84 -44.35 41.20
N GLN E 93 -48.13 -45.41 41.60
CA GLN E 93 -46.74 -45.59 41.20
C GLN E 93 -46.56 -46.92 40.50
N ALA E 94 -45.60 -46.97 39.57
CA ALA E 94 -45.35 -48.20 38.83
C ALA E 94 -44.69 -49.26 39.71
N ALA E 95 -43.73 -48.85 40.55
CA ALA E 95 -43.01 -49.78 41.40
C ALA E 95 -43.85 -50.31 42.55
N HIS E 96 -45.02 -49.72 42.80
CA HIS E 96 -45.89 -50.13 43.90
C HIS E 96 -47.13 -50.86 43.42
N ARG E 97 -47.10 -51.43 42.22
CA ARG E 97 -48.26 -52.08 41.62
C ARG E 97 -48.02 -53.57 41.46
N TYR E 98 -48.96 -54.38 41.92
CA TYR E 98 -48.97 -55.82 41.73
C TYR E 98 -50.32 -56.23 41.18
N ILE E 99 -50.30 -57.03 40.11
CA ILE E 99 -51.52 -57.39 39.39
C ILE E 99 -51.60 -58.91 39.27
N CYS E 100 -52.76 -59.47 39.57
CA CYS E 100 -53.01 -60.90 39.49
C CYS E 100 -54.06 -61.17 38.41
N LEU E 101 -53.88 -62.27 37.68
CA LEU E 101 -54.64 -62.52 36.47
C LEU E 101 -55.72 -63.59 36.63
N ALA E 102 -56.00 -64.02 37.86
CA ALA E 102 -57.03 -65.03 38.06
C ALA E 102 -58.42 -64.48 37.75
N GLY E 103 -58.76 -63.32 38.30
CA GLY E 103 -60.10 -62.80 38.18
C GLY E 103 -60.37 -62.14 36.84
N GLY E 104 -61.66 -62.02 36.53
CA GLY E 104 -62.11 -61.33 35.33
C GLY E 104 -62.33 -62.28 34.16
N TYR E 105 -62.91 -61.71 33.11
CA TYR E 105 -63.17 -62.46 31.89
C TYR E 105 -61.85 -62.82 31.20
N LYS E 106 -61.92 -63.74 30.25
CA LYS E 106 -60.74 -64.12 29.48
C LYS E 106 -60.01 -62.89 28.95
N THR E 107 -60.71 -62.07 28.14
CA THR E 107 -60.07 -60.86 27.61
C THR E 107 -59.68 -59.92 28.73
N ILE E 108 -60.53 -59.78 29.74
CA ILE E 108 -60.20 -58.93 30.88
C ILE E 108 -58.90 -59.39 31.53
N SER E 109 -58.66 -60.71 31.55
CA SER E 109 -57.38 -61.20 32.01
C SER E 109 -56.24 -60.70 31.12
N ALA E 110 -56.46 -60.71 29.80
CA ALA E 110 -55.46 -60.21 28.87
C ALA E 110 -55.43 -58.69 28.80
N ALA E 111 -56.53 -58.01 29.15
CA ALA E 111 -56.57 -56.56 29.02
C ALA E 111 -55.57 -55.89 29.95
N MET E 112 -55.57 -56.26 31.23
CA MET E 112 -54.64 -55.67 32.18
C MET E 112 -53.19 -55.98 31.81
N GLN E 113 -52.95 -57.10 31.13
CA GLN E 113 -51.60 -57.42 30.68
C GLN E 113 -50.99 -56.25 29.94
N ARG E 114 -51.76 -55.65 29.03
CA ARG E 114 -51.30 -54.42 28.38
C ARG E 114 -51.15 -53.31 29.40
N ALA E 115 -52.13 -53.18 30.31
CA ALA E 115 -52.05 -52.13 31.32
C ALA E 115 -50.82 -52.31 32.21
N ALA E 116 -50.52 -53.55 32.59
CA ALA E 116 -49.31 -53.80 33.37
C ALA E 116 -48.05 -53.59 32.55
N ALA E 117 -48.13 -53.68 31.23
CA ALA E 117 -46.99 -53.53 30.34
C ALA E 117 -46.87 -52.12 29.75
N LEU E 118 -47.96 -51.57 29.24
CA LEU E 118 -47.89 -50.21 28.70
C LEU E 118 -47.53 -49.19 29.77
N PHE E 119 -48.11 -49.32 30.96
CA PHE E 119 -47.86 -48.38 32.04
C PHE E 119 -46.81 -48.88 33.04
N GLY E 120 -46.23 -50.05 32.80
CA GLY E 120 -45.23 -50.57 33.70
C GLY E 120 -45.83 -51.26 34.90
N ALA E 121 -45.35 -52.47 35.21
CA ALA E 121 -45.87 -53.24 36.33
C ALA E 121 -44.71 -53.76 37.17
N CYS E 122 -44.79 -53.53 38.49
CA CYS E 122 -43.79 -54.08 39.39
C CYS E 122 -43.80 -55.60 39.39
N GLU E 123 -44.99 -56.21 39.34
CA GLU E 123 -45.10 -57.66 39.33
C GLU E 123 -46.49 -58.10 38.88
N VAL E 124 -46.53 -59.00 37.89
CA VAL E 124 -47.78 -59.59 37.40
C VAL E 124 -47.70 -61.09 37.69
N PHE E 125 -48.72 -61.62 38.36
CA PHE E 125 -48.69 -62.99 38.85
C PHE E 125 -50.09 -63.59 38.78
N HIS E 126 -50.13 -64.91 38.94
CA HIS E 126 -51.38 -65.67 38.94
C HIS E 126 -51.38 -66.66 40.09
N VAL E 127 -52.58 -66.96 40.58
CA VAL E 127 -52.77 -67.87 41.71
C VAL E 127 -53.58 -69.07 41.23
N LEU E 128 -53.11 -70.26 41.56
CA LEU E 128 -53.74 -71.51 41.17
C LEU E 128 -54.26 -72.24 42.40
N CYS E 129 -55.43 -72.85 42.28
CA CYS E 129 -56.07 -73.57 43.37
C CYS E 129 -56.14 -75.06 43.04
N GLU E 130 -55.62 -75.88 43.95
CA GLU E 130 -55.69 -77.32 43.78
C GLU E 130 -57.11 -77.81 44.00
N PRO E 131 -57.66 -78.64 43.11
CA PRO E 131 -59.04 -79.11 43.29
C PRO E 131 -59.19 -80.06 44.48
N ARG E 132 -58.85 -79.58 45.67
CA ARG E 132 -58.94 -80.36 46.90
C ARG E 132 -59.71 -79.59 47.97
N PHE E 133 -60.83 -78.99 47.58
CA PHE E 133 -61.68 -78.26 48.51
C PHE E 133 -63.14 -78.42 48.09
N GLY E 134 -64.03 -78.25 49.07
CA GLY E 134 -65.44 -78.46 48.85
C GLY E 134 -65.80 -79.93 48.88
N PRO E 135 -67.09 -80.24 48.73
CA PRO E 135 -67.51 -81.64 48.72
C PRO E 135 -66.87 -82.41 47.57
N GLN E 136 -66.58 -83.68 47.82
CA GLN E 136 -65.96 -84.63 46.90
C GLN E 136 -64.46 -84.39 46.77
N GLY E 137 -63.90 -83.34 47.36
CA GLY E 137 -62.48 -83.08 47.24
C GLY E 137 -62.04 -82.88 45.80
N ASN E 138 -62.90 -82.28 44.97
CA ASN E 138 -62.61 -82.10 43.55
C ASN E 138 -62.97 -80.71 43.07
N ARG E 139 -62.86 -79.70 43.93
CA ARG E 139 -63.19 -78.33 43.55
C ARG E 139 -62.25 -77.36 44.26
N GLU E 140 -62.12 -76.18 43.69
CA GLU E 140 -61.35 -75.10 44.29
C GLU E 140 -62.11 -74.47 45.44
N ALA E 141 -61.37 -73.91 46.40
CA ALA E 141 -61.99 -73.35 47.59
C ALA E 141 -63.03 -72.30 47.23
N SER E 142 -64.24 -72.48 47.74
CA SER E 142 -65.37 -71.64 47.36
C SER E 142 -65.95 -70.81 48.50
N THR E 143 -65.40 -70.91 49.71
CA THR E 143 -65.93 -70.19 50.86
C THR E 143 -64.78 -69.77 51.76
N LEU E 144 -65.11 -69.02 52.81
CA LEU E 144 -64.09 -68.58 53.75
C LEU E 144 -63.36 -69.76 54.37
N GLU E 145 -64.10 -70.80 54.77
CA GLU E 145 -63.46 -71.99 55.33
C GLU E 145 -62.53 -72.63 54.31
N GLU E 146 -62.99 -72.79 53.07
CA GLU E 146 -62.14 -73.37 52.04
C GLU E 146 -60.92 -72.50 51.76
N VAL E 147 -61.12 -71.18 51.67
CA VAL E 147 -60.02 -70.28 51.36
C VAL E 147 -58.95 -70.34 52.46
N GLU E 148 -59.39 -70.30 53.71
CA GLU E 148 -58.44 -70.37 54.82
C GLU E 148 -57.70 -71.70 54.83
N GLN E 149 -58.40 -72.78 54.49
CA GLN E 149 -57.75 -74.09 54.44
C GLN E 149 -56.61 -74.11 53.44
N ALA E 150 -56.84 -73.55 52.25
CA ALA E 150 -55.77 -73.48 51.25
C ALA E 150 -54.62 -72.58 51.72
N ILE E 151 -54.96 -71.49 52.41
CA ILE E 151 -53.93 -70.56 52.87
C ILE E 151 -52.97 -71.24 53.84
N ALA E 152 -53.52 -72.00 54.79
CA ALA E 152 -52.70 -72.64 55.81
C ALA E 152 -52.13 -73.99 55.37
N THR E 153 -52.50 -74.47 54.18
CA THR E 153 -52.02 -75.76 53.70
C THR E 153 -51.09 -75.62 52.50
N ASN E 154 -50.78 -74.40 52.08
CA ASN E 154 -49.86 -74.17 50.96
C ASN E 154 -50.35 -74.88 49.70
N ALA E 155 -51.62 -74.65 49.37
CA ALA E 155 -52.25 -75.30 48.22
C ALA E 155 -52.39 -74.38 47.02
N LEU E 156 -51.76 -73.21 47.04
CA LEU E 156 -51.85 -72.24 45.96
C LEU E 156 -50.52 -72.19 45.20
N ARG E 157 -50.61 -72.21 43.87
CA ARG E 157 -49.45 -72.08 42.99
C ARG E 157 -49.45 -70.68 42.41
N PHE E 158 -48.37 -69.93 42.66
CA PHE E 158 -48.24 -68.56 42.18
C PHE E 158 -47.30 -68.52 41.00
N VAL E 159 -47.75 -67.98 39.89
CA VAL E 159 -46.95 -67.79 38.69
C VAL E 159 -46.63 -66.31 38.58
N ARG E 160 -45.40 -65.94 38.90
CA ARG E 160 -44.98 -64.54 38.94
C ARG E 160 -44.21 -64.23 37.66
N LEU E 161 -44.86 -63.49 36.75
CA LEU E 161 -44.21 -63.12 35.50
C LEU E 161 -43.01 -62.20 35.75
N GLY E 162 -43.17 -61.22 36.63
CA GLY E 162 -42.10 -60.30 36.95
C GLY E 162 -42.51 -58.85 36.85
N PRO E 163 -41.53 -57.95 36.77
CA PRO E 163 -41.82 -56.53 36.62
C PRO E 163 -41.83 -56.09 35.16
N GLU E 164 -42.53 -54.99 34.91
CA GLU E 164 -42.68 -54.45 33.56
C GLU E 164 -42.18 -53.02 33.52
N PRO E 165 -41.22 -52.70 32.65
CA PRO E 165 -40.66 -51.34 32.64
C PRO E 165 -41.71 -50.26 32.42
N GLY E 166 -42.41 -50.33 31.30
CA GLY E 166 -43.38 -49.30 30.97
C GLY E 166 -42.82 -48.26 30.03
N TRP E 167 -43.65 -47.82 29.09
CA TRP E 167 -43.20 -46.86 28.10
C TRP E 167 -42.92 -45.51 28.75
N PRO E 168 -41.89 -44.80 28.30
CA PRO E 168 -41.49 -43.57 29.01
C PRO E 168 -42.56 -42.50 29.05
N GLN E 169 -43.37 -42.37 27.99
CA GLN E 169 -44.41 -41.35 28.00
C GLN E 169 -45.65 -41.74 28.80
N LEU E 170 -45.78 -43.00 29.19
CA LEU E 170 -46.99 -43.47 29.83
C LEU E 170 -46.84 -43.73 31.32
N ARG E 171 -45.62 -43.66 31.85
CA ARG E 171 -45.43 -43.89 33.28
C ARG E 171 -45.64 -42.64 34.13
N LEU E 172 -45.77 -41.46 33.51
CA LEU E 172 -45.89 -40.22 34.24
C LEU E 172 -47.32 -39.70 34.28
N LEU E 173 -48.29 -40.46 33.77
CA LEU E 173 -49.67 -40.01 33.82
C LEU E 173 -50.18 -40.05 35.27
N SER E 174 -51.07 -39.11 35.58
CA SER E 174 -51.54 -38.91 36.95
C SER E 174 -53.05 -39.14 37.02
N ALA E 175 -53.51 -39.61 38.18
CA ALA E 175 -54.93 -39.78 38.39
C ALA E 175 -55.74 -38.50 38.22
N PRO E 176 -55.31 -37.34 38.73
CA PRO E 176 -56.16 -36.14 38.63
C PRO E 176 -56.55 -35.80 37.20
N SER E 177 -55.65 -36.02 36.24
CA SER E 177 -56.01 -35.79 34.84
C SER E 177 -57.08 -36.74 34.35
N PHE E 178 -57.24 -37.90 35.01
CA PHE E 178 -58.26 -38.88 34.66
C PHE E 178 -58.98 -39.32 35.93
N PRO E 179 -59.89 -38.50 36.43
CA PRO E 179 -60.63 -38.86 37.64
C PRO E 179 -61.67 -39.94 37.35
N LEU E 180 -62.14 -40.57 38.42
CA LEU E 180 -63.12 -41.64 38.32
C LEU E 180 -64.27 -41.39 39.27
N GLU E 181 -65.47 -41.79 38.86
CA GLU E 181 -66.69 -41.56 39.63
C GLU E 181 -67.06 -42.82 40.38
N SER E 182 -67.19 -42.72 41.70
CA SER E 182 -67.52 -43.85 42.55
C SER E 182 -68.71 -43.51 43.43
N THR E 183 -69.69 -44.41 43.47
CA THR E 183 -70.85 -44.28 44.34
C THR E 183 -70.72 -45.27 45.49
N LEU E 184 -70.85 -44.77 46.72
CA LEU E 184 -70.64 -45.58 47.91
C LEU E 184 -71.96 -46.24 48.31
N GLN E 185 -72.09 -47.52 47.98
CA GLN E 185 -73.23 -48.34 48.38
C GLN E 185 -72.71 -49.34 49.41
N GLY E 186 -72.69 -48.92 50.68
CA GLY E 186 -72.10 -49.71 51.73
C GLY E 186 -70.59 -49.57 51.73
N PRO E 187 -69.89 -50.70 51.81
CA PRO E 187 -68.42 -50.68 51.74
C PRO E 187 -67.86 -50.89 50.34
N VAL E 188 -68.70 -50.99 49.32
CA VAL E 188 -68.26 -51.21 47.95
C VAL E 188 -68.32 -49.90 47.18
N HIS E 189 -67.57 -49.84 46.09
CA HIS E 189 -67.50 -48.65 45.24
C HIS E 189 -68.01 -49.00 43.84
N TRP E 190 -68.89 -48.14 43.30
CA TRP E 190 -69.38 -48.27 41.94
C TRP E 190 -68.69 -47.19 41.09
N VAL E 191 -67.79 -47.62 40.22
CA VAL E 191 -66.99 -46.70 39.41
C VAL E 191 -67.68 -46.46 38.08
N ARG E 192 -67.42 -45.30 37.49
CA ARG E 192 -67.96 -44.95 36.18
C ARG E 192 -67.06 -43.92 35.53
N ALA E 193 -66.98 -43.97 34.20
CA ALA E 193 -66.16 -43.06 33.42
C ALA E 193 -67.07 -42.23 32.53
N SER E 194 -67.04 -40.91 32.71
CA SER E 194 -67.87 -40.03 31.90
C SER E 194 -67.46 -40.08 30.44
N ASP E 195 -66.16 -40.10 30.17
CA ASP E 195 -65.68 -40.06 28.79
C ASP E 195 -64.70 -41.20 28.52
N MET E 196 -64.03 -41.13 27.37
CA MET E 196 -63.10 -42.16 26.90
C MET E 196 -61.76 -41.52 26.55
N ARG E 197 -61.49 -40.36 27.14
CA ARG E 197 -60.31 -39.59 26.76
C ARG E 197 -59.02 -40.37 27.04
N LEU E 198 -58.93 -41.03 28.19
CA LEU E 198 -57.66 -41.64 28.59
C LEU E 198 -57.14 -42.60 27.52
N ARG E 199 -57.97 -43.55 27.09
CA ARG E 199 -57.50 -44.55 26.15
C ARG E 199 -57.05 -43.91 24.84
N GLN E 200 -57.54 -42.71 24.53
CA GLN E 200 -57.11 -42.03 23.32
C GLN E 200 -55.66 -41.57 23.45
N HIS E 201 -55.25 -41.15 24.65
CA HIS E 201 -53.87 -40.73 24.85
C HIS E 201 -52.91 -41.89 24.65
N VAL E 202 -53.24 -43.07 25.19
CA VAL E 202 -52.34 -44.21 25.07
C VAL E 202 -52.09 -44.55 23.61
N GLU E 203 -53.14 -44.56 22.80
CA GLU E 203 -52.95 -44.78 21.37
C GLU E 203 -52.12 -43.67 20.75
N GLY E 204 -52.25 -42.43 21.26
CA GLY E 204 -51.48 -41.34 20.71
C GLY E 204 -49.99 -41.50 20.94
N VAL E 205 -49.61 -41.88 22.17
CA VAL E 205 -48.19 -42.09 22.46
C VAL E 205 -47.64 -43.24 21.62
N LEU E 206 -48.39 -44.32 21.51
CA LEU E 206 -47.90 -45.48 20.77
C LEU E 206 -47.89 -45.22 19.26
N GLU E 207 -48.94 -44.61 18.73
CA GLU E 207 -48.99 -44.37 17.28
C GLU E 207 -47.84 -43.48 16.84
N ARG E 208 -47.59 -42.40 17.58
CA ARG E 208 -46.47 -41.53 17.26
C ARG E 208 -45.14 -42.26 17.42
N SER E 209 -45.00 -43.06 18.47
CA SER E 209 -43.72 -43.68 18.77
C SER E 209 -43.27 -44.62 17.65
N ARG E 210 -44.20 -45.40 17.10
CA ARG E 210 -43.83 -46.29 16.01
C ARG E 210 -43.22 -45.53 14.84
N HIS E 211 -43.59 -44.25 14.68
CA HIS E 211 -43.05 -43.47 13.59
C HIS E 211 -41.58 -43.14 13.80
N ILE E 212 -41.21 -42.74 15.02
CA ILE E 212 -39.83 -42.37 15.29
C ILE E 212 -38.90 -43.55 15.04
N LEU E 213 -39.23 -44.70 15.62
CA LEU E 213 -38.34 -45.86 15.52
C LEU E 213 -38.19 -46.33 14.08
N ALA E 214 -39.17 -46.06 13.22
CA ALA E 214 -39.05 -46.41 11.82
C ALA E 214 -38.12 -45.49 11.05
N ALA E 215 -37.81 -44.32 11.59
CA ALA E 215 -36.93 -43.36 10.92
C ALA E 215 -35.76 -42.93 11.78
N TRP E 216 -35.49 -43.63 12.90
CA TRP E 216 -34.35 -43.29 13.72
C TRP E 216 -33.03 -43.54 12.99
N GLU E 217 -32.96 -44.61 12.20
CA GLU E 217 -31.72 -44.93 11.51
C GLU E 217 -31.31 -43.81 10.56
N GLY E 218 -32.24 -43.31 9.75
CA GLY E 218 -31.94 -42.24 8.82
C GLY E 218 -32.25 -40.87 9.40
N ILE E 219 -31.59 -40.52 10.49
CA ILE E 219 -31.84 -39.26 11.19
C ILE E 219 -30.77 -38.22 10.88
N SER E 220 -29.91 -38.48 9.89
CA SER E 220 -28.88 -37.52 9.49
C SER E 220 -29.27 -36.75 8.24
N GLU E 221 -30.01 -37.36 7.33
CA GLU E 221 -30.42 -36.71 6.09
C GLU E 221 -31.71 -35.91 6.23
N LEU E 222 -32.31 -35.89 7.41
CA LEU E 222 -33.47 -35.03 7.66
C LEU E 222 -32.99 -33.70 8.22
N PRO E 223 -33.23 -32.58 7.53
CA PRO E 223 -32.70 -31.30 8.04
C PRO E 223 -33.23 -30.94 9.41
N ILE E 224 -34.46 -31.31 9.72
CA ILE E 224 -35.12 -30.97 10.97
C ILE E 224 -35.32 -32.25 11.76
N PRO E 225 -34.81 -32.34 12.99
CA PRO E 225 -35.01 -33.57 13.78
C PRO E 225 -36.47 -33.89 14.02
N ALA E 226 -37.35 -32.88 14.05
CA ALA E 226 -38.76 -33.12 14.32
C ALA E 226 -39.45 -33.84 13.18
N LEU E 227 -38.85 -33.89 11.99
CA LEU E 227 -39.46 -34.63 10.89
C LEU E 227 -39.51 -36.13 11.16
N ALA E 228 -38.80 -36.62 12.17
CA ALA E 228 -38.82 -38.05 12.48
C ALA E 228 -40.22 -38.51 12.86
N ALA E 229 -40.94 -37.71 13.63
CA ALA E 229 -42.27 -38.11 14.07
C ALA E 229 -43.25 -38.27 12.92
N TRP E 230 -42.91 -37.76 11.74
CA TRP E 230 -43.81 -37.88 10.60
C TRP E 230 -44.04 -39.35 10.27
N PRO E 231 -45.26 -39.73 9.89
CA PRO E 231 -45.50 -41.11 9.49
C PRO E 231 -44.61 -41.47 8.31
N PRO E 232 -44.19 -42.74 8.22
CA PRO E 232 -43.28 -43.12 7.13
C PRO E 232 -43.84 -42.83 5.76
N SER E 233 -45.18 -42.90 5.60
CA SER E 233 -45.77 -42.52 4.31
C SER E 233 -45.50 -41.05 4.00
N HIS E 234 -45.68 -40.17 4.98
CA HIS E 234 -45.40 -38.76 4.76
C HIS E 234 -43.94 -38.54 4.41
N LEU E 235 -43.03 -39.14 5.18
CA LEU E 235 -41.61 -38.95 4.92
C LEU E 235 -41.24 -39.42 3.52
N ARG E 236 -41.79 -40.56 3.10
CA ARG E 236 -41.56 -41.00 1.74
C ARG E 236 -42.08 -39.99 0.73
N TRP E 237 -43.08 -39.19 1.11
CA TRP E 237 -43.55 -38.12 0.25
C TRP E 237 -42.60 -36.94 0.24
N LEU E 238 -41.95 -36.67 1.39
CA LEU E 238 -41.07 -35.52 1.49
C LEU E 238 -39.85 -35.64 0.59
N HIS E 239 -39.55 -36.84 0.09
CA HIS E 239 -38.43 -37.04 -0.81
C HIS E 239 -38.84 -36.93 -2.28
N GLU E 240 -40.13 -36.75 -2.57
CA GLU E 240 -40.61 -36.74 -3.94
C GLU E 240 -40.37 -35.40 -4.60
N PRO E 241 -40.38 -35.35 -5.93
CA PRO E 241 -40.21 -34.07 -6.63
C PRO E 241 -41.28 -33.06 -6.24
N LEU E 242 -40.89 -31.79 -6.21
CA LEU E 242 -41.83 -30.73 -5.87
C LEU E 242 -42.87 -30.57 -6.96
N ASP E 243 -44.08 -30.17 -6.56
CA ASP E 243 -45.17 -29.90 -7.50
C ASP E 243 -45.69 -28.49 -7.28
N PRO E 244 -45.42 -27.55 -8.18
CA PRO E 244 -45.84 -26.17 -7.94
C PRO E 244 -47.33 -25.99 -7.81
N VAL E 245 -48.13 -26.80 -8.50
CA VAL E 245 -49.57 -26.58 -8.53
C VAL E 245 -50.23 -27.09 -7.26
N GLN E 246 -49.99 -28.36 -6.91
CA GLN E 246 -50.64 -28.96 -5.74
C GLN E 246 -49.96 -28.62 -4.43
N ASP E 247 -48.73 -28.12 -4.46
CA ASP E 247 -47.95 -27.87 -3.25
C ASP E 247 -48.06 -26.43 -2.76
N LYS E 248 -48.91 -25.62 -3.39
CA LYS E 248 -49.05 -24.23 -2.96
C LYS E 248 -49.50 -24.16 -1.52
N ALA E 249 -50.47 -25.00 -1.13
CA ALA E 249 -50.99 -24.96 0.23
C ALA E 249 -49.91 -25.32 1.24
N TRP E 250 -49.15 -26.38 0.98
CA TRP E 250 -48.10 -26.79 1.92
C TRP E 250 -46.99 -25.75 2.00
N VAL E 251 -46.53 -25.26 0.85
CA VAL E 251 -45.46 -24.26 0.85
C VAL E 251 -45.93 -22.99 1.57
N GLN E 252 -47.21 -22.63 1.39
CA GLN E 252 -47.73 -21.42 2.00
C GLN E 252 -47.72 -21.47 3.52
N ALA E 253 -47.59 -22.65 4.11
CA ALA E 253 -47.66 -22.80 5.56
C ALA E 253 -46.30 -23.02 6.21
N LEU E 254 -45.23 -23.14 5.42
CA LEU E 254 -43.92 -23.37 5.98
C LEU E 254 -43.42 -22.12 6.68
N PRO E 255 -43.08 -22.16 7.96
CA PRO E 255 -42.37 -21.04 8.57
C PRO E 255 -41.05 -20.79 7.85
N LYS E 256 -40.96 -19.68 7.14
CA LYS E 256 -39.85 -19.42 6.24
C LYS E 256 -38.86 -18.45 6.88
N VAL E 257 -37.76 -18.21 6.16
CA VAL E 257 -36.75 -17.25 6.56
C VAL E 257 -36.38 -16.40 5.35
N GLU E 258 -36.43 -15.09 5.53
CA GLU E 258 -36.09 -14.14 4.47
C GLU E 258 -34.81 -13.40 4.86
N LEU E 259 -33.88 -13.31 3.92
CA LEU E 259 -32.61 -12.64 4.18
C LEU E 259 -32.22 -11.63 3.11
N HIS E 260 -32.84 -11.67 1.93
CA HIS E 260 -32.59 -10.70 0.85
C HIS E 260 -33.92 -10.03 0.54
N CYS E 261 -34.23 -8.98 1.29
CA CYS E 261 -35.48 -8.24 1.06
C CYS E 261 -35.22 -6.77 1.31
N HIS E 262 -35.44 -5.94 0.29
CA HIS E 262 -35.24 -4.51 0.38
C HIS E 262 -36.51 -3.81 0.80
N LEU E 263 -36.36 -2.77 1.62
CA LEU E 263 -37.51 -1.96 2.02
C LEU E 263 -37.91 -0.95 0.96
N GLY E 264 -37.04 -0.69 -0.02
CA GLY E 264 -37.29 0.31 -1.04
C GLY E 264 -38.05 -0.15 -2.26
N GLY E 265 -38.54 -1.39 -2.27
CA GLY E 265 -39.29 -1.87 -3.42
C GLY E 265 -40.48 -2.72 -3.05
N PHE E 266 -41.02 -2.53 -1.84
CA PHE E 266 -42.13 -3.36 -1.40
C PHE E 266 -43.44 -2.99 -2.10
N ALA E 267 -43.68 -1.69 -2.30
CA ALA E 267 -44.93 -1.23 -2.90
C ALA E 267 -44.67 -0.45 -4.16
N THR E 268 -43.80 -0.97 -5.03
CA THR E 268 -43.36 -0.21 -6.19
C THR E 268 -44.52 0.15 -7.11
N HIS E 269 -45.61 -0.60 -7.07
CA HIS E 269 -46.77 -0.29 -7.89
C HIS E 269 -47.97 -1.06 -7.36
N GLY E 270 -49.11 -0.91 -8.02
CA GLY E 270 -50.31 -1.60 -7.63
C GLY E 270 -51.01 -0.93 -6.47
N GLU E 271 -52.01 -1.66 -5.94
CA GLU E 271 -52.83 -1.12 -4.87
C GLU E 271 -51.99 -0.70 -3.66
N LEU E 272 -50.92 -1.43 -3.37
CA LEU E 272 -50.08 -1.09 -2.22
C LEU E 272 -49.46 0.30 -2.39
N LEU E 273 -49.00 0.62 -3.60
CA LEU E 273 -48.37 1.90 -3.85
C LEU E 273 -49.27 3.05 -3.39
N HIS E 274 -50.54 3.02 -3.80
CA HIS E 274 -51.44 4.10 -3.45
C HIS E 274 -51.73 4.11 -1.95
N LYS E 275 -51.88 2.94 -1.33
CA LYS E 275 -52.13 2.91 0.10
C LYS E 275 -50.99 3.55 0.88
N VAL E 276 -49.77 3.48 0.36
CA VAL E 276 -48.65 4.15 1.01
C VAL E 276 -48.76 5.66 0.86
N ARG E 277 -49.09 6.13 -0.35
CA ARG E 277 -49.16 7.57 -0.58
C ARG E 277 -50.23 8.21 0.30
N GLN E 278 -51.33 7.50 0.55
CA GLN E 278 -52.43 8.07 1.33
C GLN E 278 -52.04 8.37 2.77
N GLU E 279 -50.90 7.85 3.24
CA GLU E 279 -50.44 8.09 4.59
C GLU E 279 -49.47 9.26 4.69
N ALA E 280 -49.17 9.93 3.58
CA ALA E 280 -48.18 10.99 3.59
C ALA E 280 -48.56 12.09 4.56
N ALA E 281 -47.56 12.60 5.28
CA ALA E 281 -47.82 13.67 6.25
C ALA E 281 -48.19 14.97 5.58
N ASN E 282 -47.82 15.16 4.31
CA ASN E 282 -48.20 16.35 3.55
C ASN E 282 -48.45 15.94 2.11
N PRO E 283 -49.70 15.66 1.76
CA PRO E 283 -50.03 15.15 0.42
C PRO E 283 -49.97 16.23 -0.66
N GLU E 284 -48.92 17.05 -0.62
CA GLU E 284 -48.74 18.09 -1.62
C GLU E 284 -47.34 18.01 -2.23
N SER E 285 -46.37 17.54 -1.44
CA SER E 285 -45.00 17.42 -1.91
C SER E 285 -44.69 16.08 -2.55
N LEU E 286 -45.60 15.11 -2.48
CA LEU E 286 -45.34 13.81 -3.06
C LEU E 286 -45.26 13.93 -4.58
N PRO E 287 -44.21 13.40 -5.22
CA PRO E 287 -44.12 13.51 -6.66
C PRO E 287 -45.26 12.78 -7.33
N PRO E 288 -45.67 13.23 -8.51
CA PRO E 288 -46.79 12.58 -9.19
C PRO E 288 -46.46 11.16 -9.58
N VAL E 289 -47.50 10.33 -9.71
CA VAL E 289 -47.31 8.93 -10.02
C VAL E 289 -46.71 8.83 -11.42
N ARG E 290 -45.44 8.48 -11.50
CA ARG E 290 -44.76 8.38 -12.79
C ARG E 290 -45.33 7.21 -13.57
N ALA E 291 -45.54 7.41 -14.87
CA ALA E 291 -46.08 6.35 -15.72
C ALA E 291 -45.00 5.32 -16.00
N ILE E 292 -45.09 4.17 -15.34
CA ILE E 292 -44.12 3.10 -15.51
C ILE E 292 -44.84 1.86 -16.04
N PRO E 293 -44.60 1.46 -17.29
CA PRO E 293 -45.28 0.28 -17.84
C PRO E 293 -44.49 -0.99 -17.63
N LEU E 294 -45.21 -2.06 -17.32
CA LEU E 294 -44.46 -3.29 -17.10
C LEU E 294 -44.39 -4.11 -18.37
N PRO E 295 -43.29 -4.82 -18.60
CA PRO E 295 -43.19 -5.68 -19.78
C PRO E 295 -44.36 -6.65 -19.86
N PRO E 296 -44.51 -7.34 -20.98
CA PRO E 296 -45.62 -8.29 -21.12
C PRO E 296 -45.33 -9.61 -20.42
N GLY E 297 -46.39 -10.23 -19.93
CA GLY E 297 -46.27 -11.50 -19.25
C GLY E 297 -45.71 -11.42 -17.85
N TRP E 298 -45.60 -10.23 -17.27
CA TRP E 298 -45.05 -10.10 -15.95
C TRP E 298 -45.88 -10.90 -14.95
N PRO E 299 -45.25 -11.52 -13.94
CA PRO E 299 -43.84 -11.44 -13.56
C PRO E 299 -42.94 -12.39 -14.34
N ILE E 300 -43.48 -13.28 -15.16
CA ILE E 300 -42.66 -14.17 -15.98
C ILE E 300 -42.54 -13.57 -17.37
N PRO E 301 -41.51 -12.78 -17.65
CA PRO E 301 -41.42 -12.14 -18.96
C PRO E 301 -40.81 -13.06 -20.01
N GLU E 302 -41.06 -12.73 -21.27
CA GLU E 302 -40.57 -13.50 -22.39
C GLU E 302 -39.11 -13.23 -22.73
N GLU E 303 -38.49 -12.23 -22.08
CA GLU E 303 -37.09 -11.92 -22.29
C GLU E 303 -36.55 -11.17 -21.09
N PRO E 304 -35.34 -11.51 -20.63
CA PRO E 304 -34.75 -10.76 -19.52
C PRO E 304 -34.65 -9.28 -19.85
N ILE E 305 -34.90 -8.44 -18.86
CA ILE E 305 -34.92 -7.00 -19.08
C ILE E 305 -33.63 -6.32 -18.65
N GLY E 306 -32.64 -7.07 -18.18
CA GLY E 306 -31.41 -6.48 -17.72
C GLY E 306 -31.60 -5.67 -16.44
N LEU E 307 -30.50 -5.47 -15.73
CA LEU E 307 -30.57 -4.81 -14.43
C LEU E 307 -31.06 -3.38 -14.55
N GLU E 308 -30.58 -2.66 -15.58
CA GLU E 308 -30.95 -1.25 -15.72
C GLU E 308 -32.46 -1.09 -15.87
N ARG E 309 -33.06 -1.85 -16.79
CA ARG E 309 -34.51 -1.78 -16.93
C ARG E 309 -35.21 -2.27 -15.67
N TYR E 310 -34.69 -3.33 -15.06
CA TYR E 310 -35.32 -3.86 -13.85
C TYR E 310 -35.38 -2.83 -12.75
N MET E 311 -34.27 -2.11 -12.51
CA MET E 311 -34.25 -1.13 -11.42
C MET E 311 -35.21 0.01 -11.68
N ARG E 312 -35.31 0.47 -12.93
CA ARG E 312 -36.20 1.58 -13.24
C ARG E 312 -37.66 1.26 -12.92
N LEU E 313 -38.04 -0.02 -12.91
CA LEU E 313 -39.42 -0.38 -12.60
C LEU E 313 -39.81 0.11 -11.21
N GLY E 314 -38.85 0.25 -10.30
CA GLY E 314 -39.15 0.65 -8.95
C GLY E 314 -38.92 2.12 -8.68
N ASP E 315 -39.15 2.96 -9.70
CA ASP E 315 -38.96 4.39 -9.54
C ASP E 315 -40.10 5.03 -8.75
N ASN E 316 -41.32 4.51 -8.87
CA ASN E 316 -42.46 5.12 -8.19
C ASN E 316 -42.28 5.13 -6.68
N ASN E 317 -41.69 4.09 -6.11
CA ASN E 317 -41.54 3.99 -4.66
C ASN E 317 -40.06 3.99 -4.30
N GLY E 318 -39.79 4.36 -3.05
CA GLY E 318 -38.43 4.43 -2.57
C GLY E 318 -38.01 5.84 -2.25
N SER E 319 -36.89 6.30 -2.83
CA SER E 319 -36.39 7.63 -2.52
C SER E 319 -37.40 8.70 -2.89
N ALA E 320 -38.02 8.58 -4.06
CA ALA E 320 -38.97 9.58 -4.54
C ALA E 320 -40.36 9.29 -3.96
N LEU E 321 -40.41 9.31 -2.63
CA LEU E 321 -41.66 9.09 -1.90
C LEU E 321 -41.40 8.86 -0.42
N LEU E 322 -40.43 8.01 -0.10
CA LEU E 322 -40.17 7.66 1.28
C LEU E 322 -39.56 8.80 2.09
N LYS E 323 -39.20 9.90 1.44
CA LYS E 323 -38.70 11.05 2.18
C LYS E 323 -39.76 11.64 3.10
N ASP E 324 -41.03 11.33 2.86
CA ASP E 324 -42.10 11.84 3.70
C ASP E 324 -42.10 11.10 5.04
N PRO E 325 -42.19 11.80 6.17
CA PRO E 325 -42.18 11.10 7.47
C PRO E 325 -43.38 10.22 7.69
N GLY E 326 -44.43 10.35 6.88
CA GLY E 326 -45.62 9.53 7.04
C GLY E 326 -45.61 8.30 6.16
N CYS E 327 -45.23 8.47 4.90
CA CYS E 327 -45.16 7.33 4.00
C CYS E 327 -44.20 6.26 4.51
N LEU E 328 -43.19 6.67 5.28
CA LEU E 328 -42.21 5.70 5.78
C LEU E 328 -42.89 4.64 6.64
N ARG E 329 -43.75 5.07 7.56
CA ARG E 329 -44.44 4.11 8.43
C ARG E 329 -45.45 3.28 7.65
N ALA E 330 -46.04 3.84 6.61
CA ALA E 330 -46.92 3.06 5.75
C ALA E 330 -46.12 2.02 4.98
N GLN E 331 -44.88 2.34 4.61
CA GLN E 331 -44.02 1.36 3.96
C GLN E 331 -43.59 0.26 4.93
N CYS E 332 -43.14 0.65 6.12
CA CYS E 332 -42.66 -0.33 7.08
C CYS E 332 -43.81 -1.18 7.62
N ARG E 333 -44.89 -0.54 8.04
CA ARG E 333 -45.98 -1.28 8.68
C ARG E 333 -46.70 -2.18 7.69
N LEU E 334 -46.80 -1.77 6.43
CA LEU E 334 -47.42 -2.62 5.42
C LEU E 334 -46.51 -3.75 4.99
N LEU E 335 -45.20 -3.59 5.18
CA LEU E 335 -44.28 -4.68 4.86
C LEU E 335 -44.35 -5.77 5.91
N TYR E 336 -44.42 -5.41 7.19
CA TYR E 336 -44.51 -6.41 8.24
C TYR E 336 -45.74 -7.28 8.07
N GLU E 337 -46.89 -6.66 7.80
CA GLU E 337 -48.10 -7.43 7.52
C GLU E 337 -47.94 -8.25 6.25
N ALA E 338 -47.19 -7.72 5.28
CA ALA E 338 -46.89 -8.50 4.08
C ALA E 338 -45.99 -9.70 4.37
N LEU E 339 -45.35 -9.74 5.54
CA LEU E 339 -44.58 -10.90 5.96
C LEU E 339 -45.45 -11.91 6.70
N LEU E 340 -46.14 -11.48 7.74
CA LEU E 340 -47.00 -12.39 8.48
C LEU E 340 -48.02 -13.06 7.56
N ALA E 341 -48.46 -12.36 6.52
CA ALA E 341 -49.38 -12.97 5.55
C ALA E 341 -48.71 -14.03 4.71
N ASP E 342 -47.44 -14.32 4.94
CA ASP E 342 -46.74 -15.38 4.21
C ASP E 342 -45.98 -16.30 5.15
N HIS E 343 -46.20 -16.20 6.46
CA HIS E 343 -45.61 -17.11 7.44
C HIS E 343 -44.08 -17.10 7.35
N VAL E 344 -43.52 -15.95 7.71
CA VAL E 344 -42.08 -15.77 7.83
C VAL E 344 -41.74 -15.69 9.32
N ALA E 345 -40.77 -16.49 9.75
CA ALA E 345 -40.38 -16.53 11.15
C ALA E 345 -39.16 -15.66 11.45
N TYR E 346 -38.47 -15.16 10.43
CA TYR E 346 -37.32 -14.30 10.63
C TYR E 346 -36.96 -13.63 9.31
N ALA E 347 -36.79 -12.31 9.32
CA ALA E 347 -36.44 -11.58 8.12
C ALA E 347 -35.41 -10.51 8.46
N GLU E 348 -34.59 -10.17 7.47
CA GLU E 348 -33.61 -9.10 7.56
C GLU E 348 -33.90 -8.13 6.42
N ILE E 349 -34.26 -6.89 6.77
CA ILE E 349 -34.70 -5.90 5.81
C ILE E 349 -33.54 -4.97 5.48
N ARG E 350 -33.27 -4.78 4.19
CA ARG E 350 -32.21 -3.89 3.73
C ARG E 350 -32.80 -2.51 3.51
N CYS E 351 -32.28 -1.52 4.23
CA CYS E 351 -32.75 -0.15 4.13
C CYS E 351 -31.58 0.79 3.84
N SER E 352 -31.91 1.99 3.38
CA SER E 352 -30.92 3.04 3.11
C SER E 352 -31.37 4.28 3.86
N PRO E 353 -31.11 4.35 5.17
CA PRO E 353 -31.63 5.47 5.95
C PRO E 353 -31.17 6.83 5.48
N ALA E 354 -30.06 6.91 4.75
CA ALA E 354 -29.58 8.19 4.24
C ALA E 354 -30.20 8.59 2.92
N ASN E 355 -30.71 7.64 2.14
CA ASN E 355 -31.40 7.98 0.91
C ASN E 355 -32.75 8.63 1.15
N TYR E 356 -33.24 8.62 2.39
CA TYR E 356 -34.52 9.22 2.73
C TYR E 356 -34.38 10.39 3.69
N ALA E 357 -33.15 10.78 4.02
CA ALA E 357 -32.94 11.87 4.96
C ALA E 357 -33.22 13.21 4.30
N SER E 358 -33.64 14.18 5.12
CA SER E 358 -33.96 15.51 4.64
C SER E 358 -33.20 16.56 5.46
N ALA E 359 -33.54 17.84 5.27
CA ALA E 359 -32.87 18.90 5.99
C ALA E 359 -33.11 18.81 7.50
N SER E 360 -34.30 18.40 7.93
CA SER E 360 -34.62 18.26 9.34
C SER E 360 -34.58 16.82 9.82
N ARG E 361 -34.41 15.85 8.91
CA ARG E 361 -34.40 14.43 9.24
C ARG E 361 -33.06 13.86 8.79
N SER E 362 -32.07 13.90 9.69
CA SER E 362 -30.80 13.29 9.40
C SER E 362 -30.97 11.78 9.27
N PRO E 363 -30.07 11.10 8.55
CA PRO E 363 -30.27 9.66 8.32
C PRO E 363 -30.39 8.86 9.60
N TRP E 364 -29.80 9.31 10.70
CA TRP E 364 -29.99 8.60 11.96
C TRP E 364 -31.44 8.63 12.41
N VAL E 365 -32.09 9.79 12.28
CA VAL E 365 -33.50 9.88 12.67
C VAL E 365 -34.36 9.04 11.75
N VAL E 366 -33.96 8.91 10.49
CA VAL E 366 -34.64 7.97 9.60
C VAL E 366 -34.45 6.54 10.09
N LEU E 367 -33.27 6.24 10.65
CA LEU E 367 -33.03 4.91 11.19
C LEU E 367 -33.95 4.61 12.35
N GLN E 368 -34.01 5.51 13.34
CA GLN E 368 -34.82 5.26 14.51
C GLN E 368 -36.30 5.16 14.16
N GLU E 369 -36.72 5.74 13.04
CA GLU E 369 -38.11 5.61 12.63
C GLU E 369 -38.36 4.26 11.95
N ILE E 370 -37.41 3.82 11.12
CA ILE E 370 -37.55 2.52 10.47
C ILE E 370 -37.51 1.41 11.51
N ARG E 371 -36.62 1.52 12.49
CA ARG E 371 -36.50 0.48 13.52
C ARG E 371 -37.75 0.41 14.37
N ASN E 372 -38.34 1.56 14.71
CA ASN E 372 -39.49 1.55 15.60
C ASN E 372 -40.79 1.24 14.87
N HIS E 373 -40.86 1.47 13.55
CA HIS E 373 -42.00 0.99 12.79
C HIS E 373 -42.07 -0.53 12.76
N PHE E 374 -40.97 -1.20 13.07
CA PHE E 374 -40.93 -2.66 13.17
C PHE E 374 -40.97 -3.15 14.60
N GLN E 375 -40.23 -2.51 15.51
CA GLN E 375 -40.30 -2.91 16.91
C GLN E 375 -41.72 -2.77 17.45
N GLN E 376 -42.44 -1.74 17.00
CA GLN E 376 -43.84 -1.60 17.39
C GLN E 376 -44.68 -2.71 16.78
N ALA E 377 -44.51 -2.97 15.49
CA ALA E 377 -45.28 -4.03 14.84
C ALA E 377 -44.98 -5.39 15.46
N MET E 378 -43.72 -5.63 15.83
CA MET E 378 -43.38 -6.86 16.53
C MET E 378 -44.10 -6.95 17.87
N GLU E 379 -44.18 -5.84 18.60
CA GLU E 379 -44.81 -5.85 19.91
C GLU E 379 -46.32 -6.06 19.82
N GLU E 380 -46.91 -5.95 18.64
CA GLU E 380 -48.35 -6.10 18.47
C GLU E 380 -48.75 -7.49 17.99
N THR E 381 -47.81 -8.43 17.90
CA THR E 381 -48.14 -9.74 17.39
C THR E 381 -47.83 -10.82 18.43
N PRO E 382 -48.70 -11.80 18.62
CA PRO E 382 -48.42 -12.88 19.56
C PRO E 382 -47.14 -13.62 19.17
N GLU E 383 -46.40 -14.07 20.19
CA GLU E 383 -45.12 -14.73 19.94
C GLU E 383 -45.28 -15.97 19.07
N ASP E 384 -46.44 -16.62 19.14
CA ASP E 384 -46.65 -17.83 18.33
C ASP E 384 -46.72 -17.52 16.85
N ARG E 385 -46.82 -16.25 16.46
CA ARG E 385 -46.84 -15.88 15.05
C ARG E 385 -45.95 -14.67 14.76
N ARG E 386 -45.20 -14.19 15.75
CA ARG E 386 -44.37 -13.01 15.56
C ARG E 386 -43.31 -13.28 14.50
N CYS E 387 -42.99 -12.24 13.73
CA CYS E 387 -41.98 -12.32 12.66
C CYS E 387 -40.84 -11.38 13.02
N HIS E 388 -39.80 -11.92 13.64
CA HIS E 388 -38.65 -11.10 14.00
C HIS E 388 -38.01 -10.50 12.76
N VAL E 389 -37.63 -9.23 12.85
CA VAL E 389 -37.03 -8.51 11.74
C VAL E 389 -35.78 -7.80 12.25
N ASN E 390 -34.68 -7.94 11.52
CA ASN E 390 -33.46 -7.19 11.77
C ASN E 390 -33.06 -6.47 10.50
N LEU E 391 -32.35 -5.36 10.66
CA LEU E 391 -32.08 -4.44 9.56
C LEU E 391 -30.65 -4.57 9.08
N LEU E 392 -30.47 -4.54 7.76
CA LEU E 392 -29.17 -4.41 7.14
C LEU E 392 -29.09 -3.05 6.46
N LEU E 393 -28.11 -2.25 6.84
CA LEU E 393 -27.88 -0.97 6.15
C LEU E 393 -27.15 -1.22 4.85
N THR E 394 -27.65 -0.63 3.77
CA THR E 394 -27.06 -0.81 2.45
C THR E 394 -26.04 0.28 2.18
N ALA E 395 -24.83 -0.12 1.84
CA ALA E 395 -23.76 0.78 1.43
C ALA E 395 -23.43 0.44 -0.02
N THR E 396 -23.90 1.26 -0.95
CA THR E 396 -23.85 0.96 -2.38
C THR E 396 -22.74 1.73 -3.06
N ARG E 397 -21.95 1.02 -3.87
CA ARG E 397 -20.99 1.67 -4.74
C ARG E 397 -21.70 2.24 -5.95
N GLU E 398 -21.45 3.52 -6.25
CA GLU E 398 -22.10 4.20 -7.36
C GLU E 398 -21.04 4.64 -8.37
N GLU E 399 -21.34 4.45 -9.65
CA GLU E 399 -20.40 4.78 -10.71
C GLU E 399 -20.36 6.30 -10.86
N GLY E 400 -19.22 6.89 -10.54
CA GLY E 400 -19.04 8.32 -10.66
C GLY E 400 -19.78 9.16 -9.65
N GLY E 401 -20.53 8.53 -8.73
CA GLY E 401 -21.30 9.27 -7.76
C GLY E 401 -20.53 9.53 -6.48
N ASP E 402 -21.12 10.34 -5.62
CA ASP E 402 -20.50 10.70 -4.35
C ASP E 402 -20.37 9.48 -3.46
N ARG E 403 -19.20 9.32 -2.83
CA ARG E 403 -18.98 8.29 -1.83
C ARG E 403 -18.99 8.86 -0.41
N SER E 404 -19.75 9.94 -0.19
CA SER E 404 -20.00 10.38 1.17
C SER E 404 -21.02 9.48 1.87
N ARG E 405 -21.95 8.90 1.10
CA ARG E 405 -22.93 7.99 1.69
C ARG E 405 -22.27 6.77 2.31
N ILE E 406 -21.32 6.18 1.59
CA ILE E 406 -20.67 4.97 2.09
C ILE E 406 -20.02 5.23 3.43
N ALA E 407 -19.38 6.39 3.58
CA ALA E 407 -18.76 6.73 4.85
C ALA E 407 -19.80 6.85 5.95
N ARG E 408 -20.94 7.47 5.64
CA ARG E 408 -21.96 7.70 6.66
C ARG E 408 -22.70 6.43 7.03
N HIS E 409 -23.07 5.62 6.03
CA HIS E 409 -23.75 4.35 6.32
C HIS E 409 -22.87 3.44 7.15
N LEU E 410 -21.63 3.20 6.70
CA LEU E 410 -20.75 2.33 7.46
C LEU E 410 -20.48 2.88 8.84
N ALA E 411 -20.57 4.19 9.03
CA ALA E 411 -20.48 4.78 10.36
C ALA E 411 -21.84 4.85 11.06
N LEU E 412 -22.92 4.82 10.30
CA LEU E 412 -24.25 4.73 10.91
C LEU E 412 -24.49 3.33 11.46
N ALA E 413 -24.06 2.29 10.73
CA ALA E 413 -24.22 0.92 11.21
C ALA E 413 -23.41 0.68 12.47
N ILE E 414 -22.18 1.20 12.52
CA ILE E 414 -21.33 0.96 13.69
C ILE E 414 -21.95 1.59 14.92
N THR E 415 -22.61 2.74 14.76
CA THR E 415 -23.24 3.38 15.90
C THR E 415 -24.50 2.65 16.34
N ALA E 416 -25.25 2.11 15.38
CA ALA E 416 -26.49 1.41 15.70
C ALA E 416 -26.24 0.03 16.30
N ALA E 417 -25.15 -0.64 15.90
CA ALA E 417 -24.90 -2.00 16.35
C ALA E 417 -24.80 -2.10 17.87
N GLU E 418 -24.44 -1.01 18.54
CA GLU E 418 -24.34 -1.01 19.99
C GLU E 418 -25.53 -0.35 20.68
N HIS E 419 -26.33 0.42 19.96
CA HIS E 419 -27.43 1.15 20.57
C HIS E 419 -28.57 0.21 20.96
N TRP E 420 -28.94 -0.70 20.06
CA TRP E 420 -30.05 -1.63 20.27
C TRP E 420 -29.50 -3.02 20.54
N LYS E 421 -29.86 -3.59 21.68
CA LYS E 421 -29.43 -4.93 22.05
C LYS E 421 -30.60 -5.88 22.29
N ASN E 422 -31.84 -5.43 22.09
CA ASN E 422 -33.02 -6.28 22.24
C ASN E 422 -33.98 -5.99 21.10
N GLY E 423 -34.78 -6.99 20.76
CA GLY E 423 -35.73 -6.77 19.68
C GLY E 423 -35.02 -6.51 18.37
N CYS E 424 -35.66 -5.70 17.53
CA CYS E 424 -35.09 -5.38 16.23
C CYS E 424 -33.73 -4.73 16.40
N ARG E 425 -32.77 -5.18 15.59
CA ARG E 425 -31.39 -4.71 15.66
C ARG E 425 -30.86 -4.47 14.26
N VAL E 426 -29.72 -3.80 14.18
CA VAL E 426 -28.97 -3.68 12.94
C VAL E 426 -27.89 -4.75 12.95
N VAL E 427 -27.93 -5.67 11.99
CA VAL E 427 -27.12 -6.87 12.05
C VAL E 427 -25.90 -6.80 11.14
N GLY E 428 -25.97 -6.14 10.00
CA GLY E 428 -24.85 -6.16 9.08
C GLY E 428 -24.92 -5.05 8.06
N VAL E 429 -24.20 -5.25 6.96
CA VAL E 429 -24.10 -4.27 5.90
C VAL E 429 -24.18 -4.99 4.56
N ASP E 430 -24.95 -4.43 3.64
CA ASP E 430 -25.01 -4.90 2.26
C ASP E 430 -24.04 -4.10 1.41
N LEU E 431 -23.71 -4.65 0.23
CA LEU E 431 -22.75 -4.00 -0.67
C LEU E 431 -23.22 -4.21 -2.11
N ALA E 432 -23.91 -3.21 -2.66
CA ALA E 432 -24.27 -3.21 -4.07
C ALA E 432 -23.16 -2.59 -4.92
N GLY E 433 -21.94 -3.08 -4.72
CA GLY E 433 -20.79 -2.51 -5.39
C GLY E 433 -19.56 -3.34 -5.13
N PHE E 434 -18.45 -2.91 -5.72
CA PHE E 434 -17.18 -3.64 -5.69
C PHE E 434 -17.38 -5.10 -6.10
N GLU E 435 -18.04 -5.31 -7.23
CA GLU E 435 -18.34 -6.67 -7.68
C GLU E 435 -18.74 -6.68 -9.15
N PHE E 444 -11.03 -2.92 -3.32
CA PHE E 444 -11.38 -1.60 -2.82
C PHE E 444 -12.22 -1.70 -1.55
N ALA E 445 -11.64 -2.35 -0.54
CA ALA E 445 -12.29 -2.53 0.75
C ALA E 445 -11.87 -1.48 1.76
N THR E 446 -11.39 -0.33 1.29
CA THR E 446 -10.81 0.63 2.22
C THR E 446 -11.88 1.49 2.88
N ASP E 447 -12.94 0.84 3.36
CA ASP E 447 -13.92 1.46 4.27
C ASP E 447 -14.39 0.45 5.29
N PHE E 448 -13.84 -0.76 5.27
CA PHE E 448 -14.48 -1.92 5.91
C PHE E 448 -13.71 -2.44 7.11
N GLU E 449 -12.55 -1.88 7.39
CA GLU E 449 -11.82 -2.32 8.57
C GLU E 449 -12.60 -1.97 9.83
N PRO E 450 -13.13 -0.76 9.96
CA PRO E 450 -13.90 -0.42 11.16
C PRO E 450 -15.08 -1.35 11.39
N VAL E 451 -15.74 -1.75 10.30
CA VAL E 451 -16.94 -2.58 10.43
C VAL E 451 -16.61 -3.92 11.07
N HIS E 452 -15.55 -4.56 10.59
CA HIS E 452 -15.16 -5.86 11.14
C HIS E 452 -14.75 -5.75 12.60
N ARG E 453 -14.01 -4.70 12.95
CA ARG E 453 -13.47 -4.59 14.30
C ARG E 453 -14.56 -4.47 15.35
N VAL E 454 -15.78 -4.08 14.96
CA VAL E 454 -16.88 -3.97 15.92
C VAL E 454 -17.80 -5.19 15.90
N GLY E 455 -17.71 -6.03 14.88
CA GLY E 455 -18.51 -7.25 14.84
C GLY E 455 -19.81 -7.11 14.09
N LEU E 456 -19.76 -6.59 12.87
CA LEU E 456 -20.91 -6.52 11.99
C LEU E 456 -20.68 -7.44 10.81
N ALA E 457 -21.69 -8.22 10.46
CA ALA E 457 -21.58 -9.08 9.30
C ALA E 457 -21.42 -8.22 8.03
N VAL E 458 -21.00 -8.86 6.96
CA VAL E 458 -20.83 -8.20 5.68
C VAL E 458 -21.36 -9.12 4.59
N THR E 459 -22.40 -8.68 3.90
CA THR E 459 -23.00 -9.41 2.79
C THR E 459 -22.80 -8.62 1.51
N VAL E 460 -22.17 -9.25 0.52
CA VAL E 460 -21.86 -8.60 -0.75
C VAL E 460 -22.97 -8.92 -1.73
N HIS E 461 -23.64 -7.87 -2.23
CA HIS E 461 -24.78 -8.03 -3.11
C HIS E 461 -24.40 -8.49 -4.51
N ALA E 462 -23.11 -8.50 -4.84
CA ALA E 462 -22.65 -8.94 -6.15
C ALA E 462 -23.47 -8.30 -7.25
N GLY E 463 -23.39 -6.97 -7.36
CA GLY E 463 -24.25 -6.23 -8.27
C GLY E 463 -23.94 -6.45 -9.73
N GLU E 464 -24.01 -7.69 -10.20
CA GLU E 464 -23.89 -8.02 -11.60
C GLU E 464 -22.45 -7.87 -12.09
N ASN E 465 -22.08 -8.63 -13.12
CA ASN E 465 -20.72 -8.61 -13.66
C ASN E 465 -20.51 -9.77 -14.63
N ASP E 466 -20.92 -10.97 -14.22
CA ASP E 466 -20.61 -12.18 -14.98
C ASP E 466 -19.11 -12.41 -14.99
N ASP E 467 -18.53 -12.61 -13.81
CA ASP E 467 -17.11 -12.95 -13.69
C ASP E 467 -16.88 -13.74 -12.41
N VAL E 468 -15.62 -13.91 -12.02
CA VAL E 468 -15.29 -14.65 -10.81
C VAL E 468 -14.49 -13.77 -9.85
N GLU E 469 -13.54 -13.00 -10.39
CA GLU E 469 -12.66 -12.21 -9.55
C GLU E 469 -13.42 -11.30 -8.61
N GLY E 470 -14.59 -10.83 -9.00
CA GLY E 470 -15.43 -10.10 -8.06
C GLY E 470 -15.81 -10.93 -6.86
N ILE E 471 -16.20 -12.19 -7.09
CA ILE E 471 -16.55 -13.09 -6.00
C ILE E 471 -15.36 -13.41 -5.13
N TRP E 472 -14.18 -13.62 -5.72
N TRP E 472 -14.18 -13.60 -5.72
CA TRP E 472 -12.99 -13.94 -4.94
CA TRP E 472 -13.00 -13.95 -4.93
C TRP E 472 -12.65 -12.81 -3.97
C TRP E 472 -12.62 -12.82 -3.98
N GLN E 473 -12.60 -11.58 -4.47
CA GLN E 473 -12.25 -10.46 -3.61
C GLN E 473 -13.26 -10.25 -2.50
N ALA E 474 -14.51 -10.66 -2.68
CA ALA E 474 -15.52 -10.56 -1.63
C ALA E 474 -15.26 -11.55 -0.50
N VAL E 475 -14.92 -12.79 -0.85
CA VAL E 475 -14.74 -13.82 0.18
C VAL E 475 -13.51 -13.55 1.03
N PHE E 476 -12.43 -13.03 0.42
CA PHE E 476 -11.15 -12.91 1.10
C PHE E 476 -10.69 -11.48 1.33
N LYS E 477 -11.26 -10.49 0.63
CA LYS E 477 -10.88 -9.11 0.84
C LYS E 477 -11.92 -8.33 1.66
N LEU E 478 -13.20 -8.47 1.34
CA LEU E 478 -14.26 -7.86 2.13
C LEU E 478 -14.74 -8.76 3.25
N SER E 479 -14.21 -9.98 3.36
CA SER E 479 -14.64 -10.92 4.40
C SER E 479 -16.14 -11.14 4.36
N ALA E 480 -16.67 -11.34 3.17
CA ALA E 480 -18.10 -11.58 3.02
C ALA E 480 -18.51 -12.88 3.69
N ARG E 481 -19.64 -12.84 4.39
CA ARG E 481 -20.23 -14.02 4.99
C ARG E 481 -21.47 -14.49 4.25
N ARG E 482 -21.88 -13.76 3.21
CA ARG E 482 -22.97 -14.17 2.34
C ARG E 482 -22.73 -13.52 0.98
N LEU E 483 -23.26 -14.13 -0.06
CA LEU E 483 -23.07 -13.65 -1.42
C LEU E 483 -24.43 -13.53 -2.10
N GLY E 484 -24.64 -12.43 -2.81
CA GLY E 484 -25.91 -12.12 -3.41
C GLY E 484 -25.93 -12.46 -4.89
N HIS E 485 -26.86 -13.34 -5.26
CA HIS E 485 -27.08 -13.68 -6.67
C HIS E 485 -25.85 -14.33 -7.31
N ALA E 486 -25.03 -14.99 -6.51
CA ALA E 486 -23.81 -15.58 -7.04
C ALA E 486 -24.15 -16.78 -7.91
N LEU E 487 -24.46 -16.53 -9.18
CA LEU E 487 -24.96 -17.56 -10.09
C LEU E 487 -23.88 -18.19 -10.94
N HIS E 488 -22.62 -17.82 -10.78
CA HIS E 488 -21.56 -18.29 -11.66
C HIS E 488 -20.38 -18.86 -10.87
N LEU E 489 -20.65 -19.40 -9.68
CA LEU E 489 -19.59 -20.06 -8.92
C LEU E 489 -19.07 -21.30 -9.64
N SER E 490 -19.85 -21.88 -10.54
CA SER E 490 -19.47 -23.15 -11.16
C SER E 490 -18.31 -22.99 -12.11
N ARG E 491 -18.17 -21.83 -12.76
CA ARG E 491 -17.17 -21.68 -13.80
C ARG E 491 -15.76 -21.91 -13.24
N SER E 492 -15.47 -21.36 -12.06
CA SER E 492 -14.20 -21.58 -11.42
C SER E 492 -14.35 -22.69 -10.39
N PRO E 493 -14.08 -23.95 -10.74
CA PRO E 493 -14.34 -25.04 -9.79
C PRO E 493 -13.56 -24.91 -8.49
N ASP E 494 -12.43 -24.22 -8.51
CA ASP E 494 -11.70 -23.98 -7.26
C ASP E 494 -12.54 -23.13 -6.31
N LEU E 495 -13.21 -22.11 -6.83
CA LEU E 495 -13.98 -21.22 -5.96
C LEU E 495 -15.19 -21.94 -5.37
N LEU E 496 -15.79 -22.86 -6.13
CA LEU E 496 -16.96 -23.57 -5.62
C LEU E 496 -16.62 -24.36 -4.37
N ARG E 497 -15.46 -25.02 -4.36
CA ARG E 497 -15.04 -25.75 -3.18
C ARG E 497 -14.70 -24.82 -2.02
N VAL E 498 -14.06 -23.69 -2.32
CA VAL E 498 -13.67 -22.75 -1.27
C VAL E 498 -14.91 -22.18 -0.59
N VAL E 499 -15.90 -21.76 -1.39
CA VAL E 499 -17.11 -21.20 -0.79
C VAL E 499 -17.88 -22.25 -0.03
N ALA E 500 -17.87 -23.50 -0.50
CA ALA E 500 -18.61 -24.55 0.17
C ALA E 500 -18.00 -24.90 1.53
N GLU E 501 -16.67 -25.06 1.58
CA GLU E 501 -16.03 -25.49 2.81
C GLU E 501 -15.96 -24.40 3.87
N ARG E 502 -16.03 -23.14 3.48
CA ARG E 502 -15.98 -22.04 4.44
C ARG E 502 -17.33 -21.69 5.03
N GLY E 503 -18.42 -22.27 4.53
CA GLY E 503 -19.74 -21.97 5.03
C GLY E 503 -20.36 -20.72 4.45
N ILE E 504 -19.73 -20.09 3.47
CA ILE E 504 -20.29 -18.90 2.85
C ILE E 504 -21.67 -19.24 2.29
N ALA E 505 -22.70 -18.59 2.80
CA ALA E 505 -24.05 -18.80 2.32
C ALA E 505 -24.27 -18.02 1.04
N VAL E 506 -25.07 -18.59 0.13
CA VAL E 506 -25.33 -18.01 -1.18
C VAL E 506 -26.81 -17.70 -1.27
N GLU E 507 -27.14 -16.45 -1.60
CA GLU E 507 -28.52 -15.99 -1.67
C GLU E 507 -28.98 -16.03 -3.13
N LEU E 508 -30.03 -16.80 -3.39
CA LEU E 508 -30.56 -16.94 -4.74
C LEU E 508 -31.99 -16.41 -4.79
N CYS E 509 -32.27 -15.60 -5.81
CA CYS E 509 -33.60 -15.01 -6.01
C CYS E 509 -34.17 -15.54 -7.31
N PRO E 510 -35.11 -16.48 -7.27
CA PRO E 510 -35.58 -17.10 -8.51
C PRO E 510 -36.14 -16.12 -9.52
N TYR E 511 -37.19 -15.37 -9.15
CA TYR E 511 -37.77 -14.41 -10.07
C TYR E 511 -36.77 -13.31 -10.44
N ALA E 512 -36.19 -12.66 -9.42
CA ALA E 512 -35.25 -11.58 -9.69
C ALA E 512 -34.13 -12.05 -10.60
N ASN E 513 -33.63 -13.27 -10.39
CA ASN E 513 -32.62 -13.82 -11.29
C ASN E 513 -33.22 -14.26 -12.61
N LEU E 514 -34.49 -14.68 -12.60
CA LEU E 514 -35.14 -15.05 -13.85
C LEU E 514 -35.52 -13.82 -14.67
N GLN E 515 -35.95 -12.75 -14.00
CA GLN E 515 -36.36 -11.55 -14.70
C GLN E 515 -35.17 -10.76 -15.24
N ILE E 516 -34.05 -10.75 -14.52
CA ILE E 516 -32.89 -9.95 -14.90
C ILE E 516 -31.86 -10.75 -15.70
N LYS E 517 -31.89 -12.07 -15.65
CA LYS E 517 -30.95 -12.90 -16.37
C LYS E 517 -31.61 -13.81 -17.39
N GLY E 518 -32.66 -14.51 -17.00
CA GLY E 518 -33.36 -15.41 -17.90
C GLY E 518 -32.80 -16.80 -17.87
N PHE E 519 -33.60 -17.77 -17.44
CA PHE E 519 -33.18 -19.15 -17.34
C PHE E 519 -34.25 -20.05 -17.94
N PRO E 520 -33.85 -21.20 -18.49
CA PRO E 520 -34.85 -22.13 -19.05
C PRO E 520 -35.83 -22.58 -17.98
N LEU E 521 -37.08 -22.78 -18.40
CA LEU E 521 -38.13 -23.23 -17.51
C LEU E 521 -38.81 -24.47 -18.07
N ASP E 522 -39.28 -25.33 -17.17
CA ASP E 522 -40.04 -26.52 -17.52
C ASP E 522 -39.22 -27.58 -18.23
N GLU E 523 -37.89 -27.45 -18.24
CA GLU E 523 -37.05 -28.49 -18.80
C GLU E 523 -37.11 -29.75 -17.94
N GLU E 524 -37.16 -30.90 -18.60
CA GLU E 524 -37.22 -32.18 -17.90
C GLU E 524 -35.84 -32.79 -17.67
N GLN E 525 -34.78 -32.08 -18.02
CA GLN E 525 -33.42 -32.56 -17.81
C GLN E 525 -32.52 -31.38 -17.51
N GLU E 526 -31.44 -31.63 -16.77
CA GLU E 526 -30.47 -30.58 -16.48
C GLU E 526 -29.67 -30.23 -17.73
N GLY E 527 -28.99 -29.09 -17.67
CA GLY E 527 -28.23 -28.62 -18.80
C GLY E 527 -27.28 -27.50 -18.42
N SER E 528 -26.65 -26.93 -19.44
CA SER E 528 -25.68 -25.87 -19.22
C SER E 528 -26.35 -24.58 -18.77
N GLU E 529 -27.50 -24.25 -19.36
CA GLU E 529 -28.20 -23.01 -19.04
C GLU E 529 -29.15 -23.16 -17.86
N THR E 530 -29.30 -24.35 -17.30
CA THR E 530 -30.25 -24.56 -16.22
C THR E 530 -29.88 -23.73 -15.00
N TYR E 531 -30.88 -23.40 -14.20
CA TYR E 531 -30.66 -22.60 -13.00
C TYR E 531 -29.77 -23.39 -12.05
N PRO E 532 -28.75 -22.77 -11.46
CA PRO E 532 -27.69 -23.53 -10.77
C PRO E 532 -28.02 -23.96 -9.36
N LEU E 533 -29.28 -23.93 -8.95
CA LEU E 533 -29.61 -24.22 -7.56
C LEU E 533 -29.17 -25.63 -7.16
N ARG E 534 -29.50 -26.62 -8.00
CA ARG E 534 -29.19 -28.00 -7.63
C ARG E 534 -27.69 -28.23 -7.48
N GLY E 535 -26.91 -27.70 -8.42
CA GLY E 535 -25.47 -27.87 -8.33
C GLY E 535 -24.89 -27.30 -7.05
N TYR E 536 -25.38 -26.15 -6.63
CA TYR E 536 -24.90 -25.55 -5.40
C TYR E 536 -25.22 -26.42 -4.19
N LEU E 537 -26.42 -26.99 -4.16
CA LEU E 537 -26.76 -27.93 -3.10
C LEU E 537 -25.93 -29.20 -3.20
N ALA E 538 -25.78 -29.74 -4.40
CA ALA E 538 -25.06 -31.00 -4.59
C ALA E 538 -23.60 -30.90 -4.20
N ALA E 539 -23.03 -29.69 -4.18
CA ALA E 539 -21.65 -29.47 -3.80
C ALA E 539 -21.52 -29.02 -2.36
N GLY E 540 -22.56 -29.16 -1.56
CA GLY E 540 -22.51 -28.80 -0.16
C GLY E 540 -22.39 -27.31 0.09
N VAL E 541 -23.06 -26.49 -0.70
CA VAL E 541 -23.10 -25.05 -0.50
C VAL E 541 -24.30 -24.73 0.38
N ALA E 542 -24.25 -23.56 1.03
CA ALA E 542 -25.34 -23.12 1.90
C ALA E 542 -26.24 -22.17 1.11
N VAL E 543 -27.07 -22.77 0.26
CA VAL E 543 -27.93 -22.00 -0.63
C VAL E 543 -29.14 -21.50 0.13
N THR E 544 -29.79 -20.47 -0.42
CA THR E 544 -30.99 -19.89 0.18
C THR E 544 -31.84 -19.28 -0.92
N LEU E 545 -33.13 -19.14 -0.65
CA LEU E 545 -34.07 -18.53 -1.58
C LEU E 545 -34.82 -17.40 -0.88
N ASN E 546 -34.77 -16.21 -1.48
CA ASN E 546 -35.38 -15.02 -0.88
C ASN E 546 -36.29 -14.33 -1.89
N THR E 547 -36.77 -13.14 -1.53
CA THR E 547 -37.67 -12.38 -2.40
C THR E 547 -36.97 -11.28 -3.18
N ASP E 548 -35.85 -10.77 -2.69
CA ASP E 548 -35.14 -9.66 -3.33
C ASP E 548 -35.98 -8.38 -3.21
N ASN E 549 -36.61 -7.97 -4.31
CA ASN E 549 -37.53 -6.85 -4.32
C ASN E 549 -38.94 -7.41 -4.39
N LEU E 550 -39.68 -7.30 -3.30
CA LEU E 550 -41.02 -7.88 -3.24
C LEU E 550 -41.95 -7.21 -4.24
N GLY E 551 -41.83 -5.89 -4.42
CA GLY E 551 -42.72 -5.17 -5.30
C GLY E 551 -42.32 -5.24 -6.77
N ILE E 552 -41.09 -4.88 -7.08
CA ILE E 552 -40.64 -4.85 -8.47
C ILE E 552 -40.80 -6.23 -9.09
N SER E 553 -40.33 -7.26 -8.40
CA SER E 553 -40.49 -8.63 -8.89
C SER E 553 -41.95 -9.06 -8.86
N GLN E 554 -42.72 -8.54 -7.91
CA GLN E 554 -44.13 -8.89 -7.77
C GLN E 554 -44.30 -10.37 -7.47
N ALA E 555 -43.74 -10.79 -6.34
CA ALA E 555 -43.87 -12.17 -5.91
C ALA E 555 -43.47 -12.37 -4.46
N SER E 556 -44.36 -12.94 -3.66
CA SER E 556 -44.07 -13.22 -2.27
C SER E 556 -43.02 -14.31 -2.16
N LEU E 557 -42.49 -14.49 -0.95
CA LEU E 557 -41.49 -15.53 -0.72
C LEU E 557 -42.00 -16.89 -1.13
N THR E 558 -43.30 -17.15 -0.97
CA THR E 558 -43.84 -18.46 -1.30
C THR E 558 -43.68 -18.78 -2.78
N ASP E 559 -43.97 -17.82 -3.65
CA ASP E 559 -43.88 -18.08 -5.08
C ASP E 559 -42.45 -18.34 -5.52
N ASN E 560 -41.47 -17.80 -4.79
CA ASN E 560 -40.07 -18.08 -5.13
C ASN E 560 -39.76 -19.56 -4.96
N LEU E 561 -40.24 -20.16 -3.87
CA LEU E 561 -39.99 -21.58 -3.65
C LEU E 561 -40.62 -22.43 -4.74
N LEU E 562 -41.87 -22.11 -5.10
CA LEU E 562 -42.56 -22.89 -6.12
C LEU E 562 -41.85 -22.80 -7.47
N LEU E 563 -41.40 -21.60 -7.84
CA LEU E 563 -40.79 -21.43 -9.15
C LEU E 563 -39.60 -22.36 -9.34
N THR E 564 -38.86 -22.64 -8.27
CA THR E 564 -37.71 -23.53 -8.40
C THR E 564 -38.10 -24.87 -9.00
N ALA E 565 -39.33 -25.33 -8.75
CA ALA E 565 -39.79 -26.58 -9.34
C ALA E 565 -39.76 -26.50 -10.87
N ARG E 566 -40.23 -25.39 -11.43
CA ARG E 566 -40.15 -25.19 -12.87
C ARG E 566 -38.74 -24.83 -13.30
N LEU E 567 -38.02 -24.08 -12.46
CA LEU E 567 -36.70 -23.58 -12.85
C LEU E 567 -35.65 -24.67 -12.79
N CYS E 568 -35.54 -25.35 -11.64
CA CYS E 568 -34.61 -26.45 -11.48
C CYS E 568 -35.38 -27.76 -11.55
N PRO E 569 -35.18 -28.59 -12.57
CA PRO E 569 -35.99 -29.79 -12.71
C PRO E 569 -35.63 -30.85 -11.69
N GLY E 570 -36.62 -31.67 -11.34
CA GLY E 570 -36.39 -32.77 -10.44
C GLY E 570 -36.08 -32.39 -9.02
N ILE E 571 -36.49 -31.20 -8.58
CA ILE E 571 -36.21 -30.74 -7.23
C ILE E 571 -37.25 -31.33 -6.28
N THR E 572 -36.78 -32.05 -5.26
CA THR E 572 -37.69 -32.62 -4.28
C THR E 572 -38.05 -31.57 -3.23
N ARG E 573 -39.12 -31.84 -2.49
CA ARG E 573 -39.57 -30.87 -1.50
C ARG E 573 -38.79 -30.95 -0.19
N LEU E 574 -37.86 -31.90 -0.06
CA LEU E 574 -36.98 -31.88 1.10
C LEU E 574 -35.91 -30.80 0.95
N GLU E 575 -35.41 -30.59 -0.26
CA GLU E 575 -34.46 -29.51 -0.50
C GLU E 575 -35.06 -28.15 -0.21
N VAL E 576 -36.39 -28.02 -0.25
CA VAL E 576 -37.03 -26.79 0.21
C VAL E 576 -36.80 -26.60 1.70
N LEU E 577 -36.93 -27.68 2.48
CA LEU E 577 -36.68 -27.58 3.92
C LEU E 577 -35.21 -27.35 4.23
N LYS E 578 -34.31 -27.87 3.38
CA LYS E 578 -32.89 -27.61 3.59
C LYS E 578 -32.55 -26.14 3.42
N THR E 579 -33.19 -25.48 2.46
CA THR E 579 -32.92 -24.07 2.23
C THR E 579 -33.28 -23.22 3.45
N GLN E 580 -34.45 -23.49 4.04
CA GLN E 580 -34.81 -22.77 5.26
C GLN E 580 -33.91 -23.15 6.43
N VAL E 581 -33.54 -24.42 6.55
CA VAL E 581 -32.62 -24.79 7.61
C VAL E 581 -31.25 -24.18 7.35
N PHE E 582 -30.85 -24.09 6.08
CA PHE E 582 -29.62 -23.38 5.75
C PHE E 582 -29.74 -21.89 6.09
N ALA E 583 -30.87 -21.28 5.76
CA ALA E 583 -31.07 -19.87 6.04
C ALA E 583 -31.15 -19.59 7.53
N ALA E 584 -31.48 -20.58 8.35
CA ALA E 584 -31.50 -20.40 9.79
C ALA E 584 -30.10 -20.37 10.39
N GLN E 585 -29.13 -21.02 9.76
CA GLN E 585 -27.76 -21.01 10.25
C GLN E 585 -26.91 -19.91 9.65
N ALA E 586 -27.33 -19.34 8.51
CA ALA E 586 -26.60 -18.26 7.87
C ALA E 586 -27.12 -16.89 8.24
N ALA E 587 -28.19 -16.80 9.02
CA ALA E 587 -28.72 -15.51 9.43
C ALA E 587 -27.78 -14.83 10.42
N PHE E 588 -27.81 -13.51 10.41
CA PHE E 588 -26.98 -12.70 11.32
C PHE E 588 -27.70 -12.48 12.66
N ALA E 589 -28.14 -13.56 13.30
CA ALA E 589 -28.89 -13.47 14.53
C ALA E 589 -28.03 -13.90 15.71
N ASN E 590 -28.37 -13.41 16.89
CA ASN E 590 -27.65 -13.77 18.10
C ASN E 590 -28.13 -15.13 18.60
N GLN E 591 -27.59 -15.55 19.73
CA GLN E 591 -27.94 -16.87 20.27
C GLN E 591 -29.42 -16.96 20.61
N ALA E 592 -29.97 -15.91 21.23
CA ALA E 592 -31.37 -15.96 21.64
C ALA E 592 -32.31 -15.92 20.44
N GLU E 593 -32.05 -15.03 19.48
CA GLU E 593 -32.94 -14.92 18.33
C GLU E 593 -32.91 -16.18 17.48
N ARG E 594 -31.78 -16.88 17.48
CA ARG E 594 -31.73 -18.16 16.78
C ARG E 594 -32.58 -19.22 17.47
N LYS E 595 -32.60 -19.19 18.81
CA LYS E 595 -33.35 -20.18 19.55
C LYS E 595 -34.83 -20.12 19.21
N ALA E 596 -35.41 -18.92 19.19
CA ALA E 596 -36.81 -18.76 18.83
C ALA E 596 -37.05 -19.18 17.38
N LEU E 597 -36.13 -18.83 16.49
CA LEU E 597 -36.28 -19.24 15.09
C LEU E 597 -36.33 -20.74 14.95
N TRP E 598 -35.45 -21.45 15.66
CA TRP E 598 -35.41 -22.90 15.55
C TRP E 598 -36.71 -23.53 16.06
N ALA E 599 -37.28 -22.98 17.13
CA ALA E 599 -38.56 -23.47 17.62
C ALA E 599 -39.65 -23.30 16.56
N ARG E 600 -39.65 -22.17 15.85
CA ARG E 600 -40.65 -21.95 14.82
C ARG E 600 -40.52 -22.98 13.70
N LEU E 601 -39.28 -23.28 13.28
CA LEU E 601 -39.09 -24.20 12.16
C LEU E 601 -39.48 -25.63 12.51
N ALA E 602 -39.56 -25.96 13.80
CA ALA E 602 -39.92 -27.31 14.20
C ALA E 602 -41.39 -27.62 13.98
N GLN E 603 -42.21 -26.64 13.64
CA GLN E 603 -43.63 -26.84 13.40
C GLN E 603 -43.91 -26.96 11.90
N VAL E 604 -43.35 -28.00 11.30
CA VAL E 604 -43.51 -28.20 9.85
C VAL E 604 -44.95 -28.58 9.56
N PRO E 605 -45.62 -27.91 8.63
CA PRO E 605 -47.00 -28.30 8.28
C PRO E 605 -47.06 -29.76 7.85
N VAL E 606 -48.13 -30.42 8.25
CA VAL E 606 -48.35 -31.82 7.87
C VAL E 606 -48.93 -31.86 6.46
N PRO E 607 -48.32 -32.60 5.53
CA PRO E 607 -48.86 -32.68 4.17
C PRO E 607 -50.33 -33.02 4.14
N THR E 608 -50.98 -32.83 2.99
CA THR E 608 -52.39 -33.15 2.84
C THR E 608 -52.68 -34.05 1.64
N ASP E 609 -51.72 -34.29 0.77
CA ASP E 609 -51.94 -35.06 -0.45
C ASP E 609 -51.01 -36.26 -0.52
N THR E 610 -50.77 -36.90 0.62
CA THR E 610 -49.88 -38.06 0.69
C THR E 610 -50.66 -39.35 0.41
N GLU E 611 -51.24 -39.41 -0.78
CA GLU E 611 -51.98 -40.60 -1.19
C GLU E 611 -51.37 -41.22 -2.44
N GLN E 612 -50.73 -40.38 -3.27
CA GLN E 612 -50.07 -40.85 -4.48
C GLN E 612 -51.09 -41.39 -5.48
N MET F 1 -52.12 -63.80 -0.52
CA MET F 1 -52.38 -65.02 0.23
C MET F 1 -53.13 -64.74 1.53
N ARG F 2 -53.43 -65.79 2.27
CA ARG F 2 -54.11 -65.66 3.56
C ARG F 2 -53.79 -66.89 4.39
N ILE F 3 -53.20 -66.68 5.57
CA ILE F 3 -52.74 -67.76 6.43
C ILE F 3 -53.41 -67.61 7.79
N LEU F 4 -53.95 -68.71 8.31
CA LEU F 4 -54.61 -68.75 9.60
C LEU F 4 -53.88 -69.74 10.50
N LEU F 5 -53.59 -69.34 11.73
CA LEU F 5 -52.91 -70.18 12.70
C LEU F 5 -53.89 -70.65 13.76
N CYS F 6 -53.87 -71.94 14.05
CA CYS F 6 -54.81 -72.56 14.96
C CYS F 6 -54.09 -73.04 16.21
N SER F 7 -54.53 -72.57 17.36
CA SER F 7 -54.04 -73.03 18.65
C SER F 7 -54.91 -74.17 19.16
N VAL F 8 -54.29 -75.17 19.77
CA VAL F 8 -54.99 -76.35 20.24
C VAL F 8 -54.80 -76.48 21.75
N GLY F 9 -55.92 -76.61 22.46
CA GLY F 9 -55.90 -76.91 23.88
C GLY F 9 -56.51 -78.27 24.15
N THR F 10 -57.40 -78.35 25.15
CA THR F 10 -58.10 -79.61 25.41
C THR F 10 -59.29 -79.82 24.49
N SER F 11 -59.71 -78.80 23.76
CA SER F 11 -60.84 -78.89 22.83
C SER F 11 -60.32 -78.78 21.41
N TRP F 12 -60.65 -79.77 20.58
CA TRP F 12 -60.27 -79.77 19.18
C TRP F 12 -61.33 -79.14 18.28
N ALA F 13 -62.40 -78.59 18.86
CA ALA F 13 -63.48 -77.99 18.10
C ALA F 13 -63.22 -76.54 17.73
N VAL F 14 -62.13 -75.94 18.23
CA VAL F 14 -61.84 -74.55 17.91
C VAL F 14 -61.10 -74.40 16.58
N VAL F 15 -60.40 -75.44 16.14
CA VAL F 15 -59.68 -75.41 14.87
C VAL F 15 -60.66 -75.58 13.71
N PRO F 16 -61.50 -76.62 13.73
CA PRO F 16 -62.41 -76.81 12.59
C PRO F 16 -63.35 -75.65 12.37
N GLU F 17 -63.62 -74.85 13.40
CA GLU F 17 -64.43 -73.65 13.27
C GLU F 17 -63.60 -72.39 13.04
N ALA F 18 -62.27 -72.48 13.14
CA ALA F 18 -61.43 -71.30 13.03
C ALA F 18 -61.36 -70.80 11.58
N MET F 19 -61.16 -71.72 10.62
CA MET F 19 -61.05 -71.33 9.22
C MET F 19 -62.39 -70.95 8.61
N GLN F 20 -63.46 -70.91 9.40
CA GLN F 20 -64.77 -70.49 8.93
C GLN F 20 -64.99 -68.99 9.07
N LEU F 21 -64.01 -68.26 9.62
CA LEU F 21 -64.17 -66.83 9.81
C LEU F 21 -64.48 -66.12 8.49
N LEU F 22 -63.67 -66.37 7.47
CA LEU F 22 -63.89 -65.75 6.17
C LEU F 22 -65.11 -66.31 5.45
N GLY F 23 -65.60 -67.46 5.86
CA GLY F 23 -66.80 -68.03 5.25
C GLY F 23 -66.47 -68.88 4.04
N SER F 24 -67.06 -68.51 2.89
CA SER F 24 -66.88 -69.31 1.69
C SER F 24 -65.43 -69.35 1.25
N GLN F 25 -64.77 -68.19 1.23
CA GLN F 25 -63.40 -68.14 0.74
C GLN F 25 -62.46 -68.97 1.59
N GLY F 26 -62.80 -69.16 2.86
CA GLY F 26 -61.95 -69.95 3.74
C GLY F 26 -60.57 -69.36 3.84
N PHE F 27 -59.58 -70.25 3.92
CA PHE F 27 -58.18 -69.85 4.00
C PHE F 27 -57.36 -70.77 3.13
N ASP F 28 -56.45 -70.20 2.34
CA ASP F 28 -55.63 -71.01 1.44
C ASP F 28 -54.93 -72.13 2.21
N GLU F 29 -54.37 -71.82 3.37
CA GLU F 29 -53.82 -72.84 4.25
C GLU F 29 -53.86 -72.31 5.68
N VAL F 30 -54.23 -73.18 6.62
CA VAL F 30 -54.29 -72.84 8.03
C VAL F 30 -53.40 -73.82 8.79
N HIS F 31 -52.50 -73.29 9.62
CA HIS F 31 -51.65 -74.12 10.45
C HIS F 31 -52.25 -74.26 11.84
N VAL F 32 -52.01 -75.41 12.46
CA VAL F 32 -52.59 -75.76 13.75
C VAL F 32 -51.46 -75.95 14.75
N LEU F 33 -51.58 -75.30 15.90
CA LEU F 33 -50.60 -75.42 16.98
C LEU F 33 -51.16 -76.30 18.08
N THR F 34 -50.38 -77.30 18.49
CA THR F 34 -50.83 -78.29 19.46
C THR F 34 -49.68 -78.64 20.39
N THR F 35 -50.02 -79.23 21.53
CA THR F 35 -49.05 -79.64 22.54
C THR F 35 -48.92 -81.16 22.56
N ALA F 36 -47.88 -81.62 23.24
CA ALA F 36 -47.54 -83.05 23.27
C ALA F 36 -48.33 -83.84 24.30
N SER F 37 -49.14 -83.18 25.13
CA SER F 37 -49.86 -83.88 26.18
C SER F 37 -50.81 -84.92 25.58
N SER F 38 -50.92 -86.06 26.28
CA SER F 38 -51.75 -87.15 25.79
C SER F 38 -53.24 -86.82 25.80
N LYS F 39 -53.67 -85.96 26.71
CA LYS F 39 -55.11 -85.66 26.84
C LYS F 39 -55.69 -85.05 25.56
N ILE F 40 -54.85 -84.49 24.69
CA ILE F 40 -55.31 -83.84 23.47
C ILE F 40 -55.11 -84.71 22.24
N SER F 41 -54.61 -85.93 22.39
CA SER F 41 -54.40 -86.82 21.25
C SER F 41 -55.65 -87.05 20.43
N PRO F 42 -56.80 -87.38 21.00
CA PRO F 42 -58.00 -87.59 20.17
C PRO F 42 -58.47 -86.34 19.44
N GLY F 43 -58.15 -85.14 19.97
CA GLY F 43 -58.46 -83.93 19.25
C GLY F 43 -57.65 -83.73 18.00
N VAL F 44 -56.37 -84.11 18.01
CA VAL F 44 -55.55 -84.05 16.80
C VAL F 44 -56.06 -85.06 15.77
N GLU F 45 -56.49 -86.23 16.22
CA GLU F 45 -57.00 -87.23 15.30
C GLU F 45 -58.24 -86.72 14.56
N GLN F 46 -59.16 -86.10 15.29
CA GLN F 46 -60.36 -85.57 14.65
C GLN F 46 -60.01 -84.49 13.64
N LEU F 47 -59.08 -83.59 14.01
CA LEU F 47 -58.64 -82.58 13.05
C LEU F 47 -57.98 -83.23 11.85
N LEU F 48 -57.17 -84.27 12.08
CA LEU F 48 -56.66 -85.05 10.96
C LEU F 48 -57.80 -85.64 10.14
N ARG F 49 -58.81 -86.20 10.82
CA ARG F 49 -59.98 -86.70 10.12
C ARG F 49 -60.77 -85.56 9.48
N TYR F 50 -60.89 -84.44 10.18
CA TYR F 50 -61.65 -83.30 9.65
C TYR F 50 -61.01 -82.75 8.39
N PHE F 51 -59.68 -82.65 8.37
CA PHE F 51 -58.99 -82.09 7.22
C PHE F 51 -59.21 -82.94 5.97
N GLU F 52 -59.14 -84.27 6.11
CA GLU F 52 -59.30 -85.13 4.95
C GLU F 52 -60.68 -85.00 4.32
N MET F 53 -61.73 -84.94 5.15
CA MET F 53 -63.09 -84.80 4.65
C MET F 53 -63.42 -83.37 4.25
N HIS F 54 -62.59 -82.39 4.62
CA HIS F 54 -62.73 -81.01 4.15
C HIS F 54 -61.36 -80.53 3.68
N PRO F 55 -60.84 -81.12 2.61
CA PRO F 55 -59.51 -80.76 2.11
C PRO F 55 -59.60 -79.61 1.11
N GLY F 56 -58.44 -79.27 0.55
CA GLY F 56 -58.32 -78.20 -0.42
C GLY F 56 -57.32 -77.16 -0.01
N PRO F 57 -57.32 -76.79 1.27
CA PRO F 57 -56.23 -75.97 1.81
C PRO F 57 -55.13 -76.83 2.42
N ARG F 58 -53.97 -76.21 2.62
CA ARG F 58 -52.87 -76.88 3.28
C ARG F 58 -53.16 -77.02 4.77
N PHE F 59 -52.71 -78.14 5.36
CA PHE F 59 -52.94 -78.42 6.76
C PHE F 59 -51.70 -79.02 7.38
N SER F 60 -51.50 -78.73 8.67
CA SER F 60 -50.43 -79.34 9.45
C SER F 60 -50.65 -78.98 10.92
N ILE F 61 -50.43 -79.96 11.79
CA ILE F 61 -50.57 -79.79 13.23
C ILE F 61 -49.23 -80.10 13.89
N SER F 62 -48.77 -79.20 14.74
CA SER F 62 -47.47 -79.32 15.38
C SER F 62 -47.65 -79.40 16.89
N ARG F 63 -46.74 -80.11 17.55
CA ARG F 63 -46.75 -80.28 18.99
C ARG F 63 -45.38 -79.96 19.57
N VAL F 64 -45.38 -79.50 20.82
CA VAL F 64 -44.14 -79.18 21.52
C VAL F 64 -43.57 -80.46 22.10
N GLN F 65 -42.47 -80.94 21.52
CA GLN F 65 -41.85 -82.17 22.00
C GLN F 65 -41.36 -82.02 23.44
N ASP F 66 -40.82 -80.86 23.79
CA ASP F 66 -40.27 -80.62 25.12
C ASP F 66 -41.33 -80.14 26.12
N PHE F 67 -42.56 -79.91 25.68
CA PHE F 67 -43.62 -79.38 26.54
C PHE F 67 -44.81 -80.31 26.48
N GLU F 68 -45.19 -80.86 27.64
CA GLU F 68 -46.36 -81.72 27.75
C GLU F 68 -47.53 -81.00 28.43
N ASP F 69 -47.30 -80.41 29.59
CA ASP F 69 -48.31 -79.65 30.30
C ASP F 69 -47.68 -78.37 30.84
N LEU F 70 -48.52 -77.37 31.06
CA LEU F 70 -48.06 -76.08 31.58
C LEU F 70 -47.86 -76.23 33.09
N ARG F 71 -46.59 -76.28 33.51
CA ARG F 71 -46.24 -76.46 34.90
C ARG F 71 -45.52 -75.27 35.52
N SER F 72 -44.90 -74.41 34.72
CA SER F 72 -44.18 -73.25 35.24
C SER F 72 -43.80 -72.36 34.06
N GLU F 73 -43.19 -71.22 34.37
CA GLU F 73 -42.79 -70.27 33.34
C GLU F 73 -41.80 -70.90 32.37
N GLN F 74 -40.81 -71.63 32.89
CA GLN F 74 -39.86 -72.29 32.01
C GLN F 74 -40.57 -73.23 31.03
N ASP F 75 -41.58 -73.95 31.52
CA ASP F 75 -42.45 -74.69 30.61
C ASP F 75 -43.10 -73.75 29.61
N HIS F 76 -43.53 -72.58 30.08
CA HIS F 76 -44.13 -71.59 29.19
C HIS F 76 -43.06 -70.88 28.35
N MET F 77 -41.93 -70.54 28.95
CA MET F 77 -40.93 -69.74 28.25
C MET F 77 -40.48 -70.41 26.97
N LEU F 78 -40.53 -71.74 26.91
CA LEU F 78 -40.23 -72.46 25.69
C LEU F 78 -41.40 -72.50 24.71
N PHE F 79 -42.57 -71.98 25.12
CA PHE F 79 -43.74 -72.00 24.25
C PHE F 79 -43.67 -70.90 23.20
N GLU F 80 -43.58 -69.64 23.64
CA GLU F 80 -43.51 -68.53 22.70
C GLU F 80 -42.27 -68.62 21.83
N GLU F 81 -41.13 -68.98 22.43
CA GLU F 81 -39.91 -69.17 21.65
C GLU F 81 -40.16 -70.10 20.48
N VAL F 82 -40.77 -71.26 20.74
CA VAL F 82 -41.24 -72.10 19.65
C VAL F 82 -42.37 -71.40 18.89
N LEU F 83 -43.23 -70.69 19.62
CA LEU F 83 -44.33 -69.98 18.98
C LEU F 83 -43.80 -68.96 17.98
N TRP F 84 -42.80 -68.17 18.39
CA TRP F 84 -42.31 -67.11 17.53
C TRP F 84 -41.68 -67.66 16.26
N ARG F 85 -40.76 -68.61 16.41
CA ARG F 85 -40.18 -69.25 15.24
C ARG F 85 -41.24 -69.99 14.43
N TRP F 86 -42.14 -70.69 15.13
CA TRP F 86 -43.27 -71.32 14.46
C TRP F 86 -44.16 -70.27 13.81
N LEU F 87 -44.38 -69.14 14.50
CA LEU F 87 -45.16 -68.05 13.94
C LEU F 87 -44.51 -67.53 12.65
N LEU F 88 -43.20 -67.31 12.69
CA LEU F 88 -42.48 -66.86 11.50
C LEU F 88 -42.30 -68.00 10.49
N GLN F 89 -41.96 -69.19 10.97
CA GLN F 89 -41.82 -70.34 10.07
C GLN F 89 -43.14 -70.63 9.37
N ARG F 90 -44.25 -70.60 10.11
CA ARG F 90 -45.54 -70.92 9.53
C ARG F 90 -46.22 -69.70 8.94
N ALA F 91 -45.93 -68.51 9.46
CA ALA F 91 -46.52 -67.26 8.98
C ALA F 91 -45.41 -66.23 8.80
N PRO F 92 -44.60 -66.38 7.75
CA PRO F 92 -43.46 -65.47 7.59
C PRO F 92 -43.84 -64.00 7.50
N GLN F 93 -44.92 -63.68 6.79
CA GLN F 93 -45.32 -62.29 6.58
C GLN F 93 -46.12 -61.79 7.77
N ALA F 94 -46.62 -60.55 7.65
CA ALA F 94 -47.42 -59.94 8.71
C ALA F 94 -48.85 -59.65 8.29
N ALA F 95 -49.09 -59.34 7.02
CA ALA F 95 -50.42 -59.03 6.53
C ALA F 95 -51.21 -60.28 6.14
N HIS F 96 -50.58 -61.45 6.13
CA HIS F 96 -51.25 -62.70 5.80
C HIS F 96 -51.50 -63.59 7.01
N ARG F 97 -51.23 -63.09 8.22
CA ARG F 97 -51.39 -63.89 9.43
C ARG F 97 -52.71 -63.55 10.11
N TYR F 98 -53.58 -64.55 10.22
CA TYR F 98 -54.77 -64.49 11.04
C TYR F 98 -54.64 -65.55 12.12
N ILE F 99 -54.65 -65.14 13.38
CA ILE F 99 -54.33 -66.03 14.49
C ILE F 99 -55.48 -66.02 15.48
N CYS F 100 -55.95 -67.21 15.84
CA CYS F 100 -57.02 -67.39 16.81
C CYS F 100 -56.44 -67.84 18.15
N LEU F 101 -57.01 -67.28 19.22
CA LEU F 101 -56.55 -67.57 20.59
C LEU F 101 -57.46 -68.56 21.31
N ALA F 102 -58.33 -69.25 20.58
CA ALA F 102 -59.29 -70.14 21.22
C ALA F 102 -58.59 -71.27 21.98
N GLY F 103 -57.57 -71.86 21.39
CA GLY F 103 -56.89 -73.01 21.97
C GLY F 103 -55.68 -72.61 22.79
N GLY F 104 -55.49 -73.30 23.91
CA GLY F 104 -54.34 -73.06 24.76
C GLY F 104 -54.68 -72.54 26.14
N TYR F 105 -53.74 -72.69 27.08
CA TYR F 105 -53.92 -72.16 28.41
C TYR F 105 -54.20 -70.66 28.37
N LYS F 106 -54.72 -70.14 29.48
CA LYS F 106 -55.00 -68.71 29.56
C LYS F 106 -53.75 -67.88 29.32
N THR F 107 -52.57 -68.39 29.66
CA THR F 107 -51.32 -67.70 29.33
C THR F 107 -50.93 -67.93 27.87
N ILE F 108 -51.34 -69.07 27.29
CA ILE F 108 -51.04 -69.31 25.88
C ILE F 108 -51.71 -68.28 25.01
N SER F 109 -52.97 -67.94 25.32
CA SER F 109 -53.65 -66.88 24.59
C SER F 109 -52.88 -65.56 24.71
N ALA F 110 -52.45 -65.22 25.93
CA ALA F 110 -51.68 -64.00 26.11
C ALA F 110 -50.34 -64.08 25.37
N ALA F 111 -49.68 -65.22 25.45
CA ALA F 111 -48.39 -65.38 24.78
C ALA F 111 -48.55 -65.36 23.26
N MET F 112 -49.64 -65.89 22.73
CA MET F 112 -49.88 -65.85 21.29
C MET F 112 -50.35 -64.48 20.83
N GLN F 113 -51.10 -63.75 21.67
CA GLN F 113 -51.58 -62.43 21.27
C GLN F 113 -50.45 -61.40 21.28
N ARG F 114 -49.53 -61.50 22.24
CA ARG F 114 -48.39 -60.59 22.26
C ARG F 114 -47.62 -60.66 20.95
N ALA F 115 -47.53 -61.86 20.36
CA ALA F 115 -46.88 -61.98 19.06
C ALA F 115 -47.48 -61.02 18.05
N ALA F 116 -48.80 -60.83 18.09
CA ALA F 116 -49.43 -59.83 17.24
C ALA F 116 -48.98 -58.43 17.62
N ALA F 117 -48.88 -58.14 18.91
CA ALA F 117 -48.45 -56.84 19.40
C ALA F 117 -46.96 -56.61 19.24
N LEU F 118 -46.20 -57.63 18.83
CA LEU F 118 -44.77 -57.50 18.59
C LEU F 118 -44.42 -57.66 17.12
N PHE F 119 -44.85 -58.74 16.49
CA PHE F 119 -44.57 -59.00 15.09
C PHE F 119 -45.71 -58.56 14.17
N GLY F 120 -46.75 -57.93 14.71
CA GLY F 120 -47.83 -57.42 13.89
C GLY F 120 -48.71 -58.53 13.35
N ALA F 121 -50.01 -58.26 13.25
CA ALA F 121 -50.96 -59.25 12.78
C ALA F 121 -52.02 -58.58 11.91
N CYS F 122 -52.37 -59.24 10.80
CA CYS F 122 -53.47 -58.76 9.99
C CYS F 122 -54.78 -58.79 10.76
N GLU F 123 -55.00 -59.83 11.55
CA GLU F 123 -56.22 -59.97 12.33
C GLU F 123 -56.03 -61.03 13.39
N VAL F 124 -56.35 -60.69 14.63
CA VAL F 124 -56.33 -61.63 15.76
C VAL F 124 -57.73 -61.68 16.34
N PHE F 125 -58.26 -62.90 16.49
CA PHE F 125 -59.66 -63.06 16.83
C PHE F 125 -59.83 -64.28 17.73
N HIS F 126 -61.04 -64.40 18.29
CA HIS F 126 -61.42 -65.54 19.10
C HIS F 126 -62.76 -66.05 18.63
N VAL F 127 -62.95 -67.37 18.72
CA VAL F 127 -64.14 -68.04 18.22
C VAL F 127 -65.04 -68.41 19.39
N LEU F 128 -66.33 -68.14 19.26
CA LEU F 128 -67.31 -68.44 20.29
C LEU F 128 -68.38 -69.37 19.71
N CYS F 129 -68.76 -70.37 20.49
CA CYS F 129 -69.70 -71.39 20.06
C CYS F 129 -70.91 -71.41 20.98
N GLU F 130 -72.10 -71.52 20.38
CA GLU F 130 -73.32 -71.62 21.15
C GLU F 130 -73.46 -73.02 21.75
N PRO F 131 -73.70 -73.16 23.04
CA PRO F 131 -73.85 -74.49 23.64
C PRO F 131 -75.15 -75.16 23.24
N ARG F 132 -75.36 -75.37 21.93
CA ARG F 132 -76.57 -75.96 21.42
C ARG F 132 -76.39 -77.38 20.92
N PHE F 133 -75.23 -77.98 21.17
CA PHE F 133 -74.90 -79.30 20.64
C PHE F 133 -74.53 -80.24 21.78
N GLY F 134 -74.68 -81.54 21.52
CA GLY F 134 -74.40 -82.55 22.51
C GLY F 134 -75.64 -83.31 22.93
N PRO F 135 -75.46 -84.41 23.65
CA PRO F 135 -76.62 -85.20 24.08
C PRO F 135 -77.61 -84.40 24.91
N GLN F 136 -77.12 -83.50 25.77
CA GLN F 136 -77.98 -82.66 26.59
C GLN F 136 -78.37 -81.36 25.89
N GLY F 137 -77.79 -81.06 24.74
CA GLY F 137 -78.07 -79.82 24.05
C GLY F 137 -77.50 -78.59 24.73
N ASN F 138 -76.75 -78.75 25.81
CA ASN F 138 -76.18 -77.63 26.54
C ASN F 138 -74.67 -77.52 26.36
N ARG F 139 -74.07 -78.37 25.54
CA ARG F 139 -72.64 -78.34 25.27
C ARG F 139 -72.39 -77.79 23.87
N GLU F 140 -71.12 -77.78 23.48
CA GLU F 140 -70.71 -77.28 22.17
C GLU F 140 -70.18 -78.44 21.33
N ALA F 141 -69.75 -78.11 20.11
CA ALA F 141 -69.25 -79.13 19.20
C ALA F 141 -68.04 -79.84 19.78
N SER F 142 -68.08 -81.17 19.79
CA SER F 142 -66.93 -81.97 20.22
C SER F 142 -66.64 -83.13 19.29
N THR F 143 -67.42 -83.32 18.23
CA THR F 143 -67.21 -84.38 17.26
C THR F 143 -67.32 -83.78 15.85
N LEU F 144 -66.89 -84.57 14.87
CA LEU F 144 -66.93 -84.10 13.48
C LEU F 144 -68.36 -83.79 13.05
N GLU F 145 -69.31 -84.64 13.45
CA GLU F 145 -70.70 -84.41 13.07
C GLU F 145 -71.25 -83.12 13.66
N GLU F 146 -70.93 -82.84 14.92
CA GLU F 146 -71.39 -81.60 15.53
C GLU F 146 -70.75 -80.39 14.85
N VAL F 147 -69.46 -80.47 14.52
CA VAL F 147 -68.77 -79.34 13.94
C VAL F 147 -69.38 -78.97 12.58
N GLU F 148 -69.66 -79.97 11.75
CA GLU F 148 -70.24 -79.69 10.44
C GLU F 148 -71.60 -79.03 10.58
N GLN F 149 -72.43 -79.52 11.49
CA GLN F 149 -73.73 -78.89 11.74
C GLN F 149 -73.55 -77.49 12.31
N ALA F 150 -72.55 -77.31 13.18
CA ALA F 150 -72.30 -76.00 13.76
C ALA F 150 -71.97 -74.97 12.68
N ILE F 151 -71.14 -75.35 11.71
CA ILE F 151 -70.77 -74.42 10.65
C ILE F 151 -72.00 -74.00 9.85
N ALA F 152 -72.85 -74.97 9.50
CA ALA F 152 -74.06 -74.65 8.75
C ALA F 152 -75.11 -73.98 9.63
N THR F 153 -75.22 -74.40 10.90
CA THR F 153 -76.21 -73.84 11.80
C THR F 153 -75.90 -72.40 12.19
N ASN F 154 -74.72 -71.90 11.87
CA ASN F 154 -74.32 -70.53 12.24
C ASN F 154 -74.40 -70.35 13.76
N ALA F 155 -73.88 -71.32 14.49
CA ALA F 155 -73.79 -71.25 15.94
C ALA F 155 -72.51 -70.57 16.41
N LEU F 156 -71.67 -70.13 15.48
CA LEU F 156 -70.36 -69.56 15.80
C LEU F 156 -70.41 -68.05 15.68
N ARG F 157 -69.94 -67.37 16.72
CA ARG F 157 -69.84 -65.91 16.75
C ARG F 157 -68.38 -65.53 16.96
N PHE F 158 -67.72 -65.10 15.90
CA PHE F 158 -66.32 -64.72 15.97
C PHE F 158 -66.17 -63.33 16.56
N VAL F 159 -65.14 -63.15 17.39
CA VAL F 159 -64.75 -61.86 17.92
C VAL F 159 -63.40 -61.51 17.35
N ARG F 160 -63.34 -60.46 16.53
CA ARG F 160 -62.12 -60.04 15.87
C ARG F 160 -61.54 -58.84 16.60
N LEU F 161 -60.28 -58.95 17.03
CA LEU F 161 -59.62 -57.87 17.77
C LEU F 161 -59.20 -56.72 16.87
N GLY F 162 -58.92 -56.99 15.60
CA GLY F 162 -58.47 -55.95 14.69
C GLY F 162 -57.04 -56.18 14.23
N PRO F 163 -56.44 -55.16 13.62
CA PRO F 163 -55.07 -55.29 13.12
C PRO F 163 -54.03 -54.89 14.16
N GLU F 164 -52.95 -55.66 14.20
CA GLU F 164 -51.85 -55.39 15.13
C GLU F 164 -50.65 -54.87 14.34
N PRO F 165 -50.26 -53.61 14.52
CA PRO F 165 -49.12 -53.08 13.76
C PRO F 165 -47.80 -53.77 14.09
N GLY F 166 -47.47 -53.84 15.38
CA GLY F 166 -46.20 -54.40 15.79
C GLY F 166 -45.16 -53.33 16.07
N TRP F 167 -43.90 -53.76 16.02
CA TRP F 167 -42.83 -52.81 16.21
C TRP F 167 -41.85 -52.85 15.04
N PRO F 168 -41.50 -51.68 14.49
CA PRO F 168 -40.76 -51.64 13.22
C PRO F 168 -39.67 -52.69 13.08
N GLN F 169 -38.73 -52.76 14.03
CA GLN F 169 -37.58 -53.62 13.88
C GLN F 169 -37.92 -55.11 13.95
N LEU F 170 -39.21 -55.47 14.03
CA LEU F 170 -39.62 -56.86 14.07
C LEU F 170 -40.32 -57.32 12.81
N ARG F 171 -40.36 -56.49 11.77
CA ARG F 171 -40.79 -56.96 10.46
C ARG F 171 -39.72 -57.81 9.80
N LEU F 172 -38.46 -57.39 9.92
CA LEU F 172 -37.36 -58.03 9.21
C LEU F 172 -37.03 -59.42 9.73
N LEU F 173 -37.42 -59.75 10.96
CA LEU F 173 -37.15 -61.08 11.49
C LEU F 173 -37.78 -62.14 10.61
N SER F 174 -37.03 -63.20 10.34
CA SER F 174 -37.47 -64.24 9.43
C SER F 174 -36.99 -65.60 9.92
N ALA F 175 -37.69 -66.64 9.47
CA ALA F 175 -37.30 -68.01 9.81
C ALA F 175 -35.89 -68.35 9.39
N PRO F 176 -35.41 -68.00 8.19
CA PRO F 176 -34.05 -68.43 7.81
C PRO F 176 -32.97 -67.93 8.75
N SER F 177 -33.13 -66.74 9.32
CA SER F 177 -32.17 -66.27 10.32
C SER F 177 -32.23 -67.12 11.58
N PHE F 178 -33.43 -67.46 12.03
CA PHE F 178 -33.64 -68.27 13.23
C PHE F 178 -34.49 -69.48 12.86
N PRO F 179 -33.85 -70.62 12.60
CA PRO F 179 -34.58 -71.80 12.17
C PRO F 179 -35.09 -72.64 13.34
N LEU F 180 -36.02 -73.54 13.01
CA LEU F 180 -36.63 -74.45 13.97
C LEU F 180 -36.58 -75.87 13.41
N GLU F 181 -36.33 -76.84 14.29
CA GLU F 181 -36.30 -78.24 13.89
C GLU F 181 -37.65 -78.88 14.18
N SER F 182 -38.20 -79.56 13.18
CA SER F 182 -39.48 -80.25 13.31
C SER F 182 -39.30 -81.70 12.89
N THR F 183 -39.81 -82.61 13.71
CA THR F 183 -39.73 -84.05 13.45
C THR F 183 -41.10 -84.55 13.01
N LEU F 184 -41.16 -85.12 11.82
CA LEU F 184 -42.42 -85.64 11.29
C LEU F 184 -42.78 -86.96 11.96
N GLN F 185 -44.08 -87.17 12.14
CA GLN F 185 -44.63 -88.42 12.62
C GLN F 185 -45.85 -88.82 11.78
N GLY F 186 -45.70 -88.73 10.47
CA GLY F 186 -46.78 -89.04 9.56
C GLY F 186 -47.30 -87.79 8.88
N PRO F 187 -48.61 -87.55 8.99
CA PRO F 187 -49.18 -86.30 8.45
C PRO F 187 -49.07 -85.16 9.43
N VAL F 188 -48.26 -85.36 10.48
CA VAL F 188 -48.14 -84.40 11.57
C VAL F 188 -46.68 -83.98 11.70
N HIS F 189 -46.49 -82.77 12.23
CA HIS F 189 -45.17 -82.19 12.45
C HIS F 189 -44.93 -82.04 13.94
N TRP F 190 -43.81 -82.58 14.42
CA TRP F 190 -43.38 -82.40 15.80
C TRP F 190 -42.28 -81.34 15.80
N VAL F 191 -42.64 -80.13 16.22
CA VAL F 191 -41.74 -78.99 16.17
C VAL F 191 -41.02 -78.84 17.50
N ARG F 192 -39.71 -78.64 17.44
CA ARG F 192 -38.88 -78.43 18.62
C ARG F 192 -38.01 -77.19 18.41
N ALA F 193 -37.68 -76.53 19.50
CA ALA F 193 -36.82 -75.35 19.47
C ALA F 193 -35.42 -75.78 19.89
N SER F 194 -34.46 -75.67 18.96
CA SER F 194 -33.10 -76.09 19.26
C SER F 194 -32.51 -75.27 20.40
N ASP F 195 -32.72 -73.96 20.38
CA ASP F 195 -32.14 -73.07 21.36
C ASP F 195 -33.16 -71.97 21.66
N MET F 196 -32.72 -70.92 22.34
CA MET F 196 -33.58 -69.83 22.76
C MET F 196 -33.08 -68.54 22.14
N ARG F 197 -32.76 -68.58 20.85
CA ARG F 197 -32.04 -67.50 20.18
C ARG F 197 -32.97 -66.42 19.60
N LEU F 198 -34.26 -66.69 19.44
CA LEU F 198 -35.18 -65.68 18.94
C LEU F 198 -35.75 -64.79 20.05
N ARG F 199 -35.55 -65.13 21.31
CA ARG F 199 -36.14 -64.35 22.39
C ARG F 199 -35.21 -63.24 22.87
N GLN F 200 -33.90 -63.50 22.91
CA GLN F 200 -32.95 -62.45 23.29
C GLN F 200 -32.94 -61.33 22.25
N HIS F 201 -33.03 -61.67 20.97
CA HIS F 201 -33.01 -60.65 19.94
C HIS F 201 -34.16 -59.67 20.12
N VAL F 202 -35.39 -60.18 20.24
CA VAL F 202 -36.53 -59.30 20.42
C VAL F 202 -36.43 -58.57 21.75
N GLU F 203 -36.11 -59.30 22.82
CA GLU F 203 -35.93 -58.67 24.12
C GLU F 203 -34.80 -57.65 24.09
N GLY F 204 -33.79 -57.87 23.25
CA GLY F 204 -32.70 -56.93 23.10
C GLY F 204 -33.00 -55.74 22.21
N VAL F 205 -34.08 -55.81 21.42
CA VAL F 205 -34.48 -54.67 20.61
C VAL F 205 -35.47 -53.79 21.37
N LEU F 206 -36.40 -54.39 22.11
CA LEU F 206 -37.33 -53.60 22.90
C LEU F 206 -36.59 -52.80 23.98
N GLU F 207 -35.62 -53.41 24.64
CA GLU F 207 -34.87 -52.70 25.68
C GLU F 207 -34.12 -51.51 25.09
N ARG F 208 -33.47 -51.70 23.95
CA ARG F 208 -32.80 -50.59 23.29
C ARG F 208 -33.80 -49.67 22.60
N SER F 209 -34.85 -50.23 22.01
CA SER F 209 -35.83 -49.41 21.31
C SER F 209 -36.48 -48.41 22.26
N ARG F 210 -36.80 -48.85 23.47
CA ARG F 210 -37.34 -47.93 24.47
C ARG F 210 -36.36 -46.80 24.76
N HIS F 211 -35.06 -47.10 24.74
CA HIS F 211 -34.07 -46.08 25.05
C HIS F 211 -34.10 -44.96 24.04
N ILE F 212 -34.21 -45.29 22.75
CA ILE F 212 -34.25 -44.25 21.72
C ILE F 212 -35.46 -43.36 21.92
N LEU F 213 -36.52 -43.91 22.51
CA LEU F 213 -37.78 -43.20 22.58
C LEU F 213 -37.90 -42.37 23.86
N ALA F 214 -37.10 -42.69 24.88
CA ALA F 214 -37.14 -41.91 26.11
C ALA F 214 -36.20 -40.72 26.05
N ALA F 215 -35.08 -40.86 25.33
CA ALA F 215 -34.12 -39.78 25.15
C ALA F 215 -34.39 -38.99 23.88
N TRP F 216 -35.47 -39.30 23.16
CA TRP F 216 -35.82 -38.53 21.97
C TRP F 216 -36.10 -37.07 22.33
N GLU F 217 -36.78 -36.84 23.45
CA GLU F 217 -37.02 -35.50 23.96
C GLU F 217 -35.76 -35.01 24.64
N GLY F 218 -34.97 -34.20 23.94
CA GLY F 218 -33.70 -33.74 24.46
C GLY F 218 -32.54 -34.20 23.61
N ILE F 219 -32.79 -34.42 22.31
CA ILE F 219 -31.73 -34.84 21.40
C ILE F 219 -30.93 -33.66 20.86
N SER F 220 -31.35 -32.44 21.16
CA SER F 220 -30.60 -31.26 20.73
C SER F 220 -29.31 -31.07 21.50
N GLU F 221 -29.24 -31.58 22.72
CA GLU F 221 -28.05 -31.46 23.57
C GLU F 221 -27.08 -32.62 23.40
N LEU F 222 -27.39 -33.57 22.52
CA LEU F 222 -26.50 -34.69 22.25
C LEU F 222 -25.63 -34.37 21.06
N PRO F 223 -24.30 -34.30 21.22
CA PRO F 223 -23.46 -33.99 20.06
C PRO F 223 -23.50 -35.08 19.01
N ILE F 224 -23.57 -36.34 19.42
CA ILE F 224 -23.72 -37.46 18.49
C ILE F 224 -25.13 -38.00 18.63
N PRO F 225 -25.82 -38.30 17.52
CA PRO F 225 -27.19 -38.82 17.65
C PRO F 225 -27.26 -40.27 18.07
N ALA F 226 -26.21 -41.06 17.84
CA ALA F 226 -26.21 -42.45 18.28
C ALA F 226 -26.16 -42.57 19.80
N LEU F 227 -25.90 -41.49 20.52
CA LEU F 227 -25.94 -41.53 21.98
C LEU F 227 -27.35 -41.65 22.51
N ALA F 228 -28.37 -41.50 21.66
CA ALA F 228 -29.75 -41.64 22.13
C ALA F 228 -30.09 -43.07 22.50
N ALA F 229 -29.40 -44.06 21.93
CA ALA F 229 -29.63 -45.45 22.29
C ALA F 229 -29.08 -45.81 23.66
N TRP F 230 -28.30 -44.92 24.27
CA TRP F 230 -27.73 -45.22 25.56
C TRP F 230 -28.84 -45.35 26.61
N PRO F 231 -28.66 -46.24 27.59
CA PRO F 231 -29.61 -46.31 28.69
C PRO F 231 -29.72 -44.95 29.37
N PRO F 232 -30.93 -44.52 29.74
CA PRO F 232 -31.07 -43.18 30.32
C PRO F 232 -30.30 -43.00 31.61
N SER F 233 -29.87 -44.10 32.24
CA SER F 233 -28.99 -43.97 33.40
C SER F 233 -27.62 -43.43 32.98
N HIS F 234 -27.10 -43.91 31.84
CA HIS F 234 -25.78 -43.47 31.40
C HIS F 234 -25.78 -41.98 31.10
N LEU F 235 -26.81 -41.49 30.39
CA LEU F 235 -26.83 -40.08 30.02
C LEU F 235 -26.75 -39.18 31.25
N ARG F 236 -27.30 -39.62 32.38
CA ARG F 236 -27.03 -38.93 33.63
C ARG F 236 -25.55 -39.04 34.00
N TRP F 237 -24.96 -40.22 33.77
CA TRP F 237 -23.53 -40.40 33.98
C TRP F 237 -22.73 -39.57 32.99
N LEU F 238 -23.31 -39.26 31.83
CA LEU F 238 -22.62 -38.50 30.80
C LEU F 238 -22.65 -37.00 31.06
N HIS F 239 -23.39 -36.54 32.07
CA HIS F 239 -23.45 -35.12 32.39
C HIS F 239 -22.71 -34.78 33.68
N GLU F 240 -22.31 -35.77 34.45
CA GLU F 240 -21.62 -35.48 35.70
C GLU F 240 -20.18 -35.08 35.45
N PRO F 241 -19.58 -34.31 36.36
CA PRO F 241 -18.23 -33.81 36.14
C PRO F 241 -17.24 -34.94 35.90
N LEU F 242 -16.29 -34.68 35.00
CA LEU F 242 -15.31 -35.69 34.63
C LEU F 242 -14.37 -35.97 35.80
N ASP F 243 -13.99 -37.24 35.95
CA ASP F 243 -13.05 -37.67 36.97
C ASP F 243 -11.77 -38.13 36.30
N PRO F 244 -10.62 -37.51 36.58
CA PRO F 244 -9.40 -37.85 35.84
C PRO F 244 -8.94 -39.29 36.03
N VAL F 245 -9.34 -39.95 37.10
CA VAL F 245 -8.78 -41.26 37.46
C VAL F 245 -9.73 -42.41 37.11
N GLN F 246 -10.98 -42.35 37.57
CA GLN F 246 -11.90 -43.45 37.29
C GLN F 246 -12.40 -43.47 35.85
N ASP F 247 -12.14 -42.42 35.07
CA ASP F 247 -12.61 -42.34 33.69
C ASP F 247 -11.51 -42.62 32.68
N LYS F 248 -10.33 -43.03 33.12
CA LYS F 248 -9.23 -43.22 32.18
C LYS F 248 -9.56 -44.31 31.16
N ALA F 249 -10.15 -45.42 31.59
CA ALA F 249 -10.42 -46.52 30.68
C ALA F 249 -11.37 -46.09 29.58
N TRP F 250 -12.41 -45.32 29.91
CA TRP F 250 -13.35 -44.88 28.90
C TRP F 250 -12.72 -43.84 27.97
N VAL F 251 -11.98 -42.88 28.53
CA VAL F 251 -11.41 -41.82 27.71
C VAL F 251 -10.49 -42.41 26.66
N GLN F 252 -9.71 -43.42 27.02
CA GLN F 252 -8.73 -43.99 26.11
C GLN F 252 -9.36 -44.77 24.96
N ALA F 253 -10.67 -45.06 25.02
CA ALA F 253 -11.33 -45.83 23.99
C ALA F 253 -12.12 -44.98 23.01
N LEU F 254 -12.18 -43.68 23.23
CA LEU F 254 -12.90 -42.81 22.31
C LEU F 254 -12.17 -42.69 20.98
N PRO F 255 -12.83 -42.94 19.86
CA PRO F 255 -12.22 -42.58 18.57
C PRO F 255 -12.06 -41.07 18.50
N LYS F 256 -10.81 -40.60 18.52
CA LYS F 256 -10.51 -39.20 18.71
C LYS F 256 -10.13 -38.54 17.39
N VAL F 257 -9.84 -37.24 17.47
CA VAL F 257 -9.31 -36.48 16.35
C VAL F 257 -8.21 -35.58 16.88
N GLU F 258 -7.03 -35.65 16.27
CA GLU F 258 -5.89 -34.84 16.66
C GLU F 258 -5.55 -33.89 15.52
N LEU F 259 -5.45 -32.60 15.83
CA LEU F 259 -5.24 -31.57 14.82
C LEU F 259 -4.00 -30.73 15.05
N HIS F 260 -3.35 -30.82 16.21
CA HIS F 260 -2.14 -30.07 16.52
C HIS F 260 -1.07 -31.07 16.93
N CYS F 261 -0.37 -31.61 15.95
CA CYS F 261 0.71 -32.57 16.19
C CYS F 261 1.87 -32.22 15.28
N HIS F 262 3.04 -31.99 15.86
CA HIS F 262 4.24 -31.69 15.09
C HIS F 262 5.05 -32.97 14.88
N LEU F 263 5.39 -33.26 13.63
CA LEU F 263 6.16 -34.45 13.32
C LEU F 263 7.58 -34.38 13.88
N GLY F 264 8.07 -33.18 14.17
CA GLY F 264 9.41 -32.99 14.70
C GLY F 264 9.55 -33.12 16.19
N GLY F 265 8.46 -33.36 16.91
CA GLY F 265 8.53 -33.48 18.35
C GLY F 265 7.95 -34.78 18.87
N PHE F 266 8.17 -35.88 18.15
CA PHE F 266 7.57 -37.16 18.52
C PHE F 266 8.50 -37.98 19.41
N ALA F 267 9.72 -38.25 18.92
CA ALA F 267 10.69 -39.08 19.62
C ALA F 267 11.79 -38.25 20.26
N THR F 268 11.44 -37.09 20.80
CA THR F 268 12.45 -36.13 21.23
C THR F 268 13.35 -36.72 22.32
N HIS F 269 12.77 -37.42 23.29
CA HIS F 269 13.52 -37.86 24.46
C HIS F 269 13.11 -39.28 24.80
N GLY F 270 13.53 -39.74 25.98
CA GLY F 270 13.16 -41.06 26.45
C GLY F 270 13.77 -42.17 25.61
N GLU F 271 13.06 -43.29 25.57
CA GLU F 271 13.53 -44.44 24.82
C GLU F 271 13.21 -44.34 23.34
N LEU F 272 12.08 -43.72 22.98
CA LEU F 272 11.69 -43.68 21.57
C LEU F 272 12.76 -43.02 20.71
N LEU F 273 13.55 -42.10 21.28
CA LEU F 273 14.61 -41.47 20.52
C LEU F 273 15.58 -42.49 19.94
N HIS F 274 15.80 -43.59 20.65
CA HIS F 274 16.79 -44.57 20.22
C HIS F 274 16.30 -45.41 19.05
N LYS F 275 15.01 -45.77 19.03
CA LYS F 275 14.50 -46.59 17.94
C LYS F 275 14.68 -45.90 16.60
N VAL F 276 14.35 -44.60 16.54
CA VAL F 276 14.57 -43.85 15.30
C VAL F 276 16.06 -43.72 15.03
N ARG F 277 16.82 -43.34 16.06
CA ARG F 277 18.26 -43.17 15.89
C ARG F 277 18.93 -44.50 15.54
N GLN F 278 18.46 -45.59 16.15
CA GLN F 278 19.03 -46.90 15.85
C GLN F 278 18.89 -47.27 14.37
N GLU F 279 17.87 -46.74 13.70
CA GLU F 279 17.55 -47.15 12.34
C GLU F 279 18.15 -46.23 11.28
N ALA F 280 19.01 -45.30 11.69
CA ALA F 280 19.59 -44.37 10.74
C ALA F 280 20.35 -45.11 9.64
N ALA F 281 20.23 -44.61 8.41
CA ALA F 281 20.89 -45.26 7.28
C ALA F 281 22.39 -45.00 7.28
N ASN F 282 22.83 -43.91 7.91
CA ASN F 282 24.25 -43.55 7.98
C ASN F 282 24.58 -43.26 9.44
N PRO F 283 24.71 -44.29 10.27
CA PRO F 283 24.92 -44.07 11.70
C PRO F 283 26.19 -43.30 12.02
N GLU F 284 27.14 -43.20 11.09
CA GLU F 284 28.39 -42.50 11.34
C GLU F 284 28.22 -41.00 11.32
N SER F 285 27.11 -40.49 10.79
CA SER F 285 26.87 -39.06 10.69
C SER F 285 25.77 -38.59 11.66
N LEU F 286 25.53 -39.33 12.73
CA LEU F 286 24.48 -38.97 13.66
C LEU F 286 25.02 -38.02 14.73
N PRO F 287 24.41 -36.85 14.91
CA PRO F 287 24.84 -35.95 15.98
C PRO F 287 24.78 -36.64 17.32
N PRO F 288 25.74 -36.37 18.21
CA PRO F 288 25.73 -37.03 19.52
C PRO F 288 24.53 -36.60 20.35
N VAL F 289 24.13 -37.47 21.27
CA VAL F 289 23.01 -37.18 22.17
C VAL F 289 23.38 -35.97 23.02
N ARG F 290 22.70 -34.86 22.81
CA ARG F 290 22.91 -33.68 23.62
C ARG F 290 22.20 -33.83 24.97
N ALA F 291 22.78 -33.23 26.00
CA ALA F 291 22.23 -33.30 27.35
C ALA F 291 21.09 -32.30 27.47
N ILE F 292 19.91 -32.80 27.82
CA ILE F 292 18.72 -31.96 27.95
C ILE F 292 17.98 -32.31 29.24
N PRO F 293 18.43 -31.81 30.39
CA PRO F 293 17.73 -32.13 31.65
C PRO F 293 16.28 -31.70 31.59
N LEU F 294 15.38 -32.65 31.78
CA LEU F 294 13.95 -32.36 31.74
C LEU F 294 13.56 -31.61 33.02
N PRO F 295 12.93 -30.45 32.91
CA PRO F 295 12.62 -29.65 34.10
C PRO F 295 12.00 -30.51 35.19
N PRO F 296 12.49 -30.40 36.42
CA PRO F 296 11.91 -31.16 37.52
C PRO F 296 10.39 -31.06 37.55
N GLY F 297 9.75 -32.15 37.95
CA GLY F 297 8.31 -32.20 38.01
C GLY F 297 7.61 -32.54 36.70
N TRP F 298 8.37 -32.86 35.66
CA TRP F 298 7.78 -33.13 34.36
C TRP F 298 6.84 -34.34 34.46
N PRO F 299 5.77 -34.37 33.67
CA PRO F 299 5.37 -33.40 32.66
C PRO F 299 4.58 -32.23 33.22
N ILE F 300 4.42 -32.16 34.54
CA ILE F 300 3.76 -31.04 35.18
C ILE F 300 4.83 -30.21 35.89
N PRO F 301 5.49 -29.28 35.20
CA PRO F 301 6.58 -28.54 35.83
C PRO F 301 6.07 -27.68 36.96
N GLU F 302 6.94 -27.49 37.95
CA GLU F 302 6.57 -26.64 39.09
C GLU F 302 6.28 -25.21 38.64
N GLU F 303 7.09 -24.68 37.74
CA GLU F 303 6.89 -23.33 37.24
C GLU F 303 6.99 -23.33 35.72
N PRO F 304 6.26 -22.45 35.05
CA PRO F 304 6.31 -22.39 33.58
C PRO F 304 7.73 -22.20 33.09
N ILE F 305 8.09 -22.91 32.02
CA ILE F 305 9.43 -22.83 31.47
C ILE F 305 9.56 -21.80 30.36
N GLY F 306 8.46 -21.19 29.93
CA GLY F 306 8.52 -20.23 28.84
C GLY F 306 8.70 -20.90 27.50
N LEU F 307 8.23 -20.26 26.43
CA LEU F 307 8.30 -20.89 25.12
C LEU F 307 9.74 -21.09 24.67
N GLU F 308 10.63 -20.19 25.09
CA GLU F 308 12.03 -20.30 24.65
C GLU F 308 12.65 -21.59 25.13
N ARG F 309 12.56 -21.87 26.44
CA ARG F 309 13.14 -23.10 26.97
C ARG F 309 12.39 -24.32 26.46
N TYR F 310 11.07 -24.23 26.31
CA TYR F 310 10.29 -25.39 25.90
C TYR F 310 10.75 -25.91 24.55
N MET F 311 11.01 -25.01 23.61
CA MET F 311 11.47 -25.42 22.29
C MET F 311 12.85 -26.07 22.34
N ARG F 312 13.60 -25.86 23.43
CA ARG F 312 14.94 -26.42 23.55
C ARG F 312 14.94 -27.90 23.84
N LEU F 313 13.93 -28.42 24.53
CA LEU F 313 13.93 -29.83 24.89
C LEU F 313 13.86 -30.75 23.67
N GLY F 314 13.49 -30.21 22.51
CA GLY F 314 13.40 -31.01 21.31
C GLY F 314 14.66 -30.96 20.46
N ASP F 315 15.77 -30.54 21.07
CA ASP F 315 17.03 -30.39 20.33
C ASP F 315 17.68 -31.73 19.99
N ASN F 316 17.21 -32.84 20.55
CA ASN F 316 17.76 -34.15 20.26
C ASN F 316 17.04 -34.84 19.11
N ASN F 317 16.09 -34.16 18.46
CA ASN F 317 15.34 -34.74 17.37
C ASN F 317 14.87 -33.63 16.45
N GLY F 318 14.41 -34.01 15.26
CA GLY F 318 13.92 -33.05 14.29
C GLY F 318 14.89 -32.81 13.16
N SER F 319 15.34 -31.56 13.00
CA SER F 319 16.27 -31.24 11.93
C SER F 319 17.61 -31.94 12.12
N ALA F 320 18.01 -32.20 13.36
CA ALA F 320 19.30 -32.82 13.62
C ALA F 320 19.35 -34.23 13.06
N LEU F 321 18.35 -35.05 13.36
CA LEU F 321 18.35 -36.46 12.98
C LEU F 321 17.65 -36.70 11.65
N LEU F 322 16.51 -36.04 11.42
CA LEU F 322 15.67 -36.36 10.28
C LEU F 322 16.29 -36.00 8.94
N LYS F 323 17.53 -35.51 8.91
CA LYS F 323 18.14 -35.16 7.64
C LYS F 323 18.61 -36.37 6.86
N ASP F 324 18.54 -37.57 7.44
CA ASP F 324 18.91 -38.78 6.74
C ASP F 324 17.68 -39.62 6.43
N PRO F 325 17.70 -40.39 5.34
CA PRO F 325 16.47 -41.08 4.91
C PRO F 325 16.08 -42.24 5.79
N GLY F 326 16.96 -42.67 6.70
CA GLY F 326 16.59 -43.76 7.60
C GLY F 326 15.74 -43.28 8.76
N CYS F 327 16.22 -42.28 9.49
CA CYS F 327 15.46 -41.74 10.60
C CYS F 327 14.16 -41.11 10.16
N LEU F 328 14.03 -40.76 8.88
CA LEU F 328 12.78 -40.19 8.38
C LEU F 328 11.69 -41.23 8.27
N ARG F 329 12.03 -42.51 8.31
CA ARG F 329 11.02 -43.57 8.27
C ARG F 329 10.61 -44.00 9.67
N ALA F 330 11.57 -44.11 10.59
CA ALA F 330 11.23 -44.49 11.96
C ALA F 330 10.33 -43.45 12.61
N GLN F 331 10.63 -42.16 12.40
CA GLN F 331 9.79 -41.11 12.97
C GLN F 331 8.37 -41.18 12.43
N CYS F 332 8.23 -41.35 11.11
CA CYS F 332 6.89 -41.47 10.54
C CYS F 332 6.22 -42.76 10.96
N ARG F 333 6.92 -43.89 10.85
CA ARG F 333 6.31 -45.17 11.17
C ARG F 333 5.98 -45.27 12.66
N LEU F 334 6.87 -44.79 13.52
CA LEU F 334 6.60 -44.84 14.95
C LEU F 334 5.47 -43.89 15.34
N LEU F 335 5.36 -42.75 14.66
CA LEU F 335 4.27 -41.83 14.97
C LEU F 335 2.92 -42.45 14.64
N TYR F 336 2.82 -43.15 13.52
CA TYR F 336 1.60 -43.87 13.20
C TYR F 336 1.33 -44.99 14.19
N GLU F 337 2.33 -45.38 14.99
CA GLU F 337 2.12 -46.37 16.03
C GLU F 337 1.65 -45.73 17.33
N ALA F 338 1.97 -44.46 17.54
CA ALA F 338 1.51 -43.75 18.73
C ALA F 338 0.09 -43.21 18.57
N LEU F 339 -0.45 -43.21 17.36
CA LEU F 339 -1.83 -42.84 17.13
C LEU F 339 -2.77 -44.03 17.30
N LEU F 340 -2.49 -45.13 16.60
CA LEU F 340 -3.30 -46.33 16.76
C LEU F 340 -3.38 -46.77 18.21
N ALA F 341 -2.30 -46.56 18.97
CA ALA F 341 -2.31 -46.87 20.38
C ALA F 341 -3.15 -45.90 21.18
N ASP F 342 -3.83 -44.99 20.50
CA ASP F 342 -4.70 -44.02 21.15
C ASP F 342 -6.06 -43.93 20.47
N HIS F 343 -6.30 -44.70 19.41
CA HIS F 343 -7.61 -44.83 18.79
C HIS F 343 -8.00 -43.57 18.01
N VAL F 344 -7.00 -42.85 17.51
CA VAL F 344 -7.27 -41.66 16.70
C VAL F 344 -7.84 -42.09 15.36
N ALA F 345 -8.95 -41.48 14.96
CA ALA F 345 -9.60 -41.79 13.70
C ALA F 345 -9.28 -40.80 12.59
N TYR F 346 -8.79 -39.62 12.95
CA TYR F 346 -8.35 -38.62 11.99
C TYR F 346 -7.23 -37.82 12.62
N ALA F 347 -6.18 -37.55 11.84
CA ALA F 347 -5.03 -36.82 12.36
C ALA F 347 -4.44 -35.99 11.25
N GLU F 348 -3.92 -34.82 11.61
CA GLU F 348 -3.26 -33.91 10.68
C GLU F 348 -1.88 -33.58 11.24
N ILE F 349 -0.89 -34.36 10.82
CA ILE F 349 0.50 -34.13 11.22
C ILE F 349 1.05 -32.97 10.41
N ARG F 350 1.64 -31.99 11.09
CA ARG F 350 2.25 -30.85 10.44
C ARG F 350 3.76 -30.99 10.47
N CYS F 351 4.37 -30.95 9.29
CA CYS F 351 5.80 -31.17 9.14
C CYS F 351 6.42 -29.99 8.38
N SER F 352 7.75 -29.93 8.42
CA SER F 352 8.52 -28.87 7.75
C SER F 352 9.53 -29.55 6.84
N PRO F 353 9.11 -30.00 5.65
CA PRO F 353 9.99 -30.82 4.82
C PRO F 353 11.24 -30.09 4.35
N ALA F 354 11.24 -28.75 4.32
CA ALA F 354 12.43 -28.04 3.87
C ALA F 354 13.54 -28.06 4.91
N ASN F 355 13.18 -28.14 6.20
CA ASN F 355 14.20 -28.26 7.23
C ASN F 355 14.94 -29.58 7.16
N TYR F 356 14.41 -30.55 6.42
CA TYR F 356 15.00 -31.88 6.32
C TYR F 356 15.70 -32.11 5.00
N ALA F 357 15.65 -31.15 4.08
CA ALA F 357 16.30 -31.30 2.80
C ALA F 357 17.81 -31.21 2.94
N SER F 358 18.51 -31.80 1.98
CA SER F 358 19.97 -31.81 1.96
C SER F 358 20.43 -31.60 0.53
N ALA F 359 21.70 -31.89 0.27
CA ALA F 359 22.26 -31.68 -1.06
C ALA F 359 21.53 -32.52 -2.10
N SER F 360 21.37 -33.81 -1.84
CA SER F 360 20.76 -34.73 -2.79
C SER F 360 19.30 -35.05 -2.47
N ARG F 361 18.71 -34.35 -1.52
CA ARG F 361 17.30 -34.53 -1.16
C ARG F 361 16.65 -33.15 -1.12
N SER F 362 16.02 -32.76 -2.23
CA SER F 362 15.33 -31.49 -2.27
C SER F 362 14.14 -31.52 -1.33
N PRO F 363 13.62 -30.35 -0.93
CA PRO F 363 12.48 -30.32 -0.02
C PRO F 363 11.27 -31.08 -0.54
N TRP F 364 11.18 -31.31 -1.85
CA TRP F 364 10.08 -32.10 -2.38
C TRP F 364 10.27 -33.58 -2.07
N VAL F 365 11.45 -34.13 -2.38
CA VAL F 365 11.70 -35.54 -2.11
C VAL F 365 11.55 -35.85 -0.64
N VAL F 366 11.83 -34.86 0.22
CA VAL F 366 11.57 -35.05 1.65
C VAL F 366 10.08 -35.18 1.91
N LEU F 367 9.27 -34.39 1.20
CA LEU F 367 7.82 -34.48 1.36
C LEU F 367 7.27 -35.75 0.73
N GLN F 368 7.71 -36.07 -0.48
CA GLN F 368 7.20 -37.25 -1.16
C GLN F 368 7.54 -38.53 -0.41
N GLU F 369 8.51 -38.49 0.50
CA GLU F 369 8.83 -39.66 1.30
C GLU F 369 8.02 -39.68 2.59
N ILE F 370 7.72 -38.51 3.16
CA ILE F 370 6.87 -38.46 4.34
C ILE F 370 5.46 -38.90 3.99
N ARG F 371 4.93 -38.44 2.85
CA ARG F 371 3.58 -38.79 2.47
C ARG F 371 3.44 -40.28 2.20
N ASN F 372 4.48 -40.89 1.62
CA ASN F 372 4.38 -42.29 1.25
C ASN F 372 4.63 -43.22 2.42
N HIS F 373 5.37 -42.75 3.44
CA HIS F 373 5.53 -43.56 4.64
C HIS F 373 4.25 -43.58 5.47
N PHE F 374 3.50 -42.49 5.46
CA PHE F 374 2.18 -42.48 6.06
C PHE F 374 1.15 -43.18 5.18
N GLN F 375 1.31 -43.10 3.86
CA GLN F 375 0.38 -43.78 2.96
C GLN F 375 0.60 -45.28 2.96
N GLN F 376 1.81 -45.73 3.28
CA GLN F 376 2.06 -47.17 3.39
C GLN F 376 1.53 -47.72 4.71
N ALA F 377 1.64 -46.93 5.78
CA ALA F 377 1.16 -47.40 7.07
C ALA F 377 -0.35 -47.61 7.07
N MET F 378 -1.09 -46.70 6.43
CA MET F 378 -2.54 -46.80 6.44
C MET F 378 -3.02 -47.97 5.59
N GLU F 379 -2.27 -48.33 4.54
CA GLU F 379 -2.68 -49.45 3.70
C GLU F 379 -2.54 -50.79 4.41
N GLU F 380 -1.57 -50.90 5.32
CA GLU F 380 -1.35 -52.14 6.05
C GLU F 380 -2.28 -52.32 7.23
N THR F 381 -3.11 -51.32 7.55
CA THR F 381 -3.99 -51.43 8.69
C THR F 381 -5.42 -51.73 8.24
N PRO F 382 -6.13 -52.59 8.96
CA PRO F 382 -7.52 -52.88 8.59
C PRO F 382 -8.35 -51.60 8.55
N GLU F 383 -9.25 -51.53 7.57
CA GLU F 383 -10.01 -50.31 7.36
C GLU F 383 -10.83 -49.90 8.59
N ASP F 384 -11.18 -50.86 9.45
CA ASP F 384 -11.99 -50.56 10.62
C ASP F 384 -11.19 -49.93 11.76
N ARG F 385 -9.86 -49.99 11.72
CA ARG F 385 -9.03 -49.35 12.73
C ARG F 385 -8.12 -48.28 12.15
N ARG F 386 -8.21 -48.01 10.85
CA ARG F 386 -7.29 -47.10 10.20
C ARG F 386 -7.37 -45.71 10.82
N CYS F 387 -6.31 -44.93 10.62
CA CYS F 387 -6.19 -43.57 11.14
C CYS F 387 -5.82 -42.65 9.99
N HIS F 388 -6.82 -42.17 9.26
CA HIS F 388 -6.55 -41.32 8.11
C HIS F 388 -5.71 -40.12 8.53
N VAL F 389 -4.65 -39.86 7.78
CA VAL F 389 -3.67 -38.85 8.15
C VAL F 389 -3.53 -37.84 7.00
N ASN F 390 -3.45 -36.56 7.37
CA ASN F 390 -3.18 -35.50 6.42
C ASN F 390 -2.11 -34.59 7.00
N LEU F 391 -1.39 -33.90 6.12
CA LEU F 391 -0.23 -33.12 6.51
C LEU F 391 -0.49 -31.63 6.36
N LEU F 392 0.08 -30.85 7.27
CA LEU F 392 0.14 -29.40 7.16
C LEU F 392 1.59 -28.97 7.11
N LEU F 393 1.93 -28.12 6.14
CA LEU F 393 3.30 -27.66 5.99
C LEU F 393 3.50 -26.40 6.83
N THR F 394 4.35 -26.50 7.85
CA THR F 394 4.58 -25.38 8.76
C THR F 394 5.50 -24.36 8.10
N ALA F 395 4.95 -23.22 7.69
CA ALA F 395 5.74 -22.14 7.11
C ALA F 395 6.09 -21.17 8.24
N THR F 396 7.02 -21.58 9.09
CA THR F 396 7.40 -20.81 10.26
C THR F 396 8.37 -19.71 9.88
N ARG F 397 8.32 -18.60 10.62
CA ARG F 397 9.23 -17.47 10.42
C ARG F 397 10.08 -17.32 11.67
N GLU F 398 11.38 -17.10 11.48
CA GLU F 398 12.31 -16.92 12.57
C GLU F 398 12.71 -15.46 12.70
N GLU F 399 13.16 -15.08 13.89
CA GLU F 399 13.60 -13.71 14.12
C GLU F 399 14.76 -13.38 13.20
N GLY F 400 14.67 -12.22 12.54
CA GLY F 400 15.65 -11.89 11.52
C GLY F 400 15.63 -12.95 10.44
N GLY F 401 16.81 -13.41 10.04
CA GLY F 401 16.91 -14.47 9.06
C GLY F 401 16.25 -14.09 7.73
N ASP F 402 16.30 -15.04 6.82
CA ASP F 402 15.72 -14.88 5.50
C ASP F 402 14.32 -15.49 5.44
N ARG F 403 13.51 -15.00 4.51
CA ARG F 403 12.17 -15.50 4.27
C ARG F 403 12.13 -16.48 3.10
N SER F 404 13.28 -17.05 2.73
CA SER F 404 13.30 -17.98 1.61
C SER F 404 12.52 -19.24 1.93
N ARG F 405 12.62 -19.76 3.15
CA ARG F 405 11.93 -20.99 3.50
C ARG F 405 10.42 -20.79 3.58
N ILE F 406 9.96 -19.63 4.04
CA ILE F 406 8.53 -19.35 4.01
C ILE F 406 8.03 -19.38 2.57
N ALA F 407 8.86 -18.93 1.63
CA ALA F 407 8.46 -18.95 0.22
C ALA F 407 8.54 -20.35 -0.36
N ARG F 408 9.52 -21.14 0.08
CA ARG F 408 9.65 -22.49 -0.44
C ARG F 408 8.47 -23.36 -0.04
N HIS F 409 8.04 -23.28 1.21
CA HIS F 409 6.95 -24.12 1.69
C HIS F 409 5.63 -23.78 0.99
N LEU F 410 5.27 -22.49 0.97
CA LEU F 410 4.02 -22.10 0.35
C LEU F 410 3.94 -22.61 -1.09
N ALA F 411 5.06 -22.55 -1.82
CA ALA F 411 5.09 -23.10 -3.17
C ALA F 411 5.10 -24.62 -3.12
N LEU F 412 5.73 -25.20 -2.10
CA LEU F 412 5.70 -26.65 -1.95
C LEU F 412 4.30 -27.15 -1.62
N ALA F 413 3.59 -26.43 -0.76
CA ALA F 413 2.24 -26.86 -0.36
C ALA F 413 1.27 -26.74 -1.52
N ILE F 414 1.29 -25.61 -2.23
CA ILE F 414 0.27 -25.39 -3.25
C ILE F 414 0.56 -26.20 -4.52
N THR F 415 1.75 -26.78 -4.63
CA THR F 415 2.01 -27.71 -5.73
C THR F 415 1.66 -29.14 -5.35
N ALA F 416 1.92 -29.51 -4.09
CA ALA F 416 1.54 -30.83 -3.60
C ALA F 416 0.06 -30.94 -3.31
N ALA F 417 -0.63 -29.81 -3.05
CA ALA F 417 -2.04 -29.88 -2.73
C ALA F 417 -2.84 -30.51 -3.84
N GLU F 418 -2.54 -30.16 -5.09
CA GLU F 418 -3.23 -30.73 -6.24
C GLU F 418 -2.61 -32.04 -6.72
N HIS F 419 -1.47 -32.44 -6.16
CA HIS F 419 -0.80 -33.65 -6.64
C HIS F 419 -1.50 -34.91 -6.14
N TRP F 420 -1.58 -35.07 -4.82
CA TRP F 420 -2.23 -36.23 -4.23
C TRP F 420 -3.68 -35.89 -3.92
N LYS F 421 -4.60 -36.74 -4.39
CA LYS F 421 -6.02 -36.56 -4.18
C LYS F 421 -6.67 -37.68 -3.41
N ASN F 422 -5.90 -38.64 -2.91
CA ASN F 422 -6.44 -39.74 -2.12
C ASN F 422 -5.42 -40.14 -1.07
N GLY F 423 -5.90 -40.77 -0.01
CA GLY F 423 -5.00 -41.10 1.07
C GLY F 423 -4.44 -39.85 1.72
N CYS F 424 -3.26 -39.98 2.32
CA CYS F 424 -2.62 -38.84 2.96
C CYS F 424 -2.42 -37.73 1.94
N ARG F 425 -2.86 -36.52 2.30
CA ARG F 425 -2.78 -35.37 1.41
C ARG F 425 -2.24 -34.18 2.18
N VAL F 426 -1.88 -33.14 1.44
CA VAL F 426 -1.54 -31.85 2.03
C VAL F 426 -2.81 -31.01 2.02
N VAL F 427 -3.32 -30.68 3.20
CA VAL F 427 -4.63 -30.03 3.33
C VAL F 427 -4.53 -28.56 3.65
N GLY F 428 -3.40 -28.08 4.16
CA GLY F 428 -3.30 -26.68 4.52
C GLY F 428 -1.87 -26.33 4.88
N VAL F 429 -1.69 -25.07 5.26
CA VAL F 429 -0.40 -24.54 5.68
C VAL F 429 -0.57 -23.87 7.04
N ASP F 430 0.32 -24.18 7.96
CA ASP F 430 0.28 -23.61 9.30
C ASP F 430 1.33 -22.51 9.43
N LEU F 431 0.97 -21.44 10.13
CA LEU F 431 1.87 -20.32 10.37
C LEU F 431 2.36 -20.38 11.81
N ALA F 432 3.67 -20.46 11.97
CA ALA F 432 4.28 -20.54 13.30
C ALA F 432 4.67 -19.15 13.80
N GLY F 433 3.66 -18.29 13.90
CA GLY F 433 3.86 -16.96 14.44
C GLY F 433 3.14 -15.86 13.69
N PHE F 434 3.01 -16.01 12.38
CA PHE F 434 2.31 -15.01 11.57
C PHE F 434 0.88 -14.81 12.03
N MET F 443 1.31 -11.35 10.35
CA MET F 443 0.23 -10.52 9.83
C MET F 443 0.43 -10.19 8.36
N PHE F 444 1.47 -10.78 7.75
CA PHE F 444 1.80 -10.51 6.36
C PHE F 444 1.00 -11.46 5.48
N ALA F 445 -0.16 -10.98 5.03
CA ALA F 445 -1.06 -11.76 4.19
C ALA F 445 -0.87 -11.52 2.71
N THR F 446 -0.05 -10.52 2.32
CA THR F 446 0.13 -10.25 0.90
C THR F 446 0.72 -11.44 0.17
N ASP F 447 1.50 -12.27 0.87
CA ASP F 447 2.12 -13.45 0.29
C ASP F 447 1.32 -14.72 0.51
N PHE F 448 0.12 -14.63 1.10
CA PHE F 448 -0.75 -15.78 1.28
C PHE F 448 -1.90 -15.83 0.29
N GLU F 449 -2.07 -14.82 -0.55
CA GLU F 449 -3.12 -14.87 -1.55
C GLU F 449 -3.03 -16.12 -2.42
N PRO F 450 -1.85 -16.59 -2.84
CA PRO F 450 -1.80 -17.82 -3.62
C PRO F 450 -2.38 -19.03 -2.92
N VAL F 451 -2.20 -19.17 -1.61
CA VAL F 451 -2.76 -20.33 -0.92
C VAL F 451 -4.27 -20.25 -0.89
N HIS F 452 -4.82 -19.07 -0.64
CA HIS F 452 -6.28 -18.91 -0.64
C HIS F 452 -6.86 -19.15 -2.01
N ARG F 453 -6.20 -18.64 -3.05
CA ARG F 453 -6.70 -18.81 -4.42
C ARG F 453 -6.72 -20.27 -4.85
N VAL F 454 -6.04 -21.15 -4.13
CA VAL F 454 -5.99 -22.56 -4.48
C VAL F 454 -6.83 -23.42 -3.54
N GLY F 455 -7.55 -22.79 -2.61
CA GLY F 455 -8.35 -23.53 -1.67
C GLY F 455 -7.57 -24.34 -0.66
N LEU F 456 -6.55 -23.74 -0.05
CA LEU F 456 -5.76 -24.39 0.98
C LEU F 456 -6.08 -23.75 2.33
N ALA F 457 -6.48 -24.57 3.29
CA ALA F 457 -6.79 -24.07 4.62
C ALA F 457 -5.56 -23.48 5.27
N VAL F 458 -5.74 -22.39 6.01
CA VAL F 458 -4.66 -21.73 6.73
C VAL F 458 -4.96 -21.79 8.21
N THR F 459 -4.06 -22.39 8.97
CA THR F 459 -4.15 -22.48 10.42
C THR F 459 -3.02 -21.67 11.03
N VAL F 460 -3.36 -20.67 11.83
CA VAL F 460 -2.40 -19.70 12.34
C VAL F 460 -2.10 -20.02 13.81
N HIS F 461 -0.85 -19.81 14.20
CA HIS F 461 -0.37 -20.17 15.53
C HIS F 461 -0.12 -18.90 16.33
N ALA F 462 -0.99 -18.62 17.30
CA ALA F 462 -0.80 -17.48 18.18
C ALA F 462 0.49 -17.68 18.99
N GLY F 463 1.28 -16.61 19.08
CA GLY F 463 2.58 -16.69 19.71
C GLY F 463 2.55 -16.43 21.20
N GLU F 464 3.75 -16.32 21.78
CA GLU F 464 3.87 -16.06 23.21
C GLU F 464 3.25 -14.73 23.59
N ASN F 465 3.44 -13.71 22.77
CA ASN F 465 2.99 -12.37 23.11
C ASN F 465 1.48 -12.34 23.31
N ASP F 466 1.05 -11.58 24.31
CA ASP F 466 -0.37 -11.45 24.64
C ASP F 466 -0.98 -10.24 23.93
N ASP F 467 -0.85 -10.24 22.60
CA ASP F 467 -1.34 -9.16 21.76
C ASP F 467 -2.61 -9.60 21.05
N VAL F 468 -3.74 -9.00 21.43
CA VAL F 468 -5.01 -9.33 20.78
C VAL F 468 -5.04 -8.86 19.33
N GLU F 469 -4.24 -7.86 18.96
CA GLU F 469 -4.23 -7.38 17.58
C GLU F 469 -3.69 -8.43 16.63
N GLY F 470 -2.92 -9.39 17.13
CA GLY F 470 -2.45 -10.47 16.28
C GLY F 470 -3.54 -11.44 15.92
N ILE F 471 -4.40 -11.78 16.88
CA ILE F 471 -5.50 -12.70 16.65
C ILE F 471 -6.49 -12.10 15.66
N TRP F 472 -6.49 -10.77 15.56
N TRP F 472 -6.45 -10.78 15.53
CA TRP F 472 -7.28 -10.04 14.58
CA TRP F 472 -7.29 -10.07 14.58
C TRP F 472 -6.70 -10.11 13.18
C TRP F 472 -6.71 -10.00 13.18
N GLN F 473 -5.38 -10.01 13.05
CA GLN F 473 -4.77 -10.09 11.74
C GLN F 473 -5.08 -11.41 11.06
N ALA F 474 -5.03 -12.51 11.82
CA ALA F 474 -5.24 -13.84 11.29
C ALA F 474 -6.66 -14.04 10.77
N VAL F 475 -7.65 -13.66 11.57
CA VAL F 475 -9.05 -13.91 11.24
C VAL F 475 -9.44 -13.22 9.95
N PHE F 476 -9.06 -11.94 9.81
CA PHE F 476 -9.57 -11.11 8.74
C PHE F 476 -8.56 -10.82 7.63
N LYS F 477 -7.25 -10.92 7.91
CA LYS F 477 -6.26 -10.64 6.89
C LYS F 477 -5.58 -11.89 6.35
N LEU F 478 -5.29 -12.86 7.21
CA LEU F 478 -4.82 -14.16 6.74
C LEU F 478 -5.94 -15.12 6.40
N SER F 479 -7.19 -14.76 6.72
CA SER F 479 -8.33 -15.63 6.46
C SER F 479 -8.14 -17.00 7.12
N ALA F 480 -7.54 -17.00 8.30
CA ALA F 480 -7.29 -18.24 9.02
C ALA F 480 -8.61 -18.92 9.37
N ARG F 481 -8.63 -20.24 9.23
CA ARG F 481 -9.77 -21.05 9.62
C ARG F 481 -9.57 -21.76 10.95
N ARG F 482 -8.43 -21.57 11.59
CA ARG F 482 -8.18 -22.12 12.92
C ARG F 482 -7.18 -21.23 13.63
N LEU F 483 -7.13 -21.36 14.94
CA LEU F 483 -6.22 -20.58 15.76
C LEU F 483 -5.53 -21.51 16.74
N GLY F 484 -4.26 -21.23 17.02
CA GLY F 484 -3.44 -22.05 17.89
C GLY F 484 -3.10 -21.31 19.18
N HIS F 485 -3.29 -22.00 20.30
CA HIS F 485 -2.90 -21.48 21.61
C HIS F 485 -3.51 -20.10 21.87
N ALA F 486 -4.79 -19.94 21.53
CA ALA F 486 -5.49 -18.69 21.79
C ALA F 486 -5.99 -18.69 23.23
N LEU F 487 -5.04 -18.57 24.15
CA LEU F 487 -5.31 -18.69 25.58
C LEU F 487 -5.82 -17.40 26.20
N HIS F 488 -5.78 -16.27 25.50
CA HIS F 488 -6.18 -15.00 26.06
C HIS F 488 -7.16 -14.30 25.14
N LEU F 489 -8.15 -15.05 24.63
CA LEU F 489 -9.17 -14.49 23.76
C LEU F 489 -10.30 -13.82 24.51
N SER F 490 -10.41 -14.05 25.82
CA SER F 490 -11.51 -13.48 26.60
C SER F 490 -11.31 -12.02 26.94
N ARG F 491 -10.11 -11.47 26.72
CA ARG F 491 -9.84 -10.07 27.05
C ARG F 491 -10.38 -9.11 26.00
N SER F 492 -10.95 -9.61 24.91
CA SER F 492 -11.58 -8.78 23.89
C SER F 492 -12.99 -9.32 23.67
N PRO F 493 -13.90 -9.04 24.61
CA PRO F 493 -15.25 -9.63 24.49
C PRO F 493 -15.91 -9.33 23.16
N ASP F 494 -15.48 -8.29 22.46
CA ASP F 494 -15.88 -8.13 21.07
C ASP F 494 -15.23 -9.18 20.19
N LEU F 495 -14.01 -9.60 20.52
CA LEU F 495 -13.33 -10.62 19.72
C LEU F 495 -13.91 -11.99 19.97
N LEU F 496 -14.24 -12.31 21.22
CA LEU F 496 -14.78 -13.62 21.54
C LEU F 496 -16.09 -13.88 20.82
N ARG F 497 -16.79 -12.83 20.39
CA ARG F 497 -18.03 -12.99 19.63
C ARG F 497 -17.79 -13.15 18.14
N VAL F 498 -16.71 -12.59 17.61
CA VAL F 498 -16.42 -12.70 16.19
C VAL F 498 -16.04 -14.12 15.82
N VAL F 499 -15.20 -14.77 16.64
CA VAL F 499 -14.79 -16.13 16.35
C VAL F 499 -15.96 -17.09 16.55
N ALA F 500 -16.71 -16.93 17.63
CA ALA F 500 -17.84 -17.81 17.89
C ALA F 500 -18.91 -17.71 16.82
N GLU F 501 -18.96 -16.60 16.09
CA GLU F 501 -19.99 -16.41 15.07
C GLU F 501 -19.53 -16.83 13.69
N ARG F 502 -18.25 -16.64 13.37
CA ARG F 502 -17.73 -17.08 12.09
C ARG F 502 -17.40 -18.56 12.05
N GLY F 503 -17.35 -19.22 13.20
CA GLY F 503 -17.02 -20.63 13.24
C GLY F 503 -15.55 -20.94 13.10
N ILE F 504 -14.68 -20.19 13.77
CA ILE F 504 -13.24 -20.43 13.74
C ILE F 504 -12.87 -21.25 14.96
N ALA F 505 -12.36 -22.45 14.74
CA ALA F 505 -11.99 -23.33 15.84
C ALA F 505 -10.76 -22.79 16.57
N VAL F 506 -10.60 -23.22 17.81
CA VAL F 506 -9.45 -22.88 18.63
C VAL F 506 -8.78 -24.18 19.06
N GLU F 507 -7.47 -24.27 18.82
CA GLU F 507 -6.70 -25.46 19.13
C GLU F 507 -6.02 -25.28 20.48
N LEU F 508 -6.52 -25.97 21.49
CA LEU F 508 -6.03 -25.86 22.86
C LEU F 508 -5.22 -27.09 23.22
N CYS F 509 -4.02 -26.88 23.75
CA CYS F 509 -3.13 -27.96 24.16
C CYS F 509 -3.02 -27.95 25.68
N PRO F 510 -3.59 -28.93 26.38
CA PRO F 510 -3.62 -28.85 27.85
C PRO F 510 -2.24 -28.85 28.50
N TYR F 511 -1.41 -29.86 28.26
CA TYR F 511 -0.07 -29.86 28.84
C TYR F 511 0.82 -28.79 28.25
N ALA F 512 0.78 -28.58 26.94
CA ALA F 512 1.68 -27.60 26.36
C ALA F 512 1.44 -26.22 26.95
N ASN F 513 0.18 -25.84 27.13
CA ASN F 513 -0.14 -24.59 27.80
C ASN F 513 0.24 -24.65 29.28
N LEU F 514 0.03 -25.80 29.91
CA LEU F 514 0.42 -25.97 31.30
C LEU F 514 1.93 -25.85 31.47
N GLN F 515 2.69 -26.42 30.55
CA GLN F 515 4.14 -26.45 30.65
C GLN F 515 4.80 -25.17 30.17
N ILE F 516 4.05 -24.26 29.57
CA ILE F 516 4.60 -23.01 29.03
C ILE F 516 4.10 -21.80 29.81
N LYS F 517 2.80 -21.55 29.79
CA LYS F 517 2.25 -20.40 30.50
C LYS F 517 2.09 -20.69 31.98
N GLY F 518 1.57 -21.87 32.33
CA GLY F 518 1.33 -22.22 33.71
C GLY F 518 -0.03 -21.76 34.19
N PHE F 519 -0.86 -22.70 34.62
CA PHE F 519 -2.21 -22.43 35.07
C PHE F 519 -2.44 -23.11 36.41
N PRO F 520 -3.39 -22.63 37.20
CA PRO F 520 -3.66 -23.26 38.49
C PRO F 520 -4.37 -24.60 38.30
N LEU F 521 -3.99 -25.57 39.12
CA LEU F 521 -4.49 -26.93 39.01
C LEU F 521 -5.27 -27.31 40.25
N ASP F 522 -6.24 -28.21 40.06
CA ASP F 522 -6.99 -28.80 41.16
C ASP F 522 -7.59 -27.72 42.07
N GLU F 523 -8.41 -26.87 41.46
CA GLU F 523 -9.13 -25.84 42.19
C GLU F 523 -10.63 -26.06 42.00
N GLU F 524 -11.41 -25.76 43.05
CA GLU F 524 -12.81 -26.13 43.06
C GLU F 524 -13.63 -25.26 42.10
N GLN F 525 -13.38 -23.96 42.07
CA GLN F 525 -14.22 -23.00 41.37
C GLN F 525 -13.48 -22.43 40.16
N GLU F 526 -14.10 -21.43 39.54
CA GLU F 526 -13.53 -20.75 38.38
C GLU F 526 -12.90 -19.45 38.85
N GLY F 527 -11.58 -19.32 38.64
CA GLY F 527 -10.83 -18.16 39.04
C GLY F 527 -10.53 -17.20 37.90
N SER F 528 -9.75 -16.18 38.23
CA SER F 528 -9.34 -15.20 37.23
C SER F 528 -8.26 -15.76 36.30
N GLU F 529 -7.44 -16.69 36.80
CA GLU F 529 -6.37 -17.29 36.02
C GLU F 529 -6.73 -18.67 35.50
N THR F 530 -7.98 -19.10 35.66
CA THR F 530 -8.37 -20.46 35.28
C THR F 530 -8.23 -20.67 33.77
N TYR F 531 -7.98 -21.91 33.40
CA TYR F 531 -7.86 -22.27 31.99
C TYR F 531 -9.14 -21.89 31.26
N PRO F 532 -9.04 -21.33 30.06
CA PRO F 532 -10.23 -20.76 29.40
C PRO F 532 -11.08 -21.76 28.62
N LEU F 533 -10.86 -23.06 28.77
CA LEU F 533 -11.67 -24.03 28.01
C LEU F 533 -13.13 -23.94 28.41
N ARG F 534 -13.40 -23.86 29.72
CA ARG F 534 -14.78 -23.90 30.19
C ARG F 534 -15.56 -22.67 29.74
N GLY F 535 -14.94 -21.49 29.85
CA GLY F 535 -15.60 -20.28 29.38
C GLY F 535 -15.81 -20.26 27.89
N TYR F 536 -14.86 -20.82 27.13
CA TYR F 536 -14.97 -20.83 25.68
C TYR F 536 -16.20 -21.59 25.23
N LEU F 537 -16.45 -22.76 25.83
CA LEU F 537 -17.57 -23.59 25.41
C LEU F 537 -18.91 -22.95 25.76
N ALA F 538 -18.94 -22.03 26.72
CA ALA F 538 -20.16 -21.31 27.04
C ALA F 538 -20.49 -20.24 26.02
N ALA F 539 -19.50 -19.78 25.26
CA ALA F 539 -19.68 -18.72 24.27
C ALA F 539 -19.82 -19.27 22.86
N GLY F 540 -20.01 -20.57 22.70
CA GLY F 540 -20.16 -21.16 21.39
C GLY F 540 -18.92 -21.11 20.53
N VAL F 541 -17.76 -21.27 21.14
CA VAL F 541 -16.48 -21.28 20.43
C VAL F 541 -16.10 -22.72 20.15
N ALA F 542 -15.68 -23.00 18.91
CA ALA F 542 -15.31 -24.34 18.50
C ALA F 542 -13.95 -24.69 19.07
N VAL F 543 -13.94 -25.10 20.34
CA VAL F 543 -12.72 -25.43 21.05
C VAL F 543 -12.37 -26.88 20.83
N THR F 544 -11.08 -27.15 20.61
CA THR F 544 -10.58 -28.49 20.36
C THR F 544 -9.30 -28.71 21.16
N LEU F 545 -9.13 -29.91 21.70
CA LEU F 545 -7.93 -30.26 22.44
C LEU F 545 -7.02 -31.12 21.57
N ASN F 546 -5.72 -30.87 21.67
CA ASN F 546 -4.75 -31.57 20.85
C ASN F 546 -3.53 -31.89 21.71
N THR F 547 -2.46 -32.36 21.06
CA THR F 547 -1.24 -32.74 21.77
C THR F 547 -0.09 -31.77 21.55
N ASP F 548 0.05 -31.22 20.33
CA ASP F 548 1.12 -30.31 19.98
C ASP F 548 2.42 -31.07 19.73
N ASN F 549 3.06 -31.54 20.79
CA ASN F 549 4.29 -32.31 20.69
C ASN F 549 4.16 -33.51 21.61
N LEU F 550 4.03 -34.72 21.02
CA LEU F 550 3.91 -35.91 21.83
C LEU F 550 5.17 -36.16 22.64
N GLY F 551 6.33 -35.95 22.05
CA GLY F 551 7.59 -36.21 22.73
C GLY F 551 7.94 -35.22 23.80
N ILE F 552 8.11 -33.94 23.42
CA ILE F 552 8.58 -32.94 24.38
C ILE F 552 7.63 -32.84 25.56
N SER F 553 6.33 -32.73 25.28
CA SER F 553 5.36 -32.62 26.36
C SER F 553 5.28 -33.90 27.18
N GLN F 554 5.60 -35.04 26.57
CA GLN F 554 5.62 -36.33 27.26
C GLN F 554 4.23 -36.71 27.76
N ALA F 555 3.22 -36.49 26.92
CA ALA F 555 1.85 -36.80 27.28
C ALA F 555 1.07 -37.16 26.02
N SER F 556 0.44 -38.33 26.04
CA SER F 556 -0.41 -38.75 24.93
C SER F 556 -1.72 -37.97 24.94
N LEU F 557 -2.42 -38.00 23.80
CA LEU F 557 -3.67 -37.27 23.70
C LEU F 557 -4.65 -37.65 24.81
N THR F 558 -4.66 -38.92 25.21
CA THR F 558 -5.59 -39.36 26.26
C THR F 558 -5.38 -38.58 27.54
N ASP F 559 -4.13 -38.28 27.88
CA ASP F 559 -3.83 -37.50 29.06
C ASP F 559 -4.20 -36.03 28.86
N ASN F 560 -4.29 -35.59 27.60
CA ASN F 560 -4.69 -34.21 27.35
C ASN F 560 -6.10 -33.95 27.86
N LEU F 561 -7.03 -34.84 27.53
CA LEU F 561 -8.42 -34.68 27.95
C LEU F 561 -8.55 -34.77 29.46
N LEU F 562 -7.89 -35.73 30.08
CA LEU F 562 -8.00 -35.91 31.52
C LEU F 562 -7.49 -34.70 32.27
N LEU F 563 -6.37 -34.12 31.82
CA LEU F 563 -5.83 -32.95 32.50
C LEU F 563 -6.84 -31.81 32.53
N THR F 564 -7.66 -31.69 31.49
CA THR F 564 -8.69 -30.66 31.50
C THR F 564 -9.66 -30.84 32.66
N ALA F 565 -9.78 -32.05 33.19
CA ALA F 565 -10.52 -32.26 34.43
C ALA F 565 -9.85 -31.58 35.61
N ARG F 566 -8.58 -31.18 35.48
CA ARG F 566 -7.88 -30.42 36.51
C ARG F 566 -7.69 -28.96 36.15
N LEU F 567 -7.51 -28.65 34.87
CA LEU F 567 -7.39 -27.25 34.46
C LEU F 567 -8.74 -26.53 34.54
N CYS F 568 -9.80 -27.17 34.06
CA CYS F 568 -11.13 -26.57 34.04
C CYS F 568 -12.03 -27.27 35.03
N PRO F 569 -12.21 -26.74 36.23
CA PRO F 569 -13.08 -27.40 37.21
C PRO F 569 -14.47 -27.64 36.64
N GLY F 570 -14.98 -28.84 36.87
CA GLY F 570 -16.36 -29.16 36.53
C GLY F 570 -16.62 -29.51 35.08
N ILE F 571 -15.59 -29.70 34.26
CA ILE F 571 -15.82 -30.11 32.88
C ILE F 571 -16.39 -31.52 32.87
N THR F 572 -17.59 -31.67 32.33
CA THR F 572 -18.26 -32.96 32.38
C THR F 572 -17.87 -33.82 31.19
N ARG F 573 -18.27 -35.10 31.27
CA ARG F 573 -17.85 -36.06 30.26
C ARG F 573 -18.36 -35.67 28.88
N LEU F 574 -19.58 -35.12 28.81
CA LEU F 574 -20.14 -34.79 27.50
C LEU F 574 -19.30 -33.73 26.80
N GLU F 575 -18.87 -32.69 27.53
CA GLU F 575 -18.05 -31.66 26.91
C GLU F 575 -16.70 -32.19 26.44
N VAL F 576 -16.26 -33.34 26.96
CA VAL F 576 -15.14 -34.03 26.33
C VAL F 576 -15.56 -34.57 24.97
N LEU F 577 -16.76 -35.13 24.89
CA LEU F 577 -17.27 -35.60 23.61
C LEU F 577 -17.57 -34.45 22.66
N LYS F 578 -17.91 -33.28 23.21
CA LYS F 578 -18.20 -32.13 22.34
C LYS F 578 -16.97 -31.71 21.56
N THR F 579 -15.80 -31.70 22.21
CA THR F 579 -14.59 -31.24 21.54
C THR F 579 -14.26 -32.09 20.33
N GLN F 580 -14.44 -33.41 20.44
CA GLN F 580 -14.20 -34.28 19.29
C GLN F 580 -15.16 -33.98 18.15
N VAL F 581 -16.41 -33.67 18.48
CA VAL F 581 -17.37 -33.28 17.45
C VAL F 581 -17.01 -31.91 16.87
N PHE F 582 -16.62 -30.97 17.73
CA PHE F 582 -16.12 -29.69 17.25
C PHE F 582 -14.86 -29.89 16.41
N ALA F 583 -13.94 -30.73 16.88
CA ALA F 583 -12.72 -30.98 16.15
C ALA F 583 -12.96 -31.81 14.89
N ALA F 584 -14.03 -32.58 14.85
CA ALA F 584 -14.36 -33.36 13.66
C ALA F 584 -15.02 -32.51 12.57
N GLN F 585 -15.51 -31.32 12.93
CA GLN F 585 -16.09 -30.40 11.96
C GLN F 585 -15.09 -29.35 11.48
N ALA F 586 -14.11 -29.01 12.31
CA ALA F 586 -13.10 -28.03 11.94
C ALA F 586 -11.97 -28.61 11.10
N ALA F 587 -11.90 -29.93 10.97
CA ALA F 587 -10.83 -30.55 10.19
C ALA F 587 -10.91 -30.09 8.75
N PHE F 588 -9.76 -30.18 8.06
CA PHE F 588 -9.66 -29.76 6.68
C PHE F 588 -9.90 -30.89 5.69
N ALA F 589 -10.64 -31.92 6.10
CA ALA F 589 -10.93 -33.04 5.21
C ALA F 589 -12.03 -32.66 4.22
N ASN F 590 -12.11 -33.45 3.15
CA ASN F 590 -13.18 -33.29 2.18
C ASN F 590 -14.34 -34.20 2.58
N GLN F 591 -15.30 -34.40 1.67
CA GLN F 591 -16.48 -35.19 2.01
C GLN F 591 -16.10 -36.61 2.44
N ALA F 592 -15.16 -37.24 1.72
CA ALA F 592 -14.85 -38.64 1.98
C ALA F 592 -14.30 -38.83 3.39
N GLU F 593 -13.31 -38.02 3.79
CA GLU F 593 -12.72 -38.22 5.11
C GLU F 593 -13.71 -37.95 6.22
N ARG F 594 -14.54 -36.91 6.10
CA ARG F 594 -15.54 -36.66 7.13
C ARG F 594 -16.58 -37.76 7.18
N LYS F 595 -17.05 -38.22 6.01
CA LYS F 595 -18.07 -39.25 5.99
C LYS F 595 -17.57 -40.54 6.64
N ALA F 596 -16.30 -40.87 6.45
CA ALA F 596 -15.72 -42.02 7.14
C ALA F 596 -15.42 -41.70 8.60
N LEU F 597 -15.07 -40.46 8.90
CA LEU F 597 -14.80 -40.08 10.29
C LEU F 597 -16.07 -40.15 11.13
N TRP F 598 -17.19 -39.65 10.60
CA TRP F 598 -18.42 -39.67 11.37
C TRP F 598 -18.83 -41.09 11.73
N ALA F 599 -18.45 -42.07 10.92
CA ALA F 599 -18.69 -43.46 11.29
C ALA F 599 -17.88 -43.85 12.51
N ARG F 600 -16.65 -43.36 12.62
CA ARG F 600 -15.81 -43.69 13.77
C ARG F 600 -16.29 -42.96 15.02
N LEU F 601 -16.63 -41.67 14.90
CA LEU F 601 -17.07 -40.92 16.06
C LEU F 601 -18.41 -41.36 16.60
N ALA F 602 -19.16 -42.17 15.84
CA ALA F 602 -20.44 -42.70 16.29
C ALA F 602 -20.30 -44.01 17.05
N GLN F 603 -19.15 -44.26 17.66
CA GLN F 603 -18.87 -45.51 18.35
C GLN F 603 -18.31 -45.23 19.75
N VAL F 604 -18.98 -44.37 20.48
CA VAL F 604 -18.54 -44.07 21.85
C VAL F 604 -18.62 -45.35 22.68
N PRO F 605 -17.70 -45.59 23.60
CA PRO F 605 -17.74 -46.83 24.39
C PRO F 605 -18.62 -46.68 25.61
N VAL F 606 -19.23 -47.80 26.00
CA VAL F 606 -20.17 -47.80 27.12
C VAL F 606 -19.42 -47.52 28.41
N PRO F 607 -19.93 -46.63 29.27
CA PRO F 607 -19.29 -46.40 30.56
C PRO F 607 -19.16 -47.68 31.37
N THR F 608 -18.06 -47.78 32.12
CA THR F 608 -17.79 -48.96 32.94
C THR F 608 -18.61 -49.00 34.22
N ASP F 609 -18.97 -47.85 34.78
CA ASP F 609 -19.65 -47.80 36.08
C ASP F 609 -21.10 -47.38 35.95
N THR F 610 -21.37 -46.23 35.32
CA THR F 610 -22.73 -45.73 35.15
C THR F 610 -23.29 -45.22 36.47
N GLU F 611 -22.60 -45.47 37.56
CA GLU F 611 -23.02 -45.04 38.90
C GLU F 611 -22.21 -45.77 39.97
PC A23 G 2 -59.92 -73.65 27.50
O1C A23 G 2 -59.69 -72.48 26.35
O2C A23 G 2 -61.27 -74.18 27.37
P A23 G 2 -57.60 -72.09 33.53
OP1 A23 G 2 -57.52 -73.21 34.56
OP2 A23 G 2 -56.76 -70.91 33.94
O5' A23 G 2 -57.15 -72.64 32.05
C5' A23 G 2 -57.91 -73.64 31.44
C4' A23 G 2 -58.00 -73.33 30.00
O4' A23 G 2 -56.51 -73.73 29.23
C3' A23 G 2 -58.95 -73.97 29.45
O3' A23 G 2 -59.79 -73.10 28.68
C2' A23 G 2 -58.24 -75.04 28.32
O2' A23 G 2 -58.84 -74.84 27.27
C1' A23 G 2 -56.76 -74.65 28.21
N9 A23 G 2 -55.94 -75.80 28.41
C8 A23 G 2 -56.08 -76.69 29.38
N7 A23 G 2 -55.14 -77.62 29.24
C5 A23 G 2 -54.39 -77.33 28.17
C6 A23 G 2 -53.28 -77.91 27.53
N6 A23 G 2 -52.70 -79.14 28.05
N1 A23 G 2 -52.76 -77.34 26.45
C2 A23 G 2 -53.29 -76.22 25.98
N3 A23 G 2 -54.33 -75.64 26.54
C4 A23 G 2 -54.90 -76.16 27.64
PC A23 H 2 -63.95 -66.92 34.49
O1C A23 H 2 -63.16 -65.46 34.55
O2C A23 H 2 -63.60 -67.71 35.67
P A23 H 2 -64.54 -67.88 27.96
OP1 A23 H 2 -64.66 -67.02 26.73
OP2 A23 H 2 -63.10 -68.10 28.34
O5' A23 H 2 -65.37 -67.21 29.23
C5' A23 H 2 -65.40 -67.91 30.44
C4' A23 H 2 -64.55 -67.20 31.42
O4' A23 H 2 -64.97 -65.52 31.45
C3' A23 H 2 -64.77 -67.66 32.60
O3' A23 H 2 -63.58 -67.56 33.41
C2' A23 H 2 -65.86 -66.57 33.31
O2' A23 H 2 -65.56 -66.64 34.49
C1' A23 H 2 -65.47 -65.21 32.71
N9 A23 H 2 -66.61 -64.36 32.62
C8 A23 H 2 -67.72 -64.62 31.97
N7 A23 H 2 -68.55 -63.61 32.11
C5 A23 H 2 -67.97 -62.66 32.87
C6 A23 H 2 -68.34 -61.40 33.36
N6 A23 H 2 -69.64 -60.84 33.04
N1 A23 H 2 -67.49 -60.71 34.11
C2 A23 H 2 -66.31 -61.22 34.40
N3 A23 H 2 -65.92 -62.40 33.96
C4 A23 H 2 -66.73 -63.15 33.20
N MET I 1 5.21 77.29 29.61
CA MET I 1 5.05 78.53 28.86
C MET I 1 3.61 78.71 28.40
N ARG I 2 3.15 79.96 28.37
CA ARG I 2 1.78 80.29 28.00
C ARG I 2 1.79 81.52 27.11
N ILE I 3 0.97 81.49 26.05
CA ILE I 3 0.86 82.60 25.11
C ILE I 3 -0.61 82.83 24.81
N LEU I 4 -1.02 84.10 24.85
CA LEU I 4 -2.41 84.49 24.62
C LEU I 4 -2.51 85.27 23.32
N LEU I 5 -3.45 84.88 22.46
CA LEU I 5 -3.70 85.56 21.19
C LEU I 5 -4.98 86.37 21.29
N CYS I 6 -4.91 87.64 20.91
CA CYS I 6 -6.05 88.53 20.94
C CYS I 6 -6.10 89.34 19.67
N SER I 7 -7.32 89.65 19.23
CA SER I 7 -7.56 90.46 18.05
C SER I 7 -8.14 91.82 18.46
N VAL I 8 -7.63 92.88 17.84
CA VAL I 8 -8.00 94.24 18.19
C VAL I 8 -8.74 94.86 17.01
N GLY I 9 -9.90 95.46 17.29
CA GLY I 9 -10.66 96.18 16.28
C GLY I 9 -10.61 97.67 16.50
N THR I 10 -11.79 98.27 16.73
CA THR I 10 -11.86 99.69 17.02
C THR I 10 -11.45 100.03 18.45
N SER I 11 -11.44 99.05 19.34
CA SER I 11 -11.11 99.26 20.75
C SER I 11 -9.81 98.54 21.07
N TRP I 12 -8.86 99.28 21.65
CA TRP I 12 -7.58 98.72 22.04
C TRP I 12 -7.53 98.26 23.49
N ALA I 13 -8.55 98.58 24.29
CA ALA I 13 -8.53 98.26 25.71
C ALA I 13 -8.76 96.78 26.01
N VAL I 14 -9.28 96.02 25.05
CA VAL I 14 -9.59 94.61 25.30
C VAL I 14 -8.34 93.83 25.66
N VAL I 15 -7.25 94.05 24.91
CA VAL I 15 -6.03 93.29 25.15
C VAL I 15 -5.52 93.47 26.57
N PRO I 16 -5.37 94.70 27.09
CA PRO I 16 -4.95 94.83 28.50
C PRO I 16 -5.89 94.13 29.46
N GLU I 17 -7.19 94.17 29.21
CA GLU I 17 -8.14 93.46 30.06
C GLU I 17 -7.94 91.96 30.00
N ALA I 18 -7.77 91.42 28.78
CA ALA I 18 -7.66 89.98 28.62
C ALA I 18 -6.43 89.42 29.33
N MET I 19 -5.44 90.28 29.60
CA MET I 19 -4.25 89.83 30.32
C MET I 19 -4.56 89.46 31.76
N GLN I 20 -5.75 89.81 32.26
CA GLN I 20 -6.15 89.51 33.63
C GLN I 20 -6.83 88.15 33.76
N LEU I 21 -6.93 87.40 32.67
CA LEU I 21 -7.62 86.11 32.72
C LEU I 21 -6.97 85.16 33.72
N LEU I 22 -5.63 85.09 33.70
CA LEU I 22 -4.90 84.23 34.63
C LEU I 22 -4.55 84.93 35.94
N GLY I 23 -4.51 86.26 35.95
CA GLY I 23 -4.25 86.99 37.18
C GLY I 23 -2.81 87.46 37.34
N SER I 24 -2.27 87.29 38.54
CA SER I 24 -0.94 87.82 38.85
C SER I 24 0.13 87.18 37.98
N GLN I 25 0.07 85.86 37.78
CA GLN I 25 1.11 85.17 37.02
C GLN I 25 1.15 85.66 35.57
N GLY I 26 -0.01 85.83 34.95
CA GLY I 26 -0.05 86.32 33.59
C GLY I 26 0.40 85.29 32.57
N PHE I 27 0.76 85.79 31.40
CA PHE I 27 1.17 84.96 30.28
C PHE I 27 2.62 85.23 29.92
N ASP I 28 3.34 84.19 29.47
CA ASP I 28 4.74 84.36 29.09
C ASP I 28 4.87 85.32 27.93
N GLU I 29 4.02 85.19 26.91
CA GLU I 29 4.10 86.03 25.72
C GLU I 29 2.70 86.24 25.17
N VAL I 30 2.40 87.45 24.72
CA VAL I 30 1.09 87.81 24.20
C VAL I 30 1.27 88.44 22.82
N HIS I 31 0.47 87.98 21.85
CA HIS I 31 0.53 88.47 20.49
C HIS I 31 -0.74 89.24 20.16
N VAL I 32 -0.60 90.25 19.30
CA VAL I 32 -1.70 91.11 18.88
C VAL I 32 -1.86 91.00 17.37
N LEU I 33 -3.07 90.72 16.91
CA LEU I 33 -3.42 90.68 15.50
C LEU I 33 -4.57 91.63 15.24
N THR I 34 -4.39 92.53 14.28
CA THR I 34 -5.39 93.53 13.94
C THR I 34 -5.34 93.77 12.44
N THR I 35 -6.10 94.77 11.98
CA THR I 35 -6.18 95.13 10.58
C THR I 35 -5.42 96.42 10.32
N ALA I 36 -5.33 96.80 9.05
CA ALA I 36 -4.59 97.98 8.64
C ALA I 36 -5.47 99.23 8.58
N SER I 37 -6.71 99.14 9.03
CA SER I 37 -7.61 100.28 8.96
C SER I 37 -7.03 101.47 9.73
N SER I 38 -7.21 102.67 9.18
CA SER I 38 -6.71 103.86 9.83
C SER I 38 -7.26 104.00 11.24
N LYS I 39 -8.48 103.50 11.48
CA LYS I 39 -9.04 103.48 12.82
C LYS I 39 -8.38 102.45 13.71
N ILE I 40 -7.56 101.56 13.15
CA ILE I 40 -6.84 100.58 13.95
C ILE I 40 -5.60 101.20 14.59
N SER I 41 -4.99 102.18 13.93
CA SER I 41 -3.80 102.82 14.47
C SER I 41 -3.98 103.39 15.87
N PRO I 42 -5.08 104.09 16.19
CA PRO I 42 -5.18 104.71 17.52
C PRO I 42 -5.00 103.71 18.65
N GLY I 43 -5.53 102.49 18.50
CA GLY I 43 -5.28 101.45 19.48
C GLY I 43 -3.89 100.85 19.39
N VAL I 44 -3.23 100.98 18.24
CA VAL I 44 -1.90 100.41 18.08
C VAL I 44 -0.89 101.15 18.95
N GLU I 45 -0.90 102.48 18.88
CA GLU I 45 0.05 103.26 19.67
C GLU I 45 -0.33 103.27 21.15
N GLN I 46 -1.62 103.40 21.44
CA GLN I 46 -2.07 103.37 22.83
C GLN I 46 -1.76 102.03 23.48
N LEU I 47 -1.96 100.93 22.75
CA LEU I 47 -1.53 99.62 23.25
C LEU I 47 -0.01 99.56 23.38
N LEU I 48 0.70 100.12 22.39
CA LEU I 48 2.16 100.18 22.49
C LEU I 48 2.59 100.93 23.74
N ARG I 49 1.93 102.06 24.03
CA ARG I 49 2.22 102.78 25.26
C ARG I 49 1.93 101.93 26.48
N TYR I 50 0.79 101.24 26.50
CA TYR I 50 0.49 100.35 27.62
C TYR I 50 1.48 99.19 27.68
N PHE I 51 1.89 98.69 26.50
CA PHE I 51 2.89 97.63 26.47
C PHE I 51 4.22 98.10 27.05
N GLU I 52 4.56 99.38 26.93
CA GLU I 52 5.85 99.84 27.42
C GLU I 52 5.99 99.63 28.91
N MET I 53 5.02 100.09 29.69
CA MET I 53 5.06 99.75 31.10
C MET I 53 4.40 98.40 31.33
N HIS I 54 4.73 97.78 32.45
CA HIS I 54 4.40 96.38 32.71
C HIS I 54 5.03 95.50 31.62
N PRO I 55 6.36 95.55 31.49
CA PRO I 55 7.02 94.83 30.38
C PRO I 55 7.27 93.37 30.68
N GLY I 56 6.59 92.83 31.70
CA GLY I 56 6.77 91.45 32.08
C GLY I 56 6.65 90.49 30.91
N PRO I 57 5.45 90.38 30.35
CA PRO I 57 5.26 89.49 29.20
C PRO I 57 5.80 90.09 27.91
N ARG I 58 6.31 89.23 27.05
CA ARG I 58 6.81 89.68 25.75
C ARG I 58 5.66 90.23 24.91
N PHE I 59 5.99 91.21 24.07
CA PHE I 59 4.98 91.96 23.33
C PHE I 59 5.34 92.03 21.86
N SER I 60 4.31 92.14 21.03
CA SER I 60 4.45 92.28 19.58
C SER I 60 3.10 92.62 18.99
N ILE I 61 3.11 93.49 17.98
CA ILE I 61 1.88 93.94 17.31
C ILE I 61 1.92 93.47 15.86
N SER I 62 0.85 92.81 15.43
CA SER I 62 0.73 92.29 14.08
C SER I 62 -0.47 92.94 13.40
N ARG I 63 -0.27 93.41 12.16
CA ARG I 63 -1.31 94.03 11.38
C ARG I 63 -1.40 93.37 10.01
N VAL I 64 -2.63 93.26 9.49
CA VAL I 64 -2.86 92.67 8.19
C VAL I 64 -2.77 93.77 7.14
N GLN I 65 -1.70 93.72 6.33
CA GLN I 65 -1.49 94.77 5.35
C GLN I 65 -2.60 94.79 4.30
N ASP I 66 -3.07 93.62 3.88
CA ASP I 66 -4.02 93.51 2.80
C ASP I 66 -5.46 93.81 3.22
N PHE I 67 -5.75 93.84 4.52
CA PHE I 67 -7.12 93.99 5.01
C PHE I 67 -7.19 95.14 6.00
N GLU I 68 -8.17 96.02 5.79
CA GLU I 68 -8.43 97.12 6.73
C GLU I 68 -9.87 97.16 7.19
N ASP I 69 -10.83 96.94 6.29
CA ASP I 69 -12.25 97.02 6.59
C ASP I 69 -12.99 95.90 5.87
N LEU I 70 -13.88 95.23 6.58
CA LEU I 70 -14.64 94.13 5.99
C LEU I 70 -15.56 94.68 4.91
N ARG I 71 -15.22 94.41 3.64
CA ARG I 71 -16.00 94.87 2.51
C ARG I 71 -16.59 93.75 1.67
N SER I 72 -15.94 92.60 1.60
CA SER I 72 -16.42 91.50 0.77
C SER I 72 -15.90 90.19 1.36
N GLU I 73 -16.44 89.08 0.84
CA GLU I 73 -16.09 87.77 1.36
C GLU I 73 -14.60 87.49 1.18
N GLN I 74 -14.05 87.84 0.01
CA GLN I 74 -12.64 87.55 -0.26
C GLN I 74 -11.73 88.12 0.83
N ASP I 75 -12.08 89.31 1.34
CA ASP I 75 -11.32 89.85 2.46
C ASP I 75 -11.44 88.96 3.69
N HIS I 76 -12.64 88.40 3.92
CA HIS I 76 -12.82 87.50 5.05
C HIS I 76 -11.93 86.27 4.92
N MET I 77 -11.86 85.69 3.72
CA MET I 77 -11.00 84.53 3.51
C MET I 77 -9.52 84.88 3.70
N LEU I 78 -9.12 86.07 3.24
CA LEU I 78 -7.73 86.49 3.42
C LEU I 78 -7.38 86.60 4.90
N PHE I 79 -8.30 87.14 5.70
CA PHE I 79 -8.04 87.29 7.13
C PHE I 79 -7.79 85.94 7.79
N GLU I 80 -8.65 84.96 7.52
CA GLU I 80 -8.48 83.65 8.14
C GLU I 80 -7.19 82.98 7.68
N GLU I 81 -6.87 83.09 6.39
CA GLU I 81 -5.64 82.52 5.87
C GLU I 81 -4.43 83.04 6.66
N VAL I 82 -4.33 84.36 6.80
CA VAL I 82 -3.24 84.92 7.59
C VAL I 82 -3.44 84.61 9.07
N LEU I 83 -4.68 84.73 9.56
CA LEU I 83 -4.94 84.49 10.97
C LEU I 83 -4.56 83.06 11.37
N TRP I 84 -4.92 82.09 10.54
CA TRP I 84 -4.55 80.70 10.83
C TRP I 84 -3.04 80.55 10.89
N ARG I 85 -2.34 81.15 9.93
CA ARG I 85 -0.88 81.16 10.01
C ARG I 85 -0.41 81.94 11.23
N TRP I 86 -1.04 83.08 11.51
CA TRP I 86 -0.67 83.85 12.69
C TRP I 86 -0.88 83.04 13.96
N LEU I 87 -2.01 82.32 14.04
CA LEU I 87 -2.24 81.44 15.18
C LEU I 87 -1.26 80.29 15.21
N LEU I 88 -0.64 79.96 14.08
CA LEU I 88 0.37 78.91 14.01
C LEU I 88 1.78 79.45 14.22
N GLN I 89 2.16 80.49 13.48
CA GLN I 89 3.48 81.07 13.66
C GLN I 89 3.64 81.65 15.06
N ARG I 90 2.58 82.29 15.57
CA ARG I 90 2.58 82.86 16.91
C ARG I 90 2.12 81.87 17.98
N ALA I 91 1.76 80.65 17.59
CA ALA I 91 1.37 79.63 18.54
C ALA I 91 1.51 78.25 17.92
N PRO I 92 2.74 77.80 17.64
CA PRO I 92 2.91 76.47 17.04
C PRO I 92 2.26 75.36 17.85
N GLN I 93 2.35 75.46 19.17
CA GLN I 93 1.77 74.44 20.04
C GLN I 93 0.47 74.94 20.65
N ALA I 94 -0.53 74.06 20.70
CA ALA I 94 -1.84 74.39 21.23
C ALA I 94 -1.93 74.20 22.74
N ALA I 95 -0.86 73.73 23.39
CA ALA I 95 -0.88 73.57 24.84
C ALA I 95 -0.95 74.92 25.54
N HIS I 96 -0.28 75.93 24.99
CA HIS I 96 -0.23 77.27 25.58
C HIS I 96 -0.98 78.29 24.72
N ARG I 97 -2.10 77.89 24.14
CA ARG I 97 -2.85 78.74 23.20
C ARG I 97 -4.04 79.36 23.93
N TYR I 98 -3.92 80.64 24.25
CA TYR I 98 -5.01 81.43 24.83
C TYR I 98 -5.46 82.45 23.78
N ILE I 99 -6.75 82.48 23.51
CA ILE I 99 -7.31 83.33 22.46
C ILE I 99 -8.51 84.09 23.03
N CYS I 100 -8.55 85.39 22.80
CA CYS I 100 -9.70 86.23 23.14
C CYS I 100 -10.48 86.56 21.88
N LEU I 101 -11.79 86.75 22.03
CA LEU I 101 -12.68 87.01 20.92
C LEU I 101 -13.49 88.28 21.16
N ALA I 102 -12.84 89.31 21.70
CA ALA I 102 -13.51 90.57 21.99
C ALA I 102 -13.48 91.54 20.81
N GLY I 103 -12.33 91.68 20.15
CA GLY I 103 -12.18 92.65 19.10
C GLY I 103 -12.51 92.11 17.70
N GLY I 104 -12.64 93.04 16.76
CA GLY I 104 -12.89 92.70 15.38
C GLY I 104 -14.36 92.53 15.05
N TYR I 105 -14.64 92.44 13.75
CA TYR I 105 -16.00 92.21 13.29
C TYR I 105 -16.56 90.92 13.88
N LYS I 106 -17.89 90.82 13.90
CA LYS I 106 -18.53 89.62 14.42
C LYS I 106 -18.08 88.37 13.68
N THR I 107 -17.76 88.51 12.39
CA THR I 107 -17.23 87.38 11.63
C THR I 107 -15.81 87.03 12.04
N ILE I 108 -15.15 87.88 12.83
CA ILE I 108 -13.80 87.60 13.30
C ILE I 108 -13.87 86.93 14.66
N SER I 109 -14.91 87.25 15.44
CA SER I 109 -15.09 86.60 16.73
C SER I 109 -15.36 85.11 16.56
N ALA I 110 -16.32 84.76 15.70
CA ALA I 110 -16.59 83.36 15.43
C ALA I 110 -15.42 82.69 14.71
N ALA I 111 -14.76 83.43 13.80
CA ALA I 111 -13.61 82.87 13.09
C ALA I 111 -12.51 82.49 14.07
N MET I 112 -12.24 83.34 15.06
CA MET I 112 -11.23 83.01 16.07
C MET I 112 -11.61 81.74 16.83
N GLN I 113 -12.88 81.61 17.20
CA GLN I 113 -13.33 80.37 17.84
C GLN I 113 -13.18 79.19 16.90
N ARG I 114 -13.49 79.38 15.61
CA ARG I 114 -13.39 78.29 14.66
C ARG I 114 -11.94 77.81 14.51
N ALA I 115 -10.98 78.73 14.51
CA ALA I 115 -9.59 78.33 14.41
C ALA I 115 -9.14 77.61 15.67
N ALA I 116 -9.71 77.98 16.83
CA ALA I 116 -9.33 77.34 18.08
C ALA I 116 -9.66 75.85 18.06
N ALA I 117 -10.91 75.51 17.71
CA ALA I 117 -11.32 74.11 17.71
C ALA I 117 -10.53 73.32 16.67
N LEU I 118 -10.38 73.87 15.47
CA LEU I 118 -9.70 73.14 14.39
C LEU I 118 -8.20 73.02 14.63
N PHE I 119 -7.65 73.79 15.56
CA PHE I 119 -6.23 73.69 15.90
C PHE I 119 -5.96 73.54 17.38
N GLY I 120 -6.99 73.47 18.21
CA GLY I 120 -6.81 73.33 19.63
C GLY I 120 -6.20 74.57 20.27
N ALA I 121 -6.37 74.66 21.60
CA ALA I 121 -5.83 75.76 22.36
C ALA I 121 -6.11 75.52 23.83
N CYS I 122 -5.34 76.19 24.68
CA CYS I 122 -5.51 76.02 26.12
C CYS I 122 -6.85 76.58 26.59
N GLU I 123 -7.21 77.78 26.13
CA GLU I 123 -8.44 78.43 26.56
C GLU I 123 -8.96 79.35 25.48
N VAL I 124 -10.29 79.49 25.42
CA VAL I 124 -10.97 80.42 24.53
C VAL I 124 -11.97 81.19 25.37
N PHE I 125 -11.88 82.52 25.34
CA PHE I 125 -12.66 83.35 26.26
C PHE I 125 -13.07 84.65 25.58
N HIS I 126 -14.12 85.26 26.14
CA HIS I 126 -14.56 86.60 25.77
C HIS I 126 -14.66 87.44 27.04
N VAL I 127 -14.32 88.72 26.91
CA VAL I 127 -14.19 89.59 28.07
C VAL I 127 -15.42 90.49 28.17
N LEU I 128 -15.68 90.96 29.39
CA LEU I 128 -16.77 91.89 29.66
C LEU I 128 -16.25 93.00 30.54
N CYS I 129 -16.49 94.25 30.13
CA CYS I 129 -16.04 95.43 30.85
C CYS I 129 -17.23 96.16 31.45
N GLU I 130 -17.06 96.66 32.66
CA GLU I 130 -18.11 97.46 33.29
C GLU I 130 -18.13 98.85 32.66
N PRO I 131 -19.27 99.29 32.12
CA PRO I 131 -19.29 100.57 31.40
C PRO I 131 -19.22 101.79 32.32
N ARG I 132 -18.96 101.56 33.60
CA ARG I 132 -18.87 102.66 34.57
C ARG I 132 -17.50 103.33 34.51
N PHE I 133 -17.05 103.68 33.31
CA PHE I 133 -15.72 104.26 33.10
C PHE I 133 -15.84 105.50 32.24
N GLY I 134 -14.86 106.39 32.39
CA GLY I 134 -14.80 107.60 31.60
C GLY I 134 -15.79 108.65 32.05
N PRO I 135 -15.87 109.75 31.31
CA PRO I 135 -16.84 110.79 31.66
C PRO I 135 -18.25 110.23 31.68
N GLN I 136 -19.03 110.68 32.67
CA GLN I 136 -20.38 110.20 32.96
C GLN I 136 -20.39 108.78 33.52
N GLY I 137 -19.24 108.11 33.59
CA GLY I 137 -19.21 106.77 34.14
C GLY I 137 -20.17 105.81 33.46
N ASN I 138 -20.38 105.99 32.15
CA ASN I 138 -21.38 105.21 31.42
C ASN I 138 -20.83 104.66 30.10
N ARG I 139 -19.52 104.43 30.01
CA ARG I 139 -18.92 103.88 28.81
C ARG I 139 -17.74 103.00 29.18
N GLU I 140 -17.40 102.08 28.27
CA GLU I 140 -16.32 101.13 28.51
C GLU I 140 -14.97 101.84 28.50
N ALA I 141 -14.02 101.27 29.25
CA ALA I 141 -12.69 101.84 29.32
C ALA I 141 -12.02 101.81 27.95
N SER I 142 -11.41 102.94 27.58
CA SER I 142 -10.70 103.03 26.32
C SER I 142 -9.40 103.81 26.45
N THR I 143 -8.98 104.16 27.65
CA THR I 143 -7.78 104.95 27.90
C THR I 143 -6.81 104.15 28.75
N LEU I 144 -5.57 104.65 28.82
CA LEU I 144 -4.55 103.97 29.60
C LEU I 144 -4.93 103.89 31.07
N GLU I 145 -5.42 105.00 31.64
CA GLU I 145 -5.79 105.01 33.06
C GLU I 145 -7.11 104.30 33.30
N GLU I 146 -8.07 104.44 32.38
CA GLU I 146 -9.37 103.79 32.56
C GLU I 146 -9.25 102.27 32.62
N VAL I 147 -8.18 101.71 32.06
CA VAL I 147 -8.03 100.25 32.07
C VAL I 147 -7.50 99.76 33.40
N GLU I 148 -6.57 100.50 34.01
CA GLU I 148 -6.05 100.10 35.31
C GLU I 148 -7.13 100.12 36.38
N GLN I 149 -8.13 101.00 36.23
CA GLN I 149 -9.21 101.06 37.22
C GLN I 149 -10.02 99.77 37.23
N ALA I 150 -10.30 99.21 36.05
CA ALA I 150 -11.08 97.97 35.99
C ALA I 150 -10.33 96.82 36.66
N ILE I 151 -9.06 96.65 36.31
CA ILE I 151 -8.26 95.58 36.92
C ILE I 151 -8.04 95.87 38.39
N ALA I 152 -7.78 97.12 38.74
CA ALA I 152 -7.54 97.49 40.14
C ALA I 152 -8.76 97.27 41.02
N THR I 153 -9.97 97.19 40.44
CA THR I 153 -11.19 97.02 41.21
C THR I 153 -12.03 95.85 40.70
N ASN I 154 -11.48 95.00 39.85
CA ASN I 154 -12.22 93.86 39.28
C ASN I 154 -13.52 94.33 38.64
N ALA I 155 -13.39 95.25 37.68
CA ALA I 155 -14.52 95.73 36.91
C ALA I 155 -14.72 94.96 35.61
N LEU I 156 -13.93 93.93 35.37
CA LEU I 156 -14.00 93.14 34.16
C LEU I 156 -14.57 91.77 34.48
N ARG I 157 -15.56 91.34 33.69
CA ARG I 157 -16.14 90.01 33.80
C ARG I 157 -15.58 89.13 32.70
N PHE I 158 -15.12 87.95 33.07
CA PHE I 158 -14.43 87.05 32.14
C PHE I 158 -15.26 85.78 31.96
N VAL I 159 -15.44 85.38 30.70
CA VAL I 159 -16.19 84.18 30.35
C VAL I 159 -15.22 83.23 29.63
N ARG I 160 -15.18 81.99 30.08
CA ARG I 160 -14.33 80.96 29.46
C ARG I 160 -15.23 79.84 28.94
N LEU I 161 -15.08 79.51 27.66
CA LEU I 161 -15.93 78.51 27.04
C LEU I 161 -15.44 77.09 27.30
N GLY I 162 -14.12 76.90 27.31
CA GLY I 162 -13.54 75.59 27.54
C GLY I 162 -12.42 75.28 26.57
N PRO I 163 -11.53 74.39 26.98
CA PRO I 163 -10.38 74.04 26.13
C PRO I 163 -10.84 73.41 24.82
N GLU I 164 -10.07 73.68 23.76
CA GLU I 164 -10.33 73.07 22.47
C GLU I 164 -9.30 71.97 22.23
N PRO I 165 -9.71 70.70 22.24
CA PRO I 165 -8.73 69.63 22.01
C PRO I 165 -8.03 69.74 20.67
N GLY I 166 -8.67 70.34 19.66
CA GLY I 166 -8.06 70.49 18.36
C GLY I 166 -8.54 69.45 17.38
N TRP I 167 -7.64 69.00 16.50
CA TRP I 167 -7.98 67.97 15.54
C TRP I 167 -6.80 67.01 15.40
N PRO I 168 -7.05 65.70 15.31
CA PRO I 168 -5.92 64.76 15.27
C PRO I 168 -4.95 65.01 14.13
N GLN I 169 -5.45 65.46 12.98
CA GLN I 169 -4.60 65.73 11.82
C GLN I 169 -4.19 67.19 11.72
N LEU I 170 -4.54 68.02 12.70
CA LEU I 170 -4.31 69.45 12.61
C LEU I 170 -3.38 70.02 13.67
N ARG I 171 -3.21 69.36 14.82
CA ARG I 171 -2.25 69.86 15.81
C ARG I 171 -0.81 69.71 15.36
N LEU I 172 -0.55 68.97 14.29
CA LEU I 172 0.81 68.75 13.81
C LEU I 172 1.13 69.57 12.57
N LEU I 173 0.40 70.66 12.35
CA LEU I 173 0.69 71.60 11.27
C LEU I 173 1.47 72.78 11.84
N SER I 174 2.65 73.02 11.28
CA SER I 174 3.54 74.08 11.75
C SER I 174 3.51 75.26 10.78
N ALA I 175 3.53 76.46 11.35
CA ALA I 175 3.59 77.67 10.52
C ALA I 175 4.75 77.65 9.53
N PRO I 176 5.96 77.22 9.90
CA PRO I 176 7.08 77.27 8.93
C PRO I 176 6.76 76.61 7.60
N SER I 177 6.02 75.51 7.60
CA SER I 177 5.62 74.89 6.34
C SER I 177 4.80 75.86 5.49
N PHE I 178 4.12 76.81 6.12
CA PHE I 178 3.29 77.81 5.43
C PHE I 178 3.78 79.17 5.89
N PRO I 179 4.83 79.69 5.26
CA PRO I 179 5.46 80.93 5.76
C PRO I 179 4.50 82.09 5.79
N LEU I 180 4.66 82.93 6.80
CA LEU I 180 3.87 84.15 6.95
C LEU I 180 4.79 85.36 6.82
N GLU I 181 4.41 86.29 5.94
CA GLU I 181 5.23 87.46 5.66
C GLU I 181 4.89 88.57 6.64
N SER I 182 5.91 89.10 7.31
CA SER I 182 5.75 90.17 8.28
C SER I 182 6.77 91.26 8.00
N THR I 183 6.31 92.50 7.93
CA THR I 183 7.17 93.66 7.70
C THR I 183 7.22 94.50 8.97
N LEU I 184 8.43 94.79 9.43
CA LEU I 184 8.63 95.51 10.69
C LEU I 184 8.47 97.01 10.43
N GLN I 185 7.28 97.52 10.73
CA GLN I 185 6.99 98.95 10.65
C GLN I 185 6.88 99.47 12.07
N GLY I 186 7.91 100.18 12.53
CA GLY I 186 7.97 100.62 13.90
C GLY I 186 7.97 99.46 14.87
N PRO I 187 7.14 99.53 15.91
CA PRO I 187 7.01 98.44 16.86
C PRO I 187 5.91 97.44 16.52
N VAL I 188 5.23 97.59 15.40
CA VAL I 188 4.09 96.76 15.03
C VAL I 188 4.40 96.06 13.71
N HIS I 189 4.13 94.76 13.66
CA HIS I 189 4.37 93.96 12.47
C HIS I 189 3.21 94.09 11.49
N TRP I 190 3.54 94.11 10.19
CA TRP I 190 2.57 94.06 9.11
C TRP I 190 2.68 92.70 8.45
N VAL I 191 1.61 91.93 8.47
CA VAL I 191 1.62 90.55 8.01
C VAL I 191 0.88 90.45 6.68
N ARG I 192 1.33 89.51 5.84
CA ARG I 192 0.70 89.24 4.56
C ARG I 192 0.84 87.76 4.25
N ALA I 193 -0.06 87.26 3.43
CA ALA I 193 -0.06 85.86 3.01
C ALA I 193 0.26 85.80 1.51
N SER I 194 1.31 85.05 1.17
CA SER I 194 1.71 84.93 -0.23
C SER I 194 0.75 84.03 -1.00
N ASP I 195 0.36 82.90 -0.42
CA ASP I 195 -0.50 81.94 -1.08
C ASP I 195 -1.61 81.50 -0.13
N MET I 196 -2.73 81.08 -0.70
CA MET I 196 -3.88 80.62 0.08
C MET I 196 -3.82 79.11 0.32
N ARG I 197 -2.69 78.62 0.83
CA ARG I 197 -2.49 77.19 0.96
C ARG I 197 -3.03 76.62 2.26
N LEU I 198 -2.90 77.35 3.37
CA LEU I 198 -3.34 76.82 4.65
C LEU I 198 -4.84 76.55 4.67
N ARG I 199 -5.62 77.45 4.09
CA ARG I 199 -7.07 77.24 4.03
C ARG I 199 -7.42 76.01 3.19
N GLN I 200 -6.70 75.80 2.08
CA GLN I 200 -7.01 74.68 1.21
C GLN I 200 -6.67 73.35 1.88
N HIS I 201 -5.47 73.26 2.48
CA HIS I 201 -5.03 71.99 3.06
C HIS I 201 -5.96 71.56 4.18
N VAL I 202 -6.32 72.48 5.07
CA VAL I 202 -7.26 72.16 6.13
C VAL I 202 -8.66 71.96 5.59
N GLU I 203 -8.90 72.30 4.32
CA GLU I 203 -10.20 72.06 3.72
C GLU I 203 -10.42 70.59 3.42
N GLY I 204 -9.39 69.91 2.90
CA GLY I 204 -9.53 68.51 2.57
C GLY I 204 -9.51 67.61 3.79
N VAL I 205 -8.73 67.97 4.81
CA VAL I 205 -8.62 67.14 6.00
C VAL I 205 -9.99 66.96 6.65
N LEU I 206 -10.73 68.05 6.80
CA LEU I 206 -12.06 67.96 7.40
C LEU I 206 -12.99 67.14 6.52
N GLU I 207 -12.96 67.34 5.20
CA GLU I 207 -13.83 66.59 4.31
C GLU I 207 -13.52 65.10 4.38
N ARG I 208 -12.24 64.74 4.26
CA ARG I 208 -11.87 63.33 4.28
C ARG I 208 -12.26 62.67 5.59
N SER I 209 -12.05 63.37 6.72
CA SER I 209 -12.42 62.79 8.01
C SER I 209 -13.91 62.51 8.09
N ARG I 210 -14.73 63.44 7.61
CA ARG I 210 -16.17 63.19 7.58
C ARG I 210 -16.51 61.98 6.72
N HIS I 211 -15.75 61.75 5.65
CA HIS I 211 -15.98 60.55 4.84
C HIS I 211 -15.69 59.29 5.65
N ILE I 212 -14.59 59.29 6.41
CA ILE I 212 -14.22 58.11 7.17
C ILE I 212 -15.27 57.81 8.24
N LEU I 213 -15.69 58.84 8.98
CA LEU I 213 -16.64 58.63 10.06
C LEU I 213 -17.98 58.12 9.52
N ALA I 214 -18.41 58.65 8.37
CA ALA I 214 -19.68 58.20 7.79
C ALA I 214 -19.60 56.73 7.39
N ALA I 215 -18.48 56.31 6.80
CA ALA I 215 -18.31 54.94 6.33
C ALA I 215 -17.58 54.05 7.33
N TRP I 216 -17.26 54.56 8.52
CA TRP I 216 -16.51 53.75 9.48
C TRP I 216 -17.36 52.61 10.04
N GLU I 217 -18.65 52.85 10.25
CA GLU I 217 -19.50 51.85 10.88
C GLU I 217 -19.43 50.52 10.13
N GLY I 218 -19.64 50.56 8.82
CA GLY I 218 -19.54 49.36 8.01
C GLY I 218 -18.13 49.15 7.50
N ILE I 219 -17.14 49.23 8.40
CA ILE I 219 -15.75 49.08 8.00
C ILE I 219 -15.35 47.63 7.75
N SER I 220 -16.15 46.67 8.22
CA SER I 220 -15.84 45.26 8.02
C SER I 220 -16.29 44.74 6.67
N GLU I 221 -17.28 45.38 6.04
CA GLU I 221 -17.73 44.98 4.71
C GLU I 221 -16.81 45.46 3.60
N LEU I 222 -15.82 46.29 3.92
CA LEU I 222 -14.92 46.84 2.92
C LEU I 222 -13.70 45.94 2.80
N PRO I 223 -13.47 45.30 1.65
CA PRO I 223 -12.30 44.43 1.52
C PRO I 223 -10.98 45.16 1.75
N ILE I 224 -10.88 46.40 1.31
CA ILE I 224 -9.67 47.20 1.45
C ILE I 224 -9.95 48.29 2.48
N PRO I 225 -9.24 48.33 3.60
CA PRO I 225 -9.53 49.36 4.61
C PRO I 225 -9.43 50.77 4.07
N ALA I 226 -8.53 51.02 3.13
CA ALA I 226 -8.36 52.37 2.60
C ALA I 226 -9.60 52.88 1.89
N LEU I 227 -10.54 51.99 1.53
CA LEU I 227 -11.76 52.42 0.89
C LEU I 227 -12.65 53.25 1.80
N ALA I 228 -12.35 53.29 3.10
CA ALA I 228 -13.16 54.10 4.01
C ALA I 228 -13.13 55.57 3.63
N ALA I 229 -11.96 56.07 3.25
CA ALA I 229 -11.81 57.48 2.90
C ALA I 229 -12.61 57.86 1.66
N TRP I 230 -13.09 56.90 0.90
CA TRP I 230 -13.89 57.22 -0.28
C TRP I 230 -15.16 57.95 0.14
N PRO I 231 -15.52 59.02 -0.54
CA PRO I 231 -16.74 59.77 -0.19
C PRO I 231 -17.95 58.85 -0.23
N PRO I 232 -18.90 59.03 0.69
CA PRO I 232 -20.03 58.10 0.77
C PRO I 232 -20.79 57.95 -0.54
N SER I 233 -20.87 59.01 -1.34
CA SER I 233 -21.49 58.89 -2.66
C SER I 233 -20.73 57.93 -3.55
N HIS I 234 -19.45 57.70 -3.27
CA HIS I 234 -18.62 56.83 -4.11
C HIS I 234 -18.73 55.36 -3.70
N LEU I 235 -18.57 55.06 -2.41
CA LEU I 235 -18.62 53.68 -1.97
C LEU I 235 -20.00 53.07 -2.23
N ARG I 236 -21.03 53.90 -2.36
CA ARG I 236 -22.33 53.37 -2.81
C ARG I 236 -22.27 52.99 -4.28
N TRP I 237 -21.59 53.79 -5.09
CA TRP I 237 -21.28 53.40 -6.46
C TRP I 237 -20.69 52.00 -6.53
N LEU I 238 -19.91 51.63 -5.50
CA LEU I 238 -19.21 50.36 -5.49
C LEU I 238 -20.13 49.18 -5.27
N HIS I 239 -21.41 49.41 -4.96
CA HIS I 239 -22.36 48.34 -4.69
C HIS I 239 -23.34 48.09 -5.83
N GLU I 240 -23.25 48.84 -6.92
CA GLU I 240 -24.12 48.58 -8.06
C GLU I 240 -23.49 47.58 -9.01
N PRO I 241 -24.29 46.93 -9.84
CA PRO I 241 -23.74 45.91 -10.75
C PRO I 241 -22.66 46.50 -11.66
N LEU I 242 -21.62 45.69 -11.89
CA LEU I 242 -20.52 46.13 -12.74
C LEU I 242 -21.00 46.29 -14.18
N ASP I 243 -20.52 47.35 -14.84
CA ASP I 243 -20.91 47.64 -16.21
C ASP I 243 -19.79 47.29 -17.17
N PRO I 244 -20.00 46.33 -18.07
CA PRO I 244 -18.91 45.94 -18.98
C PRO I 244 -18.56 47.02 -20.00
N VAL I 245 -19.49 47.92 -20.33
CA VAL I 245 -19.28 48.89 -21.39
C VAL I 245 -19.05 50.29 -20.86
N GLN I 246 -19.00 50.47 -19.54
CA GLN I 246 -18.77 51.79 -18.96
C GLN I 246 -17.73 51.79 -17.86
N ASP I 247 -17.23 50.63 -17.43
CA ASP I 247 -16.25 50.55 -16.36
C ASP I 247 -14.87 50.15 -16.85
N LYS I 248 -14.69 49.99 -18.16
CA LYS I 248 -13.39 49.59 -18.69
C LYS I 248 -12.29 50.54 -18.20
N ALA I 249 -12.57 51.84 -18.17
CA ALA I 249 -11.57 52.80 -17.74
C ALA I 249 -11.16 52.57 -16.30
N TRP I 250 -12.13 52.32 -15.42
CA TRP I 250 -11.81 52.09 -14.02
C TRP I 250 -11.16 50.73 -13.81
N VAL I 251 -11.71 49.69 -14.45
CA VAL I 251 -11.18 48.34 -14.25
C VAL I 251 -9.73 48.26 -14.68
N GLN I 252 -9.41 48.82 -15.85
CA GLN I 252 -8.05 48.71 -16.35
C GLN I 252 -7.05 49.37 -15.41
N ALA I 253 -7.39 50.52 -14.86
CA ALA I 253 -6.48 51.23 -13.96
C ALA I 253 -6.28 50.50 -12.64
N LEU I 254 -7.08 49.50 -12.33
CA LEU I 254 -6.96 48.81 -11.06
C LEU I 254 -5.61 48.11 -10.96
N PRO I 255 -4.97 48.13 -9.79
CA PRO I 255 -3.80 47.28 -9.55
C PRO I 255 -4.24 45.85 -9.29
N LYS I 256 -4.06 44.98 -10.28
CA LYS I 256 -4.59 43.63 -10.25
C LYS I 256 -3.54 42.65 -9.71
N VAL I 257 -3.91 41.38 -9.69
CA VAL I 257 -3.03 40.30 -9.27
C VAL I 257 -3.27 39.11 -10.19
N GLU I 258 -2.19 38.62 -10.79
CA GLU I 258 -2.25 37.52 -11.76
C GLU I 258 -1.71 36.25 -11.11
N LEU I 259 -2.45 35.15 -11.23
CA LEU I 259 -2.06 33.89 -10.63
C LEU I 259 -2.13 32.69 -11.57
N HIS I 260 -2.67 32.86 -12.79
CA HIS I 260 -2.75 31.78 -13.79
C HIS I 260 -2.40 32.39 -15.14
N CYS I 261 -1.12 32.36 -15.48
CA CYS I 261 -0.61 32.87 -16.75
C CYS I 261 0.43 31.90 -17.27
N HIS I 262 0.16 31.29 -18.41
CA HIS I 262 1.04 30.28 -18.99
C HIS I 262 2.05 30.96 -19.91
N LEU I 263 3.32 30.80 -19.60
CA LEU I 263 4.36 31.49 -20.37
C LEU I 263 4.37 31.04 -21.83
N GLY I 264 4.17 29.75 -22.06
CA GLY I 264 4.22 29.20 -23.40
C GLY I 264 2.96 29.43 -24.20
N GLY I 265 2.19 30.44 -23.82
CA GLY I 265 0.94 30.74 -24.50
C GLY I 265 0.68 32.22 -24.62
N PHE I 266 1.75 33.01 -24.62
CA PHE I 266 1.62 34.47 -24.65
C PHE I 266 1.55 35.00 -26.08
N ALA I 267 2.58 34.73 -26.88
CA ALA I 267 2.61 35.18 -28.28
C ALA I 267 2.36 33.99 -29.20
N THR I 268 1.09 33.77 -29.49
CA THR I 268 0.69 32.66 -30.36
C THR I 268 0.25 33.10 -31.75
N HIS I 269 -0.25 34.33 -31.87
CA HIS I 269 -0.68 34.85 -33.16
C HIS I 269 -0.69 36.37 -33.09
N GLY I 270 -0.62 36.99 -34.27
CA GLY I 270 -0.57 38.43 -34.36
C GLY I 270 0.84 38.94 -34.55
N GLU I 271 1.03 40.21 -34.16
CA GLU I 271 2.36 40.79 -34.23
C GLU I 271 3.25 40.32 -33.09
N LEU I 272 2.68 39.95 -31.95
CA LEU I 272 3.51 39.48 -30.84
C LEU I 272 4.28 38.22 -31.24
N LEU I 273 3.64 37.30 -31.95
CA LEU I 273 4.37 36.16 -32.48
C LEU I 273 5.49 36.61 -33.40
N HIS I 274 5.22 37.59 -34.26
CA HIS I 274 6.24 38.08 -35.18
C HIS I 274 7.18 39.09 -34.52
N LYS I 275 6.82 39.63 -33.36
CA LYS I 275 7.77 40.41 -32.57
C LYS I 275 8.78 39.53 -31.85
N VAL I 276 8.53 38.23 -31.77
CA VAL I 276 9.45 37.29 -31.13
C VAL I 276 10.24 36.50 -32.17
N ARG I 277 9.59 36.04 -33.23
CA ARG I 277 10.30 35.28 -34.25
C ARG I 277 11.48 36.06 -34.82
N GLN I 278 11.35 37.39 -34.92
CA GLN I 278 12.48 38.22 -35.34
C GLN I 278 13.61 38.19 -34.31
N GLU I 279 13.32 37.80 -33.07
CA GLU I 279 14.32 37.72 -32.02
C GLU I 279 15.09 36.41 -32.03
N ALA I 280 14.97 35.62 -33.09
CA ALA I 280 15.61 34.31 -33.16
C ALA I 280 17.12 34.49 -33.27
N ALA I 281 17.86 33.96 -32.29
CA ALA I 281 19.31 34.04 -32.33
C ALA I 281 19.86 33.40 -33.61
N ASN I 282 19.24 32.31 -34.05
CA ASN I 282 19.62 31.64 -35.30
C ASN I 282 18.39 31.59 -36.21
N PRO I 283 18.11 32.65 -36.97
CA PRO I 283 16.90 32.66 -37.80
C PRO I 283 17.01 31.69 -38.96
N GLU I 284 17.39 30.46 -38.66
CA GLU I 284 17.53 29.38 -39.62
C GLU I 284 16.76 28.13 -39.21
N SER I 285 16.73 27.82 -37.92
CA SER I 285 16.04 26.65 -37.40
C SER I 285 14.62 26.94 -36.95
N LEU I 286 14.16 28.18 -37.07
CA LEU I 286 12.81 28.51 -36.67
C LEU I 286 11.80 27.71 -37.50
N PRO I 287 10.91 26.96 -36.87
CA PRO I 287 9.94 26.19 -37.64
C PRO I 287 9.05 27.09 -38.47
N PRO I 288 8.69 26.68 -39.69
CA PRO I 288 7.79 27.50 -40.50
C PRO I 288 6.45 27.67 -39.81
N VAL I 289 5.89 28.87 -39.95
CA VAL I 289 4.59 29.17 -39.35
C VAL I 289 3.49 28.49 -40.16
N ARG I 290 2.66 27.71 -39.48
CA ARG I 290 1.59 26.97 -40.12
C ARG I 290 0.26 27.67 -39.85
N ALA I 291 -0.52 27.89 -40.91
CA ALA I 291 -1.79 28.58 -40.77
C ALA I 291 -2.70 27.82 -39.81
N ILE I 292 -3.26 28.55 -38.85
CA ILE I 292 -4.17 27.97 -37.87
C ILE I 292 -5.41 28.84 -37.77
N PRO I 293 -6.43 28.62 -38.60
CA PRO I 293 -7.62 29.48 -38.54
C PRO I 293 -8.26 29.44 -37.17
N LEU I 294 -8.73 30.60 -36.71
CA LEU I 294 -9.36 30.72 -35.40
C LEU I 294 -10.83 30.36 -35.48
N PRO I 295 -11.39 29.82 -34.40
CA PRO I 295 -12.83 29.57 -34.35
C PRO I 295 -13.60 30.86 -34.54
N PRO I 296 -14.73 30.81 -35.25
CA PRO I 296 -15.46 32.05 -35.54
C PRO I 296 -15.89 32.77 -34.26
N GLY I 297 -15.89 34.10 -34.33
CA GLY I 297 -16.30 34.91 -33.21
C GLY I 297 -15.25 35.17 -32.17
N TRP I 298 -14.00 34.80 -32.44
CA TRP I 298 -12.96 34.94 -31.42
C TRP I 298 -12.85 36.40 -30.99
N PRO I 299 -12.64 36.66 -29.69
CA PRO I 299 -12.46 35.69 -28.61
C PRO I 299 -13.76 35.08 -28.11
N ILE I 300 -14.92 35.59 -28.50
CA ILE I 300 -16.20 35.06 -28.03
C ILE I 300 -16.78 34.13 -29.08
N PRO I 301 -16.50 32.83 -29.03
CA PRO I 301 -17.03 31.92 -30.05
C PRO I 301 -18.49 31.58 -29.78
N GLU I 302 -19.24 31.38 -30.87
CA GLU I 302 -20.66 31.05 -30.74
C GLU I 302 -20.85 29.70 -30.07
N GLU I 303 -19.90 28.79 -30.22
CA GLU I 303 -19.94 27.50 -29.55
C GLU I 303 -18.59 27.20 -28.94
N PRO I 304 -18.55 26.56 -27.76
CA PRO I 304 -17.27 26.20 -27.16
C PRO I 304 -16.49 25.25 -28.06
N ILE I 305 -15.16 25.42 -28.08
CA ILE I 305 -14.29 24.67 -28.98
C ILE I 305 -13.67 23.45 -28.29
N GLY I 306 -14.07 23.14 -27.07
CA GLY I 306 -13.47 22.05 -26.33
C GLY I 306 -12.10 22.44 -25.79
N LEU I 307 -11.44 21.47 -25.17
CA LEU I 307 -10.10 21.73 -24.64
C LEU I 307 -9.00 21.24 -25.55
N GLU I 308 -9.17 20.05 -26.14
CA GLU I 308 -8.13 19.55 -27.04
C GLU I 308 -7.90 20.49 -28.21
N ARG I 309 -8.99 20.97 -28.80
CA ARG I 309 -8.86 21.95 -29.88
C ARG I 309 -8.21 23.23 -29.38
N TYR I 310 -8.40 23.54 -28.09
CA TYR I 310 -7.95 24.82 -27.55
C TYR I 310 -6.43 24.97 -27.68
N MET I 311 -5.68 23.96 -27.21
CA MET I 311 -4.23 24.07 -27.22
C MET I 311 -3.68 24.19 -28.63
N ARG I 312 -4.24 23.42 -29.58
CA ARG I 312 -3.70 23.42 -30.94
C ARG I 312 -3.78 24.79 -31.59
N LEU I 313 -4.62 25.69 -31.07
CA LEU I 313 -4.63 27.06 -31.56
C LEU I 313 -3.28 27.74 -31.31
N GLY I 314 -2.68 27.49 -30.15
CA GLY I 314 -1.42 28.11 -29.82
C GLY I 314 -0.23 27.21 -30.02
N ASP I 315 -0.25 26.40 -31.07
CA ASP I 315 0.87 25.52 -31.39
C ASP I 315 1.98 26.25 -32.13
N ASN I 316 1.71 27.46 -32.64
CA ASN I 316 2.75 28.22 -33.32
C ASN I 316 3.83 28.72 -32.36
N ASN I 317 3.60 28.62 -31.06
CA ASN I 317 4.53 29.11 -30.05
C ASN I 317 4.67 28.06 -28.95
N GLY I 318 5.64 28.28 -28.07
CA GLY I 318 5.83 27.41 -26.94
C GLY I 318 7.05 26.52 -27.04
N SER I 319 6.84 25.20 -27.02
CA SER I 319 7.97 24.27 -27.08
C SER I 319 8.72 24.40 -28.40
N ALA I 320 8.00 24.56 -29.51
CA ALA I 320 8.63 24.66 -30.83
C ALA I 320 8.80 26.14 -31.17
N LEU I 321 9.76 26.76 -30.49
CA LEU I 321 10.10 28.16 -30.69
C LEU I 321 10.89 28.70 -29.51
N LEU I 322 10.55 28.24 -28.30
CA LEU I 322 11.24 28.70 -27.11
C LEU I 322 12.53 27.92 -26.83
N LYS I 323 12.81 26.87 -27.58
CA LYS I 323 14.10 26.19 -27.46
C LYS I 323 15.23 27.10 -27.90
N ASP I 324 14.95 28.09 -28.73
CA ASP I 324 15.96 29.05 -29.16
C ASP I 324 16.19 30.10 -28.06
N PRO I 325 17.43 30.31 -27.63
CA PRO I 325 17.67 31.30 -26.58
C PRO I 325 17.19 32.70 -26.95
N GLY I 326 17.28 33.07 -28.22
CA GLY I 326 16.82 34.39 -28.62
C GLY I 326 15.32 34.56 -28.41
N CYS I 327 14.54 33.56 -28.82
CA CYS I 327 13.10 33.63 -28.62
C CYS I 327 12.75 33.61 -27.14
N LEU I 328 13.51 32.87 -26.34
CA LEU I 328 13.24 32.77 -24.92
C LEU I 328 13.51 34.08 -24.18
N ARG I 329 14.14 35.05 -24.82
CA ARG I 329 14.32 36.36 -24.22
C ARG I 329 13.20 37.31 -24.59
N ALA I 330 12.81 37.33 -25.86
CA ALA I 330 11.68 38.17 -26.26
C ALA I 330 10.40 37.71 -25.57
N GLN I 331 10.22 36.39 -25.43
CA GLN I 331 9.00 35.87 -24.83
C GLN I 331 8.85 36.37 -23.40
N CYS I 332 9.94 36.36 -22.62
CA CYS I 332 9.87 36.84 -21.24
C CYS I 332 9.74 38.36 -21.19
N ARG I 333 10.46 39.07 -22.06
CA ARG I 333 10.42 40.52 -22.03
C ARG I 333 9.07 41.05 -22.52
N LEU I 334 8.54 40.48 -23.61
CA LEU I 334 7.24 40.92 -24.09
C LEU I 334 6.12 40.52 -23.15
N LEU I 335 6.31 39.48 -22.32
CA LEU I 335 5.31 39.12 -21.34
C LEU I 335 5.32 40.08 -20.16
N TYR I 336 6.51 40.59 -19.79
CA TYR I 336 6.59 41.59 -18.74
C TYR I 336 6.09 42.95 -19.22
N GLU I 337 6.36 43.29 -20.48
CA GLU I 337 5.88 44.55 -21.03
C GLU I 337 4.36 44.61 -21.10
N ALA I 338 3.68 43.47 -21.02
CA ALA I 338 2.22 43.45 -20.98
C ALA I 338 1.67 43.50 -19.56
N LEU I 339 2.35 42.87 -18.61
CA LEU I 339 1.90 42.94 -17.21
C LEU I 339 1.98 44.37 -16.68
N LEU I 340 3.04 45.10 -17.03
CA LEU I 340 3.16 46.48 -16.59
C LEU I 340 2.03 47.33 -17.17
N ALA I 341 1.68 47.10 -18.43
CA ALA I 341 0.64 47.91 -19.07
C ALA I 341 -0.70 47.77 -18.36
N ASP I 342 -0.95 46.63 -17.71
CA ASP I 342 -2.22 46.36 -17.06
C ASP I 342 -2.20 46.66 -15.57
N HIS I 343 -1.10 47.19 -15.04
CA HIS I 343 -0.98 47.53 -13.63
C HIS I 343 -1.19 46.30 -12.74
N VAL I 344 -0.43 45.25 -13.05
CA VAL I 344 -0.44 44.04 -12.25
C VAL I 344 0.63 44.17 -11.17
N ALA I 345 0.25 43.96 -9.92
CA ALA I 345 1.18 44.11 -8.81
C ALA I 345 1.86 42.80 -8.42
N TYR I 346 1.29 41.66 -8.81
CA TYR I 346 1.84 40.36 -8.48
C TYR I 346 1.46 39.38 -9.58
N ALA I 347 2.47 38.74 -10.19
CA ALA I 347 2.23 37.78 -11.24
C ALA I 347 3.02 36.52 -10.96
N GLU I 348 2.40 35.36 -11.19
CA GLU I 348 3.05 34.07 -11.04
C GLU I 348 2.94 33.34 -12.38
N ILE I 349 4.05 33.25 -13.10
CA ILE I 349 4.07 32.65 -14.42
C ILE I 349 4.36 31.16 -14.28
N ARG I 350 3.57 30.35 -14.98
CA ARG I 350 3.78 28.92 -15.03
C ARG I 350 4.64 28.59 -16.24
N CYS I 351 5.79 27.97 -16.01
CA CYS I 351 6.72 27.64 -17.07
C CYS I 351 7.08 26.16 -17.00
N SER I 352 7.62 25.65 -18.10
CA SER I 352 8.04 24.25 -18.21
C SER I 352 9.45 24.22 -18.78
N PRO I 353 10.46 24.47 -17.93
CA PRO I 353 11.83 24.58 -18.45
C PRO I 353 12.29 23.36 -19.21
N ALA I 354 11.85 22.16 -18.81
CA ALA I 354 12.31 20.95 -19.49
C ALA I 354 11.91 20.97 -20.97
N ASN I 355 10.70 21.43 -21.27
CA ASN I 355 10.25 21.47 -22.65
C ASN I 355 11.07 22.41 -23.51
N TYR I 356 11.81 23.34 -22.90
CA TYR I 356 12.59 24.32 -23.63
C TYR I 356 14.09 24.00 -23.60
N ALA I 357 14.47 22.83 -23.11
CA ALA I 357 15.88 22.47 -22.96
C ALA I 357 16.24 21.45 -24.04
N SER I 358 17.12 21.87 -24.95
CA SER I 358 17.62 20.98 -25.99
C SER I 358 18.91 20.32 -25.52
N ALA I 359 19.62 19.67 -26.43
CA ALA I 359 20.83 18.93 -26.06
C ALA I 359 21.87 19.86 -25.43
N SER I 360 22.07 21.04 -26.02
CA SER I 360 23.10 21.95 -25.52
C SER I 360 22.62 22.75 -24.32
N ARG I 361 21.32 22.93 -24.17
CA ARG I 361 20.73 23.75 -23.10
C ARG I 361 19.98 22.82 -22.15
N SER I 362 20.56 22.58 -20.98
CA SER I 362 19.90 21.73 -19.99
C SER I 362 18.70 22.45 -19.40
N PRO I 363 17.74 21.70 -18.85
CA PRO I 363 16.56 22.35 -18.26
C PRO I 363 16.91 23.37 -17.18
N TRP I 364 17.94 23.14 -16.38
CA TRP I 364 18.34 24.14 -15.39
C TRP I 364 18.81 25.42 -16.06
N VAL I 365 19.53 25.30 -17.18
CA VAL I 365 19.97 26.50 -17.91
C VAL I 365 18.77 27.28 -18.41
N VAL I 366 17.75 26.59 -18.91
CA VAL I 366 16.55 27.28 -19.37
C VAL I 366 15.88 28.03 -18.22
N LEU I 367 15.85 27.42 -17.03
CA LEU I 367 15.28 28.09 -15.88
C LEU I 367 16.19 29.17 -15.32
N GLN I 368 17.49 29.08 -15.56
CA GLN I 368 18.41 30.14 -15.19
C GLN I 368 18.31 31.34 -16.13
N GLU I 369 17.73 31.16 -17.30
CA GLU I 369 17.57 32.22 -18.29
C GLU I 369 16.18 32.84 -18.28
N ILE I 370 15.14 32.03 -18.08
CA ILE I 370 13.80 32.58 -17.95
C ILE I 370 13.69 33.44 -16.70
N ARG I 371 14.26 32.98 -15.59
CA ARG I 371 14.18 33.75 -14.35
C ARG I 371 14.92 35.08 -14.48
N ASN I 372 16.09 35.07 -15.11
CA ASN I 372 16.88 36.29 -15.20
C ASN I 372 16.21 37.32 -16.11
N HIS I 373 15.55 36.87 -17.17
CA HIS I 373 14.82 37.80 -18.01
C HIS I 373 13.72 38.52 -17.22
N PHE I 374 13.30 37.94 -16.09
CA PHE I 374 12.31 38.59 -15.25
C PHE I 374 12.96 39.42 -14.16
N GLN I 375 14.03 38.91 -13.54
CA GLN I 375 14.78 39.72 -12.59
C GLN I 375 15.44 40.90 -13.29
N GLN I 376 15.98 40.68 -14.48
CA GLN I 376 16.57 41.77 -15.25
C GLN I 376 15.54 42.86 -15.53
N ALA I 377 14.39 42.48 -16.08
CA ALA I 377 13.36 43.47 -16.39
C ALA I 377 12.82 44.11 -15.12
N MET I 378 12.61 43.32 -14.07
CA MET I 378 12.03 43.87 -12.84
C MET I 378 12.92 44.95 -12.24
N GLU I 379 14.23 44.72 -12.21
CA GLU I 379 15.14 45.68 -11.59
C GLU I 379 15.16 47.01 -12.33
N GLU I 380 14.65 47.06 -13.55
CA GLU I 380 14.66 48.29 -14.34
C GLU I 380 13.46 49.19 -14.08
N THR I 381 12.36 48.65 -13.57
CA THR I 381 11.16 49.46 -13.40
C THR I 381 11.11 50.03 -11.99
N PRO I 382 10.65 51.27 -11.83
CA PRO I 382 10.61 51.88 -10.50
C PRO I 382 9.75 51.08 -9.54
N GLU I 383 10.15 51.09 -8.27
CA GLU I 383 9.47 50.30 -7.25
C GLU I 383 8.05 50.78 -6.96
N ASP I 384 7.62 51.91 -7.52
CA ASP I 384 6.24 52.34 -7.43
C ASP I 384 5.38 51.77 -8.55
N ARG I 385 5.98 51.09 -9.53
CA ARG I 385 5.23 50.48 -10.62
C ARG I 385 5.75 49.10 -10.98
N ARG I 386 6.69 48.55 -10.22
CA ARG I 386 7.31 47.29 -10.60
C ARG I 386 6.36 46.13 -10.32
N CYS I 387 6.20 45.26 -11.31
CA CYS I 387 5.32 44.09 -11.23
C CYS I 387 6.15 42.90 -10.78
N HIS I 388 6.09 42.58 -9.49
CA HIS I 388 6.83 41.44 -8.97
C HIS I 388 6.36 40.16 -9.63
N VAL I 389 7.32 39.34 -10.06
CA VAL I 389 7.03 38.12 -10.82
C VAL I 389 7.66 36.93 -10.12
N ASN I 390 6.83 36.03 -9.62
CA ASN I 390 7.27 34.75 -9.11
C ASN I 390 6.95 33.68 -10.14
N LEU I 391 7.63 32.55 -10.05
CA LEU I 391 7.53 31.50 -11.06
C LEU I 391 6.97 30.21 -10.45
N LEU I 392 6.09 29.55 -11.19
CA LEU I 392 5.62 28.22 -10.87
C LEU I 392 6.12 27.25 -11.92
N LEU I 393 6.54 26.07 -11.48
CA LEU I 393 7.02 25.03 -12.38
C LEU I 393 5.90 24.05 -12.67
N THR I 394 5.63 23.82 -13.95
CA THR I 394 4.56 22.94 -14.37
C THR I 394 5.05 21.49 -14.38
N ALA I 395 4.17 20.57 -13.97
CA ALA I 395 4.42 19.14 -13.99
C ALA I 395 3.17 18.48 -14.58
N THR I 396 3.13 18.38 -15.90
CA THR I 396 1.93 17.94 -16.62
C THR I 396 1.98 16.45 -16.89
N ARG I 397 0.89 15.76 -16.56
CA ARG I 397 0.77 14.35 -16.87
C ARG I 397 0.39 14.16 -18.33
N GLU I 398 1.00 13.18 -18.98
CA GLU I 398 0.72 12.85 -20.37
C GLU I 398 0.16 11.44 -20.44
N GLU I 399 -0.94 11.27 -21.18
CA GLU I 399 -1.58 9.97 -21.32
C GLU I 399 -0.82 9.13 -22.34
N GLY I 400 -0.24 8.03 -21.89
CA GLY I 400 0.53 7.16 -22.75
C GLY I 400 1.96 7.59 -22.96
N GLY I 401 2.35 8.75 -22.43
CA GLY I 401 3.71 9.24 -22.56
C GLY I 401 4.58 8.85 -21.38
N ASP I 402 5.79 9.40 -21.37
CA ASP I 402 6.74 9.13 -20.31
C ASP I 402 6.42 9.98 -19.07
N ARG I 403 6.81 9.47 -17.91
CA ARG I 403 6.76 10.23 -16.67
C ARG I 403 8.13 10.78 -16.27
N SER I 404 9.05 10.90 -17.22
CA SER I 404 10.36 11.46 -16.92
C SER I 404 10.28 12.96 -16.68
N ARG I 405 9.49 13.67 -17.50
CA ARG I 405 9.33 15.10 -17.31
C ARG I 405 8.83 15.43 -15.91
N ILE I 406 7.77 14.73 -15.48
CA ILE I 406 7.26 14.94 -14.13
C ILE I 406 8.34 14.65 -13.10
N ALA I 407 9.28 13.77 -13.43
CA ALA I 407 10.33 13.39 -12.50
C ALA I 407 11.34 14.51 -12.30
N ARG I 408 11.69 15.24 -13.36
CA ARG I 408 12.73 16.26 -13.29
C ARG I 408 12.19 17.63 -12.93
N HIS I 409 10.95 17.96 -13.31
CA HIS I 409 10.39 19.25 -12.93
C HIS I 409 10.26 19.37 -11.41
N LEU I 410 9.85 18.29 -10.75
CA LEU I 410 9.78 18.32 -9.29
C LEU I 410 11.17 18.49 -8.69
N ALA I 411 12.17 17.81 -9.24
CA ALA I 411 13.53 17.98 -8.74
C ALA I 411 14.07 19.37 -9.08
N LEU I 412 13.69 19.90 -10.25
CA LEU I 412 14.09 21.24 -10.60
C LEU I 412 13.55 22.26 -9.60
N ALA I 413 12.27 22.14 -9.24
CA ALA I 413 11.67 23.08 -8.31
C ALA I 413 12.31 22.99 -6.92
N ILE I 414 12.50 21.78 -6.42
CA ILE I 414 13.05 21.62 -5.07
C ILE I 414 14.44 22.21 -4.98
N THR I 415 15.16 22.26 -6.11
CA THR I 415 16.50 22.84 -6.14
C THR I 415 16.46 24.35 -6.32
N ALA I 416 15.62 24.85 -7.22
CA ALA I 416 15.53 26.29 -7.45
C ALA I 416 14.80 26.99 -6.31
N ALA I 417 14.02 26.26 -5.51
CA ALA I 417 13.30 26.89 -4.41
C ALA I 417 14.27 27.42 -3.36
N GLU I 418 15.32 26.67 -3.05
CA GLU I 418 16.33 27.10 -2.10
C GLU I 418 17.37 28.02 -2.71
N HIS I 419 17.53 28.01 -4.03
CA HIS I 419 18.60 28.76 -4.67
C HIS I 419 18.36 30.26 -4.59
N TRP I 420 17.15 30.71 -4.94
CA TRP I 420 16.81 32.12 -4.99
C TRP I 420 15.94 32.49 -3.80
N LYS I 421 16.36 33.51 -3.06
CA LYS I 421 15.60 34.02 -1.92
C LYS I 421 15.28 35.50 -2.07
N ASN I 422 15.48 36.07 -3.25
CA ASN I 422 15.25 37.50 -3.47
C ASN I 422 14.80 37.70 -4.91
N GLY I 423 13.78 38.54 -5.09
CA GLY I 423 13.29 38.79 -6.43
C GLY I 423 12.52 37.60 -6.97
N CYS I 424 12.55 37.45 -8.30
CA CYS I 424 11.85 36.36 -8.94
C CYS I 424 12.30 35.02 -8.36
N ARG I 425 11.34 34.15 -8.05
CA ARG I 425 11.63 32.88 -7.42
C ARG I 425 10.70 31.81 -7.99
N VAL I 426 11.15 30.56 -7.89
CA VAL I 426 10.29 29.42 -8.16
C VAL I 426 9.56 29.11 -6.87
N VAL I 427 8.32 29.58 -6.76
CA VAL I 427 7.66 29.60 -5.47
C VAL I 427 6.80 28.36 -5.22
N GLY I 428 6.29 27.72 -6.28
CA GLY I 428 5.46 26.55 -6.13
C GLY I 428 5.54 25.67 -7.36
N VAL I 429 4.71 24.62 -7.36
CA VAL I 429 4.63 23.69 -8.48
C VAL I 429 3.18 23.60 -8.91
N ASP I 430 2.97 23.05 -10.11
CA ASP I 430 1.64 22.97 -10.71
C ASP I 430 1.40 21.56 -11.25
N LEU I 431 0.13 21.19 -11.37
CA LEU I 431 -0.26 19.87 -11.85
C LEU I 431 -1.28 20.00 -12.96
N ALA I 432 -0.88 19.64 -14.18
CA ALA I 432 -1.82 19.57 -15.29
C ALA I 432 -2.36 18.16 -15.46
N GLY I 433 -2.90 17.59 -14.38
CA GLY I 433 -3.38 16.23 -14.43
C GLY I 433 -3.82 15.75 -13.07
N PHE I 434 -3.93 14.43 -12.94
CA PHE I 434 -4.39 13.74 -11.73
C PHE I 434 -5.79 14.17 -11.31
N GLU I 435 -6.49 14.92 -12.15
CA GLU I 435 -7.82 15.40 -11.82
C GLU I 435 -8.89 14.70 -12.66
N PHE I 444 -0.49 10.84 -7.80
CA PHE I 444 0.83 11.36 -7.50
C PHE I 444 0.96 11.65 -6.01
N ALA I 445 0.11 11.00 -5.21
CA ALA I 445 0.17 11.19 -3.77
C ALA I 445 1.53 10.82 -3.19
N THR I 446 2.28 9.97 -3.88
CA THR I 446 3.61 9.58 -3.45
C THR I 446 4.72 10.35 -4.15
N ASP I 447 4.49 10.83 -5.37
CA ASP I 447 5.48 11.63 -6.06
C ASP I 447 5.72 12.97 -5.37
N PHE I 448 4.71 13.51 -4.68
CA PHE I 448 4.77 14.83 -4.10
C PHE I 448 5.18 14.83 -2.64
N GLU I 449 5.53 13.66 -2.08
CA GLU I 449 6.13 13.65 -0.75
C GLU I 449 7.35 14.55 -0.67
N PRO I 450 8.25 14.56 -1.65
CA PRO I 450 9.39 15.50 -1.58
C PRO I 450 8.98 16.96 -1.54
N VAL I 451 8.00 17.35 -2.34
CA VAL I 451 7.68 18.77 -2.49
C VAL I 451 7.21 19.35 -1.17
N HIS I 452 6.25 18.69 -0.52
CA HIS I 452 5.70 19.23 0.73
C HIS I 452 6.75 19.23 1.83
N ARG I 453 7.71 18.32 1.78
CA ARG I 453 8.77 18.29 2.78
C ARG I 453 9.68 19.50 2.67
N VAL I 454 9.83 20.06 1.48
CA VAL I 454 10.73 21.20 1.29
C VAL I 454 10.01 22.51 1.57
N GLY I 455 8.69 22.55 1.39
CA GLY I 455 7.93 23.75 1.62
C GLY I 455 7.48 24.50 0.38
N LEU I 456 7.15 23.80 -0.70
CA LEU I 456 6.64 24.41 -1.91
C LEU I 456 5.13 24.22 -1.98
N ALA I 457 4.41 25.28 -2.30
CA ALA I 457 2.98 25.19 -2.47
C ALA I 457 2.64 24.47 -3.78
N VAL I 458 1.55 23.71 -3.76
CA VAL I 458 1.11 22.94 -4.91
C VAL I 458 -0.26 23.45 -5.33
N THR I 459 -0.41 23.72 -6.63
CA THR I 459 -1.66 24.17 -7.19
C THR I 459 -2.11 23.19 -8.27
N VAL I 460 -3.17 22.47 -7.98
CA VAL I 460 -3.69 21.44 -8.87
C VAL I 460 -4.51 22.12 -9.96
N HIS I 461 -4.61 21.47 -11.10
CA HIS I 461 -5.25 22.05 -12.28
C HIS I 461 -6.26 21.03 -12.79
N ALA I 462 -7.53 21.23 -12.50
CA ALA I 462 -8.57 20.32 -12.93
C ALA I 462 -8.87 20.54 -14.41
N GLY I 463 -8.17 19.82 -15.28
CA GLY I 463 -8.23 20.06 -16.70
C GLY I 463 -9.10 19.06 -17.44
N GLU I 464 -10.19 19.57 -18.03
CA GLU I 464 -11.04 18.80 -18.94
C GLU I 464 -11.61 17.55 -18.26
N ASN I 465 -12.45 17.79 -17.26
CA ASN I 465 -13.19 16.71 -16.63
C ASN I 465 -14.43 17.28 -15.96
N ASP I 466 -15.34 16.39 -15.58
CA ASP I 466 -16.56 16.76 -14.88
C ASP I 466 -16.79 15.84 -13.69
N ASP I 467 -15.70 15.38 -13.08
CA ASP I 467 -15.75 14.51 -11.91
C ASP I 467 -15.31 15.29 -10.68
N VAL I 468 -16.07 15.15 -9.60
CA VAL I 468 -15.72 15.79 -8.33
C VAL I 468 -14.84 14.92 -7.46
N GLU I 469 -14.53 13.69 -7.88
CA GLU I 469 -13.62 12.85 -7.12
C GLU I 469 -12.18 13.34 -7.25
N GLY I 470 -11.78 13.76 -8.44
CA GLY I 470 -10.44 14.30 -8.61
C GLY I 470 -10.20 15.52 -7.74
N ILE I 471 -11.17 16.44 -7.70
CA ILE I 471 -11.08 17.60 -6.82
C ILE I 471 -10.95 17.21 -5.37
N TRP I 472 -11.39 16.01 -5.00
N TRP I 472 -11.37 16.00 -5.00
CA TRP I 472 -11.28 15.55 -3.62
CA TRP I 472 -11.27 15.56 -3.61
C TRP I 472 -9.87 15.04 -3.29
C TRP I 472 -9.89 15.03 -3.27
N GLN I 473 -9.30 14.22 -4.17
CA GLN I 473 -7.94 13.72 -3.92
C GLN I 473 -6.94 14.87 -3.90
N ALA I 474 -7.09 15.82 -4.82
CA ALA I 474 -6.16 16.95 -4.90
C ALA I 474 -6.17 17.78 -3.63
N VAL I 475 -7.29 17.79 -2.89
CA VAL I 475 -7.39 18.62 -1.70
C VAL I 475 -6.89 17.90 -0.45
N PHE I 476 -6.96 16.56 -0.42
CA PHE I 476 -6.59 15.80 0.75
C PHE I 476 -5.39 14.89 0.54
N LYS I 477 -5.10 14.47 -0.69
CA LYS I 477 -3.92 13.69 -0.98
C LYS I 477 -2.75 14.55 -1.43
N LEU I 478 -2.97 15.41 -2.43
CA LEU I 478 -1.93 16.29 -2.94
C LEU I 478 -1.75 17.54 -2.11
N SER I 479 -2.63 17.81 -1.15
CA SER I 479 -2.55 19.00 -0.31
C SER I 479 -2.49 20.28 -1.15
N ALA I 480 -3.26 20.29 -2.24
CA ALA I 480 -3.28 21.46 -3.10
C ALA I 480 -3.84 22.66 -2.36
N ARG I 481 -3.12 23.78 -2.44
CA ARG I 481 -3.55 25.03 -1.82
C ARG I 481 -4.26 25.95 -2.79
N ARG I 482 -4.47 25.52 -4.03
CA ARG I 482 -5.24 26.27 -5.00
C ARG I 482 -5.74 25.31 -6.06
N LEU I 483 -6.97 25.52 -6.52
CA LEU I 483 -7.56 24.70 -7.57
C LEU I 483 -7.74 25.53 -8.83
N GLY I 484 -7.44 24.93 -9.98
CA GLY I 484 -7.55 25.59 -11.24
C GLY I 484 -8.77 25.11 -12.01
N HIS I 485 -9.65 26.06 -12.36
CA HIS I 485 -10.85 25.76 -13.13
C HIS I 485 -11.79 24.83 -12.38
N ALA I 486 -11.78 24.88 -11.04
CA ALA I 486 -12.65 24.04 -10.23
C ALA I 486 -14.07 24.61 -10.31
N LEU I 487 -14.73 24.31 -11.42
CA LEU I 487 -16.05 24.84 -11.72
C LEU I 487 -17.19 23.98 -11.19
N HIS I 488 -16.91 22.79 -10.66
CA HIS I 488 -17.95 21.81 -10.38
C HIS I 488 -18.12 21.56 -8.89
N LEU I 489 -17.67 22.48 -8.04
CA LEU I 489 -17.89 22.33 -6.61
C LEU I 489 -19.36 22.41 -6.24
N SER I 490 -20.20 22.97 -7.12
CA SER I 490 -21.61 23.14 -6.79
C SER I 490 -22.30 21.80 -6.61
N ARG I 491 -21.92 20.78 -7.38
CA ARG I 491 -22.61 19.50 -7.31
C ARG I 491 -22.54 18.90 -5.92
N SER I 492 -21.37 18.92 -5.28
CA SER I 492 -21.20 18.31 -3.98
C SER I 492 -21.60 19.31 -2.90
N PRO I 493 -22.66 19.07 -2.13
CA PRO I 493 -23.01 20.00 -1.05
C PRO I 493 -21.94 20.09 0.02
N ASP I 494 -21.13 19.05 0.19
CA ASP I 494 -20.10 19.04 1.22
C ASP I 494 -18.74 19.47 0.68
N LEU I 495 -18.42 19.12 -0.57
CA LEU I 495 -17.15 19.54 -1.15
C LEU I 495 -17.02 21.05 -1.14
N LEU I 496 -18.08 21.76 -1.50
CA LEU I 496 -18.02 23.21 -1.48
C LEU I 496 -17.90 23.75 -0.07
N ARG I 497 -18.29 22.97 0.94
CA ARG I 497 -18.14 23.41 2.32
C ARG I 497 -16.74 23.16 2.84
N VAL I 498 -16.13 22.04 2.44
CA VAL I 498 -14.76 21.75 2.86
C VAL I 498 -13.80 22.76 2.26
N VAL I 499 -13.97 23.08 0.98
CA VAL I 499 -13.10 24.07 0.34
C VAL I 499 -13.22 25.42 1.03
N ALA I 500 -14.43 25.81 1.39
CA ALA I 500 -14.63 27.11 2.02
C ALA I 500 -13.95 27.19 3.39
N GLU I 501 -14.13 26.16 4.21
CA GLU I 501 -13.61 26.22 5.58
C GLU I 501 -12.11 26.05 5.61
N ARG I 502 -11.57 25.11 4.81
CA ARG I 502 -10.12 24.89 4.84
C ARG I 502 -9.36 26.13 4.40
N GLY I 503 -9.80 26.76 3.31
CA GLY I 503 -9.15 27.92 2.79
C GLY I 503 -8.56 27.78 1.39
N ILE I 504 -8.91 26.75 0.66
CA ILE I 504 -8.41 26.56 -0.70
C ILE I 504 -9.02 27.62 -1.61
N ALA I 505 -8.18 28.24 -2.43
CA ALA I 505 -8.64 29.25 -3.37
C ALA I 505 -8.90 28.62 -4.73
N VAL I 506 -10.03 28.98 -5.33
CA VAL I 506 -10.43 28.47 -6.63
C VAL I 506 -10.06 29.50 -7.69
N GLU I 507 -9.23 29.09 -8.64
CA GLU I 507 -8.75 29.98 -9.69
C GLU I 507 -9.69 29.87 -10.90
N LEU I 508 -10.46 30.92 -11.15
CA LEU I 508 -11.44 30.93 -12.22
C LEU I 508 -10.95 31.81 -13.37
N CYS I 509 -10.97 31.27 -14.58
CA CYS I 509 -10.58 32.01 -15.77
C CYS I 509 -11.82 32.31 -16.60
N PRO I 510 -12.29 33.56 -16.66
CA PRO I 510 -13.57 33.84 -17.33
C PRO I 510 -13.55 33.52 -18.82
N TYR I 511 -12.65 34.13 -19.58
CA TYR I 511 -12.60 33.84 -21.01
C TYR I 511 -12.22 32.39 -21.28
N ALA I 512 -11.27 31.84 -20.51
CA ALA I 512 -10.83 30.47 -20.77
C ALA I 512 -12.00 29.50 -20.66
N ASN I 513 -12.83 29.65 -19.64
CA ASN I 513 -13.96 28.74 -19.47
C ASN I 513 -14.99 28.91 -20.58
N LEU I 514 -15.33 30.15 -20.91
CA LEU I 514 -16.34 30.40 -21.93
C LEU I 514 -15.91 29.89 -23.30
N GLN I 515 -14.61 29.66 -23.51
CA GLN I 515 -14.12 29.24 -24.81
C GLN I 515 -13.85 27.74 -24.90
N ILE I 516 -13.77 27.05 -23.77
CA ILE I 516 -13.53 25.62 -23.75
C ILE I 516 -14.78 24.84 -23.32
N LYS I 517 -15.52 25.37 -22.35
CA LYS I 517 -16.68 24.68 -21.80
C LYS I 517 -18.01 25.33 -22.12
N GLY I 518 -18.01 26.60 -22.52
CA GLY I 518 -19.24 27.28 -22.86
C GLY I 518 -20.05 27.68 -21.65
N PHE I 519 -20.71 28.85 -21.72
CA PHE I 519 -21.51 29.34 -20.61
C PHE I 519 -22.48 30.38 -21.11
N PRO I 520 -23.71 30.42 -20.63
CA PRO I 520 -24.64 31.48 -21.05
C PRO I 520 -24.12 32.85 -20.64
N LEU I 521 -24.39 33.83 -21.49
CA LEU I 521 -23.90 35.20 -21.28
C LEU I 521 -25.07 36.15 -21.06
N ASP I 522 -24.84 37.11 -20.15
CA ASP I 522 -25.76 38.23 -19.92
C ASP I 522 -27.20 37.78 -19.74
N GLU I 523 -27.41 36.61 -19.16
CA GLU I 523 -28.76 36.18 -18.82
C GLU I 523 -29.31 37.00 -17.67
N GLU I 524 -30.59 37.34 -17.75
CA GLU I 524 -31.17 38.26 -16.78
C GLU I 524 -31.10 37.68 -15.36
N GLN I 525 -31.42 36.40 -15.21
CA GLN I 525 -31.49 35.76 -13.90
C GLN I 525 -30.45 34.64 -13.81
N GLU I 526 -29.98 34.41 -12.58
CA GLU I 526 -29.05 33.32 -12.34
C GLU I 526 -29.75 31.98 -12.56
N GLY I 527 -29.11 31.09 -13.31
CA GLY I 527 -29.73 29.85 -13.70
C GLY I 527 -28.96 28.60 -13.36
N SER I 528 -29.35 27.48 -13.97
CA SER I 528 -28.71 26.20 -13.66
C SER I 528 -27.33 26.10 -14.31
N GLU I 529 -27.16 26.65 -15.50
CA GLU I 529 -25.91 26.59 -16.23
C GLU I 529 -25.12 27.90 -16.15
N THR I 530 -25.52 28.80 -15.26
CA THR I 530 -24.84 30.08 -15.13
C THR I 530 -23.43 29.89 -14.59
N TYR I 531 -22.58 30.88 -14.83
CA TYR I 531 -21.23 30.84 -14.30
C TYR I 531 -21.27 30.72 -12.78
N PRO I 532 -20.40 29.92 -12.18
CA PRO I 532 -20.46 29.66 -10.74
C PRO I 532 -19.75 30.67 -9.85
N LEU I 533 -19.39 31.86 -10.35
CA LEU I 533 -18.65 32.81 -9.53
C LEU I 533 -19.49 33.29 -8.35
N ARG I 534 -20.79 33.51 -8.55
CA ARG I 534 -21.62 34.03 -7.48
C ARG I 534 -21.77 33.02 -6.34
N GLY I 535 -22.12 31.77 -6.67
CA GLY I 535 -22.28 30.78 -5.62
C GLY I 535 -21.01 30.60 -4.79
N TYR I 536 -19.86 30.60 -5.45
CA TYR I 536 -18.60 30.46 -4.73
C TYR I 536 -18.36 31.63 -3.79
N LEU I 537 -18.67 32.84 -4.24
CA LEU I 537 -18.55 34.00 -3.37
C LEU I 537 -19.53 33.94 -2.21
N ALA I 538 -20.72 33.38 -2.44
CA ALA I 538 -21.74 33.34 -1.39
C ALA I 538 -21.30 32.44 -0.23
N ALA I 539 -20.64 31.33 -0.53
CA ALA I 539 -20.28 30.33 0.46
C ALA I 539 -18.93 30.60 1.12
N GLY I 540 -18.29 31.71 0.78
CA GLY I 540 -17.02 32.07 1.38
C GLY I 540 -15.79 31.54 0.68
N VAL I 541 -15.96 30.70 -0.34
CA VAL I 541 -14.80 30.20 -1.07
C VAL I 541 -13.98 31.37 -1.57
N ALA I 542 -12.66 31.24 -1.49
CA ALA I 542 -11.74 32.30 -1.92
C ALA I 542 -11.56 32.21 -3.42
N VAL I 543 -12.41 32.91 -4.15
CA VAL I 543 -12.38 32.90 -5.62
C VAL I 543 -11.36 33.91 -6.11
N THR I 544 -10.82 33.66 -7.29
CA THR I 544 -9.87 34.57 -7.93
C THR I 544 -10.11 34.55 -9.42
N LEU I 545 -9.72 35.64 -10.08
CA LEU I 545 -9.86 35.78 -11.52
C LEU I 545 -8.49 35.95 -12.15
N ASN I 546 -8.26 35.27 -13.27
CA ASN I 546 -6.95 35.25 -13.91
C ASN I 546 -7.15 35.35 -15.41
N THR I 547 -6.06 35.10 -16.16
CA THR I 547 -6.06 35.24 -17.60
C THR I 547 -5.86 33.94 -18.35
N ASP I 548 -5.29 32.92 -17.71
CA ASP I 548 -4.99 31.66 -18.38
C ASP I 548 -3.88 31.85 -19.39
N ASN I 549 -4.22 31.84 -20.68
CA ASN I 549 -3.26 32.03 -21.76
C ASN I 549 -3.55 33.37 -22.41
N LEU I 550 -2.65 34.34 -22.24
CA LEU I 550 -2.87 35.66 -22.80
C LEU I 550 -2.86 35.64 -24.33
N GLY I 551 -2.24 34.62 -24.92
CA GLY I 551 -2.16 34.53 -26.36
C GLY I 551 -3.33 33.82 -27.00
N ILE I 552 -3.60 32.59 -26.54
CA ILE I 552 -4.72 31.83 -27.09
C ILE I 552 -6.04 32.51 -26.78
N SER I 553 -6.20 32.96 -25.52
CA SER I 553 -7.43 33.64 -25.14
C SER I 553 -7.58 34.98 -25.82
N GLN I 554 -6.49 35.58 -26.29
CA GLN I 554 -6.54 36.87 -26.99
C GLN I 554 -7.29 37.91 -26.16
N ALA I 555 -6.83 38.12 -24.94
CA ALA I 555 -7.50 39.05 -24.05
C ALA I 555 -6.63 39.38 -22.85
N SER I 556 -6.44 40.67 -22.59
CA SER I 556 -5.72 41.11 -21.40
C SER I 556 -6.50 40.73 -20.15
N LEU I 557 -5.83 40.89 -19.00
CA LEU I 557 -6.49 40.58 -17.73
C LEU I 557 -7.69 41.48 -17.50
N THR I 558 -7.55 42.77 -17.76
CA THR I 558 -8.64 43.71 -17.47
C THR I 558 -9.91 43.34 -18.21
N ASP I 559 -9.78 42.71 -19.38
CA ASP I 559 -10.97 42.23 -20.08
C ASP I 559 -11.62 41.07 -19.34
N ASN I 560 -10.85 40.36 -18.51
CA ASN I 560 -11.41 39.23 -17.77
C ASN I 560 -12.31 39.71 -16.62
N LEU I 561 -11.89 40.74 -15.90
CA LEU I 561 -12.72 41.26 -14.83
C LEU I 561 -14.04 41.83 -15.35
N LEU I 562 -14.08 42.22 -16.62
CA LEU I 562 -15.28 42.81 -17.18
C LEU I 562 -16.25 41.77 -17.73
N LEU I 563 -15.76 40.58 -18.09
CA LEU I 563 -16.65 39.54 -18.59
C LEU I 563 -17.47 38.90 -17.49
N THR I 564 -17.06 39.05 -16.23
CA THR I 564 -17.83 38.43 -15.14
C THR I 564 -19.26 38.96 -15.12
N ALA I 565 -19.43 40.27 -15.31
CA ALA I 565 -20.77 40.83 -15.31
C ALA I 565 -21.63 40.20 -16.40
N ARG I 566 -21.03 39.88 -17.56
CA ARG I 566 -21.78 39.24 -18.63
C ARG I 566 -22.02 37.76 -18.33
N LEU I 567 -21.03 37.08 -17.76
CA LEU I 567 -21.22 35.68 -17.37
C LEU I 567 -22.11 35.59 -16.13
N CYS I 568 -21.84 36.42 -15.12
CA CYS I 568 -22.63 36.41 -13.89
C CYS I 568 -23.40 37.71 -13.77
N PRO I 569 -24.69 37.74 -14.11
CA PRO I 569 -25.44 38.98 -14.03
C PRO I 569 -25.57 39.48 -12.60
N GLY I 570 -25.67 40.80 -12.46
CA GLY I 570 -25.90 41.41 -11.17
C GLY I 570 -24.79 41.21 -10.17
N ILE I 571 -23.54 41.43 -10.59
CA ILE I 571 -22.38 41.33 -9.73
C ILE I 571 -21.94 42.75 -9.37
N THR I 572 -21.99 43.06 -8.09
CA THR I 572 -21.57 44.39 -7.63
C THR I 572 -20.08 44.58 -7.88
N ARG I 573 -19.70 45.82 -8.18
CA ARG I 573 -18.30 46.11 -8.47
C ARG I 573 -17.42 46.13 -7.24
N LEU I 574 -18.01 46.06 -6.04
CA LEU I 574 -17.19 45.83 -4.86
C LEU I 574 -16.51 44.47 -4.93
N GLU I 575 -17.24 43.45 -5.37
CA GLU I 575 -16.67 42.12 -5.37
C GLU I 575 -15.61 41.93 -6.44
N VAL I 576 -15.50 42.83 -7.42
CA VAL I 576 -14.37 42.79 -8.33
C VAL I 576 -13.08 43.11 -7.59
N LEU I 577 -13.15 44.03 -6.61
CA LEU I 577 -12.02 44.23 -5.71
C LEU I 577 -11.90 43.09 -4.71
N LYS I 578 -13.03 42.47 -4.35
CA LYS I 578 -12.99 41.38 -3.38
C LYS I 578 -12.17 40.20 -3.92
N THR I 579 -12.35 39.87 -5.20
CA THR I 579 -11.57 38.79 -5.78
C THR I 579 -10.09 39.12 -5.83
N GLN I 580 -9.75 40.41 -5.95
CA GLN I 580 -8.35 40.80 -5.90
C GLN I 580 -7.76 40.62 -4.50
N VAL I 581 -8.57 40.88 -3.48
CA VAL I 581 -8.09 40.69 -2.11
C VAL I 581 -7.94 39.20 -1.80
N PHE I 582 -8.75 38.37 -2.45
CA PHE I 582 -8.58 36.92 -2.29
C PHE I 582 -7.32 36.44 -3.00
N ALA I 583 -7.00 37.02 -4.16
CA ALA I 583 -5.79 36.64 -4.87
C ALA I 583 -4.55 37.04 -4.08
N ALA I 584 -4.60 38.20 -3.41
CA ALA I 584 -3.44 38.65 -2.63
C ALA I 584 -3.14 37.68 -1.49
N GLN I 585 -4.19 37.19 -0.82
CA GLN I 585 -3.96 36.28 0.30
C GLN I 585 -3.59 34.88 -0.17
N ALA I 586 -4.14 34.45 -1.29
CA ALA I 586 -3.91 33.10 -1.80
C ALA I 586 -2.73 33.01 -2.76
N ALA I 587 -1.82 33.98 -2.71
CA ALA I 587 -0.65 34.00 -3.58
C ALA I 587 0.57 33.59 -2.76
N PHE I 588 1.29 32.57 -3.25
CA PHE I 588 2.49 32.11 -2.58
C PHE I 588 3.51 33.25 -2.54
N ALA I 589 3.81 33.74 -1.34
CA ALA I 589 4.72 34.88 -1.24
C ALA I 589 5.15 35.04 0.21
N ASN I 590 6.43 35.35 0.39
CA ASN I 590 6.95 35.65 1.72
C ASN I 590 6.42 37.00 2.19
N GLN I 591 6.58 37.26 3.49
CA GLN I 591 6.04 38.48 4.07
C GLN I 591 6.58 39.71 3.38
N ALA I 592 7.86 39.69 3.00
CA ALA I 592 8.45 40.85 2.34
C ALA I 592 7.80 41.14 0.99
N GLU I 593 7.12 40.16 0.41
CA GLU I 593 6.47 40.36 -0.88
C GLU I 593 4.98 40.62 -0.76
N ARG I 594 4.35 40.23 0.34
CA ARG I 594 2.94 40.58 0.53
C ARG I 594 2.79 42.06 0.88
N LYS I 595 3.47 42.50 1.94
CA LYS I 595 3.33 43.89 2.37
C LYS I 595 3.66 44.86 1.26
N ALA I 596 4.52 44.47 0.32
CA ALA I 596 4.74 45.28 -0.86
C ALA I 596 3.61 45.13 -1.87
N LEU I 597 2.80 44.08 -1.74
CA LEU I 597 1.66 43.90 -2.64
C LEU I 597 0.42 44.59 -2.10
N TRP I 598 0.21 44.52 -0.79
CA TRP I 598 -0.95 45.21 -0.21
C TRP I 598 -0.84 46.72 -0.38
N ALA I 599 0.36 47.27 -0.20
CA ALA I 599 0.56 48.70 -0.41
C ALA I 599 0.32 49.11 -1.85
N ARG I 600 0.10 48.16 -2.76
CA ARG I 600 -0.29 48.46 -4.12
C ARG I 600 -1.77 48.30 -4.36
N LEU I 601 -2.46 47.53 -3.51
CA LEU I 601 -3.90 47.39 -3.62
C LEU I 601 -4.64 48.48 -2.86
N ALA I 602 -4.00 49.11 -1.88
CA ALA I 602 -4.65 50.20 -1.17
C ALA I 602 -4.99 51.35 -2.10
N GLN I 603 -4.07 51.68 -3.00
CA GLN I 603 -4.29 52.76 -3.97
C GLN I 603 -5.26 52.31 -5.05
N VAL I 604 -6.55 52.59 -4.86
CA VAL I 604 -7.57 52.22 -5.84
C VAL I 604 -7.94 53.45 -6.65
N PRO I 605 -8.20 53.31 -7.96
CA PRO I 605 -8.66 54.47 -8.73
C PRO I 605 -9.99 54.98 -8.18
N VAL I 606 -10.12 56.30 -8.15
CA VAL I 606 -11.36 56.93 -7.71
C VAL I 606 -12.37 56.82 -8.85
N PRO I 607 -13.61 56.45 -8.59
CA PRO I 607 -14.59 56.30 -9.67
C PRO I 607 -14.80 57.60 -10.42
N THR I 608 -15.03 57.49 -11.73
CA THR I 608 -15.21 58.64 -12.59
C THR I 608 -16.64 58.85 -13.06
N ASP I 609 -17.49 57.84 -12.96
CA ASP I 609 -18.86 57.88 -13.47
C ASP I 609 -19.88 57.76 -12.34
N THR I 610 -19.63 58.46 -11.24
CA THR I 610 -20.51 58.39 -10.07
C THR I 610 -21.55 59.51 -10.09
N GLU I 611 -22.35 59.53 -11.16
CA GLU I 611 -23.38 60.54 -11.30
C GLU I 611 -24.74 59.93 -11.60
N GLN I 612 -24.77 58.79 -12.29
CA GLN I 612 -26.02 58.20 -12.74
C GLN I 612 -26.80 59.17 -13.61
N MET J 1 -39.11 72.55 0.21
CA MET J 1 -39.37 72.98 1.58
C MET J 1 -38.23 73.85 2.09
N ARG J 2 -38.53 74.79 2.97
CA ARG J 2 -37.52 75.69 3.52
C ARG J 2 -37.92 76.10 4.93
N ILE J 3 -36.98 76.03 5.86
CA ILE J 3 -37.17 76.47 7.24
C ILE J 3 -36.11 77.52 7.56
N LEU J 4 -36.54 78.63 8.14
CA LEU J 4 -35.64 79.65 8.63
C LEU J 4 -35.71 79.68 10.16
N LEU J 5 -34.54 79.71 10.80
CA LEU J 5 -34.45 79.77 12.25
C LEU J 5 -33.71 81.04 12.64
N CYS J 6 -34.32 81.83 13.51
CA CYS J 6 -33.74 83.11 13.93
C CYS J 6 -34.03 83.35 15.41
N SER J 7 -33.20 84.19 16.01
CA SER J 7 -33.36 84.59 17.40
C SER J 7 -33.55 86.09 17.47
N VAL J 8 -34.34 86.53 18.45
CA VAL J 8 -34.69 87.94 18.61
C VAL J 8 -34.14 88.43 19.95
N GLY J 9 -33.43 89.56 19.90
CA GLY J 9 -32.95 90.22 21.10
C GLY J 9 -33.58 91.59 21.27
N THR J 10 -32.74 92.61 21.46
CA THR J 10 -33.26 93.97 21.60
C THR J 10 -33.79 94.52 20.29
N SER J 11 -33.36 93.99 19.15
CA SER J 11 -33.75 94.49 17.83
C SER J 11 -34.68 93.47 17.18
N TRP J 12 -35.86 93.92 16.78
CA TRP J 12 -36.83 93.09 16.08
C TRP J 12 -36.74 93.23 14.56
N ALA J 13 -35.79 94.01 14.06
CA ALA J 13 -35.64 94.25 12.64
C ALA J 13 -34.75 93.22 11.95
N VAL J 14 -34.58 92.04 12.55
CA VAL J 14 -33.78 90.97 11.97
C VAL J 14 -34.65 89.90 11.34
N VAL J 15 -35.67 89.44 12.07
CA VAL J 15 -36.57 88.41 11.53
C VAL J 15 -37.25 88.88 10.26
N PRO J 16 -37.85 90.07 10.21
CA PRO J 16 -38.47 90.52 8.94
C PRO J 16 -37.47 90.60 7.80
N GLU J 17 -36.34 91.26 8.01
CA GLU J 17 -35.32 91.34 6.96
C GLU J 17 -34.73 89.97 6.67
N ALA J 18 -34.72 89.07 7.65
CA ALA J 18 -34.14 87.75 7.44
C ALA J 18 -34.92 86.93 6.42
N MET J 19 -36.25 87.05 6.43
CA MET J 19 -37.08 86.21 5.57
C MET J 19 -36.88 86.52 4.09
N GLN J 20 -36.29 87.66 3.75
CA GLN J 20 -36.09 88.08 2.37
C GLN J 20 -34.85 87.47 1.73
N LEU J 21 -34.33 86.37 2.29
CA LEU J 21 -33.11 85.78 1.76
C LEU J 21 -33.28 85.33 0.32
N LEU J 22 -34.42 84.69 0.01
CA LEU J 22 -34.67 84.19 -1.35
C LEU J 22 -35.33 85.20 -2.26
N GLY J 23 -35.71 86.36 -1.74
CA GLY J 23 -36.36 87.36 -2.58
C GLY J 23 -37.83 87.05 -2.74
N SER J 24 -38.28 86.97 -4.00
CA SER J 24 -39.69 86.71 -4.27
C SER J 24 -40.11 85.32 -3.81
N GLN J 25 -39.17 84.38 -3.72
CA GLN J 25 -39.51 83.03 -3.27
C GLN J 25 -40.01 83.04 -1.83
N GLY J 26 -39.38 83.84 -0.97
CA GLY J 26 -39.76 83.84 0.42
C GLY J 26 -39.30 82.57 1.13
N PHE J 27 -39.96 82.28 2.25
CA PHE J 27 -39.64 81.11 3.05
C PHE J 27 -40.91 80.32 3.33
N ASP J 28 -40.82 78.99 3.21
CA ASP J 28 -41.98 78.14 3.40
C ASP J 28 -42.52 78.25 4.83
N GLU J 29 -41.63 78.28 5.82
CA GLU J 29 -42.04 78.50 7.21
C GLU J 29 -40.82 78.90 8.02
N VAL J 30 -40.83 80.12 8.57
CA VAL J 30 -39.73 80.64 9.37
C VAL J 30 -40.13 80.63 10.83
N HIS J 31 -39.17 80.38 11.71
CA HIS J 31 -39.41 80.31 13.14
C HIS J 31 -38.39 81.17 13.87
N VAL J 32 -38.74 81.59 15.08
CA VAL J 32 -37.96 82.55 15.85
C VAL J 32 -37.72 82.01 17.25
N LEU J 33 -36.51 82.21 17.76
CA LEU J 33 -36.15 81.86 19.12
C LEU J 33 -36.04 83.13 19.95
N THR J 34 -36.83 83.21 21.02
CA THR J 34 -36.91 84.40 21.85
C THR J 34 -36.56 84.02 23.29
N THR J 35 -36.11 85.03 24.04
CA THR J 35 -35.74 84.85 25.43
C THR J 35 -36.79 85.47 26.35
N ALA J 36 -36.62 85.24 27.66
CA ALA J 36 -37.54 85.73 28.67
C ALA J 36 -37.29 87.19 29.03
N SER J 37 -36.54 87.92 28.21
CA SER J 37 -36.26 89.33 28.49
C SER J 37 -37.52 90.16 28.31
N SER J 38 -37.83 91.01 29.29
CA SER J 38 -38.99 91.87 29.21
C SER J 38 -38.75 93.05 28.27
N LYS J 39 -37.50 93.36 27.94
CA LYS J 39 -37.20 94.46 27.04
C LYS J 39 -37.22 94.05 25.58
N ILE J 40 -37.32 92.74 25.30
CA ILE J 40 -37.43 92.25 23.93
C ILE J 40 -38.87 91.92 23.55
N SER J 41 -39.78 91.90 24.51
CA SER J 41 -41.18 91.60 24.22
C SER J 41 -41.79 92.56 23.21
N PRO J 42 -41.60 93.88 23.32
CA PRO J 42 -42.27 94.78 22.38
C PRO J 42 -42.01 94.45 20.92
N GLY J 43 -40.79 94.04 20.58
CA GLY J 43 -40.54 93.54 19.24
C GLY J 43 -41.29 92.27 18.93
N VAL J 44 -41.47 91.41 19.92
CA VAL J 44 -42.19 90.16 19.71
C VAL J 44 -43.62 90.42 19.30
N GLU J 45 -44.33 91.28 20.06
CA GLU J 45 -45.69 91.63 19.69
C GLU J 45 -45.71 92.38 18.36
N GLN J 46 -44.67 93.18 18.08
CA GLN J 46 -44.55 93.79 16.76
C GLN J 46 -44.41 92.72 15.69
N LEU J 47 -43.65 91.66 15.97
CA LEU J 47 -43.52 90.57 15.02
C LEU J 47 -44.87 89.90 14.76
N LEU J 48 -45.67 89.69 15.82
CA LEU J 48 -46.98 89.11 15.65
C LEU J 48 -47.84 89.98 14.74
N ARG J 49 -47.81 91.30 14.95
CA ARG J 49 -48.52 92.20 14.06
C ARG J 49 -47.96 92.11 12.64
N TYR J 50 -46.63 92.08 12.52
CA TYR J 50 -46.00 91.90 11.21
C TYR J 50 -46.36 90.55 10.62
N PHE J 51 -46.33 89.49 11.45
CA PHE J 51 -46.66 88.16 10.96
C PHE J 51 -48.09 88.09 10.46
N GLU J 52 -49.03 88.69 11.20
CA GLU J 52 -50.43 88.67 10.78
C GLU J 52 -50.63 89.43 9.47
N MET J 53 -49.96 90.56 9.29
CA MET J 53 -50.07 91.36 8.07
C MET J 53 -49.30 90.75 6.92
N HIS J 54 -48.49 89.72 7.18
CA HIS J 54 -47.75 88.99 6.16
C HIS J 54 -48.08 87.51 6.31
N PRO J 55 -49.31 87.11 6.01
CA PRO J 55 -49.70 85.71 6.19
C PRO J 55 -49.07 84.80 5.15
N GLY J 56 -49.44 83.51 5.17
CA GLY J 56 -48.88 82.56 4.26
C GLY J 56 -48.07 81.49 4.96
N PRO J 57 -46.75 81.56 4.82
CA PRO J 57 -45.89 80.56 5.47
C PRO J 57 -46.11 80.53 6.98
N ARG J 58 -46.03 79.34 7.54
CA ARG J 58 -46.28 79.15 8.97
C ARG J 58 -45.35 80.02 9.80
N PHE J 59 -45.91 80.65 10.84
CA PHE J 59 -45.17 81.48 11.76
C PHE J 59 -45.39 81.00 13.18
N SER J 60 -44.30 80.97 13.97
CA SER J 60 -44.39 80.58 15.37
C SER J 60 -43.15 81.10 16.08
N ILE J 61 -43.35 81.69 17.25
CA ILE J 61 -42.28 82.31 18.02
C ILE J 61 -42.09 81.52 19.31
N SER J 62 -40.84 81.18 19.60
CA SER J 62 -40.49 80.46 20.82
C SER J 62 -39.69 81.38 21.73
N ARG J 63 -40.14 81.51 22.97
CA ARG J 63 -39.47 82.33 23.97
C ARG J 63 -38.79 81.43 24.99
N VAL J 64 -37.52 81.71 25.28
CA VAL J 64 -36.80 80.98 26.32
C VAL J 64 -37.38 81.40 27.67
N GLN J 65 -38.21 80.52 28.25
CA GLN J 65 -38.93 80.89 29.46
C GLN J 65 -38.00 80.92 30.67
N ASP J 66 -37.00 80.04 30.68
CA ASP J 66 -36.06 79.98 31.80
C ASP J 66 -34.89 80.95 31.65
N PHE J 67 -34.68 81.51 30.46
CA PHE J 67 -33.57 82.42 30.21
C PHE J 67 -34.12 83.78 29.84
N GLU J 68 -33.71 84.81 30.59
CA GLU J 68 -34.08 86.19 30.31
C GLU J 68 -32.87 87.07 30.05
N ASP J 69 -31.82 86.95 30.85
CA ASP J 69 -30.59 87.72 30.67
C ASP J 69 -29.39 86.79 30.80
N LEU J 70 -28.34 87.09 30.06
CA LEU J 70 -27.11 86.30 30.11
C LEU J 70 -26.26 86.78 31.28
N ARG J 71 -26.17 85.96 32.33
CA ARG J 71 -25.44 86.30 33.53
C ARG J 71 -24.30 85.36 33.88
N SER J 72 -24.32 84.13 33.38
CA SER J 72 -23.27 83.17 33.68
C SER J 72 -23.35 82.02 32.67
N GLU J 73 -22.32 81.18 32.68
CA GLU J 73 -22.31 80.04 31.77
C GLU J 73 -23.50 79.11 32.00
N GLN J 74 -24.05 79.10 33.22
CA GLN J 74 -25.26 78.33 33.47
C GLN J 74 -26.40 78.83 32.59
N ASP J 75 -26.59 80.15 32.51
CA ASP J 75 -27.50 80.70 31.51
C ASP J 75 -26.94 80.48 30.11
N HIS J 76 -25.62 80.66 29.94
CA HIS J 76 -24.99 80.37 28.65
C HIS J 76 -25.24 78.92 28.24
N MET J 77 -24.97 77.98 29.13
CA MET J 77 -25.16 76.57 28.81
C MET J 77 -26.63 76.25 28.55
N LEU J 78 -27.53 76.78 29.38
CA LEU J 78 -28.93 76.38 29.33
C LEU J 78 -29.60 76.76 28.01
N PHE J 79 -29.05 77.71 27.26
CA PHE J 79 -29.71 78.18 26.05
C PHE J 79 -29.62 77.17 24.92
N GLU J 80 -28.44 76.58 24.72
CA GLU J 80 -28.22 75.75 23.53
C GLU J 80 -29.13 74.54 23.50
N GLU J 81 -29.31 73.89 24.66
CA GLU J 81 -30.15 72.68 24.69
C GLU J 81 -31.53 72.95 24.10
N VAL J 82 -32.16 74.04 24.52
CA VAL J 82 -33.47 74.38 23.98
C VAL J 82 -33.36 74.66 22.47
N LEU J 83 -32.33 75.42 22.08
CA LEU J 83 -32.14 75.70 20.66
C LEU J 83 -31.88 74.42 19.88
N TRP J 84 -31.04 73.54 20.41
CA TRP J 84 -30.72 72.31 19.72
C TRP J 84 -31.97 71.43 19.55
N ARG J 85 -32.73 71.24 20.62
CA ARG J 85 -33.96 70.47 20.52
C ARG J 85 -35.00 71.20 19.67
N TRP J 86 -35.13 72.52 19.86
CA TRP J 86 -36.06 73.30 19.05
C TRP J 86 -35.65 73.27 17.58
N LEU J 87 -34.36 73.41 17.30
CA LEU J 87 -33.87 73.32 15.93
C LEU J 87 -34.26 71.99 15.30
N LEU J 88 -34.29 70.91 16.08
CA LEU J 88 -34.73 69.62 15.57
C LEU J 88 -36.24 69.52 15.41
N GLN J 89 -37.00 70.44 16.00
CA GLN J 89 -38.45 70.42 15.91
C GLN J 89 -38.95 71.21 14.70
N ARG J 90 -38.60 72.49 14.63
CA ARG J 90 -39.05 73.32 13.52
C ARG J 90 -38.32 72.99 12.23
N ALA J 91 -37.06 72.56 12.32
CA ALA J 91 -36.24 72.26 11.15
C ALA J 91 -35.66 70.86 11.29
N PRO J 92 -36.49 69.82 11.12
CA PRO J 92 -35.98 68.45 11.22
C PRO J 92 -34.86 68.16 10.22
N GLN J 93 -34.94 68.70 9.01
CA GLN J 93 -34.00 68.39 7.94
C GLN J 93 -33.03 69.53 7.74
N ALA J 94 -31.74 69.18 7.65
CA ALA J 94 -30.71 70.19 7.43
C ALA J 94 -30.87 70.87 6.07
N ALA J 95 -31.21 70.09 5.04
CA ALA J 95 -31.40 70.64 3.71
C ALA J 95 -32.59 71.59 3.63
N HIS J 96 -33.45 71.61 4.66
CA HIS J 96 -34.63 72.47 4.70
C HIS J 96 -34.47 73.64 5.67
N ARG J 97 -33.29 73.82 6.25
CA ARG J 97 -33.09 74.77 7.33
C ARG J 97 -32.23 75.95 6.87
N TYR J 98 -32.69 77.16 7.16
CA TYR J 98 -31.91 78.37 6.99
C TYR J 98 -31.81 79.05 8.36
N ILE J 99 -30.61 79.48 8.73
CA ILE J 99 -30.33 79.96 10.07
C ILE J 99 -29.78 81.38 9.99
N CYS J 100 -30.31 82.25 10.83
CA CYS J 100 -29.81 83.60 11.02
C CYS J 100 -29.03 83.68 12.33
N LEU J 101 -28.22 84.73 12.46
CA LEU J 101 -27.37 84.91 13.62
C LEU J 101 -27.37 86.31 14.21
N ALA J 102 -27.95 87.30 13.52
CA ALA J 102 -27.88 88.68 14.01
C ALA J 102 -28.53 88.81 15.39
N GLY J 103 -29.69 88.19 15.58
CA GLY J 103 -30.40 88.35 16.83
C GLY J 103 -29.63 87.80 18.01
N GLY J 104 -29.81 88.46 19.16
CA GLY J 104 -29.19 88.02 20.39
C GLY J 104 -27.79 88.55 20.58
N TYR J 105 -27.16 88.06 21.65
CA TYR J 105 -25.79 88.43 22.00
C TYR J 105 -24.82 87.90 20.95
N LYS J 106 -23.53 88.22 21.12
CA LYS J 106 -22.49 87.55 20.34
C LYS J 106 -22.25 86.12 20.79
N THR J 107 -22.74 85.74 21.98
CA THR J 107 -22.64 84.38 22.49
C THR J 107 -23.76 83.48 22.00
N ILE J 108 -24.69 84.01 21.21
CA ILE J 108 -25.78 83.22 20.63
C ILE J 108 -25.56 82.97 19.15
N SER J 109 -25.16 84.00 18.40
CA SER J 109 -24.88 83.81 16.98
C SER J 109 -23.76 82.80 16.78
N ALA J 110 -22.68 82.91 17.56
CA ALA J 110 -21.62 81.92 17.50
C ALA J 110 -22.13 80.55 17.91
N ALA J 111 -22.98 80.50 18.95
CA ALA J 111 -23.59 79.24 19.34
C ALA J 111 -24.47 78.70 18.22
N MET J 112 -25.24 79.57 17.57
CA MET J 112 -26.04 79.14 16.42
C MET J 112 -25.15 78.63 15.30
N GLN J 113 -24.04 79.32 15.04
CA GLN J 113 -23.09 78.85 14.03
C GLN J 113 -22.47 77.52 14.46
N ARG J 114 -22.12 77.39 15.75
CA ARG J 114 -21.60 76.14 16.25
C ARG J 114 -22.60 75.01 16.04
N ALA J 115 -23.88 75.27 16.35
CA ALA J 115 -24.91 74.26 16.16
C ALA J 115 -25.04 73.89 14.69
N ALA J 116 -24.99 74.89 13.80
CA ALA J 116 -25.14 74.62 12.38
C ALA J 116 -24.06 73.67 11.87
N ALA J 117 -22.81 73.93 12.23
CA ALA J 117 -21.72 73.06 11.78
C ALA J 117 -21.89 71.66 12.34
N LEU J 118 -22.08 71.55 13.66
CA LEU J 118 -22.18 70.24 14.28
C LEU J 118 -23.40 69.47 13.81
N PHE J 119 -24.56 70.13 13.76
CA PHE J 119 -25.81 69.48 13.40
C PHE J 119 -26.24 69.76 11.97
N GLY J 120 -25.40 70.42 11.18
CA GLY J 120 -25.74 70.63 9.79
C GLY J 120 -26.54 71.91 9.58
N ALA J 121 -26.30 72.53 8.43
CA ALA J 121 -27.03 73.74 8.05
C ALA J 121 -26.91 73.92 6.55
N CYS J 122 -28.04 73.85 5.83
CA CYS J 122 -28.00 74.05 4.39
C CYS J 122 -27.50 75.45 4.05
N GLU J 123 -27.94 76.46 4.80
CA GLU J 123 -27.51 77.83 4.57
C GLU J 123 -27.61 78.60 5.88
N VAL J 124 -26.48 79.14 6.33
CA VAL J 124 -26.42 80.03 7.48
C VAL J 124 -25.97 81.39 6.97
N PHE J 125 -26.78 82.41 7.22
CA PHE J 125 -26.55 83.73 6.64
C PHE J 125 -26.75 84.80 7.70
N HIS J 126 -26.13 85.95 7.46
CA HIS J 126 -26.28 87.13 8.29
C HIS J 126 -26.90 88.25 7.46
N VAL J 127 -27.87 88.95 8.06
CA VAL J 127 -28.63 89.98 7.38
C VAL J 127 -28.15 91.34 7.87
N LEU J 128 -27.73 92.19 6.93
CA LEU J 128 -27.23 93.52 7.23
C LEU J 128 -28.14 94.56 6.59
N CYS J 129 -28.56 95.54 7.39
CA CYS J 129 -29.45 96.60 6.94
C CYS J 129 -28.70 97.93 6.89
N GLU J 130 -29.17 98.81 6.02
CA GLU J 130 -28.56 100.14 5.90
C GLU J 130 -29.10 101.07 6.98
N PRO J 131 -28.24 101.68 7.78
CA PRO J 131 -28.72 102.63 8.79
C PRO J 131 -29.23 103.93 8.19
N ARG J 132 -30.15 103.82 7.24
CA ARG J 132 -30.73 104.96 6.56
C ARG J 132 -32.17 105.24 7.00
N PHE J 133 -32.57 104.71 8.15
CA PHE J 133 -33.93 104.85 8.66
C PHE J 133 -33.89 105.58 9.99
N GLY J 134 -35.05 105.65 10.64
CA GLY J 134 -35.17 106.36 11.90
C GLY J 134 -35.55 107.81 11.70
N PRO J 135 -35.98 108.48 12.77
CA PRO J 135 -36.37 109.89 12.64
C PRO J 135 -35.26 110.77 12.08
N GLN J 136 -34.02 110.53 12.47
CA GLN J 136 -32.88 111.27 11.96
C GLN J 136 -32.24 110.61 10.75
N GLY J 137 -32.64 109.39 10.41
CA GLY J 137 -32.01 108.67 9.32
C GLY J 137 -30.70 108.00 9.66
N ASN J 138 -30.26 108.09 10.91
CA ASN J 138 -28.99 107.51 11.33
C ASN J 138 -29.15 106.12 11.95
N ARG J 139 -30.36 105.72 12.31
CA ARG J 139 -30.61 104.39 12.85
C ARG J 139 -31.17 103.50 11.75
N GLU J 140 -31.42 102.24 12.09
CA GLU J 140 -31.95 101.26 11.16
C GLU J 140 -33.44 101.05 11.40
N ALA J 141 -34.04 100.22 10.56
CA ALA J 141 -35.48 99.99 10.65
C ALA J 141 -35.83 99.40 12.02
N SER J 142 -36.87 99.97 12.64
CA SER J 142 -37.35 99.47 13.92
C SER J 142 -38.88 99.48 14.01
N THR J 143 -39.58 99.80 12.93
CA THR J 143 -41.04 99.85 12.93
C THR J 143 -41.57 99.13 11.70
N LEU J 144 -42.86 98.84 11.72
CA LEU J 144 -43.50 98.14 10.61
C LEU J 144 -43.27 98.88 9.29
N GLU J 145 -43.51 100.19 9.29
CA GLU J 145 -43.26 100.97 8.09
C GLU J 145 -41.77 101.05 7.77
N GLU J 146 -40.94 101.18 8.81
CA GLU J 146 -39.49 101.16 8.61
C GLU J 146 -39.01 99.80 8.11
N VAL J 147 -39.72 98.72 8.44
CA VAL J 147 -39.38 97.40 7.94
C VAL J 147 -39.93 97.17 6.53
N GLU J 148 -41.15 97.65 6.27
CA GLU J 148 -41.74 97.52 4.95
C GLU J 148 -40.93 98.29 3.91
N GLN J 149 -40.51 99.51 4.24
CA GLN J 149 -39.70 100.28 3.30
C GLN J 149 -38.34 99.64 3.10
N ALA J 150 -37.77 99.07 4.16
CA ALA J 150 -36.45 98.44 4.05
C ALA J 150 -36.47 97.32 3.02
N ILE J 151 -37.50 96.47 3.05
CA ILE J 151 -37.62 95.39 2.09
C ILE J 151 -37.79 95.95 0.68
N ALA J 152 -38.67 96.95 0.54
CA ALA J 152 -38.90 97.54 -0.78
C ALA J 152 -37.68 98.32 -1.25
N THR J 153 -37.08 99.14 -0.37
CA THR J 153 -35.93 99.93 -0.76
C THR J 153 -34.71 99.09 -1.11
N ASN J 154 -34.69 97.81 -0.74
CA ASN J 154 -33.56 96.93 -1.05
C ASN J 154 -32.27 97.40 -0.38
N ALA J 155 -32.40 98.05 0.77
CA ALA J 155 -31.26 98.54 1.54
C ALA J 155 -30.72 97.49 2.50
N LEU J 156 -30.95 96.21 2.23
CA LEU J 156 -30.57 95.12 3.11
C LEU J 156 -29.66 94.16 2.35
N ARG J 157 -28.52 93.82 2.95
CA ARG J 157 -27.56 92.90 2.35
C ARG J 157 -27.44 91.67 3.21
N PHE J 158 -27.56 90.49 2.59
CA PHE J 158 -27.50 89.22 3.29
C PHE J 158 -26.09 88.67 3.25
N VAL J 159 -25.53 88.38 4.43
CA VAL J 159 -24.18 87.82 4.54
C VAL J 159 -24.37 86.32 4.77
N ARG J 160 -24.30 85.56 3.68
CA ARG J 160 -24.47 84.11 3.73
C ARG J 160 -23.11 83.45 3.96
N LEU J 161 -23.06 82.55 4.94
CA LEU J 161 -21.82 81.89 5.31
C LEU J 161 -21.65 80.52 4.64
N GLY J 162 -22.56 80.14 3.76
CA GLY J 162 -22.45 78.87 3.07
C GLY J 162 -23.09 77.73 3.84
N PRO J 163 -23.04 76.53 3.27
CA PRO J 163 -23.64 75.38 3.95
C PRO J 163 -22.75 74.86 5.07
N GLU J 164 -23.37 74.09 5.97
CA GLU J 164 -22.64 73.44 7.05
C GLU J 164 -22.70 71.93 6.85
N PRO J 165 -21.56 71.26 6.65
CA PRO J 165 -21.62 69.83 6.29
C PRO J 165 -22.33 68.96 7.31
N GLY J 166 -22.15 69.23 8.60
CA GLY J 166 -22.74 68.40 9.62
C GLY J 166 -21.96 67.13 9.87
N TRP J 167 -21.76 66.77 11.13
CA TRP J 167 -20.98 65.58 11.45
C TRP J 167 -21.74 64.32 11.04
N PRO J 168 -21.02 63.22 10.80
CA PRO J 168 -21.68 62.04 10.23
C PRO J 168 -22.82 61.50 11.08
N GLN J 169 -22.69 61.51 12.40
CA GLN J 169 -23.68 60.92 13.29
C GLN J 169 -24.46 61.96 14.09
N LEU J 170 -24.40 63.23 13.68
CA LEU J 170 -25.19 64.27 14.31
C LEU J 170 -26.41 64.68 13.50
N ARG J 171 -26.38 64.50 12.18
CA ARG J 171 -27.56 64.78 11.36
C ARG J 171 -28.68 63.78 11.57
N LEU J 172 -28.40 62.65 12.25
CA LEU J 172 -29.38 61.59 12.43
C LEU J 172 -29.98 61.59 13.83
N LEU J 173 -30.19 62.76 14.41
CA LEU J 173 -30.86 62.90 15.70
C LEU J 173 -32.28 63.40 15.47
N SER J 174 -33.24 62.75 16.13
CA SER J 174 -34.65 63.00 15.90
C SER J 174 -35.29 63.63 17.13
N ALA J 175 -36.21 64.56 16.88
CA ALA J 175 -36.96 65.17 17.98
C ALA J 175 -37.68 64.15 18.85
N PRO J 176 -38.31 63.10 18.32
CA PRO J 176 -38.96 62.13 19.20
C PRO J 176 -38.04 61.54 20.24
N SER J 177 -36.77 61.33 19.91
CA SER J 177 -35.82 60.85 20.90
C SER J 177 -35.46 61.93 21.92
N PHE J 178 -35.47 63.19 21.49
CA PHE J 178 -35.13 64.33 22.35
C PHE J 178 -36.29 65.32 22.29
N PRO J 179 -37.36 65.06 23.04
CA PRO J 179 -38.54 65.93 22.97
C PRO J 179 -38.25 67.32 23.53
N LEU J 180 -38.97 68.31 22.99
CA LEU J 180 -38.92 69.68 23.46
C LEU J 180 -40.33 70.11 23.83
N GLU J 181 -40.49 70.59 25.07
CA GLU J 181 -41.79 70.97 25.59
C GLU J 181 -41.98 72.48 25.46
N SER J 182 -43.16 72.90 24.99
CA SER J 182 -43.51 74.29 24.87
C SER J 182 -44.88 74.52 25.48
N THR J 183 -45.02 75.58 26.27
CA THR J 183 -46.29 75.97 26.86
C THR J 183 -46.89 77.08 26.02
N LEU J 184 -48.08 76.81 25.46
CA LEU J 184 -48.70 77.77 24.56
C LEU J 184 -49.25 78.96 25.34
N GLN J 185 -48.81 80.16 24.96
CA GLN J 185 -49.29 81.41 25.53
C GLN J 185 -49.73 82.28 24.35
N GLY J 186 -51.00 82.17 23.98
CA GLY J 186 -51.49 82.82 22.78
C GLY J 186 -50.82 82.29 21.54
N PRO J 187 -50.35 83.19 20.68
CA PRO J 187 -49.68 82.77 19.43
C PRO J 187 -48.17 82.57 19.57
N VAL J 188 -47.63 82.55 20.78
CA VAL J 188 -46.20 82.41 21.01
C VAL J 188 -45.95 81.16 21.83
N HIS J 189 -45.03 80.31 21.37
CA HIS J 189 -44.70 79.07 22.05
C HIS J 189 -43.63 79.32 23.10
N TRP J 190 -43.92 78.93 24.34
CA TRP J 190 -42.99 79.04 25.45
C TRP J 190 -42.32 77.69 25.65
N VAL J 191 -41.07 77.57 25.21
CA VAL J 191 -40.39 76.29 25.18
C VAL J 191 -39.46 76.17 26.39
N ARG J 192 -39.12 74.94 26.73
CA ARG J 192 -38.23 74.64 27.84
C ARG J 192 -37.62 73.27 27.61
N ALA J 193 -36.58 72.97 28.40
CA ALA J 193 -35.86 71.70 28.32
C ALA J 193 -36.18 70.86 29.54
N SER J 194 -36.70 69.65 29.32
CA SER J 194 -37.03 68.78 30.44
C SER J 194 -35.77 68.21 31.09
N ASP J 195 -34.83 67.75 30.27
CA ASP J 195 -33.57 67.21 30.77
C ASP J 195 -32.44 67.59 29.81
N MET J 196 -31.27 67.86 30.37
CA MET J 196 -30.12 68.31 29.59
C MET J 196 -29.43 67.10 28.96
N ARG J 197 -30.16 66.45 28.05
CA ARG J 197 -29.78 65.13 27.56
C ARG J 197 -29.16 65.16 26.16
N LEU J 198 -29.52 66.14 25.33
CA LEU J 198 -28.95 66.20 23.99
C LEU J 198 -27.46 66.54 24.05
N ARG J 199 -27.09 67.53 24.87
CA ARG J 199 -25.68 67.93 24.97
C ARG J 199 -24.81 66.78 25.46
N GLN J 200 -25.25 66.09 26.52
CA GLN J 200 -24.44 65.00 27.05
C GLN J 200 -24.21 63.92 26.01
N HIS J 201 -25.18 63.72 25.12
CA HIS J 201 -25.00 62.75 24.04
C HIS J 201 -24.00 63.26 23.00
N VAL J 202 -24.02 64.56 22.70
CA VAL J 202 -23.15 65.10 21.67
C VAL J 202 -21.70 65.09 22.13
N GLU J 203 -21.45 65.40 23.40
CA GLU J 203 -20.07 65.47 23.89
C GLU J 203 -19.37 64.13 23.76
N GLY J 204 -20.04 63.04 24.13
CA GLY J 204 -19.45 61.72 24.00
C GLY J 204 -19.35 61.23 22.58
N VAL J 205 -20.19 61.75 21.69
CA VAL J 205 -20.13 61.34 20.29
C VAL J 205 -19.00 62.05 19.56
N LEU J 206 -18.66 63.27 19.95
CA LEU J 206 -17.55 63.98 19.36
C LEU J 206 -16.22 63.69 20.05
N GLU J 207 -16.25 63.13 21.26
CA GLU J 207 -15.03 62.64 21.87
C GLU J 207 -14.51 61.40 21.16
N ARG J 208 -15.39 60.44 20.88
CA ARG J 208 -14.98 59.21 20.22
C ARG J 208 -14.58 59.45 18.77
N SER J 209 -15.10 60.51 18.15
CA SER J 209 -14.74 60.80 16.76
C SER J 209 -13.27 61.22 16.65
N ARG J 210 -12.78 61.98 17.62
CA ARG J 210 -11.38 62.38 17.60
C ARG J 210 -10.45 61.18 17.75
N HIS J 211 -10.81 60.24 18.64
CA HIS J 211 -9.97 59.09 18.86
C HIS J 211 -9.80 58.25 17.60
N ILE J 212 -10.89 58.04 16.88
CA ILE J 212 -10.87 57.10 15.75
C ILE J 212 -9.82 57.52 14.74
N LEU J 213 -9.83 58.79 14.34
CA LEU J 213 -8.89 59.27 13.33
C LEU J 213 -7.48 59.35 13.91
N ALA J 214 -7.35 59.75 15.18
CA ALA J 214 -6.04 59.83 15.79
C ALA J 214 -5.34 58.48 15.77
N ALA J 215 -6.06 57.43 16.16
CA ALA J 215 -5.55 56.07 16.08
C ALA J 215 -5.88 55.40 14.75
N TRP J 216 -6.59 56.09 13.86
CA TRP J 216 -6.93 55.49 12.57
C TRP J 216 -5.69 55.19 11.75
N GLU J 217 -4.76 56.15 11.70
CA GLU J 217 -3.53 55.96 10.94
C GLU J 217 -2.70 54.87 11.60
N GLY J 218 -2.69 53.69 10.99
CA GLY J 218 -2.12 52.52 11.61
C GLY J 218 -3.14 51.53 12.12
N ILE J 219 -4.37 51.55 11.59
CA ILE J 219 -5.42 50.65 12.04
C ILE J 219 -5.11 49.20 11.71
N SER J 220 -4.14 48.94 10.83
CA SER J 220 -3.79 47.58 10.46
C SER J 220 -3.00 46.85 11.54
N GLU J 221 -2.52 47.56 12.56
CA GLU J 221 -1.79 46.94 13.66
C GLU J 221 -2.67 46.74 14.89
N LEU J 222 -3.98 46.90 14.75
CA LEU J 222 -4.92 46.62 15.83
C LEU J 222 -5.66 45.33 15.52
N PRO J 223 -5.56 44.31 16.38
CA PRO J 223 -6.24 43.05 16.09
C PRO J 223 -7.74 43.22 15.93
N ILE J 224 -8.39 43.75 16.96
CA ILE J 224 -9.83 44.00 16.93
C ILE J 224 -10.05 45.41 16.38
N PRO J 225 -10.82 45.58 15.30
CA PRO J 225 -11.05 46.94 14.78
C PRO J 225 -11.68 47.87 15.79
N ALA J 226 -12.47 47.33 16.73
CA ALA J 226 -13.05 48.18 17.77
C ALA J 226 -11.99 48.79 18.67
N LEU J 227 -10.76 48.27 18.63
CA LEU J 227 -9.68 48.86 19.41
C LEU J 227 -9.36 50.28 18.97
N ALA J 228 -9.68 50.63 17.72
CA ALA J 228 -9.33 51.95 17.21
C ALA J 228 -9.96 53.05 18.06
N ALA J 229 -11.18 52.84 18.54
CA ALA J 229 -11.93 53.87 19.22
C ALA J 229 -11.46 54.11 20.66
N TRP J 230 -10.36 53.50 21.08
CA TRP J 230 -9.88 53.82 22.42
C TRP J 230 -9.06 55.11 22.40
N PRO J 231 -8.93 55.75 23.57
CA PRO J 231 -8.10 56.95 23.63
C PRO J 231 -6.64 56.61 23.35
N PRO J 232 -5.88 57.55 22.80
CA PRO J 232 -4.45 57.26 22.57
C PRO J 232 -3.71 56.91 23.85
N SER J 233 -4.11 57.49 24.98
CA SER J 233 -3.48 57.15 26.25
C SER J 233 -3.76 55.72 26.66
N HIS J 234 -4.91 55.17 26.26
CA HIS J 234 -5.25 53.78 26.54
C HIS J 234 -4.65 52.83 25.51
N LEU J 235 -4.77 53.16 24.23
CA LEU J 235 -4.22 52.30 23.20
C LEU J 235 -2.70 52.21 23.26
N ARG J 236 -2.04 53.18 23.89
CA ARG J 236 -0.62 53.01 24.20
C ARG J 236 -0.42 52.04 25.34
N TRP J 237 -1.38 51.97 26.27
CA TRP J 237 -1.32 50.96 27.33
C TRP J 237 -1.29 49.56 26.76
N LEU J 238 -1.90 49.36 25.59
CA LEU J 238 -1.98 48.03 25.01
C LEU J 238 -0.60 47.47 24.70
N HIS J 239 0.35 48.34 24.34
CA HIS J 239 1.68 47.90 23.92
C HIS J 239 2.65 47.75 25.09
N GLU J 240 2.22 48.00 26.31
CA GLU J 240 3.20 47.82 27.37
C GLU J 240 3.27 46.36 27.79
N PRO J 241 4.41 45.90 28.31
CA PRO J 241 4.51 44.50 28.75
C PRO J 241 3.49 44.19 29.84
N LEU J 242 2.97 42.97 29.80
CA LEU J 242 1.88 42.57 30.68
C LEU J 242 2.37 42.45 32.12
N ASP J 243 1.55 42.91 33.07
CA ASP J 243 1.88 42.83 34.48
C ASP J 243 0.89 41.91 35.18
N PRO J 244 1.30 40.70 35.59
CA PRO J 244 0.33 39.74 36.14
C PRO J 244 -0.17 40.09 37.52
N VAL J 245 0.27 41.17 38.13
CA VAL J 245 -0.13 41.54 39.49
C VAL J 245 -1.19 42.64 39.48
N GLN J 246 -0.92 43.75 38.80
CA GLN J 246 -1.89 44.84 38.70
C GLN J 246 -2.87 44.65 37.55
N ASP J 247 -2.69 43.64 36.72
CA ASP J 247 -3.55 43.40 35.56
C ASP J 247 -4.44 42.17 35.75
N LYS J 248 -4.61 41.72 36.99
CA LYS J 248 -5.48 40.57 37.23
C LYS J 248 -6.93 40.88 36.88
N ALA J 249 -7.40 42.08 37.21
CA ALA J 249 -8.80 42.41 36.99
C ALA J 249 -9.13 42.46 35.50
N TRP J 250 -8.28 43.09 34.70
CA TRP J 250 -8.60 43.29 33.29
C TRP J 250 -8.73 41.96 32.57
N VAL J 251 -7.81 41.03 32.83
CA VAL J 251 -7.85 39.74 32.14
C VAL J 251 -9.10 38.97 32.56
N GLN J 252 -9.51 39.09 33.82
CA GLN J 252 -10.68 38.39 34.32
C GLN J 252 -11.99 38.90 33.73
N ALA J 253 -11.95 39.90 32.85
CA ALA J 253 -13.14 40.44 32.22
C ALA J 253 -13.09 40.40 30.70
N LEU J 254 -12.03 39.87 30.12
CA LEU J 254 -11.89 39.85 28.67
C LEU J 254 -12.62 38.66 28.09
N PRO J 255 -13.54 38.87 27.13
CA PRO J 255 -14.22 37.72 26.51
C PRO J 255 -13.24 36.84 25.75
N LYS J 256 -13.06 35.62 26.23
CA LYS J 256 -12.02 34.72 25.76
C LYS J 256 -12.59 33.67 24.83
N VAL J 257 -11.75 32.70 24.47
CA VAL J 257 -12.12 31.57 23.65
C VAL J 257 -11.30 30.37 24.08
N GLU J 258 -11.97 29.28 24.47
CA GLU J 258 -11.32 28.09 25.00
C GLU J 258 -11.43 26.98 23.97
N LEU J 259 -10.29 26.43 23.55
CA LEU J 259 -10.25 25.43 22.49
C LEU J 259 -9.66 24.10 22.93
N HIS J 260 -9.21 23.97 24.18
CA HIS J 260 -8.63 22.73 24.69
C HIS J 260 -9.04 22.59 26.16
N CYS J 261 -10.19 21.95 26.38
CA CYS J 261 -10.72 21.77 27.74
C CYS J 261 -11.40 20.41 27.77
N HIS J 262 -10.71 19.41 28.33
CA HIS J 262 -11.26 18.06 28.40
C HIS J 262 -12.33 17.98 29.48
N LEU J 263 -13.48 17.39 29.12
CA LEU J 263 -14.57 17.29 30.08
C LEU J 263 -14.19 16.41 31.27
N GLY J 264 -13.48 15.32 31.01
CA GLY J 264 -13.11 14.40 32.07
C GLY J 264 -11.90 14.83 32.86
N GLY J 265 -11.74 16.13 33.05
CA GLY J 265 -10.65 16.64 33.85
C GLY J 265 -11.02 17.87 34.64
N PHE J 266 -12.33 18.12 34.79
CA PHE J 266 -12.79 19.36 35.41
C PHE J 266 -12.76 19.29 36.94
N ALA J 267 -13.50 18.36 37.52
CA ALA J 267 -13.63 18.25 38.97
C ALA J 267 -12.88 17.00 39.43
N THR J 268 -11.68 17.19 39.95
CA THR J 268 -10.83 16.07 40.36
C THR J 268 -10.48 16.07 41.84
N HIS J 269 -10.53 17.22 42.50
CA HIS J 269 -10.14 17.30 43.90
C HIS J 269 -10.74 18.57 44.49
N GLY J 270 -10.29 18.93 45.69
CA GLY J 270 -10.82 20.12 46.35
C GLY J 270 -12.28 19.95 46.71
N GLU J 271 -13.09 20.95 46.34
CA GLU J 271 -14.51 20.93 46.65
C GLU J 271 -15.39 20.55 45.47
N LEU J 272 -14.92 20.75 44.24
CA LEU J 272 -15.76 20.47 43.08
C LEU J 272 -16.15 18.99 43.03
N LEU J 273 -15.19 18.10 43.27
CA LEU J 273 -15.50 16.67 43.25
C LEU J 273 -16.56 16.33 44.29
N HIS J 274 -16.54 17.00 45.44
CA HIS J 274 -17.59 16.78 46.42
C HIS J 274 -18.95 17.22 45.88
N LYS J 275 -18.99 18.33 45.13
CA LYS J 275 -20.24 18.79 44.56
C LYS J 275 -20.82 17.77 43.59
N VAL J 276 -19.97 17.18 42.75
CA VAL J 276 -20.45 16.16 41.81
C VAL J 276 -20.84 14.88 42.55
N ARG J 277 -20.04 14.49 43.55
CA ARG J 277 -20.37 13.28 44.30
C ARG J 277 -21.69 13.42 45.04
N GLN J 278 -21.93 14.59 45.65
CA GLN J 278 -23.19 14.80 46.36
C GLN J 278 -24.38 14.71 45.42
N GLU J 279 -24.16 14.83 44.11
CA GLU J 279 -25.23 14.75 43.11
C GLU J 279 -25.17 13.45 42.34
N ALA J 280 -24.76 12.36 42.99
CA ALA J 280 -24.67 11.06 42.34
C ALA J 280 -26.05 10.41 42.28
N ALA J 281 -26.45 9.99 41.07
CA ALA J 281 -27.77 9.39 40.91
C ALA J 281 -27.90 8.10 41.71
N ASN J 282 -26.85 7.27 41.71
CA ASN J 282 -26.85 5.97 42.37
C ASN J 282 -25.65 5.93 43.30
N PRO J 283 -25.69 6.67 44.41
CA PRO J 283 -24.48 6.86 45.22
C PRO J 283 -23.94 5.60 45.85
N GLU J 284 -24.63 4.46 45.73
CA GLU J 284 -24.16 3.25 46.37
C GLU J 284 -22.98 2.63 45.62
N SER J 285 -22.89 2.84 44.32
CA SER J 285 -21.82 2.29 43.50
C SER J 285 -20.73 3.30 43.20
N LEU J 286 -20.74 4.45 43.87
CA LEU J 286 -19.75 5.48 43.60
C LEU J 286 -18.37 5.02 44.07
N PRO J 287 -17.37 4.99 43.20
CA PRO J 287 -16.04 4.58 43.64
C PRO J 287 -15.53 5.47 44.75
N PRO J 288 -14.79 4.92 45.71
CA PRO J 288 -14.31 5.73 46.83
C PRO J 288 -13.37 6.83 46.37
N VAL J 289 -13.40 7.95 47.09
CA VAL J 289 -12.50 9.06 46.84
C VAL J 289 -11.10 8.66 47.30
N ARG J 290 -10.21 8.37 46.36
CA ARG J 290 -8.86 7.98 46.70
C ARG J 290 -8.10 9.17 47.30
N ALA J 291 -6.91 8.88 47.82
CA ALA J 291 -6.03 9.90 48.38
C ALA J 291 -4.87 10.09 47.41
N ILE J 292 -5.04 11.02 46.47
CA ILE J 292 -4.02 11.35 45.48
C ILE J 292 -3.30 12.60 45.97
N PRO J 293 -2.01 12.52 46.31
CA PRO J 293 -1.32 13.70 46.85
C PRO J 293 -1.11 14.77 45.78
N LEU J 294 -1.01 16.01 46.23
CA LEU J 294 -0.70 17.13 45.37
C LEU J 294 0.72 17.63 45.65
N PRO J 295 1.56 17.75 44.63
CA PRO J 295 2.93 18.22 44.87
C PRO J 295 2.91 19.60 45.52
N PRO J 296 3.90 19.90 46.35
CA PRO J 296 3.91 21.19 47.06
C PRO J 296 3.95 22.36 46.09
N GLY J 297 3.70 23.55 46.63
CA GLY J 297 3.70 24.77 45.84
C GLY J 297 2.62 24.82 44.78
N TRP J 298 1.59 24.00 44.91
CA TRP J 298 0.59 23.88 43.86
C TRP J 298 -0.16 25.21 43.70
N PRO J 299 -0.59 25.56 42.48
CA PRO J 299 -0.44 24.82 41.22
C PRO J 299 1.00 24.76 40.71
N ILE J 300 1.79 25.80 40.90
CA ILE J 300 3.12 25.87 40.29
C ILE J 300 3.95 24.69 40.74
N PRO J 301 4.52 23.92 39.82
CA PRO J 301 5.34 22.78 40.23
C PRO J 301 6.79 23.16 40.48
N GLU J 302 7.37 22.70 41.58
CA GLU J 302 8.77 22.97 41.83
C GLU J 302 9.68 22.23 40.86
N GLU J 303 9.20 21.11 40.31
CA GLU J 303 9.95 20.32 39.36
C GLU J 303 8.99 19.70 38.36
N PRO J 304 9.47 19.29 37.20
CA PRO J 304 8.59 18.66 36.21
C PRO J 304 8.03 17.35 36.74
N ILE J 305 6.83 17.01 36.27
CA ILE J 305 6.11 15.86 36.78
C ILE J 305 5.99 14.73 35.77
N GLY J 306 6.23 14.98 34.49
CA GLY J 306 6.01 13.96 33.48
C GLY J 306 4.53 13.67 33.32
N LEU J 307 4.15 13.07 32.19
CA LEU J 307 2.73 12.88 31.91
C LEU J 307 2.07 11.93 32.90
N GLU J 308 2.67 10.76 33.09
CA GLU J 308 1.99 9.67 33.78
C GLU J 308 1.62 10.07 35.21
N ARG J 309 2.57 10.65 35.94
CA ARG J 309 2.21 11.18 37.26
C ARG J 309 1.25 12.36 37.13
N TYR J 310 1.37 13.13 36.04
CA TYR J 310 0.40 14.19 35.77
C TYR J 310 -0.95 13.61 35.37
N MET J 311 -0.95 12.62 34.47
CA MET J 311 -2.21 12.07 34.00
C MET J 311 -2.97 11.37 35.12
N ARG J 312 -2.26 10.74 36.05
CA ARG J 312 -2.90 10.04 37.16
C ARG J 312 -3.51 10.97 38.19
N LEU J 313 -3.17 12.26 38.17
CA LEU J 313 -3.67 13.20 39.16
C LEU J 313 -5.18 13.39 39.08
N GLY J 314 -5.81 12.95 37.99
CA GLY J 314 -7.25 13.05 37.87
C GLY J 314 -7.94 11.71 37.93
N ASP J 315 -7.48 10.82 38.82
CA ASP J 315 -8.12 9.52 38.96
C ASP J 315 -9.49 9.64 39.62
N ASN J 316 -9.63 10.53 40.60
CA ASN J 316 -10.89 10.66 41.30
C ASN J 316 -12.03 11.01 40.37
N ASN J 317 -11.73 11.61 39.22
CA ASN J 317 -12.72 11.95 38.22
C ASN J 317 -12.45 11.18 36.94
N GLY J 318 -13.45 11.14 36.07
CA GLY J 318 -13.31 10.43 34.82
C GLY J 318 -14.26 9.25 34.71
N SER J 319 -13.82 8.17 34.06
CA SER J 319 -14.67 7.01 33.88
C SER J 319 -15.10 6.38 35.20
N ALA J 320 -14.36 6.63 36.28
CA ALA J 320 -14.75 6.11 37.58
C ALA J 320 -16.07 6.71 38.04
N LEU J 321 -16.27 8.01 37.83
CA LEU J 321 -17.42 8.71 38.40
C LEU J 321 -18.53 8.98 37.39
N LEU J 322 -18.21 9.53 36.22
CA LEU J 322 -19.25 10.01 35.30
C LEU J 322 -19.99 8.90 34.58
N LYS J 323 -19.75 7.63 34.93
CA LYS J 323 -20.66 6.58 34.45
C LYS J 323 -22.02 6.69 35.10
N ASP J 324 -22.08 7.22 36.31
CA ASP J 324 -23.35 7.49 36.95
C ASP J 324 -24.11 8.55 36.16
N PRO J 325 -25.34 8.27 35.74
CA PRO J 325 -26.11 9.29 35.00
C PRO J 325 -26.35 10.55 35.79
N GLY J 326 -26.23 10.51 37.11
CA GLY J 326 -26.40 11.70 37.93
C GLY J 326 -25.12 12.51 38.03
N CYS J 327 -23.98 11.83 38.13
CA CYS J 327 -22.71 12.53 38.18
C CYS J 327 -22.44 13.25 36.87
N LEU J 328 -22.78 12.63 35.74
CA LEU J 328 -22.56 13.27 34.45
C LEU J 328 -23.32 14.60 34.37
N ARG J 329 -24.53 14.65 34.93
CA ARG J 329 -25.27 15.90 34.97
C ARG J 329 -24.55 16.95 35.79
N ALA J 330 -24.01 16.54 36.95
CA ALA J 330 -23.26 17.49 37.78
C ALA J 330 -21.97 17.92 37.10
N GLN J 331 -21.50 17.16 36.11
CA GLN J 331 -20.29 17.51 35.40
C GLN J 331 -20.54 18.46 34.24
N CYS J 332 -21.70 18.34 33.58
CA CYS J 332 -22.01 19.19 32.45
C CYS J 332 -22.61 20.53 32.88
N ARG J 333 -22.92 20.67 34.17
CA ARG J 333 -23.37 21.97 34.67
C ARG J 333 -22.26 22.69 35.41
N LEU J 334 -21.49 21.96 36.22
CA LEU J 334 -20.36 22.58 36.91
C LEU J 334 -19.33 23.10 35.93
N LEU J 335 -19.10 22.36 34.83
CA LEU J 335 -18.18 22.82 33.81
C LEU J 335 -18.68 24.12 33.18
N TYR J 336 -19.98 24.21 32.91
CA TYR J 336 -20.52 25.42 32.32
C TYR J 336 -20.36 26.60 33.27
N GLU J 337 -20.61 26.39 34.56
CA GLU J 337 -20.40 27.45 35.54
C GLU J 337 -18.93 27.84 35.65
N ALA J 338 -18.02 27.00 35.17
CA ALA J 338 -16.61 27.39 35.11
C ALA J 338 -16.31 28.18 33.84
N LEU J 339 -16.98 27.85 32.73
CA LEU J 339 -16.86 28.66 31.53
C LEU J 339 -17.43 30.05 31.75
N LEU J 340 -18.57 30.14 32.45
CA LEU J 340 -19.20 31.45 32.67
C LEU J 340 -18.34 32.32 33.58
N ALA J 341 -17.70 31.72 34.58
CA ALA J 341 -16.93 32.51 35.55
C ALA J 341 -15.81 33.30 34.87
N ASP J 342 -15.24 32.75 33.80
CA ASP J 342 -14.16 33.40 33.08
C ASP J 342 -14.65 34.31 31.95
N HIS J 343 -15.94 34.34 31.69
CA HIS J 343 -16.50 35.11 30.58
C HIS J 343 -16.10 34.53 29.23
N VAL J 344 -15.80 33.24 29.20
CA VAL J 344 -15.48 32.56 27.95
C VAL J 344 -16.66 32.70 27.00
N ALA J 345 -16.38 33.09 25.75
CA ALA J 345 -17.44 33.36 24.78
C ALA J 345 -17.77 32.13 23.96
N TYR J 346 -16.75 31.46 23.42
CA TYR J 346 -16.93 30.28 22.58
C TYR J 346 -15.98 29.20 23.05
N ALA J 347 -16.52 28.15 23.68
CA ALA J 347 -15.72 27.07 24.21
C ALA J 347 -16.02 25.79 23.43
N GLU J 348 -14.99 24.96 23.26
CA GLU J 348 -15.10 23.69 22.54
C GLU J 348 -14.62 22.58 23.46
N ILE J 349 -15.56 22.03 24.23
CA ILE J 349 -15.25 20.92 25.12
C ILE J 349 -15.10 19.65 24.28
N ARG J 350 -14.03 18.90 24.52
CA ARG J 350 -13.79 17.62 23.86
C ARG J 350 -13.93 16.50 24.88
N CYS J 351 -14.66 15.45 24.50
CA CYS J 351 -14.99 14.37 25.41
C CYS J 351 -14.97 13.05 24.66
N SER J 352 -14.79 11.97 25.41
CA SER J 352 -14.85 10.61 24.88
C SER J 352 -16.15 9.97 25.35
N PRO J 353 -17.12 9.77 24.47
CA PRO J 353 -18.42 9.26 24.91
C PRO J 353 -18.39 7.78 25.25
N ALA J 354 -17.66 7.00 24.46
CA ALA J 354 -17.66 5.55 24.64
C ALA J 354 -17.16 5.15 26.02
N ASN J 355 -16.26 5.95 26.60
CA ASN J 355 -15.71 5.59 27.90
C ASN J 355 -16.80 5.51 28.96
N TYR J 356 -17.74 6.44 28.94
CA TYR J 356 -18.72 6.60 29.99
C TYR J 356 -19.98 5.79 29.75
N ALA J 357 -19.95 4.86 28.81
CA ALA J 357 -21.13 4.10 28.44
C ALA J 357 -21.17 2.80 29.24
N SER J 358 -22.24 2.61 30.01
CA SER J 358 -22.42 1.37 30.76
C SER J 358 -23.02 0.30 29.85
N ALA J 359 -23.40 -0.84 30.42
CA ALA J 359 -24.03 -1.89 29.63
C ALA J 359 -25.36 -1.42 29.06
N SER J 360 -26.16 -0.70 29.87
CA SER J 360 -27.46 -0.23 29.42
C SER J 360 -27.40 1.12 28.73
N ARG J 361 -26.26 1.80 28.76
CA ARG J 361 -26.09 3.12 28.15
C ARG J 361 -25.09 3.00 27.01
N SER J 362 -25.56 3.09 25.78
CA SER J 362 -24.67 3.06 24.63
C SER J 362 -24.01 4.41 24.44
N PRO J 363 -22.91 4.46 23.67
CA PRO J 363 -22.23 5.75 23.47
C PRO J 363 -23.14 6.83 22.90
N TRP J 364 -24.01 6.46 21.95
CA TRP J 364 -24.91 7.45 21.37
C TRP J 364 -25.90 7.97 22.39
N VAL J 365 -26.08 7.24 23.50
CA VAL J 365 -26.95 7.74 24.56
C VAL J 365 -26.17 8.64 25.51
N VAL J 366 -24.92 8.26 25.82
CA VAL J 366 -24.09 9.14 26.65
C VAL J 366 -23.79 10.44 25.92
N LEU J 367 -23.43 10.35 24.65
CA LEU J 367 -23.18 11.56 23.88
C LEU J 367 -24.45 12.41 23.76
N GLN J 368 -25.57 11.78 23.47
CA GLN J 368 -26.83 12.51 23.37
C GLN J 368 -27.23 13.12 24.70
N GLU J 369 -26.67 12.66 25.81
CA GLU J 369 -26.96 13.24 27.11
C GLU J 369 -25.93 14.24 27.58
N ILE J 370 -24.87 14.47 26.80
CA ILE J 370 -23.97 15.59 27.07
C ILE J 370 -24.32 16.77 26.19
N ARG J 371 -24.64 16.52 24.91
CA ARG J 371 -25.07 17.61 24.05
C ARG J 371 -26.31 18.30 24.59
N ASN J 372 -27.24 17.52 25.15
CA ASN J 372 -28.47 18.12 25.67
C ASN J 372 -28.23 18.79 27.02
N HIS J 373 -27.29 18.28 27.81
CA HIS J 373 -26.94 18.98 29.04
C HIS J 373 -26.35 20.36 28.75
N PHE J 374 -25.48 20.45 27.74
CA PHE J 374 -24.93 21.74 27.37
C PHE J 374 -25.97 22.61 26.68
N GLN J 375 -26.77 22.03 25.78
CA GLN J 375 -27.82 22.80 25.13
C GLN J 375 -28.85 23.30 26.13
N GLN J 376 -29.25 22.44 27.07
CA GLN J 376 -30.22 22.85 28.07
C GLN J 376 -29.69 23.98 28.93
N ALA J 377 -28.40 23.93 29.29
CA ALA J 377 -27.81 24.97 30.11
C ALA J 377 -27.59 26.25 29.32
N MET J 378 -27.27 26.14 28.02
CA MET J 378 -27.04 27.33 27.21
C MET J 378 -28.30 28.18 27.09
N GLU J 379 -29.46 27.56 27.01
CA GLU J 379 -30.71 28.28 26.80
C GLU J 379 -31.30 28.83 28.09
N GLU J 380 -30.63 28.63 29.23
CA GLU J 380 -31.05 29.21 30.49
C GLU J 380 -30.17 30.38 30.91
N THR J 381 -29.34 30.90 30.00
CA THR J 381 -28.52 32.06 30.25
C THR J 381 -28.76 33.11 29.17
N PRO J 382 -28.62 34.40 29.50
CA PRO J 382 -28.94 35.44 28.53
C PRO J 382 -28.04 35.35 27.30
N GLU J 383 -28.53 35.91 26.19
CA GLU J 383 -27.73 35.95 24.97
C GLU J 383 -26.45 36.73 25.18
N ASP J 384 -26.51 37.85 25.89
CA ASP J 384 -25.35 38.71 26.06
C ASP J 384 -24.22 38.03 26.82
N ARG J 385 -24.52 37.01 27.61
CA ARG J 385 -23.51 36.33 28.43
C ARG J 385 -23.48 34.83 28.17
N ARG J 386 -24.07 34.38 27.06
CA ARG J 386 -24.09 32.97 26.72
C ARG J 386 -22.80 32.59 26.00
N CYS J 387 -22.19 31.48 26.42
CA CYS J 387 -20.99 30.95 25.80
C CYS J 387 -21.37 29.73 24.96
N HIS J 388 -21.30 29.86 23.64
CA HIS J 388 -21.59 28.74 22.76
C HIS J 388 -20.61 27.61 23.04
N VAL J 389 -21.13 26.38 23.07
CA VAL J 389 -20.33 25.20 23.37
C VAL J 389 -20.49 24.20 22.25
N ASN J 390 -19.37 23.83 21.62
CA ASN J 390 -19.32 22.76 20.63
C ASN J 390 -18.44 21.65 21.16
N LEU J 391 -18.68 20.43 20.69
CA LEU J 391 -18.04 19.25 21.24
C LEU J 391 -17.01 18.66 20.27
N LEU J 392 -15.94 18.13 20.83
CA LEU J 392 -14.92 17.40 20.08
C LEU J 392 -14.83 15.99 20.63
N LEU J 393 -14.79 15.00 19.73
CA LEU J 393 -14.77 13.60 20.13
C LEU J 393 -13.32 13.12 20.18
N THR J 394 -12.84 12.80 21.37
CA THR J 394 -11.46 12.39 21.57
C THR J 394 -11.30 10.93 21.21
N ALA J 395 -10.84 10.65 20.00
CA ALA J 395 -10.57 9.28 19.55
C ALA J 395 -9.16 8.90 19.97
N THR J 396 -8.98 8.72 21.27
CA THR J 396 -7.69 8.40 21.84
C THR J 396 -7.23 7.00 21.43
N ARG J 397 -5.92 6.82 21.35
CA ARG J 397 -5.30 5.55 21.01
C ARG J 397 -4.22 5.23 22.03
N GLU J 398 -4.43 4.16 22.79
CA GLU J 398 -3.48 3.71 23.80
C GLU J 398 -2.64 2.58 23.22
N GLU J 399 -1.35 2.58 23.57
CA GLU J 399 -0.43 1.57 23.06
C GLU J 399 -0.97 0.17 23.38
N GLY J 400 -0.98 -0.68 22.37
CA GLY J 400 -1.65 -1.96 22.51
C GLY J 400 -3.13 -1.72 22.72
N GLY J 401 -3.65 -2.23 23.83
CA GLY J 401 -5.04 -1.96 24.18
C GLY J 401 -5.99 -2.44 23.10
N ASP J 402 -6.91 -1.55 22.70
CA ASP J 402 -7.97 -1.91 21.78
C ASP J 402 -8.16 -0.79 20.76
N ARG J 403 -8.40 -1.17 19.51
CA ARG J 403 -8.77 -0.22 18.46
C ARG J 403 -10.26 -0.25 18.15
N SER J 404 -11.08 -0.57 19.16
CA SER J 404 -12.52 -0.44 19.03
C SER J 404 -13.03 0.91 19.52
N ARG J 405 -12.50 1.41 20.64
CA ARG J 405 -12.81 2.77 21.06
C ARG J 405 -12.36 3.81 20.04
N ILE J 406 -11.44 3.44 19.14
CA ILE J 406 -11.00 4.33 18.07
C ILE J 406 -11.84 4.19 16.82
N ALA J 407 -12.70 3.18 16.76
CA ALA J 407 -13.61 2.99 15.64
C ALA J 407 -15.05 3.35 15.95
N ARG J 408 -15.49 3.16 17.20
CA ARG J 408 -16.81 3.66 17.59
C ARG J 408 -16.87 5.17 17.52
N HIS J 409 -15.82 5.84 17.99
CA HIS J 409 -15.83 7.30 18.06
C HIS J 409 -15.89 7.91 16.66
N LEU J 410 -15.09 7.41 15.72
CA LEU J 410 -15.09 7.98 14.38
C LEU J 410 -16.46 7.85 13.73
N ALA J 411 -17.10 6.69 13.87
CA ALA J 411 -18.46 6.53 13.36
C ALA J 411 -19.48 7.24 14.22
N LEU J 412 -19.14 7.56 15.47
CA LEU J 412 -20.02 8.40 16.28
C LEU J 412 -20.01 9.84 15.80
N ALA J 413 -18.80 10.38 15.53
CA ALA J 413 -18.71 11.76 15.06
C ALA J 413 -19.38 11.93 13.70
N ILE J 414 -19.18 10.97 12.80
CA ILE J 414 -19.76 11.08 11.46
C ILE J 414 -21.28 11.05 11.52
N THR J 415 -21.85 10.37 12.51
CA THR J 415 -23.29 10.30 12.67
C THR J 415 -23.85 11.42 13.53
N ALA J 416 -23.04 12.03 14.41
CA ALA J 416 -23.49 13.17 15.19
C ALA J 416 -23.41 14.47 14.41
N ALA J 417 -22.43 14.60 13.51
CA ALA J 417 -22.27 15.83 12.76
C ALA J 417 -23.50 16.13 11.92
N GLU J 418 -23.98 15.13 11.17
CA GLU J 418 -25.14 15.29 10.30
C GLU J 418 -26.45 15.42 11.07
N HIS J 419 -26.46 15.08 12.36
CA HIS J 419 -27.70 15.05 13.13
C HIS J 419 -28.04 16.41 13.74
N TRP J 420 -27.11 16.96 14.51
CA TRP J 420 -27.32 18.24 15.20
C TRP J 420 -26.80 19.36 14.32
N LYS J 421 -27.70 20.05 13.64
CA LYS J 421 -27.33 21.16 12.77
C LYS J 421 -27.55 22.53 13.41
N ASN J 422 -27.81 22.57 14.72
CA ASN J 422 -28.04 23.83 15.40
C ASN J 422 -27.64 23.68 16.85
N GLY J 423 -27.28 24.80 17.48
CA GLY J 423 -26.91 24.75 18.87
C GLY J 423 -25.62 23.98 19.08
N CYS J 424 -25.46 23.45 20.29
CA CYS J 424 -24.28 22.67 20.64
C CYS J 424 -24.15 21.48 19.70
N ARG J 425 -23.11 21.49 18.87
CA ARG J 425 -22.91 20.48 17.85
C ARG J 425 -21.62 19.72 18.11
N VAL J 426 -21.37 18.72 17.26
CA VAL J 426 -20.10 18.00 17.24
C VAL J 426 -19.33 18.48 16.02
N VAL J 427 -18.21 19.17 16.25
CA VAL J 427 -17.54 19.91 15.19
C VAL J 427 -16.42 19.09 14.56
N GLY J 428 -15.75 18.26 15.36
CA GLY J 428 -14.65 17.49 14.80
C GLY J 428 -14.10 16.51 15.80
N VAL J 429 -13.09 15.77 15.36
CA VAL J 429 -12.42 14.76 16.17
C VAL J 429 -11.02 15.24 16.48
N ASP J 430 -10.46 14.72 17.58
CA ASP J 430 -9.07 14.97 17.95
C ASP J 430 -8.40 13.64 18.26
N LEU J 431 -7.12 13.53 17.93
CA LEU J 431 -6.36 12.31 18.18
C LEU J 431 -5.54 12.44 19.46
N ALA J 432 -6.26 12.54 20.58
CA ALA J 432 -5.65 12.72 21.89
C ALA J 432 -5.11 11.40 22.38
N GLY J 433 -4.79 11.33 23.68
CA GLY J 433 -4.34 10.10 24.30
C GLY J 433 -2.85 10.03 24.45
N PHE J 434 -2.41 8.85 24.88
CA PHE J 434 -0.99 8.51 25.05
C PHE J 434 -0.52 8.76 26.48
N MET J 443 -0.43 9.43 13.24
CA MET J 443 0.62 9.05 12.31
C MET J 443 0.12 8.02 11.27
N PHE J 444 -0.40 6.89 11.72
CA PHE J 444 -1.02 5.91 10.84
C PHE J 444 -2.53 6.08 10.92
N ALA J 445 -3.15 6.42 9.79
CA ALA J 445 -4.57 6.75 9.78
C ALA J 445 -5.13 6.53 8.38
N THR J 446 -5.84 5.41 8.20
CA THR J 446 -6.69 5.22 7.04
C THR J 446 -8.16 5.30 7.39
N ASP J 447 -8.51 5.08 8.67
CA ASP J 447 -9.88 5.22 9.13
C ASP J 447 -10.30 6.68 9.29
N PHE J 448 -9.36 7.62 9.23
CA PHE J 448 -9.66 9.04 9.20
C PHE J 448 -10.00 9.55 7.81
N GLU J 449 -9.95 8.68 6.81
CA GLU J 449 -10.38 9.04 5.46
C GLU J 449 -11.85 9.46 5.45
N PRO J 450 -12.73 8.69 6.10
CA PRO J 450 -14.14 9.08 6.13
C PRO J 450 -14.42 10.37 6.90
N VAL J 451 -13.64 10.69 7.93
CA VAL J 451 -13.90 11.91 8.70
C VAL J 451 -13.61 13.16 7.90
N HIS J 452 -13.11 13.03 6.68
CA HIS J 452 -12.89 14.15 5.78
C HIS J 452 -13.98 14.30 4.74
N ARG J 453 -14.49 13.19 4.20
CA ARG J 453 -15.60 13.25 3.26
C ARG J 453 -16.83 13.92 3.87
N VAL J 454 -17.00 13.83 5.19
CA VAL J 454 -18.13 14.45 5.87
C VAL J 454 -17.80 15.84 6.38
N GLY J 455 -16.57 16.31 6.20
CA GLY J 455 -16.19 17.65 6.60
C GLY J 455 -16.10 17.83 8.11
N LEU J 456 -15.18 17.13 8.75
CA LEU J 456 -14.93 17.26 10.18
C LEU J 456 -13.49 17.67 10.40
N ALA J 457 -13.29 18.73 11.17
CA ALA J 457 -11.95 19.16 11.50
C ALA J 457 -11.24 18.10 12.33
N VAL J 458 -9.92 18.08 12.25
CA VAL J 458 -9.10 17.08 12.93
C VAL J 458 -7.95 17.81 13.61
N THR J 459 -8.07 18.02 14.91
CA THR J 459 -6.93 18.46 15.69
C THR J 459 -6.11 17.26 16.16
N VAL J 460 -4.86 17.52 16.53
CA VAL J 460 -3.92 16.46 16.86
C VAL J 460 -3.25 16.80 18.18
N HIS J 461 -3.11 15.81 19.06
CA HIS J 461 -2.56 16.02 20.40
C HIS J 461 -1.12 15.53 20.42
N ALA J 462 -0.19 16.41 20.07
CA ALA J 462 1.23 16.15 20.27
C ALA J 462 1.65 16.73 21.62
N GLY J 463 2.95 16.85 21.85
CA GLY J 463 3.42 17.53 23.03
C GLY J 463 4.60 16.93 23.76
N GLU J 464 4.76 15.60 23.70
CA GLU J 464 5.85 14.96 24.43
C GLU J 464 7.03 14.63 23.53
N ASN J 465 6.81 13.84 22.50
CA ASN J 465 7.88 13.36 21.66
C ASN J 465 8.41 14.48 20.77
N ASP J 466 9.73 14.50 20.61
CA ASP J 466 10.39 15.46 19.73
C ASP J 466 10.25 15.09 18.27
N ASP J 467 9.36 14.16 17.95
CA ASP J 467 9.20 13.65 16.59
C ASP J 467 8.61 14.74 15.73
N VAL J 468 9.49 15.53 15.12
CA VAL J 468 9.04 16.51 14.12
C VAL J 468 8.29 15.80 13.01
N GLU J 469 8.55 14.51 12.81
CA GLU J 469 7.75 13.71 11.91
C GLU J 469 6.36 13.45 12.45
N GLY J 470 6.13 13.65 13.75
CA GLY J 470 4.80 13.54 14.31
C GLY J 470 4.02 14.81 14.12
N ILE J 471 4.73 15.93 14.02
CA ILE J 471 4.13 17.22 13.68
C ILE J 471 4.19 17.42 12.17
N TRP J 472 4.65 16.39 11.46
N TRP J 472 4.66 16.42 11.44
CA TRP J 472 4.78 16.43 10.00
CA TRP J 472 4.67 16.48 9.98
C TRP J 472 3.85 15.44 9.29
C TRP J 472 3.73 15.48 9.32
N GLN J 473 3.55 14.28 9.89
CA GLN J 473 2.58 13.35 9.35
C GLN J 473 1.15 13.86 9.51
N ALA J 474 0.87 14.59 10.59
CA ALA J 474 -0.48 15.11 10.82
C ALA J 474 -0.83 16.18 9.80
N VAL J 475 0.11 17.10 9.53
CA VAL J 475 -0.20 18.24 8.67
C VAL J 475 -0.52 17.78 7.26
N PHE J 476 0.24 16.82 6.73
CA PHE J 476 0.12 16.44 5.34
C PHE J 476 -0.50 15.07 5.13
N LYS J 477 -0.70 14.28 6.19
CA LYS J 477 -1.40 13.00 6.09
C LYS J 477 -2.73 13.03 6.82
N LEU J 478 -2.74 13.46 8.08
CA LEU J 478 -4.00 13.61 8.80
C LEU J 478 -4.77 14.86 8.42
N SER J 479 -4.13 15.79 7.72
CA SER J 479 -4.77 17.06 7.36
C SER J 479 -5.32 17.77 8.58
N ALA J 480 -4.56 17.74 9.67
CA ALA J 480 -4.99 18.40 10.89
C ALA J 480 -5.10 19.90 10.68
N ARG J 481 -6.15 20.49 11.27
CA ARG J 481 -6.33 21.94 11.25
C ARG J 481 -5.84 22.60 12.54
N ARG J 482 -5.32 21.83 13.47
CA ARG J 482 -4.76 22.37 14.70
C ARG J 482 -3.76 21.36 15.25
N LEU J 483 -2.90 21.83 16.14
CA LEU J 483 -1.89 20.99 16.76
C LEU J 483 -1.89 21.22 18.26
N GLY J 484 -1.91 20.15 19.03
CA GLY J 484 -1.93 20.25 20.48
C GLY J 484 -0.55 20.25 21.10
N HIS J 485 -0.15 21.38 21.67
CA HIS J 485 1.13 21.51 22.36
C HIS J 485 2.28 21.05 21.47
N ALA J 486 2.45 21.75 20.35
CA ALA J 486 3.61 21.52 19.51
C ALA J 486 4.80 22.31 20.06
N LEU J 487 5.15 22.05 21.32
CA LEU J 487 6.14 22.88 22.00
C LEU J 487 7.47 22.91 21.27
N HIS J 488 7.79 21.85 20.52
CA HIS J 488 9.05 21.75 19.80
C HIS J 488 8.78 21.94 18.31
N LEU J 489 8.73 23.20 17.88
CA LEU J 489 8.63 23.55 16.47
C LEU J 489 9.83 24.33 15.96
N SER J 490 10.52 25.09 16.81
CA SER J 490 11.63 25.92 16.37
C SER J 490 12.93 25.12 16.26
N ARG J 491 12.85 23.93 15.64
CA ARG J 491 14.03 23.14 15.28
C ARG J 491 13.77 22.49 13.92
N SER J 492 12.98 23.18 13.09
CA SER J 492 12.71 22.76 11.72
C SER J 492 12.21 23.96 10.95
N PRO J 493 13.07 24.93 10.63
CA PRO J 493 12.59 26.16 10.01
C PRO J 493 11.73 25.93 8.77
N ASP J 494 11.89 24.76 8.14
CA ASP J 494 11.03 24.38 7.02
C ASP J 494 9.69 23.86 7.49
N LEU J 495 9.51 23.66 8.79
CA LEU J 495 8.23 23.27 9.38
C LEU J 495 7.54 24.43 10.08
N LEU J 496 8.29 25.25 10.81
CA LEU J 496 7.70 26.44 11.39
C LEU J 496 7.18 27.40 10.32
N ARG J 497 7.66 27.25 9.08
CA ARG J 497 7.17 28.09 7.99
C ARG J 497 5.82 27.62 7.49
N VAL J 498 5.65 26.31 7.27
CA VAL J 498 4.39 25.80 6.77
C VAL J 498 3.29 25.91 7.83
N VAL J 499 3.64 25.67 9.10
CA VAL J 499 2.67 25.85 10.16
C VAL J 499 2.17 27.28 10.22
N ALA J 500 2.88 28.20 9.58
CA ALA J 500 2.49 29.60 9.56
C ALA J 500 1.74 29.96 8.27
N GLU J 501 2.33 29.68 7.11
CA GLU J 501 1.72 30.10 5.85
C GLU J 501 0.41 29.37 5.59
N ARG J 502 0.35 28.08 5.89
CA ARG J 502 -0.87 27.31 5.63
C ARG J 502 -2.03 27.72 6.53
N GLY J 503 -1.79 28.51 7.56
CA GLY J 503 -2.86 28.92 8.45
C GLY J 503 -3.26 27.88 9.47
N ILE J 504 -2.41 26.89 9.72
CA ILE J 504 -2.67 25.88 10.76
C ILE J 504 -2.40 26.51 12.11
N ALA J 505 -3.38 26.47 13.00
CA ALA J 505 -3.21 27.02 14.32
C ALA J 505 -2.48 26.04 15.23
N VAL J 506 -2.02 26.55 16.36
CA VAL J 506 -1.33 25.76 17.38
C VAL J 506 -1.96 26.09 18.73
N GLU J 507 -2.19 25.06 19.54
CA GLU J 507 -2.77 25.23 20.86
C GLU J 507 -1.70 25.09 21.92
N LEU J 508 -1.66 26.05 22.84
CA LEU J 508 -0.66 26.06 23.90
C LEU J 508 -1.36 26.24 25.24
N CYS J 509 -0.72 25.72 26.29
CA CYS J 509 -1.20 25.87 27.65
C CYS J 509 -0.02 26.21 28.54
N PRO J 510 -0.04 27.34 29.24
CA PRO J 510 1.09 27.66 30.13
C PRO J 510 1.25 26.67 31.26
N TYR J 511 0.19 26.46 32.06
CA TYR J 511 0.28 25.52 33.16
C TYR J 511 0.37 24.09 32.67
N ALA J 512 -0.43 23.73 31.66
CA ALA J 512 -0.44 22.35 31.19
C ALA J 512 0.92 21.94 30.67
N ASN J 513 1.59 22.81 29.91
CA ASN J 513 2.91 22.52 29.37
C ASN J 513 4.04 22.87 30.31
N LEU J 514 3.75 23.54 31.44
CA LEU J 514 4.78 23.81 32.43
C LEU J 514 4.88 22.71 33.48
N GLN J 515 3.73 22.17 33.89
CA GLN J 515 3.70 21.10 34.89
C GLN J 515 4.03 19.74 34.31
N ILE J 516 4.19 19.63 32.99
CA ILE J 516 4.52 18.37 32.36
C ILE J 516 5.90 18.39 31.70
N LYS J 517 6.44 19.57 31.40
CA LYS J 517 7.78 19.71 30.82
C LYS J 517 8.69 20.55 31.69
N GLY J 518 8.20 21.67 32.22
CA GLY J 518 9.02 22.55 33.01
C GLY J 518 9.73 23.61 32.18
N PHE J 519 9.53 24.87 32.51
CA PHE J 519 10.19 25.97 31.84
C PHE J 519 10.61 27.01 32.88
N PRO J 520 11.65 27.78 32.60
CA PRO J 520 12.07 28.83 33.53
C PRO J 520 11.02 29.93 33.64
N LEU J 521 11.02 30.60 34.78
CA LEU J 521 10.09 31.69 35.06
C LEU J 521 10.84 32.90 35.61
N ASP J 522 10.32 34.08 35.30
CA ASP J 522 10.86 35.34 35.82
C ASP J 522 12.29 35.57 35.33
N GLU J 523 12.50 35.47 34.02
CA GLU J 523 13.79 35.72 33.41
C GLU J 523 13.78 37.07 32.70
N GLU J 524 14.77 37.90 33.02
CA GLU J 524 14.86 39.22 32.38
C GLU J 524 15.07 39.09 30.87
N GLN J 525 15.94 38.18 30.45
CA GLN J 525 16.24 37.97 29.04
C GLN J 525 15.68 36.63 28.58
N GLU J 526 15.70 36.45 27.26
CA GLU J 526 15.08 35.29 26.63
C GLU J 526 16.16 34.30 26.18
N GLY J 527 15.98 33.04 26.52
CA GLY J 527 16.92 32.01 26.15
C GLY J 527 16.30 30.83 25.43
N SER J 528 17.08 29.77 25.22
CA SER J 528 16.58 28.59 24.52
C SER J 528 15.60 27.78 25.35
N GLU J 529 15.69 27.84 26.68
CA GLU J 529 14.81 27.11 27.56
C GLU J 529 13.54 27.88 27.89
N THR J 530 13.38 29.08 27.35
CA THR J 530 12.22 29.90 27.64
C THR J 530 11.01 29.40 26.86
N TYR J 531 9.83 29.79 27.35
CA TYR J 531 8.59 29.37 26.70
C TYR J 531 8.55 29.92 25.27
N PRO J 532 8.13 29.12 24.30
CA PRO J 532 8.24 29.54 22.88
C PRO J 532 7.09 30.36 22.34
N LEU J 533 6.16 30.86 23.18
CA LEU J 533 5.04 31.61 22.65
C LEU J 533 5.49 32.77 21.78
N ARG J 534 6.28 33.69 22.36
CA ARG J 534 6.73 34.85 21.59
C ARG J 534 7.44 34.43 20.31
N GLY J 535 8.16 33.30 20.35
CA GLY J 535 8.85 32.84 19.16
C GLY J 535 7.90 32.51 18.02
N TYR J 536 6.79 31.83 18.34
CA TYR J 536 5.84 31.45 17.30
C TYR J 536 5.21 32.68 16.65
N LEU J 537 4.82 33.67 17.47
CA LEU J 537 4.15 34.84 16.92
C LEU J 537 5.00 35.55 15.89
N ALA J 538 6.32 35.52 16.04
CA ALA J 538 7.19 36.25 15.12
C ALA J 538 7.06 35.72 13.69
N ALA J 539 7.00 34.40 13.54
CA ALA J 539 6.92 33.77 12.23
C ALA J 539 5.48 33.66 11.71
N GLY J 540 4.56 34.45 12.26
CA GLY J 540 3.18 34.42 11.81
C GLY J 540 2.47 33.12 12.11
N VAL J 541 2.68 32.58 13.31
CA VAL J 541 2.02 31.36 13.75
C VAL J 541 0.72 31.74 14.44
N ALA J 542 -0.33 30.95 14.22
CA ALA J 542 -1.62 31.17 14.86
C ALA J 542 -1.66 30.37 16.16
N VAL J 543 -1.15 30.99 17.23
CA VAL J 543 -1.05 30.33 18.53
C VAL J 543 -2.23 30.73 19.39
N THR J 544 -2.63 29.83 20.28
CA THR J 544 -3.72 30.06 21.21
C THR J 544 -3.32 29.61 22.61
N LEU J 545 -3.97 30.17 23.61
CA LEU J 545 -3.76 29.80 25.00
C LEU J 545 -5.04 29.17 25.54
N ASN J 546 -4.89 28.05 26.24
CA ASN J 546 -6.04 27.25 26.66
C ASN J 546 -5.80 26.74 28.08
N THR J 547 -6.76 25.93 28.55
CA THR J 547 -6.68 25.34 29.88
C THR J 547 -6.26 23.88 29.86
N ASP J 548 -6.38 23.21 28.72
CA ASP J 548 -6.11 21.78 28.64
C ASP J 548 -7.11 21.02 29.49
N ASN J 549 -6.72 20.67 30.71
CA ASN J 549 -7.61 20.05 31.68
C ASN J 549 -7.74 21.01 32.85
N LEU J 550 -8.94 21.55 33.06
CA LEU J 550 -9.11 22.61 34.05
C LEU J 550 -8.88 22.09 35.46
N GLY J 551 -9.45 20.94 35.80
CA GLY J 551 -9.35 20.40 37.14
C GLY J 551 -7.97 19.91 37.52
N ILE J 552 -7.30 19.21 36.59
CA ILE J 552 -5.99 18.66 36.91
C ILE J 552 -5.00 19.78 37.23
N SER J 553 -5.07 20.88 36.48
CA SER J 553 -4.12 21.97 36.68
C SER J 553 -4.57 22.98 37.72
N GLN J 554 -5.87 23.04 38.02
CA GLN J 554 -6.40 23.99 39.00
C GLN J 554 -6.06 25.42 38.62
N ALA J 555 -6.57 25.83 37.47
CA ALA J 555 -6.38 27.21 37.00
C ALA J 555 -7.31 27.54 35.86
N SER J 556 -8.08 28.61 36.01
CA SER J 556 -8.97 29.07 34.94
C SER J 556 -8.14 29.56 33.75
N LEU J 557 -8.83 29.97 32.70
CA LEU J 557 -8.14 30.49 31.52
C LEU J 557 -7.38 31.77 31.84
N THR J 558 -7.97 32.63 32.67
CA THR J 558 -7.28 33.86 33.04
C THR J 558 -5.94 33.57 33.70
N ASP J 559 -5.90 32.59 34.60
CA ASP J 559 -4.65 32.25 35.28
C ASP J 559 -3.61 31.76 34.28
N ASN J 560 -4.06 31.11 33.19
CA ASN J 560 -3.12 30.68 32.16
C ASN J 560 -2.61 31.86 31.35
N LEU J 561 -3.48 32.81 31.01
CA LEU J 561 -3.05 33.97 30.23
C LEU J 561 -2.04 34.79 31.00
N LEU J 562 -2.26 34.99 32.30
CA LEU J 562 -1.33 35.78 33.10
C LEU J 562 0.02 35.09 33.23
N LEU J 563 0.06 33.77 33.17
CA LEU J 563 1.32 33.06 33.38
C LEU J 563 2.29 33.29 32.22
N THR J 564 1.77 33.49 31.00
CA THR J 564 2.66 33.73 29.87
C THR J 564 3.54 34.96 30.09
N ALA J 565 3.10 35.90 30.92
CA ALA J 565 3.96 37.01 31.29
C ALA J 565 5.21 36.53 32.01
N ARG J 566 5.19 35.33 32.58
CA ARG J 566 6.33 34.72 33.23
C ARG J 566 7.06 33.73 32.34
N LEU J 567 6.33 32.89 31.62
CA LEU J 567 6.95 31.95 30.70
C LEU J 567 7.66 32.65 29.57
N CYS J 568 7.06 33.72 29.03
CA CYS J 568 7.64 34.50 27.95
C CYS J 568 7.88 35.92 28.43
N PRO J 569 9.11 36.29 28.80
CA PRO J 569 9.36 37.64 29.30
C PRO J 569 9.12 38.69 28.22
N GLY J 570 8.73 39.88 28.66
CA GLY J 570 8.51 40.97 27.73
C GLY J 570 7.35 40.74 26.79
N ILE J 571 6.25 40.18 27.29
CA ILE J 571 5.05 39.99 26.50
C ILE J 571 4.09 41.14 26.80
N THR J 572 3.58 41.78 25.75
CA THR J 572 2.72 42.93 25.93
C THR J 572 1.26 42.53 25.87
N ARG J 573 0.40 43.44 26.33
CA ARG J 573 -1.02 43.14 26.45
C ARG J 573 -1.67 42.89 25.09
N LEU J 574 -1.13 43.49 24.02
CA LEU J 574 -1.74 43.31 22.71
C LEU J 574 -1.70 41.86 22.27
N GLU J 575 -0.57 41.19 22.48
CA GLU J 575 -0.47 39.79 22.07
C GLU J 575 -1.54 38.93 22.73
N VAL J 576 -1.93 39.25 23.95
CA VAL J 576 -3.04 38.55 24.57
C VAL J 576 -4.31 38.79 23.77
N LEU J 577 -4.57 40.04 23.38
CA LEU J 577 -5.67 40.32 22.47
C LEU J 577 -5.46 39.68 21.10
N LYS J 578 -4.21 39.36 20.76
CA LYS J 578 -3.90 38.76 19.48
C LYS J 578 -4.02 37.24 19.47
N THR J 579 -4.18 36.62 20.64
CA THR J 579 -4.40 35.19 20.72
C THR J 579 -5.88 34.83 20.68
N GLN J 580 -6.72 35.60 21.36
CA GLN J 580 -8.16 35.39 21.27
C GLN J 580 -8.67 35.62 19.85
N VAL J 581 -7.94 36.37 19.03
CA VAL J 581 -8.33 36.58 17.64
C VAL J 581 -7.79 35.48 16.74
N PHE J 582 -6.59 34.98 17.02
CA PHE J 582 -6.11 33.80 16.31
C PHE J 582 -7.00 32.59 16.60
N ALA J 583 -7.39 32.42 17.86
CA ALA J 583 -8.24 31.29 18.22
C ALA J 583 -9.60 31.38 17.54
N ALA J 584 -10.22 32.57 17.58
CA ALA J 584 -11.55 32.72 16.99
C ALA J 584 -11.55 32.57 15.47
N GLN J 585 -10.38 32.59 14.85
CA GLN J 585 -10.28 32.41 13.41
C GLN J 585 -10.07 30.96 13.01
N ALA J 586 -9.59 30.11 13.93
CA ALA J 586 -9.36 28.70 13.66
C ALA J 586 -10.35 27.79 14.39
N ALA J 587 -11.24 28.35 15.20
CA ALA J 587 -12.26 27.54 15.84
C ALA J 587 -13.21 26.98 14.80
N PHE J 588 -13.64 25.73 15.00
CA PHE J 588 -14.48 25.01 14.05
C PHE J 588 -15.93 25.44 14.23
N ALA J 589 -16.27 26.55 13.56
CA ALA J 589 -17.60 27.14 13.68
C ALA J 589 -18.13 27.49 12.30
N ASN J 590 -19.45 27.44 12.17
CA ASN J 590 -20.12 27.82 10.93
C ASN J 590 -20.17 29.34 10.81
N GLN J 591 -20.55 29.82 9.63
CA GLN J 591 -20.63 31.26 9.41
C GLN J 591 -21.59 31.92 10.40
N ALA J 592 -22.69 31.24 10.73
CA ALA J 592 -23.69 31.82 11.61
C ALA J 592 -23.13 32.05 13.01
N GLU J 593 -22.20 31.20 13.46
CA GLU J 593 -21.76 31.29 14.84
C GLU J 593 -20.53 32.17 14.97
N ARG J 594 -19.66 32.18 13.96
CA ARG J 594 -18.48 33.05 14.04
C ARG J 594 -18.90 34.51 14.11
N LYS J 595 -19.93 34.89 13.36
CA LYS J 595 -20.42 36.26 13.44
C LYS J 595 -20.89 36.59 14.85
N ALA J 596 -21.62 35.65 15.48
CA ALA J 596 -22.03 35.86 16.86
C ALA J 596 -20.84 35.91 17.80
N LEU J 597 -19.73 35.27 17.44
CA LEU J 597 -18.55 35.28 18.30
C LEU J 597 -17.84 36.62 18.26
N TRP J 598 -17.70 37.21 17.07
CA TRP J 598 -16.97 38.45 16.95
C TRP J 598 -17.66 39.58 17.72
N ALA J 599 -18.97 39.49 17.91
CA ALA J 599 -19.68 40.50 18.68
C ALA J 599 -19.23 40.52 20.14
N ARG J 600 -18.63 39.44 20.62
CA ARG J 600 -18.18 39.37 22.00
C ARG J 600 -16.73 39.84 22.16
N LEU J 601 -15.87 39.49 21.20
CA LEU J 601 -14.49 39.97 21.25
C LEU J 601 -14.43 41.49 21.15
N ALA J 602 -15.31 42.07 20.33
CA ALA J 602 -15.29 43.52 20.15
C ALA J 602 -15.46 44.26 21.47
N GLN J 603 -16.22 43.69 22.41
CA GLN J 603 -16.41 44.31 23.72
C GLN J 603 -15.16 44.08 24.55
N VAL J 604 -14.11 44.84 24.21
CA VAL J 604 -12.83 44.76 24.90
C VAL J 604 -12.87 45.70 26.10
N PRO J 605 -12.60 45.23 27.32
CA PRO J 605 -12.69 46.11 28.49
C PRO J 605 -11.62 47.18 28.47
N VAL J 606 -11.89 48.26 29.19
CA VAL J 606 -10.97 49.41 29.29
C VAL J 606 -10.10 49.27 30.53
N PRO J 607 -8.80 49.49 30.42
CA PRO J 607 -7.93 49.45 31.61
C PRO J 607 -8.28 50.56 32.59
N THR J 608 -7.99 50.32 33.87
CA THR J 608 -8.33 51.24 34.94
C THR J 608 -7.24 52.28 35.21
N ASP J 609 -6.01 52.04 34.78
CA ASP J 609 -4.90 52.95 35.07
C ASP J 609 -4.53 53.82 33.87
N THR J 610 -4.24 53.21 32.72
CA THR J 610 -3.97 53.95 31.49
C THR J 610 -2.60 54.60 31.54
N GLU J 611 -1.93 54.50 32.69
CA GLU J 611 -0.65 55.17 32.90
C GLU J 611 -0.13 54.98 34.32
PC A23 K 2 -24.46 93.35 19.29
O1C A23 K 2 -24.84 92.48 17.93
O2C A23 K 2 -24.54 94.78 18.99
P A23 K 2 -19.95 93.17 23.62
OP1 A23 K 2 -20.02 93.86 24.95
OP2 A23 K 2 -18.78 92.21 23.55
O5' A23 K 2 -21.36 92.38 23.27
C5' A23 K 2 -21.49 91.92 21.96
C4' A23 K 2 -22.92 91.89 21.57
O4' A23 K 2 -23.93 91.60 22.94
C3' A23 K 2 -23.30 93.02 21.11
O3' A23 K 2 -23.25 93.04 19.67
C2' A23 K 2 -24.96 93.11 21.52
O2' A23 K 2 -25.54 92.98 20.46
C1' A23 K 2 -25.19 91.91 22.44
N9 A23 K 2 -26.09 92.23 23.50
C8 A23 K 2 -25.81 92.97 24.56
N7 A23 K 2 -26.88 93.06 25.31
C5 A23 K 2 -27.88 92.36 24.74
C6 A23 K 2 -29.23 92.08 25.05
N6 A23 K 2 -29.81 92.61 26.26
N1 A23 K 2 -29.95 91.32 24.23
C2 A23 K 2 -29.41 90.84 23.12
N3 A23 K 2 -28.15 91.08 22.79
C4 A23 K 2 -27.37 91.84 23.57
PC A23 L 2 -14.76 96.01 17.34
O1C A23 L 2 -13.87 94.82 18.08
O2C A23 L 2 -14.90 97.14 18.25
P A23 L 2 -20.04 94.02 14.02
OP1 A23 L 2 -20.19 92.99 12.93
OP2 A23 L 2 -19.91 93.36 15.38
O5' A23 L 2 -18.74 94.99 13.71
C5' A23 L 2 -18.24 95.80 14.74
C4' A23 L 2 -16.85 95.39 15.01
O4' A23 L 2 -15.92 95.40 13.55
C3' A23 L 2 -16.30 96.20 15.82
O3' A23 L 2 -15.94 95.55 17.05
C2' A23 L 2 -14.81 96.66 15.12
O2' A23 L 2 -13.97 96.49 16.00
C1' A23 L 2 -14.62 95.67 13.95
N9 A23 L 2 -13.87 96.27 12.90
C8 A23 L 2 -13.94 97.53 12.53
N7 A23 L 2 -13.09 97.73 11.53
C5 A23 L 2 -12.46 96.58 11.25
C6 A23 L 2 -11.48 96.16 10.32
N6 A23 L 2 -10.92 97.10 9.37
N1 A23 L 2 -11.08 94.90 10.33
C2 A23 L 2 -11.59 94.04 11.19
N3 A23 L 2 -12.50 94.38 12.08
C4 A23 L 2 -12.96 95.64 12.13
PG ATP M . -3.18 -22.14 -27.15
O1G ATP M . -3.95 -22.66 -25.98
O2G ATP M . -3.22 -20.61 -27.27
O3G ATP M . -3.61 -22.75 -28.48
PB ATP M . -0.59 -22.94 -25.90
O1B ATP M . -0.81 -22.24 -24.63
O2B ATP M . -0.61 -24.46 -25.84
O3B ATP M . -1.64 -22.49 -27.01
PA ATP M . 2.14 -21.79 -26.14
O1A ATP M . 2.88 -22.58 -25.14
O2A ATP M . 2.93 -21.48 -27.42
O3A ATP M . 0.80 -22.52 -26.59
O5' ATP M . 1.63 -20.43 -25.52
C5' ATP M . 1.68 -20.19 -24.11
C4' ATP M . 1.00 -18.88 -23.79
O4' ATP M . 1.57 -17.88 -24.66
C3' ATP M . -0.47 -18.92 -24.17
O3' ATP M . -1.09 -17.82 -23.50
C2' ATP M . -0.44 -18.53 -25.64
O2' ATP M . -1.65 -17.84 -25.91
C1' ATP M . 0.62 -17.43 -25.61
N9 ATP M . 1.32 -17.28 -26.88
C8 ATP M . 1.36 -18.16 -27.93
N7 ATP M . 2.09 -17.76 -28.94
C5 ATP M . 2.54 -16.51 -28.54
C6 ATP M . 3.37 -15.56 -29.16
N6 ATP M . 3.89 -15.71 -30.38
N1 ATP M . 3.64 -14.42 -28.48
C2 ATP M . 3.12 -14.26 -27.26
N3 ATP M . 2.34 -15.09 -26.57
C4 ATP M . 2.08 -16.20 -27.27
H5'1 ATP M . 2.60 -20.14 -23.81
H5'2 ATP M . 1.23 -20.91 -23.64
H4' ATP M . 1.11 -18.65 -22.85
H3' ATP M . -0.91 -19.77 -24.00
HO3' ATP M . -0.45 -17.31 -23.23
H2' ATP M . -0.27 -19.27 -26.25
HO2' ATP M . -1.61 -17.58 -26.72
H1' ATP M . 0.22 -16.59 -25.34
H8 ATP M . 0.92 -18.98 -27.92
HN61 ATP M . 4.02 -15.02 -30.88
HN62 ATP M . 4.10 -16.49 -30.67
H2 ATP M . 3.33 -13.47 -26.83
ZN ZN N . 6.77 -15.78 -27.53
PG ATP O . 31.12 13.54 8.75
O1G ATP O . 30.00 13.45 9.72
O2G ATP O . 31.90 12.24 8.58
O3G ATP O . 32.10 14.67 9.05
PB ATP O . 30.03 15.10 6.43
O1B ATP O . 28.73 15.59 6.92
O2B ATP O . 31.14 16.15 6.40
O3B ATP O . 30.57 13.87 7.28
PA ATP O . 30.76 13.44 4.09
O1A ATP O . 31.22 14.03 2.82
O2A ATP O . 31.87 12.89 4.99
O3A ATP O . 29.93 14.48 4.97
O5' ATP O . 29.72 12.28 3.85
C5' ATP O . 29.62 11.16 4.76
C4' ATP O . 28.17 10.96 5.13
O4' ATP O . 28.00 9.54 5.32
C3' ATP O . 27.88 11.52 6.51
O3' ATP O . 26.47 11.36 6.70
C2' ATP O . 28.54 10.49 7.41
O2' ATP O . 27.74 10.44 8.59
C1' ATP O . 28.21 9.19 6.68
N9 ATP O . 29.33 8.25 6.68
C8 ATP O . 30.66 8.56 6.49
N7 ATP O . 31.46 7.52 6.55
C5 ATP O . 30.60 6.46 6.79
C6 ATP O . 30.81 5.08 6.96
N6 ATP O . 32.02 4.50 6.90
N1 ATP O . 29.74 4.30 7.20
C2 ATP O . 28.53 4.87 7.25
N3 ATP O . 28.20 6.15 7.11
C4 ATP O . 29.28 6.90 6.88
H5'1 ATP O . 30.15 11.34 5.55
H5'2 ATP O . 29.95 10.36 4.32
H4' ATP O . 27.58 11.32 4.45
H3' ATP O . 28.18 12.43 6.63
HO3' ATP O . 26.21 10.81 6.11
H2' ATP O . 29.48 10.66 7.58
HO2' ATP O . 26.93 10.45 8.34
H1' ATP O . 27.42 8.77 7.06
H8 ATP O . 30.97 9.42 6.33
HN61 ATP O . 32.17 3.77 7.33
HN62 ATP O . 32.65 4.86 6.44
H2 ATP O . 27.82 4.29 7.42
ZN ZN P . 30.22 4.79 3.05
PG ATP Q . -33.22 4.07 -5.33
O1G ATP Q . -32.60 5.37 -4.97
O2G ATP Q . -32.24 3.08 -5.95
O3G ATP Q . -34.45 4.19 -6.23
PB ATP Q . -33.94 3.59 -2.46
O1B ATP Q . -32.69 4.07 -1.83
O2B ATP Q . -35.14 4.51 -2.29
O3B ATP Q . -33.76 3.33 -4.02
PA ATP Q . -33.67 0.76 -1.64
O1A ATP Q . -33.31 0.61 -0.22
O2A ATP Q . -34.58 -0.34 -2.21
O3A ATP Q . -34.38 2.15 -1.93
O5' ATP Q . -32.37 0.82 -2.54
C5' ATP Q . -31.13 0.22 -2.10
C4' ATP Q . -30.01 0.59 -3.04
O4' ATP Q . -29.63 -0.61 -3.74
C3' ATP Q . -30.50 1.52 -4.16
O3' ATP Q . -29.33 2.00 -4.80
C2' ATP Q . -31.13 0.52 -5.12
O2' ATP Q . -31.01 1.11 -6.40
C1' ATP Q . -30.07 -0.58 -5.09
N9 ATP Q . -30.63 -1.89 -5.38
C8 ATP Q . -31.89 -2.35 -5.12
N7 ATP Q . -32.11 -3.59 -5.49
C5 ATP Q . -30.90 -3.98 -6.04
C6 ATP Q . -30.46 -5.19 -6.62
N6 ATP Q . -31.23 -6.26 -6.76
N1 ATP Q . -29.18 -5.24 -7.06
C2 ATP Q . -28.40 -4.16 -6.93
N3 ATP Q . -28.71 -2.97 -6.40
C4 ATP Q . -29.97 -2.95 -5.98
H5'1 ATP Q . -31.22 -0.75 -2.10
H5'2 ATP Q . -30.92 0.52 -1.21
H4' ATP Q . -29.26 0.99 -2.56
H3' ATP Q . -31.09 2.23 -3.86
HO3' ATP Q . -29.09 2.70 -4.39
H2' ATP Q . -32.04 0.25 -4.89
HO2' ATP Q . -30.25 1.50 -6.42
H1' ATP Q . -29.35 -0.37 -5.69
H8 ATP Q . -32.54 -1.82 -4.71
HN61 ATP Q . -31.48 -6.52 -7.54
HN62 ATP Q . -31.47 -6.71 -6.05
H2 ATP Q . -27.54 -4.24 -7.25
MG MG R . -33.46 -0.21 -3.80
MG MG S . -35.95 3.11 -5.37
ZN ZN T . -31.38 -7.25 -4.38
MG MG U . 11.92 -29.43 17.16
MG MG V . 9.06 -27.86 16.31
PG ATP W . 14.04 -26.70 14.85
O1G ATP W . 14.86 -25.88 13.91
O2G ATP W . 13.31 -25.87 15.91
O3G ATP W . 14.84 -27.81 15.54
PB ATP W . 12.30 -28.93 13.87
O1B ATP W . 13.07 -29.70 12.86
O2B ATP W . 12.22 -29.56 15.27
O3B ATP W . 12.88 -27.46 14.06
PA ATP W . 9.35 -29.01 13.90
O1A ATP W . 8.52 -29.59 12.82
O2A ATP W . 9.49 -29.88 15.14
O3A ATP W . 10.81 -28.64 13.40
O5' ATP W . 8.79 -27.59 14.34
C5' ATP W . 7.94 -26.81 13.47
C4' ATP W . 8.23 -25.35 13.65
O4' ATP W . 7.27 -24.85 14.60
C3' ATP W . 9.58 -25.13 14.32
O3' ATP W . 9.89 -23.76 14.13
C2' ATP W . 9.22 -25.25 15.80
O2' ATP W . 10.17 -24.42 16.44
C1' ATP W . 7.90 -24.48 15.82
N9 ATP W . 7.04 -24.93 16.90
C8 ATP W . 6.77 -26.22 17.28
N7 ATP W . 5.97 -26.33 18.31
C5 ATP W . 5.69 -25.01 18.64
C6 ATP W . 4.88 -24.44 19.65
N6 ATP W . 4.21 -25.15 20.56
N1 ATP W . 4.83 -23.09 19.70
C2 ATP W . 5.51 -22.38 18.81
N3 ATP W . 6.29 -22.80 17.82
C4 ATP W . 6.34 -24.14 17.78
H5'1 ATP W . 7.01 -26.98 13.69
H5'2 ATP W . 8.11 -27.06 12.55
H4' ATP W . 8.19 -24.88 12.80
H3' ATP W . 10.28 -25.74 14.03
HO3' ATP W . 10.73 -23.68 14.25
H2' ATP W . 9.19 -26.15 16.15
HO2' ATP W . 10.11 -23.65 16.09
H1' ATP W . 8.05 -23.53 15.87
H8 ATP W . 7.13 -26.96 16.84
HN61 ATP W . 3.35 -25.15 20.55
HN62 ATP W . 4.63 -25.58 21.16
H2 ATP W . 5.43 -21.46 18.89
ZN ZN X . 2.64 -26.28 18.41
PG ATP Y . 3.36 22.87 -25.94
O1G ATP Y . 4.72 22.27 -26.05
O2G ATP Y . 2.27 21.83 -25.63
O3G ATP Y . 2.95 23.68 -27.16
PB ATP Y . 4.10 24.26 -23.39
O1B ATP Y . 4.27 23.09 -22.52
O2B ATP Y . 5.38 24.97 -23.81
O3B ATP Y . 3.29 23.90 -24.71
PA ATP Y . 2.74 25.81 -21.26
O1A ATP Y . 3.93 26.16 -20.44
O2A ATP Y . 1.71 26.94 -21.39
O3A ATP Y . 3.15 25.36 -22.73
O5' ATP Y . 1.99 24.53 -20.70
C5' ATP Y . 2.64 23.65 -19.76
C4' ATP Y . 1.83 22.38 -19.64
O4' ATP Y . 0.53 22.75 -19.14
C3' ATP Y . 1.57 21.78 -21.03
O3' ATP Y . 1.33 20.39 -20.80
C2' ATP Y . 0.22 22.38 -21.40
O2' ATP Y . -0.46 21.39 -22.16
C1' ATP Y . -0.47 22.34 -20.04
N9 ATP Y . -1.55 23.32 -19.96
C8 ATP Y . -1.44 24.69 -20.02
N7 ATP Y . -2.57 25.32 -19.92
C5 ATP Y . -3.51 24.31 -19.78
C6 ATP Y . -4.91 24.31 -19.64
N6 ATP Y . -5.65 25.43 -19.61
N1 ATP Y . -5.54 23.12 -19.54
C2 ATP Y . -4.81 22.01 -19.58
N3 ATP Y . -3.49 21.87 -19.71
C4 ATP Y . -2.89 23.07 -19.81
H5'1 ATP Y . 2.69 24.07 -18.89
H5'2 ATP Y . 3.52 23.44 -20.07
H4' ATP Y . 2.27 21.75 -19.06
H3' ATP Y . 2.27 21.95 -21.67
HO3' ATP Y . 1.10 20.31 -19.99
H2' ATP Y . 0.26 23.25 -21.82
HO2' ATP Y . -0.31 20.65 -21.79
H1' ATP Y . -0.80 21.45 -19.84
H8 ATP Y . -0.62 25.12 -20.12
HN61 ATP Y . -6.45 25.43 -19.91
HN62 ATP Y . -5.32 26.15 -19.26
H2 ATP Y . -5.29 21.21 -19.50
MG MG Z . 0.97 26.11 -19.82
MG MG AA . 1.36 24.96 -26.57
ZN ZN BA . -3.93 26.24 -16.63
MG MG CA . -9.49 10.05 34.70
MG MG DA . -8.89 13.37 32.65
PG ATP EA . -9.24 8.52 31.23
O1G ATP EA . -8.82 7.57 30.16
O2G ATP EA . -8.06 9.25 31.89
O3G ATP EA . -10.11 7.90 32.31
PB ATP EA . -11.58 9.93 30.02
O1B ATP EA . -12.11 8.71 29.38
O2B ATP EA . -12.44 10.53 31.13
O3B ATP EA . -10.13 9.69 30.61
PA ATP EA . -10.40 12.39 28.87
O1A ATP EA . -11.13 13.50 28.20
O2A ATP EA . -9.93 12.71 30.28
O3A ATP EA . -11.31 11.08 28.96
O5' ATP EA . -9.16 11.91 28.03
C5' ATP EA . -9.31 11.38 26.70
C4' ATP EA . -8.10 10.55 26.33
O4' ATP EA . -7.02 11.48 26.08
C3' ATP EA . -7.62 9.71 27.52
O3' ATP EA . -6.84 8.67 26.95
C2' ATP EA . -6.64 10.65 28.21
O2' ATP EA . -5.64 9.80 28.76
C1' ATP EA . -5.97 11.28 27.00
N9 ATP EA . -5.43 12.60 27.31
C8 ATP EA . -6.01 13.58 28.06
N7 ATP EA . -5.30 14.67 28.17
C5 ATP EA . -4.16 14.39 27.43
C6 ATP EA . -3.01 15.14 27.14
N6 ATP EA . -2.79 16.38 27.58
N1 ATP EA . -2.06 14.57 26.38
C2 ATP EA . -2.25 13.32 25.92
N3 ATP EA . -3.31 12.52 26.13
C4 ATP EA . -4.23 13.12 26.90
H5'1 ATP EA . -9.40 12.10 26.07
H5'2 ATP EA . -10.10 10.82 26.67
H4' ATP EA . -8.29 10.00 25.57
H3' ATP EA . -8.34 9.39 28.08
HO3' ATP EA . -6.12 8.62 27.42
H2' ATP EA . -7.05 11.25 28.85
HO2' ATP EA . -4.90 10.21 28.68
H1' ATP EA . -5.28 10.70 26.66
H8 ATP EA . -6.85 13.49 28.47
HN61 ATP EA . -2.72 17.04 27.03
HN62 ATP EA . -2.73 16.54 28.42
H2 ATP EA . -1.58 12.96 25.40
ZN ZN FA . -5.06 17.31 25.80
#